data_8H3N
#
_entry.id   8H3N
#
_cell.length_a   1.00
_cell.length_b   1.00
_cell.length_c   1.00
_cell.angle_alpha   90.00
_cell.angle_beta   90.00
_cell.angle_gamma   90.00
#
_symmetry.space_group_name_H-M   'P 1'
#
loop_
_entity.id
_entity.type
_entity.pdbx_description
1 polymer 'Spike glycoprotein'
2 polymer 'MO1 heavy-chain'
3 polymer 'MO1 light chain'
4 non-polymer 2-acetamido-2-deoxy-beta-D-glucopyranose
#
loop_
_entity_poly.entity_id
_entity_poly.type
_entity_poly.pdbx_seq_one_letter_code
_entity_poly.pdbx_strand_id
1 'polypeptide(L)'
;MFVFLVLLPLVSSQCVNLTTRTQLPPAYTNSFTRGVYYPDKVFRSSVLHSTQDLFLPFFSNVTWFHVISGTNGTKRFDNP
VLPFNDGVYFASIEKSNIIRGWIFGTTLDSKTQSLLIVNNATNVVIKVCEFQFCNDPFLDHKNNKSWMESEFRVYSSANN
CTFEYVSQPFLMDLEGKQGNFKNLREFVFKNIDGYFKIYSKHTPIIVREPEDLPQGFSALEPLVDLPIGINITRFQTLLA
LHRSYLTPGDSSSGWTAGAAAYYVGYLQPRTFLLKYNENGTITDAVDCALDPLSETKCTLKSFTVEKGIYQTSNFRVQPT
ESIVRFPNITNLCPFDEVFNATRFASVYAWNRKRISNCVADYSVLYNLAPFFTFKCYGVSPTKLNDLCFTNVYADSFVIR
GDEVRQIAPGQTGNIADYNYKLPDDFTGCVIAWNSNKLDSKVSGNYNYLYRLFRKSNLKPFERDISTEIYQAGNKPCNGV
AGFNCYFPLRSYSFRPTYGVGHQPYRVVVLSFELLHAPATVCGPKKSTNLVKNKCVNFNFNGLKGTGVLTESNKKFLPFQ
QFGRDIADTTDAVRDPQTLEILDITPCSFGGVSVITPGTNTSNQVAVLYQGVNCTEVPVAIHADQLTPTWRVYSTGSNVF
QTRAGCLIGAEYVNNSYECDIPIGAGICASYQTQTKSHASVASQSIIAYTMSLGAENSVAYSNNSIAIPTNFTISVTTEI
LPVSMTKTSVDCTMYICGDSTECSNLLLQYGSFCTQLKRALTGIAVEQDKNTQEVFAQVKQIYKTPPIKYFGGFNFSQIL
PDPSKPSKRSPIEDLLFNKVTLADAGFIKQYGDCLGDIAARDLICAQKFKGLTVLPPLLTDEMIAQYTSALLAGTITSGW
TFGAGPALQIPFPMQMAYRFNGIGVTQNVLYENQKLIANQFNSAIGKIQDSLSSTPSALGKLQDVVNHNAQALNTLVKQL
SSKFGAISSVLNDIFSRLDPPEAEVQIDRLITGRLQSLQTYVTQQLIRAAEIRASANLAATKMSECVLGQSKRVDFCGKG
YHLMSFPQSAPHGVVFLHVTYVPAQEKNFTTAPAICHDGKAHFPREGVFVSNGTHWFVTQRNFYEPQIITTDNTFVSGNC
DVVIGIVNNTVYDPLQPELDSFKEELDKYFKNHTSPDVDLGDISGINASVVNIQKEIDRLNEVAKNLNESLIDLQELGKY
EQYIKWPLEVLFQGPGYIPEAPRDGQAYVRKDGEWVFLSTFLGHHHHHH
;
A,B,C
2 'polypeptide(L)'
;EVQLVESGGGMVQPGRSLRLSCAASGFTFDDYAMHWVRQIPGKGLEWVSGISWNSGDIGYADSVKGRFTISRDNAKNSLH
LQMNSLRAEDTALYYCAKDKTYDSPGYFLNSFDYWGQGTLVTVSSASTKGPSVFPLAPSSKSTSGGTAALGCLVKDYFPE
PVTVSWNSGALTSGVHTFPAVLQSSGLYSLSSVVTVPSSSLGTQTYICNVNHKPSNTKVDKKVEPKSCDKTHKCLDIQMT
QSPSSLSASVGDRVTITCRASQGISSYLVWYQQKPGKAPKFLIYAASTLQSGVPSRFSGSGSGTDFTLTISSLQPEDFAT
YYCQQLYSYPITFGQGTRLEIKRTVAAPSVFIFPPSDEQLKSGTASVVCLLNNFYPREAKVQWKVDNALQSGNSQESVTE
QDSKDSTYSLSSTLTLSKADYEKHKVYACEVTHQGLSSPVTKSFNRGEC
;
D,H
3 'polypeptide(L)'
;DIQMTQSPSSLSASVGDRVTITCRASQGISSYLVWYQQKPGKAPKFLIYAASTLQSGVPSRFSGSGSGTDFTLTISSLQP
EDFATYYCQQLYSYPITFGQGTRLEIKRTVAAPSVFIFPPSDEQLKSGTASVVCLLNNFYPREAKVQWKVDNALQSGNSQ
ESVTEQDSKDSTYSLSSTLTLSKADYEKHKVYACEVTHQGLSSPVTKSFNRGEC
;
E,I
#
# COMPACT_ATOMS: atom_id res chain seq x y z
N ALA A 27 -0.05 -20.40 -53.54
CA ALA A 27 -1.31 -19.67 -53.40
C ALA A 27 -1.46 -19.13 -51.98
N TYR A 28 -2.63 -18.59 -51.67
CA TYR A 28 -2.93 -18.04 -50.37
C TYR A 28 -4.38 -18.30 -50.02
N THR A 29 -4.65 -18.59 -48.75
CA THR A 29 -5.99 -18.83 -48.28
C THR A 29 -6.13 -18.30 -46.85
N ASN A 30 -7.35 -18.34 -46.35
CA ASN A 30 -7.68 -17.72 -45.07
C ASN A 30 -7.64 -18.76 -43.96
N SER A 31 -6.89 -18.48 -42.89
CA SER A 31 -6.72 -19.43 -41.82
C SER A 31 -7.96 -19.56 -40.95
N PHE A 32 -8.88 -18.60 -40.99
CA PHE A 32 -10.13 -18.64 -40.22
C PHE A 32 -9.76 -18.65 -38.75
N THR A 33 -10.53 -19.32 -37.89
CA THR A 33 -10.22 -19.44 -36.46
C THR A 33 -9.59 -20.81 -36.19
N ARG A 34 -8.37 -20.99 -36.66
CA ARG A 34 -7.65 -22.25 -36.53
C ARG A 34 -6.30 -22.02 -35.89
N GLY A 35 -5.81 -23.04 -35.18
CA GLY A 35 -4.50 -23.00 -34.57
C GLY A 35 -4.49 -22.78 -33.08
N VAL A 36 -5.64 -22.75 -32.42
CA VAL A 36 -5.67 -22.60 -30.97
C VAL A 36 -5.18 -23.90 -30.33
N TYR A 37 -4.30 -23.78 -29.36
CA TYR A 37 -3.74 -24.93 -28.67
C TYR A 37 -3.77 -24.70 -27.17
N TYR A 38 -4.02 -25.77 -26.41
CA TYR A 38 -4.09 -25.68 -24.96
C TYR A 38 -2.80 -25.06 -24.42
N PRO A 39 -2.86 -23.88 -23.82
CA PRO A 39 -1.62 -23.19 -23.42
C PRO A 39 -0.97 -23.76 -22.17
N ASP A 40 -1.69 -24.52 -21.36
CA ASP A 40 -1.16 -25.04 -20.12
C ASP A 40 -1.61 -26.50 -19.97
N LYS A 41 -1.15 -27.13 -18.90
CA LYS A 41 -1.52 -28.50 -18.57
C LYS A 41 -2.56 -28.57 -17.48
N VAL A 42 -3.22 -27.46 -17.18
CA VAL A 42 -4.19 -27.39 -16.09
C VAL A 42 -5.58 -27.61 -16.64
N PHE A 43 -6.36 -28.45 -15.97
CA PHE A 43 -7.77 -28.61 -16.32
C PHE A 43 -8.57 -27.37 -15.90
N ARG A 44 -9.52 -26.98 -16.75
CA ARG A 44 -10.38 -25.83 -16.48
C ARG A 44 -11.75 -26.14 -17.06
N SER A 45 -12.79 -25.63 -16.42
CA SER A 45 -14.15 -25.92 -16.86
C SER A 45 -15.05 -24.73 -16.59
N SER A 46 -15.93 -24.44 -17.53
CA SER A 46 -16.87 -23.34 -17.44
C SER A 46 -16.18 -22.04 -17.02
N VAL A 47 -15.12 -21.70 -17.75
CA VAL A 47 -14.33 -20.51 -17.46
C VAL A 47 -13.98 -19.83 -18.78
N LEU A 48 -13.65 -18.54 -18.67
CA LEU A 48 -13.16 -17.73 -19.78
C LEU A 48 -11.76 -17.27 -19.37
N HIS A 49 -10.74 -17.89 -19.93
CA HIS A 49 -9.37 -17.66 -19.50
C HIS A 49 -8.61 -16.83 -20.53
N SER A 50 -7.79 -15.92 -20.04
CA SER A 50 -7.00 -15.03 -20.90
C SER A 50 -5.55 -15.50 -20.92
N THR A 51 -4.98 -15.60 -22.11
CA THR A 51 -3.65 -16.17 -22.28
C THR A 51 -2.84 -15.33 -23.25
N GLN A 52 -1.63 -14.97 -22.85
CA GLN A 52 -0.67 -14.28 -23.71
C GLN A 52 0.34 -15.31 -24.19
N ASP A 53 0.36 -15.58 -25.49
CA ASP A 53 1.26 -16.60 -26.01
C ASP A 53 1.43 -16.41 -27.51
N LEU A 54 2.27 -17.26 -28.10
CA LEU A 54 2.50 -17.25 -29.55
C LEU A 54 1.37 -18.02 -30.22
N PHE A 55 0.47 -17.29 -30.90
CA PHE A 55 -0.72 -17.85 -31.51
C PHE A 55 -0.73 -17.52 -33.00
N LEU A 56 -1.65 -18.17 -33.71
CA LEU A 56 -1.90 -17.85 -35.11
C LEU A 56 -3.04 -16.85 -35.18
N PRO A 57 -2.80 -15.61 -35.58
CA PRO A 57 -3.88 -14.62 -35.59
C PRO A 57 -5.05 -15.07 -36.44
N PHE A 58 -6.26 -14.74 -35.98
CA PHE A 58 -7.46 -15.15 -36.67
C PHE A 58 -7.53 -14.50 -38.04
N PHE A 59 -8.11 -15.21 -39.00
CA PHE A 59 -8.25 -14.74 -40.37
C PHE A 59 -6.91 -14.31 -40.95
N SER A 60 -5.91 -15.15 -40.75
CA SER A 60 -4.56 -14.88 -41.25
C SER A 60 -4.38 -15.45 -42.64
N ASN A 61 -3.46 -14.85 -43.39
CA ASN A 61 -3.14 -15.28 -44.75
C ASN A 61 -2.11 -16.40 -44.66
N VAL A 62 -2.55 -17.62 -44.92
CA VAL A 62 -1.69 -18.80 -44.85
C VAL A 62 -1.29 -19.21 -46.26
N THR A 63 -0.06 -19.70 -46.40
CA THR A 63 0.44 -20.15 -47.69
C THR A 63 0.05 -21.60 -47.91
N TRP A 64 -0.58 -21.86 -49.05
CA TRP A 64 -1.05 -23.19 -49.42
C TRP A 64 -0.10 -23.77 -50.46
N PHE A 65 0.48 -24.93 -50.16
CA PHE A 65 1.30 -25.67 -51.12
C PHE A 65 0.59 -26.97 -51.47
N HIS A 66 0.79 -27.41 -52.71
CA HIS A 66 0.03 -28.53 -53.25
C HIS A 66 0.98 -29.61 -53.74
N VAL A 67 0.53 -30.86 -53.65
CA VAL A 67 1.28 -31.99 -54.19
C VAL A 67 0.31 -32.94 -54.92
N ASN A 79 9.12 -29.62 -51.68
CA ASN A 79 8.57 -28.28 -51.66
C ASN A 79 9.52 -27.38 -50.86
N PRO A 80 9.35 -26.06 -50.94
CA PRO A 80 10.45 -25.17 -50.62
C PRO A 80 10.76 -25.13 -49.13
N VAL A 81 11.83 -24.40 -48.82
CA VAL A 81 12.36 -24.31 -47.46
C VAL A 81 11.81 -23.05 -46.81
N LEU A 82 10.67 -23.18 -46.15
CA LEU A 82 9.99 -22.03 -45.58
C LEU A 82 10.68 -21.60 -44.29
N PRO A 83 10.73 -20.31 -43.98
CA PRO A 83 11.44 -19.85 -42.78
C PRO A 83 10.66 -20.14 -41.51
N PHE A 84 11.39 -20.07 -40.40
CA PHE A 84 10.85 -20.24 -39.05
C PHE A 84 10.88 -18.88 -38.36
N ASN A 85 9.74 -18.19 -38.33
CA ASN A 85 9.77 -16.82 -37.83
C ASN A 85 9.72 -16.77 -36.31
N ASP A 86 8.63 -17.25 -35.71
CA ASP A 86 8.50 -17.36 -34.26
C ASP A 86 7.84 -18.66 -33.85
N GLY A 87 7.67 -19.59 -34.79
CA GLY A 87 6.84 -20.76 -34.57
C GLY A 87 5.90 -20.89 -35.73
N VAL A 88 5.41 -22.09 -36.01
CA VAL A 88 4.67 -22.35 -37.23
C VAL A 88 3.45 -23.19 -36.92
N TYR A 89 2.32 -22.82 -37.51
CA TYR A 89 1.16 -23.68 -37.60
C TYR A 89 1.21 -24.39 -38.95
N PHE A 90 1.12 -25.71 -38.93
CA PHE A 90 1.26 -26.54 -40.12
C PHE A 90 0.04 -27.44 -40.23
N ALA A 91 -0.69 -27.34 -41.32
CA ALA A 91 -1.85 -28.19 -41.55
C ALA A 91 -1.60 -29.04 -42.78
N SER A 92 -2.26 -30.19 -42.83
CA SER A 92 -2.08 -31.14 -43.93
C SER A 92 -3.36 -31.90 -44.24
N ILE A 93 -4.12 -31.45 -45.23
CA ILE A 93 -5.28 -32.21 -45.68
C ILE A 93 -4.83 -33.24 -46.70
N GLU A 94 -5.09 -34.50 -46.42
CA GLU A 94 -4.64 -35.61 -47.27
C GLU A 94 -5.30 -36.88 -46.76
N LYS A 95 -5.08 -37.98 -47.46
CA LYS A 95 -5.60 -39.28 -47.03
C LYS A 95 -4.61 -40.39 -47.30
N SER A 96 -3.33 -40.05 -47.50
CA SER A 96 -2.37 -41.03 -47.94
C SER A 96 -1.00 -40.87 -47.29
N ASN A 97 -0.94 -40.22 -46.14
CA ASN A 97 0.32 -40.07 -45.42
C ASN A 97 1.44 -39.58 -46.33
N ILE A 98 1.12 -38.66 -47.24
CA ILE A 98 2.15 -38.12 -48.13
C ILE A 98 3.17 -37.32 -47.33
N ILE A 99 2.73 -36.61 -46.30
CA ILE A 99 3.63 -35.84 -45.44
C ILE A 99 4.18 -36.74 -44.35
N ARG A 100 5.50 -36.74 -44.19
CA ARG A 100 6.17 -37.65 -43.29
C ARG A 100 7.04 -36.97 -42.24
N GLY A 101 7.40 -35.70 -42.42
CA GLY A 101 8.25 -35.06 -41.44
C GLY A 101 8.71 -33.71 -41.91
N TRP A 102 9.66 -33.16 -41.15
CA TRP A 102 10.16 -31.81 -41.36
C TRP A 102 11.63 -31.79 -40.99
N ILE A 103 12.34 -30.75 -41.45
CA ILE A 103 13.74 -30.59 -41.10
C ILE A 103 14.00 -29.14 -40.70
N PHE A 104 14.00 -28.87 -39.41
CA PHE A 104 14.24 -27.53 -38.91
C PHE A 104 15.73 -27.32 -38.68
N GLY A 105 16.21 -26.13 -39.03
CA GLY A 105 17.62 -25.83 -38.86
C GLY A 105 17.90 -24.39 -39.21
N THR A 106 19.19 -24.10 -39.35
CA THR A 106 19.63 -22.74 -39.68
C THR A 106 20.26 -22.66 -41.06
N THR A 107 21.29 -23.46 -41.32
CA THR A 107 21.85 -23.54 -42.66
C THR A 107 21.47 -24.84 -43.36
N LEU A 108 20.93 -25.80 -42.63
CA LEU A 108 20.48 -27.07 -43.19
C LEU A 108 21.63 -27.83 -43.83
N ASP A 109 22.86 -27.47 -43.49
CA ASP A 109 24.06 -28.11 -43.98
C ASP A 109 24.85 -28.68 -42.81
N SER A 110 25.98 -29.31 -43.12
CA SER A 110 26.80 -29.93 -42.09
C SER A 110 27.49 -28.91 -41.20
N LYS A 111 27.70 -27.70 -41.68
CA LYS A 111 28.39 -26.67 -40.90
C LYS A 111 27.59 -26.22 -39.68
N THR A 112 26.33 -26.59 -39.58
CA THR A 112 25.51 -26.26 -38.41
C THR A 112 24.73 -27.51 -38.00
N GLN A 113 23.97 -27.37 -36.92
CA GLN A 113 23.16 -28.46 -36.40
C GLN A 113 21.69 -28.20 -36.73
N SER A 114 21.02 -29.24 -37.22
CA SER A 114 19.65 -29.13 -37.67
C SER A 114 18.79 -30.21 -37.04
N LEU A 115 17.56 -29.85 -36.70
CA LEU A 115 16.62 -30.82 -36.17
C LEU A 115 15.98 -31.60 -37.30
N LEU A 116 15.74 -32.88 -37.05
CA LEU A 116 15.18 -33.80 -38.04
C LEU A 116 14.05 -34.59 -37.39
N ILE A 117 12.90 -34.64 -38.07
CA ILE A 117 11.72 -35.33 -37.57
C ILE A 117 11.12 -36.11 -38.73
N VAL A 118 11.12 -37.43 -38.62
CA VAL A 118 10.58 -38.31 -39.65
C VAL A 118 9.60 -39.29 -39.01
N ASN A 119 8.48 -39.52 -39.68
CA ASN A 119 7.44 -40.41 -39.20
C ASN A 119 7.45 -41.68 -40.05
N ASN A 120 8.28 -42.64 -39.65
CA ASN A 120 8.26 -43.95 -40.28
C ASN A 120 7.09 -44.76 -39.74
N ALA A 121 6.49 -45.59 -40.61
CA ALA A 121 5.23 -46.25 -40.28
C ALA A 121 5.27 -46.90 -38.90
N THR A 122 6.46 -47.28 -38.43
CA THR A 122 6.60 -47.94 -37.14
C THR A 122 6.74 -46.94 -35.99
N ASN A 123 7.43 -45.83 -36.20
CA ASN A 123 7.77 -44.93 -35.09
C ASN A 123 7.89 -43.49 -35.61
N VAL A 124 8.28 -42.58 -34.72
CA VAL A 124 8.71 -41.24 -35.10
C VAL A 124 10.13 -41.06 -34.60
N VAL A 125 11.01 -40.59 -35.47
CA VAL A 125 12.43 -40.42 -35.18
C VAL A 125 12.70 -38.92 -35.12
N ILE A 126 13.32 -38.47 -34.04
CA ILE A 126 13.77 -37.09 -33.90
C ILE A 126 15.27 -37.11 -33.66
N LYS A 127 15.99 -36.21 -34.31
CA LYS A 127 17.45 -36.24 -34.25
C LYS A 127 17.96 -34.82 -34.49
N VAL A 128 18.51 -34.20 -33.46
CA VAL A 128 19.28 -32.98 -33.65
C VAL A 128 20.73 -33.36 -33.86
N CYS A 129 21.27 -33.01 -35.02
CA CYS A 129 22.57 -33.59 -35.33
C CYS A 129 23.09 -32.95 -36.61
N GLU A 130 24.42 -32.87 -36.74
CA GLU A 130 25.03 -32.11 -37.82
C GLU A 130 24.79 -32.84 -39.13
N PHE A 131 23.76 -32.41 -39.85
CA PHE A 131 23.25 -33.10 -41.04
C PHE A 131 23.69 -32.35 -42.28
N GLN A 132 24.34 -33.05 -43.20
CA GLN A 132 24.54 -32.56 -44.57
C GLN A 132 23.33 -33.00 -45.41
N PHE A 133 22.21 -32.34 -45.17
CA PHE A 133 20.99 -32.67 -45.88
C PHE A 133 21.20 -32.54 -47.39
N CYS A 134 20.68 -33.52 -48.13
CA CYS A 134 20.69 -33.44 -49.58
C CYS A 134 19.75 -32.31 -50.00
N ASN A 135 19.68 -32.03 -51.29
CA ASN A 135 18.97 -30.85 -51.75
C ASN A 135 17.48 -31.07 -51.93
N ASP A 136 17.03 -32.30 -52.15
CA ASP A 136 15.62 -32.62 -52.32
C ASP A 136 15.26 -33.83 -51.46
N PRO A 137 15.24 -33.69 -50.14
CA PRO A 137 14.80 -34.79 -49.29
C PRO A 137 13.39 -35.25 -49.65
N PHE A 138 13.15 -36.55 -49.55
CA PHE A 138 11.79 -37.07 -49.70
C PHE A 138 11.67 -38.52 -49.24
N GLU A 149 9.24 -46.85 -48.26
CA GLU A 149 9.86 -45.56 -48.55
C GLU A 149 11.32 -45.56 -48.10
N SER A 150 12.21 -45.17 -49.01
CA SER A 150 13.66 -45.19 -48.76
C SER A 150 14.03 -43.91 -48.03
N GLU A 151 14.19 -44.02 -46.71
CA GLU A 151 14.55 -42.86 -45.91
C GLU A 151 15.95 -42.34 -46.21
N PHE A 152 16.79 -43.16 -46.87
CA PHE A 152 18.18 -42.81 -47.13
C PHE A 152 18.35 -41.69 -48.14
N ARG A 153 17.27 -41.11 -48.66
CA ARG A 153 17.35 -40.07 -49.67
C ARG A 153 17.08 -38.68 -49.08
N VAL A 154 17.33 -38.50 -47.78
CA VAL A 154 17.09 -37.23 -47.10
C VAL A 154 18.41 -36.50 -46.83
N TYR A 155 19.31 -37.13 -46.08
CA TYR A 155 20.60 -36.53 -45.78
C TYR A 155 21.72 -37.50 -46.15
N SER A 156 22.89 -36.94 -46.45
CA SER A 156 24.05 -37.76 -46.81
C SER A 156 24.84 -38.14 -45.57
N SER A 157 25.26 -37.16 -44.79
CA SER A 157 26.07 -37.38 -43.60
C SER A 157 25.32 -36.95 -42.34
N ALA A 158 25.63 -37.64 -41.23
CA ALA A 158 25.07 -37.33 -39.92
C ALA A 158 26.22 -37.28 -38.92
N ASN A 159 26.84 -36.11 -38.82
CA ASN A 159 27.98 -35.90 -37.92
C ASN A 159 27.44 -35.75 -36.49
N ASN A 160 28.25 -35.19 -35.58
CA ASN A 160 27.92 -35.20 -34.16
C ASN A 160 26.43 -35.01 -33.91
N CYS A 161 25.81 -35.99 -33.25
CA CYS A 161 24.39 -35.94 -32.91
C CYS A 161 24.23 -35.81 -31.40
N THR A 162 23.81 -34.63 -30.96
CA THR A 162 23.69 -34.29 -29.56
C THR A 162 22.37 -34.73 -28.94
N PHE A 163 21.41 -35.17 -29.75
CA PHE A 163 20.10 -35.52 -29.22
C PHE A 163 19.40 -36.44 -30.21
N GLU A 164 18.93 -37.58 -29.72
CA GLU A 164 18.14 -38.51 -30.52
C GLU A 164 16.95 -38.95 -29.69
N TYR A 165 15.89 -39.36 -30.37
CA TYR A 165 14.65 -39.66 -29.69
C TYR A 165 13.79 -40.49 -30.63
N VAL A 166 13.08 -41.46 -30.07
CA VAL A 166 12.18 -42.32 -30.84
C VAL A 166 10.90 -42.48 -30.06
N SER A 167 9.78 -42.51 -30.77
CA SER A 167 8.49 -42.67 -30.12
C SER A 167 7.52 -43.32 -31.09
N GLN A 168 6.24 -43.30 -30.74
CA GLN A 168 5.19 -43.89 -31.57
C GLN A 168 5.05 -43.13 -32.89
N PHE A 181 -13.13 -39.94 -46.82
CA PHE A 181 -12.86 -38.97 -45.77
C PHE A 181 -11.37 -38.71 -45.63
N LYS A 182 -10.94 -37.51 -45.99
CA LYS A 182 -9.56 -37.11 -45.80
C LYS A 182 -9.34 -36.73 -44.34
N ASN A 183 -8.09 -36.49 -43.98
CA ASN A 183 -7.74 -36.17 -42.60
C ASN A 183 -6.97 -34.86 -42.56
N LEU A 184 -7.15 -34.12 -41.46
CA LEU A 184 -6.48 -32.86 -41.22
C LEU A 184 -5.56 -33.06 -40.02
N ARG A 185 -4.25 -32.95 -40.24
CA ARG A 185 -3.26 -33.10 -39.19
C ARG A 185 -2.71 -31.69 -38.92
N GLU A 186 -3.17 -31.08 -37.84
CA GLU A 186 -2.71 -29.77 -37.46
C GLU A 186 -1.58 -29.87 -36.44
N PHE A 187 -0.58 -29.02 -36.61
CA PHE A 187 0.61 -29.02 -35.78
C PHE A 187 0.98 -27.59 -35.44
N VAL A 188 1.60 -27.42 -34.28
CA VAL A 188 2.16 -26.15 -33.86
C VAL A 188 3.55 -26.41 -33.35
N PHE A 189 4.53 -25.75 -33.94
CA PHE A 189 5.93 -25.87 -33.57
C PHE A 189 6.41 -24.57 -32.98
N LYS A 190 7.01 -24.63 -31.79
CA LYS A 190 7.59 -23.44 -31.16
C LYS A 190 8.97 -23.78 -30.63
N ASN A 191 9.82 -22.77 -30.54
CA ASN A 191 11.20 -22.92 -30.07
C ASN A 191 11.47 -21.82 -29.05
N ILE A 192 11.38 -22.17 -27.77
CA ILE A 192 11.51 -21.18 -26.69
C ILE A 192 12.40 -21.75 -25.59
N ASP A 193 13.42 -20.99 -25.20
CA ASP A 193 14.29 -21.36 -24.07
C ASP A 193 14.94 -22.72 -24.29
N GLY A 194 15.31 -23.01 -25.53
CA GLY A 194 15.95 -24.26 -25.87
C GLY A 194 15.00 -25.43 -26.03
N TYR A 195 13.71 -25.23 -25.74
CA TYR A 195 12.72 -26.28 -25.86
C TYR A 195 11.97 -26.15 -27.18
N PHE A 196 11.89 -27.26 -27.91
CA PHE A 196 11.09 -27.37 -29.12
C PHE A 196 9.77 -28.00 -28.71
N LYS A 197 8.72 -27.20 -28.66
CA LYS A 197 7.40 -27.67 -28.26
C LYS A 197 6.55 -27.98 -29.49
N ILE A 198 5.83 -29.10 -29.42
CA ILE A 198 4.94 -29.51 -30.49
C ILE A 198 3.55 -29.75 -29.90
N TYR A 199 2.54 -29.13 -30.49
CA TYR A 199 1.14 -29.44 -30.22
C TYR A 199 0.52 -29.99 -31.49
N SER A 200 -0.49 -30.84 -31.36
CA SER A 200 -1.03 -31.51 -32.53
C SER A 200 -2.50 -31.82 -32.32
N LYS A 201 -3.17 -32.06 -33.44
CA LYS A 201 -4.54 -32.57 -33.43
C LYS A 201 -4.89 -33.18 -34.77
N HIS A 202 -5.57 -34.33 -34.76
CA HIS A 202 -6.09 -34.94 -35.97
C HIS A 202 -7.60 -34.73 -36.02
N THR A 203 -8.11 -34.42 -37.22
CA THR A 203 -9.54 -34.23 -37.40
C THR A 203 -9.99 -34.90 -38.69
N PRO A 204 -10.93 -35.84 -38.64
CA PRO A 204 -11.49 -36.38 -39.88
C PRO A 204 -12.27 -35.32 -40.64
N ILE A 205 -11.79 -34.95 -41.82
CA ILE A 205 -12.43 -33.91 -42.62
C ILE A 205 -13.14 -34.53 -43.81
N ASP A 212 -8.62 -25.23 -49.08
CA ASP A 212 -9.40 -24.41 -48.16
C ASP A 212 -9.48 -25.06 -46.79
N LEU A 213 -8.89 -24.42 -45.79
CA LEU A 213 -8.93 -24.96 -44.44
C LEU A 213 -10.36 -24.97 -43.93
N PRO A 214 -10.74 -25.95 -43.11
CA PRO A 214 -12.10 -25.96 -42.56
C PRO A 214 -12.37 -24.70 -41.75
N GLN A 215 -13.64 -24.51 -41.41
CA GLN A 215 -14.07 -23.30 -40.72
C GLN A 215 -14.73 -23.64 -39.40
N GLY A 216 -14.14 -24.56 -38.64
CA GLY A 216 -14.62 -24.91 -37.33
C GLY A 216 -13.53 -24.66 -36.30
N PHE A 217 -13.92 -24.76 -35.02
CA PHE A 217 -12.96 -24.59 -33.94
C PHE A 217 -12.51 -25.94 -33.41
N SER A 218 -11.19 -26.10 -33.29
CA SER A 218 -10.60 -27.30 -32.70
C SER A 218 -9.28 -26.89 -32.06
N ALA A 219 -8.99 -27.43 -30.88
CA ALA A 219 -7.81 -27.04 -30.12
C ALA A 219 -6.81 -28.18 -30.09
N LEU A 220 -5.53 -27.81 -30.12
CA LEU A 220 -4.41 -28.73 -30.20
C LEU A 220 -3.85 -29.03 -28.80
N GLU A 221 -3.48 -30.30 -28.58
CA GLU A 221 -2.96 -30.77 -27.30
C GLU A 221 -1.45 -30.90 -27.34
N PRO A 222 -0.75 -30.69 -26.22
CA PRO A 222 0.71 -30.84 -26.23
C PRO A 222 1.12 -32.26 -26.60
N LEU A 223 2.25 -32.37 -27.28
CA LEU A 223 2.80 -33.66 -27.68
C LEU A 223 4.16 -33.92 -27.06
N VAL A 224 5.09 -32.98 -27.19
CA VAL A 224 6.43 -33.18 -26.65
C VAL A 224 7.19 -31.87 -26.61
N ASP A 225 8.02 -31.69 -25.59
CA ASP A 225 9.00 -30.62 -25.51
C ASP A 225 10.39 -31.25 -25.55
N LEU A 226 11.19 -30.87 -26.53
CA LEU A 226 12.50 -31.46 -26.74
C LEU A 226 13.60 -30.49 -26.34
N PRO A 227 14.53 -30.87 -25.48
CA PRO A 227 15.65 -29.97 -25.17
C PRO A 227 16.72 -30.00 -26.24
N ILE A 228 16.39 -29.47 -27.42
CA ILE A 228 17.25 -29.61 -28.60
C ILE A 228 18.37 -28.58 -28.66
N GLY A 229 18.21 -27.42 -28.03
CA GLY A 229 19.30 -26.47 -27.87
C GLY A 229 19.94 -25.96 -29.14
N ILE A 230 19.14 -25.51 -30.10
CA ILE A 230 19.65 -24.99 -31.37
C ILE A 230 18.71 -23.90 -31.87
N ASN A 231 19.25 -22.97 -32.65
CA ASN A 231 18.41 -21.98 -33.31
C ASN A 231 17.81 -22.58 -34.58
N ILE A 232 16.53 -22.31 -34.79
CA ILE A 232 15.80 -22.78 -35.95
C ILE A 232 15.29 -21.54 -36.68
N THR A 233 15.76 -21.32 -37.90
CA THR A 233 15.31 -20.20 -38.69
C THR A 233 14.59 -20.63 -39.97
N ARG A 234 14.74 -21.88 -40.40
CA ARG A 234 14.08 -22.39 -41.60
C ARG A 234 13.70 -23.84 -41.37
N PHE A 235 12.77 -24.32 -42.20
CA PHE A 235 12.31 -25.70 -42.12
C PHE A 235 11.74 -26.08 -43.47
N GLN A 236 11.55 -27.39 -43.67
CA GLN A 236 11.09 -27.90 -44.94
C GLN A 236 10.30 -29.18 -44.70
N THR A 237 9.24 -29.37 -45.48
CA THR A 237 8.38 -30.53 -45.32
C THR A 237 8.99 -31.73 -46.03
N LEU A 238 9.18 -32.83 -45.30
CA LEU A 238 9.73 -34.04 -45.89
C LEU A 238 8.64 -34.80 -46.61
N LEU A 239 8.83 -35.04 -47.90
CA LEU A 239 7.79 -35.64 -48.74
C LEU A 239 8.14 -37.06 -49.12
N ALA A 261 -1.64 -31.34 -50.25
CA ALA A 261 -1.99 -30.01 -49.79
C ALA A 261 -1.55 -29.79 -48.35
N TYR A 262 -0.60 -28.91 -48.13
CA TYR A 262 -0.17 -28.52 -46.80
C TYR A 262 -0.07 -27.01 -46.69
N TYR A 263 -0.53 -26.49 -45.54
CA TYR A 263 -0.66 -25.06 -45.29
C TYR A 263 0.27 -24.64 -44.18
N VAL A 264 0.83 -23.44 -44.30
CA VAL A 264 1.84 -22.97 -43.36
C VAL A 264 1.48 -21.54 -42.92
N GLY A 265 1.01 -21.40 -41.68
CA GLY A 265 0.85 -20.10 -41.07
C GLY A 265 1.91 -19.85 -40.00
N TYR A 266 2.02 -18.60 -39.59
CA TYR A 266 3.06 -18.18 -38.67
C TYR A 266 2.45 -17.66 -37.37
N LEU A 267 3.21 -17.81 -36.29
CA LEU A 267 2.77 -17.40 -34.96
C LEU A 267 3.30 -16.01 -34.63
N GLN A 268 2.56 -15.31 -33.78
CA GLN A 268 2.97 -14.02 -33.26
C GLN A 268 2.54 -13.94 -31.81
N PRO A 269 3.21 -13.11 -31.00
CA PRO A 269 2.73 -12.88 -29.64
C PRO A 269 1.38 -12.20 -29.62
N ARG A 270 0.36 -12.88 -29.10
CA ARG A 270 -1.00 -12.38 -29.09
C ARG A 270 -1.65 -12.75 -27.77
N THR A 271 -2.70 -12.01 -27.44
CA THR A 271 -3.54 -12.31 -26.29
C THR A 271 -4.86 -12.89 -26.79
N PHE A 272 -5.25 -14.03 -26.23
CA PHE A 272 -6.45 -14.74 -26.63
C PHE A 272 -7.35 -14.95 -25.42
N LEU A 273 -8.65 -14.92 -25.67
CA LEU A 273 -9.65 -15.23 -24.66
C LEU A 273 -10.29 -16.57 -25.02
N LEU A 274 -9.97 -17.61 -24.25
CA LEU A 274 -10.39 -18.97 -24.54
C LEU A 274 -11.56 -19.35 -23.65
N LYS A 275 -12.59 -19.93 -24.25
CA LYS A 275 -13.77 -20.38 -23.51
C LYS A 275 -13.67 -21.89 -23.30
N TYR A 276 -13.57 -22.31 -22.05
CA TYR A 276 -13.53 -23.73 -21.72
C TYR A 276 -14.94 -24.26 -21.51
N ASN A 277 -15.15 -25.50 -21.92
CA ASN A 277 -16.44 -26.15 -21.79
C ASN A 277 -16.59 -26.78 -20.40
N GLU A 278 -17.76 -27.36 -20.13
CA GLU A 278 -17.99 -27.99 -18.84
C GLU A 278 -17.17 -29.26 -18.68
N ASN A 279 -16.94 -29.99 -19.77
CA ASN A 279 -16.05 -31.14 -19.71
C ASN A 279 -14.64 -30.72 -20.13
N GLY A 280 -14.31 -29.45 -19.91
CA GLY A 280 -12.95 -28.98 -20.00
C GLY A 280 -12.39 -28.84 -21.39
N THR A 281 -13.24 -28.57 -22.38
CA THR A 281 -12.82 -28.47 -23.77
C THR A 281 -12.86 -27.02 -24.22
N ILE A 282 -11.78 -26.56 -24.85
CA ILE A 282 -11.76 -25.22 -25.43
C ILE A 282 -12.67 -25.22 -26.64
N THR A 283 -13.81 -24.55 -26.53
CA THR A 283 -14.84 -24.56 -27.55
C THR A 283 -14.93 -23.27 -28.35
N ASP A 284 -14.18 -22.23 -27.98
CA ASP A 284 -14.23 -20.97 -28.68
C ASP A 284 -13.07 -20.10 -28.21
N ALA A 285 -12.72 -19.12 -29.03
CA ALA A 285 -11.67 -18.19 -28.67
C ALA A 285 -12.01 -16.83 -29.27
N VAL A 286 -11.40 -15.80 -28.70
CA VAL A 286 -11.43 -14.45 -29.24
C VAL A 286 -10.00 -13.97 -29.38
N ASP A 287 -9.66 -13.49 -30.58
CA ASP A 287 -8.38 -12.86 -30.86
C ASP A 287 -8.51 -11.38 -30.52
N CYS A 288 -7.97 -10.99 -29.37
CA CYS A 288 -8.23 -9.67 -28.83
C CYS A 288 -7.77 -8.56 -29.77
N ALA A 289 -6.72 -8.80 -30.55
CA ALA A 289 -6.15 -7.78 -31.42
C ALA A 289 -6.67 -7.85 -32.85
N LEU A 290 -7.69 -8.67 -33.11
CA LEU A 290 -8.18 -8.81 -34.47
C LEU A 290 -8.84 -7.53 -34.97
N ASP A 291 -9.76 -6.96 -34.18
CA ASP A 291 -10.53 -5.81 -34.60
C ASP A 291 -11.09 -5.15 -33.35
N PRO A 292 -11.71 -3.97 -33.48
CA PRO A 292 -12.25 -3.30 -32.29
C PRO A 292 -13.28 -4.12 -31.52
N LEU A 293 -14.14 -4.87 -32.21
CA LEU A 293 -15.14 -5.65 -31.50
C LEU A 293 -14.49 -6.75 -30.66
N SER A 294 -13.44 -7.37 -31.17
CA SER A 294 -12.73 -8.36 -30.38
C SER A 294 -12.08 -7.74 -29.16
N GLU A 295 -11.55 -6.53 -29.31
CA GLU A 295 -10.98 -5.82 -28.16
C GLU A 295 -12.05 -5.51 -27.12
N THR A 296 -13.26 -5.14 -27.56
CA THR A 296 -14.36 -4.97 -26.61
C THR A 296 -14.70 -6.29 -25.92
N LYS A 297 -14.75 -7.38 -26.66
CA LYS A 297 -15.06 -8.67 -26.06
C LYS A 297 -14.03 -9.04 -25.00
N CYS A 298 -12.76 -8.82 -25.28
CA CYS A 298 -11.72 -9.15 -24.31
C CYS A 298 -11.73 -8.19 -23.13
N THR A 299 -12.10 -6.92 -23.34
CA THR A 299 -12.20 -6.00 -22.22
C THR A 299 -13.29 -6.42 -21.24
N LEU A 300 -14.44 -6.84 -21.75
CA LEU A 300 -15.57 -7.24 -20.93
C LEU A 300 -15.51 -8.71 -20.50
N LYS A 301 -14.53 -9.46 -20.98
CA LYS A 301 -14.40 -10.88 -20.66
C LYS A 301 -15.69 -11.63 -20.97
N SER A 302 -16.23 -11.39 -22.16
CA SER A 302 -17.42 -12.08 -22.60
C SER A 302 -17.39 -12.20 -24.12
N PHE A 303 -18.13 -13.18 -24.64
CA PHE A 303 -18.25 -13.39 -26.06
C PHE A 303 -19.44 -12.67 -26.67
N THR A 304 -20.28 -12.05 -25.85
CA THR A 304 -21.44 -11.31 -26.32
C THR A 304 -21.40 -9.92 -25.70
N VAL A 305 -21.53 -8.90 -26.54
CA VAL A 305 -21.45 -7.51 -26.12
C VAL A 305 -22.82 -6.88 -26.31
N GLU A 306 -23.32 -6.21 -25.28
CA GLU A 306 -24.57 -5.48 -25.38
C GLU A 306 -24.35 -4.14 -26.06
N LYS A 307 -25.45 -3.52 -26.49
CA LYS A 307 -25.38 -2.23 -27.14
C LYS A 307 -24.80 -1.18 -26.19
N GLY A 308 -23.95 -0.32 -26.73
CA GLY A 308 -23.40 0.77 -25.94
C GLY A 308 -22.07 1.23 -26.51
N ILE A 309 -21.40 2.05 -25.73
CA ILE A 309 -20.07 2.56 -26.04
C ILE A 309 -19.14 2.16 -24.91
N TYR A 310 -18.02 1.53 -25.26
CA TYR A 310 -17.11 0.95 -24.29
C TYR A 310 -15.72 1.55 -24.45
N GLN A 311 -15.13 1.95 -23.34
CA GLN A 311 -13.73 2.36 -23.35
C GLN A 311 -12.88 1.10 -23.37
N THR A 312 -12.22 0.84 -24.49
CA THR A 312 -11.53 -0.42 -24.68
C THR A 312 -10.04 -0.32 -24.36
N SER A 313 -9.35 0.65 -24.95
CA SER A 313 -7.93 0.81 -24.65
C SER A 313 -7.53 2.23 -25.03
N ASN A 314 -6.23 2.45 -25.12
CA ASN A 314 -5.67 3.73 -25.51
C ASN A 314 -4.71 3.49 -26.66
N PHE A 315 -4.86 4.28 -27.71
CA PHE A 315 -3.89 4.25 -28.80
C PHE A 315 -2.64 5.00 -28.37
N ARG A 316 -1.49 4.45 -28.78
CA ARG A 316 -0.19 4.96 -28.38
C ARG A 316 0.75 4.88 -29.57
N VAL A 317 1.34 6.01 -29.95
CA VAL A 317 2.29 6.01 -31.05
C VAL A 317 3.59 5.36 -30.59
N GLN A 318 4.09 4.42 -31.38
CA GLN A 318 5.28 3.71 -30.95
C GLN A 318 6.54 4.39 -31.45
N PRO A 319 7.64 4.32 -30.69
CA PRO A 319 8.88 4.99 -31.12
C PRO A 319 9.39 4.44 -32.44
N THR A 320 9.68 5.34 -33.38
CA THR A 320 10.18 4.88 -34.68
C THR A 320 11.57 4.29 -34.55
N GLU A 321 12.47 4.99 -33.86
CA GLU A 321 13.86 4.58 -33.73
C GLU A 321 14.36 4.89 -32.33
N SER A 322 15.64 4.63 -32.11
CA SER A 322 16.31 4.90 -30.85
C SER A 322 17.55 5.75 -31.09
N ILE A 323 17.92 6.55 -30.09
CA ILE A 323 19.12 7.37 -30.17
C ILE A 323 19.85 7.29 -28.84
N VAL A 324 21.14 7.61 -28.87
CA VAL A 324 22.00 7.66 -27.70
C VAL A 324 22.84 8.91 -27.82
N ARG A 325 22.87 9.73 -26.77
CA ARG A 325 23.64 10.96 -26.75
C ARG A 325 24.46 10.97 -25.47
N PHE A 326 25.72 10.62 -25.58
CA PHE A 326 26.69 10.66 -24.49
C PHE A 326 27.78 11.67 -24.81
N PRO A 327 28.58 12.04 -23.83
CA PRO A 327 29.63 13.04 -24.08
C PRO A 327 30.66 12.51 -25.07
N ASN A 328 31.43 13.44 -25.64
CA ASN A 328 32.38 13.07 -26.67
C ASN A 328 33.69 12.53 -26.10
N ILE A 329 33.88 12.57 -24.79
CA ILE A 329 35.11 12.09 -24.16
C ILE A 329 35.44 10.69 -24.65
N THR A 330 36.72 10.39 -24.81
CA THR A 330 37.13 9.07 -25.29
C THR A 330 38.32 8.50 -24.52
N ASN A 331 39.01 9.32 -23.73
CA ASN A 331 40.13 8.81 -22.94
C ASN A 331 39.61 7.89 -21.84
N LEU A 332 40.40 6.86 -21.53
CA LEU A 332 39.99 5.90 -20.52
C LEU A 332 40.37 6.38 -19.13
N CYS A 333 39.59 5.96 -18.14
CA CYS A 333 39.79 6.43 -16.78
C CYS A 333 41.06 5.82 -16.19
N PRO A 334 41.71 6.53 -15.27
CA PRO A 334 42.98 6.07 -14.69
C PRO A 334 42.81 5.01 -13.61
N PHE A 335 42.06 3.96 -13.93
CA PHE A 335 41.82 2.90 -12.95
C PHE A 335 43.06 2.05 -12.70
N ASP A 336 43.93 1.91 -13.71
CA ASP A 336 45.14 1.11 -13.50
C ASP A 336 46.02 1.72 -12.41
N GLU A 337 46.18 3.04 -12.41
CA GLU A 337 47.02 3.65 -11.39
C GLU A 337 46.38 3.62 -10.01
N VAL A 338 45.10 3.26 -9.92
CA VAL A 338 44.43 3.11 -8.63
C VAL A 338 44.53 1.66 -8.18
N PHE A 339 43.93 0.77 -8.96
CA PHE A 339 43.86 -0.64 -8.55
C PHE A 339 45.22 -1.31 -8.61
N ASN A 340 46.04 -0.98 -9.61
CA ASN A 340 47.38 -1.57 -9.78
C ASN A 340 48.45 -0.66 -9.19
N ALA A 341 48.35 -0.31 -7.93
CA ALA A 341 49.34 0.54 -7.27
C ALA A 341 50.31 -0.33 -6.48
N THR A 342 51.59 0.03 -6.54
CA THR A 342 52.60 -0.76 -5.84
C THR A 342 52.29 -0.82 -4.34
N ARG A 343 51.94 0.32 -3.76
CA ARG A 343 51.63 0.42 -2.34
C ARG A 343 50.35 1.22 -2.16
N PHE A 344 49.43 0.67 -1.38
CA PHE A 344 48.21 1.36 -1.00
C PHE A 344 48.44 2.18 0.26
N ALA A 345 47.48 3.04 0.57
CA ALA A 345 47.57 3.89 1.75
C ALA A 345 47.16 3.12 3.00
N SER A 346 47.37 3.75 4.15
CA SER A 346 46.83 3.26 5.42
C SER A 346 45.38 3.67 5.53
N VAL A 347 44.58 2.83 6.21
CA VAL A 347 43.16 3.14 6.35
C VAL A 347 42.95 4.43 7.12
N TYR A 348 43.79 4.69 8.12
CA TYR A 348 43.66 5.94 8.87
C TYR A 348 43.95 7.15 7.99
N ALA A 349 45.03 7.10 7.20
CA ALA A 349 45.29 8.11 6.18
C ALA A 349 44.90 7.61 4.80
N TRP A 350 43.62 7.28 4.60
CA TRP A 350 43.20 6.67 3.35
C TRP A 350 43.34 7.66 2.20
N ASN A 351 43.58 7.13 1.00
CA ASN A 351 43.86 7.98 -0.14
C ASN A 351 42.60 8.18 -0.97
N ARG A 352 42.41 9.39 -1.49
CA ARG A 352 41.25 9.71 -2.34
C ARG A 352 41.75 10.22 -3.68
N LYS A 353 41.18 9.71 -4.76
CA LYS A 353 41.56 10.06 -6.12
C LYS A 353 40.34 10.53 -6.90
N ARG A 354 40.47 11.67 -7.57
CA ARG A 354 39.39 12.24 -8.37
C ARG A 354 39.43 11.66 -9.77
N ILE A 355 38.28 11.18 -10.27
CA ILE A 355 38.17 10.59 -11.59
C ILE A 355 37.24 11.48 -12.41
N SER A 356 37.73 11.97 -13.54
CA SER A 356 36.96 12.91 -14.34
C SER A 356 37.42 12.85 -15.79
N ASN A 357 36.56 13.38 -16.68
CA ASN A 357 36.87 13.51 -18.10
C ASN A 357 37.44 12.22 -18.67
N CYS A 358 36.71 11.12 -18.56
CA CYS A 358 37.22 9.84 -19.00
C CYS A 358 36.07 8.89 -19.24
N VAL A 359 36.37 7.80 -19.94
CA VAL A 359 35.44 6.71 -20.18
C VAL A 359 35.74 5.62 -19.16
N ALA A 360 34.77 5.34 -18.29
CA ALA A 360 34.93 4.37 -17.22
C ALA A 360 34.40 3.02 -17.70
N ASP A 361 35.30 2.12 -18.05
CA ASP A 361 34.95 0.75 -18.42
C ASP A 361 35.22 -0.14 -17.21
N TYR A 362 34.14 -0.53 -16.53
CA TYR A 362 34.26 -1.37 -15.36
C TYR A 362 34.51 -2.83 -15.67
N SER A 363 34.48 -3.21 -16.95
CA SER A 363 34.82 -4.57 -17.32
C SER A 363 36.29 -4.86 -17.03
N VAL A 364 37.12 -3.82 -17.04
CA VAL A 364 38.55 -3.97 -16.77
C VAL A 364 38.74 -4.50 -15.36
N LEU A 365 37.74 -4.30 -14.51
CA LEU A 365 37.72 -4.96 -13.21
C LEU A 365 37.44 -6.43 -13.48
N TYR A 366 37.18 -7.23 -12.45
CA TYR A 366 36.97 -8.67 -12.62
C TYR A 366 38.26 -9.38 -13.04
N ASN A 367 39.40 -8.66 -13.00
CA ASN A 367 40.71 -9.25 -13.21
C ASN A 367 41.58 -9.06 -11.97
N LEU A 368 40.96 -8.88 -10.81
CA LEU A 368 41.65 -8.72 -9.55
C LEU A 368 41.79 -10.06 -8.85
N ALA A 369 42.44 -10.03 -7.69
CA ALA A 369 42.69 -11.26 -6.93
C ALA A 369 41.40 -12.07 -6.86
N PRO A 370 41.34 -13.24 -7.53
CA PRO A 370 40.06 -13.92 -7.72
C PRO A 370 39.24 -14.07 -6.44
N PHE A 371 37.94 -14.30 -6.59
CA PHE A 371 36.99 -14.40 -5.48
C PHE A 371 36.79 -13.07 -4.77
N PHE A 372 37.19 -11.96 -5.40
CA PHE A 372 37.11 -10.67 -4.74
C PHE A 372 35.67 -10.26 -4.50
N THR A 373 35.47 -9.40 -3.52
CA THR A 373 34.16 -8.86 -3.19
C THR A 373 33.91 -7.58 -3.98
N PHE A 374 32.78 -7.54 -4.69
CA PHE A 374 32.37 -6.37 -5.47
C PHE A 374 30.91 -6.07 -5.13
N LYS A 375 30.69 -5.29 -4.08
CA LYS A 375 29.35 -5.01 -3.58
C LYS A 375 28.98 -3.56 -3.82
N CYS A 376 27.82 -3.32 -4.44
CA CYS A 376 27.40 -1.99 -4.80
C CYS A 376 26.16 -1.58 -4.03
N TYR A 377 26.05 -0.27 -3.80
CA TYR A 377 24.94 0.32 -3.07
C TYR A 377 24.31 1.40 -3.95
N GLY A 378 23.03 1.24 -4.26
CA GLY A 378 22.33 2.13 -5.16
C GLY A 378 22.44 1.75 -6.62
N VAL A 379 23.26 0.77 -6.96
CA VAL A 379 23.45 0.32 -8.33
C VAL A 379 23.77 -1.17 -8.30
N SER A 380 23.82 -1.78 -9.49
CA SER A 380 24.25 -3.14 -9.67
C SER A 380 25.56 -3.13 -10.45
N PRO A 381 26.52 -3.99 -10.12
CA PRO A 381 27.80 -3.96 -10.85
C PRO A 381 27.65 -4.12 -12.35
N THR A 382 26.67 -4.90 -12.80
CA THR A 382 26.49 -5.14 -14.22
C THR A 382 25.95 -3.94 -14.98
N LYS A 383 25.44 -2.92 -14.28
CA LYS A 383 24.88 -1.74 -14.93
C LYS A 383 25.82 -0.54 -14.95
N LEU A 384 26.97 -0.63 -14.27
CA LEU A 384 27.86 0.53 -14.18
C LEU A 384 28.34 0.97 -15.56
N ASN A 385 28.54 0.03 -16.47
CA ASN A 385 29.00 0.36 -17.81
C ASN A 385 27.99 1.15 -18.61
N ASP A 386 26.74 1.21 -18.18
CA ASP A 386 25.67 1.86 -18.94
C ASP A 386 25.28 3.22 -18.40
N LEU A 387 25.96 3.72 -17.38
CA LEU A 387 25.56 4.95 -16.70
C LEU A 387 26.61 6.05 -16.91
N CYS A 388 26.28 7.23 -16.41
CA CYS A 388 27.18 8.38 -16.38
C CYS A 388 27.17 8.96 -14.98
N PHE A 389 28.35 9.36 -14.51
CA PHE A 389 28.56 9.74 -13.12
C PHE A 389 29.10 11.16 -13.02
N THR A 390 28.79 11.82 -11.90
CA THR A 390 29.18 13.21 -11.73
C THR A 390 30.49 13.38 -10.96
N ASN A 391 30.53 12.96 -9.69
CA ASN A 391 31.71 13.17 -8.84
C ASN A 391 32.26 11.82 -8.42
N VAL A 392 33.09 11.24 -9.28
CA VAL A 392 33.61 9.92 -9.03
C VAL A 392 34.92 10.04 -8.25
N TYR A 393 34.95 9.42 -7.09
CA TYR A 393 36.13 9.40 -6.24
C TYR A 393 36.46 7.96 -5.89
N ALA A 394 37.74 7.64 -5.96
CA ALA A 394 38.24 6.31 -5.61
C ALA A 394 39.06 6.44 -4.33
N ASP A 395 38.53 5.88 -3.24
CA ASP A 395 39.21 5.86 -1.97
C ASP A 395 39.86 4.50 -1.77
N SER A 396 41.17 4.49 -1.56
CA SER A 396 41.91 3.24 -1.45
C SER A 396 42.62 3.17 -0.11
N PHE A 397 42.66 1.95 0.43
CA PHE A 397 43.41 1.66 1.65
C PHE A 397 43.55 0.15 1.78
N VAL A 398 44.22 -0.28 2.86
CA VAL A 398 44.42 -1.68 3.18
C VAL A 398 43.91 -1.92 4.59
N ILE A 399 43.19 -3.02 4.77
CA ILE A 399 42.71 -3.44 6.09
C ILE A 399 42.98 -4.93 6.25
N ARG A 400 42.54 -5.50 7.37
CA ARG A 400 42.57 -6.94 7.54
C ARG A 400 41.25 -7.53 7.06
N GLY A 401 41.29 -8.80 6.65
CA GLY A 401 40.16 -9.38 5.96
C GLY A 401 38.87 -9.31 6.75
N ASP A 402 38.92 -9.63 8.03
CA ASP A 402 37.71 -9.69 8.85
C ASP A 402 37.09 -8.32 9.09
N GLU A 403 37.77 -7.24 8.70
CA GLU A 403 37.18 -5.91 8.76
C GLU A 403 36.55 -5.46 7.45
N VAL A 404 36.60 -6.27 6.39
CA VAL A 404 35.96 -5.84 5.14
C VAL A 404 34.47 -5.67 5.33
N ARG A 405 33.88 -6.42 6.27
CA ARG A 405 32.47 -6.25 6.57
C ARG A 405 32.16 -4.89 7.15
N GLN A 406 33.15 -4.20 7.71
CA GLN A 406 32.97 -2.89 8.31
C GLN A 406 32.98 -1.76 7.29
N ILE A 407 33.38 -2.03 6.05
CA ILE A 407 33.31 -1.00 5.00
C ILE A 407 31.95 -1.12 4.34
N ALA A 408 30.94 -0.54 4.98
CA ALA A 408 29.57 -0.56 4.51
C ALA A 408 28.80 0.46 5.31
N PRO A 409 27.66 0.94 4.81
CA PRO A 409 26.90 1.95 5.54
C PRO A 409 26.46 1.42 6.90
N GLY A 410 26.60 2.27 7.92
CA GLY A 410 26.03 2.01 9.22
C GLY A 410 26.82 1.06 10.10
N GLN A 411 27.86 0.43 9.56
CA GLN A 411 28.65 -0.51 10.36
C GLN A 411 29.37 0.21 11.48
N THR A 412 29.64 -0.52 12.56
CA THR A 412 30.35 -0.01 13.72
C THR A 412 31.61 -0.84 13.95
N GLY A 413 32.59 -0.22 14.59
CA GLY A 413 33.86 -0.86 14.86
C GLY A 413 35.00 0.14 14.81
N ASN A 414 36.22 -0.29 15.13
CA ASN A 414 37.35 0.62 15.09
C ASN A 414 37.52 1.22 13.70
N ILE A 415 37.43 0.39 12.66
CA ILE A 415 37.63 0.87 11.31
C ILE A 415 36.52 1.82 10.89
N ALA A 416 35.27 1.48 11.18
CA ALA A 416 34.15 2.30 10.77
C ALA A 416 33.94 3.51 11.65
N ASP A 417 34.53 3.55 12.84
CA ASP A 417 34.32 4.65 13.77
C ASP A 417 35.47 5.63 13.83
N TYR A 418 36.72 5.18 13.74
CA TYR A 418 37.87 6.06 13.87
C TYR A 418 38.71 6.15 12.62
N ASN A 419 38.44 5.35 11.59
CA ASN A 419 39.32 5.27 10.44
C ASN A 419 38.64 5.71 9.15
N TYR A 420 37.50 5.11 8.79
CA TYR A 420 36.88 5.36 7.50
C TYR A 420 35.40 5.06 7.63
N LYS A 421 34.58 6.11 7.65
CA LYS A 421 33.14 5.98 7.79
C LYS A 421 32.47 6.27 6.45
N LEU A 422 31.47 5.48 6.13
CA LEU A 422 30.68 5.69 4.93
C LEU A 422 29.33 6.29 5.29
N PRO A 423 28.80 7.24 4.51
CA PRO A 423 27.49 7.79 4.83
C PRO A 423 26.43 6.70 4.79
N ASP A 424 25.39 6.87 5.61
CA ASP A 424 24.29 5.91 5.58
C ASP A 424 23.63 5.87 4.22
N ASP A 425 23.66 6.97 3.48
CA ASP A 425 23.01 7.08 2.17
C ASP A 425 24.05 6.97 1.05
N PHE A 426 25.05 6.12 1.25
CA PHE A 426 26.16 5.98 0.32
C PHE A 426 25.68 5.37 -0.99
N THR A 427 26.07 5.98 -2.10
CA THR A 427 25.87 5.43 -3.43
C THR A 427 27.24 5.16 -4.03
N GLY A 428 27.49 3.92 -4.42
CA GLY A 428 28.81 3.59 -4.92
C GLY A 428 29.04 2.10 -4.86
N CYS A 429 30.32 1.72 -4.73
CA CYS A 429 30.70 0.32 -4.78
C CYS A 429 31.98 0.09 -3.98
N VAL A 430 32.00 -1.02 -3.25
CA VAL A 430 33.15 -1.44 -2.46
C VAL A 430 33.75 -2.66 -3.15
N ILE A 431 35.01 -2.55 -3.55
CA ILE A 431 35.75 -3.65 -4.16
C ILE A 431 36.90 -3.99 -3.22
N ALA A 432 36.85 -5.16 -2.62
CA ALA A 432 37.89 -5.63 -1.73
C ALA A 432 38.46 -6.93 -2.25
N TRP A 433 39.76 -7.12 -2.06
CA TRP A 433 40.36 -8.36 -2.52
C TRP A 433 41.61 -8.65 -1.71
N ASN A 434 41.81 -9.93 -1.40
CA ASN A 434 42.97 -10.35 -0.63
C ASN A 434 44.26 -9.95 -1.33
N SER A 435 45.15 -9.30 -0.59
CA SER A 435 46.43 -8.84 -1.11
C SER A 435 47.57 -9.43 -0.28
N ASN A 436 47.46 -10.70 0.07
CA ASN A 436 48.51 -11.36 0.84
C ASN A 436 49.83 -11.37 0.08
N LYS A 437 49.78 -11.64 -1.22
CA LYS A 437 50.98 -11.73 -2.03
C LYS A 437 51.53 -10.37 -2.46
N LEU A 438 51.04 -9.28 -1.87
CA LEU A 438 51.57 -7.95 -2.16
C LEU A 438 52.01 -7.24 -0.90
N ASP A 439 51.27 -7.47 0.20
CA ASP A 439 51.45 -6.69 1.42
C ASP A 439 52.05 -7.47 2.58
N SER A 440 51.78 -8.77 2.68
CA SER A 440 52.30 -9.55 3.79
C SER A 440 53.82 -9.64 3.71
N LYS A 441 54.46 -9.60 4.88
CA LYS A 441 55.93 -9.63 4.95
C LYS A 441 56.33 -10.63 6.03
N VAL A 442 57.13 -11.63 5.66
CA VAL A 442 57.61 -12.61 6.65
C VAL A 442 58.67 -11.93 7.48
N SER A 443 58.26 -11.40 8.63
CA SER A 443 59.03 -10.48 9.45
C SER A 443 58.10 -9.46 10.07
N GLY A 444 56.98 -9.18 9.40
CA GLY A 444 55.99 -8.26 9.90
C GLY A 444 55.99 -6.92 9.19
N ASN A 445 54.97 -6.65 8.38
CA ASN A 445 54.91 -5.42 7.60
C ASN A 445 54.31 -4.29 8.43
N TYR A 446 55.05 -3.19 8.55
CA TYR A 446 54.61 -2.05 9.35
C TYR A 446 54.38 -0.81 8.49
N ASN A 447 53.99 -1.01 7.24
CA ASN A 447 53.63 0.09 6.35
C ASN A 447 52.15 0.43 6.41
N TYR A 448 51.36 -0.31 7.19
CA TYR A 448 49.91 -0.15 7.21
C TYR A 448 49.46 -0.04 8.65
N LEU A 449 48.93 1.13 9.02
CA LEU A 449 48.48 1.42 10.37
C LEU A 449 46.97 1.62 10.39
N TYR A 450 46.40 1.55 11.59
CA TYR A 450 45.00 1.83 11.80
C TYR A 450 44.84 2.49 13.16
N ARG A 451 43.94 3.46 13.24
CA ARG A 451 43.64 4.10 14.51
C ARG A 451 42.72 3.21 15.32
N LEU A 452 43.14 2.92 16.57
CA LEU A 452 42.37 2.05 17.44
C LEU A 452 41.65 2.80 18.54
N PHE A 453 42.12 4.00 18.92
CA PHE A 453 41.53 4.78 19.99
C PHE A 453 41.28 6.19 19.49
N ARG A 454 40.01 6.62 19.52
CA ARG A 454 39.64 7.99 19.24
C ARG A 454 38.61 8.45 20.25
N LYS A 455 38.68 9.74 20.60
CA LYS A 455 37.73 10.30 21.55
C LYS A 455 36.30 10.19 21.02
N SER A 456 36.04 10.81 19.87
CA SER A 456 34.75 10.75 19.23
C SER A 456 34.84 9.95 17.93
N ASN A 457 33.68 9.59 17.39
CA ASN A 457 33.63 8.92 16.11
C ASN A 457 33.86 9.94 14.99
N LEU A 458 34.03 9.43 13.77
CA LEU A 458 34.27 10.27 12.61
C LEU A 458 32.95 10.48 11.87
N LYS A 459 32.85 11.60 11.19
CA LYS A 459 31.76 11.83 10.26
C LYS A 459 32.11 11.22 8.92
N PRO A 460 31.13 10.99 8.05
CA PRO A 460 31.39 10.29 6.79
C PRO A 460 32.49 10.99 5.97
N PHE A 461 33.35 10.18 5.38
CA PHE A 461 34.39 10.63 4.46
C PHE A 461 35.35 11.63 5.08
N GLU A 462 35.46 11.62 6.41
CA GLU A 462 36.39 12.48 7.11
C GLU A 462 37.67 11.72 7.40
N ARG A 463 38.78 12.44 7.44
CA ARG A 463 40.10 11.86 7.64
C ARG A 463 40.75 12.49 8.86
N ASP A 464 41.31 11.65 9.73
CA ASP A 464 42.03 12.09 10.91
C ASP A 464 43.43 11.50 10.86
N ILE A 465 44.45 12.36 10.77
CA ILE A 465 45.82 11.90 10.65
C ILE A 465 46.65 12.45 11.81
N SER A 466 46.02 12.63 12.96
CA SER A 466 46.70 13.11 14.16
C SER A 466 47.19 11.94 15.00
N THR A 467 48.27 12.17 15.75
CA THR A 467 48.88 11.14 16.57
C THR A 467 48.89 11.49 18.06
N GLU A 468 48.09 12.47 18.48
CA GLU A 468 48.02 12.84 19.90
C GLU A 468 47.75 11.61 20.74
N ILE A 469 48.10 11.67 22.03
CA ILE A 469 47.94 10.51 22.90
C ILE A 469 46.49 10.47 23.40
N TYR A 470 45.84 9.33 23.20
CA TYR A 470 44.49 9.14 23.69
C TYR A 470 44.52 8.89 25.20
N GLN A 471 43.63 9.57 25.91
CA GLN A 471 43.54 9.48 27.36
C GLN A 471 42.22 8.80 27.72
N ALA A 472 42.31 7.60 28.27
CA ALA A 472 41.16 6.91 28.83
C ALA A 472 41.00 7.17 30.33
N GLY A 473 41.96 7.86 30.95
CA GLY A 473 41.89 8.19 32.35
C GLY A 473 41.66 9.67 32.57
N ASN A 474 41.12 10.00 33.75
CA ASN A 474 40.85 11.39 34.09
C ASN A 474 42.12 12.20 34.29
N LYS A 475 43.28 11.53 34.41
CA LYS A 475 44.50 12.25 34.74
C LYS A 475 44.87 13.22 33.63
N PRO A 476 45.63 14.27 33.92
CA PRO A 476 46.11 15.14 32.84
C PRO A 476 47.14 14.41 31.99
N CYS A 477 46.65 13.60 31.05
CA CYS A 477 47.52 12.70 30.31
C CYS A 477 48.51 13.46 29.45
N ASN A 478 48.30 14.77 29.27
CA ASN A 478 49.16 15.58 28.41
C ASN A 478 50.63 15.26 28.68
N GLY A 479 51.30 14.71 27.68
CA GLY A 479 52.62 14.17 27.86
C GLY A 479 52.90 13.01 26.92
N VAL A 480 53.28 11.86 27.48
CA VAL A 480 53.64 10.67 26.73
C VAL A 480 52.76 9.52 27.19
N ALA A 481 52.82 8.41 26.46
CA ALA A 481 51.98 7.26 26.76
C ALA A 481 52.33 6.66 28.12
N GLY A 482 51.54 5.68 28.54
CA GLY A 482 51.70 5.09 29.86
C GLY A 482 50.44 4.38 30.33
N PHE A 483 50.00 4.70 31.55
CA PHE A 483 48.83 4.06 32.13
C PHE A 483 47.59 4.88 31.79
N ASN A 484 46.59 4.19 31.22
CA ASN A 484 45.39 4.86 30.71
C ASN A 484 45.75 5.95 29.69
N CYS A 485 46.91 5.80 29.03
CA CYS A 485 47.39 6.76 28.06
C CYS A 485 47.99 5.99 26.89
N TYR A 486 47.23 5.86 25.82
CA TYR A 486 47.59 5.00 24.70
C TYR A 486 47.92 5.80 23.46
N PHE A 487 48.94 5.35 22.73
CA PHE A 487 49.16 5.86 21.39
C PHE A 487 48.01 5.40 20.50
N PRO A 488 47.42 6.30 19.71
CA PRO A 488 46.16 5.95 19.03
C PRO A 488 46.30 5.01 17.84
N LEU A 489 47.45 5.01 17.18
CA LEU A 489 47.66 4.21 15.98
C LEU A 489 48.39 2.92 16.33
N ARG A 490 47.97 1.83 15.68
CA ARG A 490 48.63 0.54 15.81
C ARG A 490 48.79 -0.09 14.43
N SER A 491 49.88 -0.84 14.27
CA SER A 491 50.23 -1.43 12.98
C SER A 491 49.64 -2.83 12.84
N TYR A 492 49.23 -3.15 11.61
CA TYR A 492 48.63 -4.44 11.31
C TYR A 492 49.65 -5.58 11.35
N SER A 493 50.90 -5.32 10.98
CA SER A 493 51.97 -6.33 11.00
C SER A 493 51.59 -7.55 10.19
N PHE A 494 51.10 -7.33 8.97
CA PHE A 494 50.67 -8.43 8.11
C PHE A 494 51.81 -9.40 7.88
N ARG A 495 51.54 -10.69 8.07
CA ARG A 495 52.53 -11.72 7.86
C ARG A 495 51.98 -12.83 6.98
N PRO A 496 52.83 -13.50 6.19
CA PRO A 496 52.32 -14.55 5.29
C PRO A 496 51.72 -15.74 6.01
N THR A 497 52.05 -15.94 7.28
CA THR A 497 51.59 -17.10 8.03
C THR A 497 50.27 -16.88 8.74
N TYR A 498 49.73 -15.66 8.72
CA TYR A 498 48.47 -15.40 9.38
C TYR A 498 47.33 -16.12 8.67
N GLY A 499 46.24 -16.35 9.39
CA GLY A 499 45.03 -16.84 8.78
C GLY A 499 44.42 -15.77 7.90
N VAL A 500 43.40 -16.16 7.14
CA VAL A 500 42.80 -15.22 6.19
C VAL A 500 42.27 -14.00 6.92
N GLY A 501 41.69 -14.21 8.10
CA GLY A 501 41.02 -13.12 8.78
C GLY A 501 41.94 -11.95 9.09
N HIS A 502 43.21 -12.22 9.32
CA HIS A 502 44.19 -11.17 9.61
C HIS A 502 45.13 -10.91 8.45
N GLN A 503 44.83 -11.46 7.27
CA GLN A 503 45.63 -11.21 6.09
C GLN A 503 45.24 -9.88 5.44
N PRO A 504 46.17 -9.23 4.76
CA PRO A 504 45.86 -7.92 4.16
C PRO A 504 44.84 -8.03 3.06
N TYR A 505 43.95 -7.04 3.01
CA TYR A 505 42.99 -6.89 1.94
C TYR A 505 43.09 -5.47 1.41
N ARG A 506 43.21 -5.34 0.10
CA ARG A 506 43.18 -4.05 -0.55
C ARG A 506 41.73 -3.68 -0.86
N VAL A 507 41.32 -2.48 -0.46
CA VAL A 507 39.94 -2.02 -0.58
C VAL A 507 39.93 -0.73 -1.38
N VAL A 508 39.03 -0.67 -2.36
CA VAL A 508 38.75 0.51 -3.15
C VAL A 508 37.27 0.80 -3.07
N VAL A 509 36.93 2.00 -2.64
CA VAL A 509 35.55 2.48 -2.57
C VAL A 509 35.36 3.50 -3.67
N LEU A 510 34.44 3.23 -4.59
CA LEU A 510 34.07 4.16 -5.64
C LEU A 510 32.80 4.87 -5.21
N SER A 511 32.90 6.18 -5.03
CA SER A 511 31.77 7.02 -4.67
C SER A 511 31.40 7.89 -5.86
N PHE A 512 30.13 7.82 -6.26
CA PHE A 512 29.66 8.68 -7.34
C PHE A 512 28.24 9.11 -7.05
N GLU A 513 27.87 10.26 -7.61
CA GLU A 513 26.52 10.78 -7.50
C GLU A 513 25.79 10.49 -8.80
N LEU A 514 24.83 9.58 -8.76
CA LEU A 514 23.90 9.41 -9.86
C LEU A 514 22.80 10.46 -9.82
N LEU A 515 23.01 11.54 -9.07
CA LEU A 515 22.06 12.65 -9.05
C LEU A 515 22.19 13.40 -10.36
N HIS A 516 21.81 12.74 -11.45
CA HIS A 516 22.04 13.20 -12.81
C HIS A 516 23.11 14.29 -12.88
N ALA A 517 22.72 15.56 -13.01
CA ALA A 517 23.69 16.65 -13.03
C ALA A 517 24.65 16.50 -14.20
N PRO A 518 25.36 17.56 -14.58
CA PRO A 518 26.33 17.43 -15.68
C PRO A 518 27.35 16.35 -15.37
N ALA A 519 27.62 15.51 -16.36
CA ALA A 519 28.43 14.31 -16.16
C ALA A 519 29.75 14.41 -16.90
N THR A 520 30.78 13.90 -16.28
CA THR A 520 32.12 13.88 -16.87
C THR A 520 32.64 12.47 -17.07
N VAL A 521 32.26 11.53 -16.22
CA VAL A 521 32.62 10.13 -16.37
C VAL A 521 31.43 9.38 -16.93
N CYS A 522 31.64 8.64 -18.02
CA CYS A 522 30.57 7.90 -18.67
C CYS A 522 31.09 6.54 -19.09
N GLY A 523 30.17 5.58 -19.18
CA GLY A 523 30.52 4.25 -19.60
C GLY A 523 30.81 4.18 -21.09
N PRO A 524 31.31 3.04 -21.55
CA PRO A 524 31.56 2.89 -22.99
C PRO A 524 30.27 2.75 -23.77
N LYS A 525 29.87 3.79 -24.49
CA LYS A 525 28.62 3.79 -25.21
C LYS A 525 28.76 4.67 -26.44
N LYS A 526 28.19 4.22 -27.55
CA LYS A 526 28.27 4.93 -28.82
C LYS A 526 27.08 5.88 -28.96
N SER A 527 27.36 7.07 -29.48
CA SER A 527 26.35 8.09 -29.66
C SER A 527 25.85 8.09 -31.09
N THR A 528 24.54 8.09 -31.26
CA THR A 528 23.92 8.21 -32.58
C THR A 528 23.67 9.67 -32.89
N ASN A 529 22.88 9.94 -33.93
CA ASN A 529 22.49 11.29 -34.29
C ASN A 529 21.26 11.71 -33.51
N LEU A 530 21.03 13.02 -33.47
CA LEU A 530 19.92 13.60 -32.73
C LEU A 530 18.72 13.71 -33.65
N VAL A 531 17.62 13.06 -33.29
CA VAL A 531 16.40 13.09 -34.08
C VAL A 531 15.38 13.94 -33.34
N LYS A 532 14.97 15.04 -33.96
CA LYS A 532 14.00 15.94 -33.38
C LYS A 532 12.67 15.85 -34.11
N ASN A 533 11.61 16.26 -33.43
CA ASN A 533 10.26 16.30 -33.99
C ASN A 533 9.85 14.91 -34.49
N LYS A 534 10.07 13.92 -33.65
CA LYS A 534 9.77 12.54 -34.00
C LYS A 534 9.81 11.65 -32.75
N CYS A 535 8.87 10.72 -32.65
CA CYS A 535 8.88 9.79 -31.52
C CYS A 535 10.10 8.88 -31.61
N VAL A 536 10.89 8.86 -30.54
CA VAL A 536 12.08 8.02 -30.48
C VAL A 536 12.25 7.52 -29.05
N ASN A 537 12.98 6.42 -28.92
CA ASN A 537 13.61 6.07 -27.67
C ASN A 537 14.89 6.89 -27.57
N PHE A 538 15.09 7.55 -26.44
CA PHE A 538 16.26 8.37 -26.24
C PHE A 538 16.99 7.97 -24.97
N ASN A 539 18.29 8.24 -24.98
CA ASN A 539 19.16 8.00 -23.83
C ASN A 539 20.15 9.14 -23.79
N PHE A 540 20.03 10.00 -22.79
CA PHE A 540 20.92 11.14 -22.58
C PHE A 540 21.72 10.89 -21.31
N ASN A 541 23.01 10.55 -21.48
CA ASN A 541 23.90 10.30 -20.35
C ASN A 541 23.31 9.32 -19.36
N GLY A 542 22.56 8.33 -19.84
CA GLY A 542 21.98 7.31 -19.02
C GLY A 542 20.52 7.54 -18.66
N LEU A 543 20.03 8.76 -18.80
CA LEU A 543 18.60 9.02 -18.65
C LEU A 543 17.88 8.45 -19.86
N LYS A 544 17.12 7.38 -19.66
CA LYS A 544 16.38 6.73 -20.72
C LYS A 544 14.94 7.20 -20.73
N GLY A 545 14.34 7.18 -21.92
CA GLY A 545 12.95 7.57 -22.04
C GLY A 545 12.48 7.38 -23.46
N THR A 546 11.20 7.70 -23.66
CA THR A 546 10.58 7.66 -24.98
C THR A 546 9.79 8.94 -25.16
N GLY A 547 9.91 9.56 -26.33
CA GLY A 547 9.15 10.76 -26.59
C GLY A 547 9.66 11.52 -27.79
N VAL A 548 9.27 12.78 -27.84
CA VAL A 548 9.55 13.68 -28.95
C VAL A 548 10.42 14.82 -28.43
N LEU A 549 11.51 15.08 -29.12
CA LEU A 549 12.48 16.10 -28.73
C LEU A 549 12.34 17.31 -29.63
N THR A 550 12.23 18.48 -29.02
CA THR A 550 12.04 19.72 -29.76
C THR A 550 13.02 20.77 -29.24
N GLU A 551 13.28 21.77 -30.06
CA GLU A 551 14.18 22.84 -29.66
C GLU A 551 13.52 23.69 -28.58
N SER A 552 14.20 23.81 -27.44
CA SER A 552 13.62 24.47 -26.27
C SER A 552 14.06 25.94 -26.21
N ASN A 553 13.15 26.78 -25.70
CA ASN A 553 13.45 28.18 -25.46
C ASN A 553 13.96 28.44 -24.05
N LYS A 554 13.95 27.44 -23.17
CA LYS A 554 14.51 27.59 -21.83
C LYS A 554 16.03 27.65 -21.90
N LYS A 555 16.61 28.34 -20.92
CA LYS A 555 18.07 28.47 -20.82
C LYS A 555 18.51 27.92 -19.47
N PHE A 556 19.32 26.87 -19.50
CA PHE A 556 19.85 26.29 -18.28
C PHE A 556 21.06 27.07 -17.80
N LEU A 557 21.22 27.15 -16.48
CA LEU A 557 22.44 27.70 -15.93
C LEU A 557 23.58 26.68 -16.10
N PRO A 558 24.82 27.13 -16.17
CA PRO A 558 25.92 26.23 -16.53
C PRO A 558 25.97 24.94 -15.71
N PHE A 559 25.45 24.98 -14.49
CA PHE A 559 25.49 23.83 -13.58
C PHE A 559 24.27 22.93 -13.70
N GLN A 560 23.39 23.18 -14.67
CA GLN A 560 22.14 22.46 -14.81
C GLN A 560 22.13 21.65 -16.10
N GLN A 561 21.69 20.40 -16.01
CA GLN A 561 21.65 19.49 -17.14
C GLN A 561 20.26 19.00 -17.49
N PHE A 562 19.31 19.02 -16.55
CA PHE A 562 17.95 18.56 -16.80
C PHE A 562 16.97 19.53 -16.17
N GLY A 563 15.79 19.64 -16.78
CA GLY A 563 14.69 20.37 -16.21
C GLY A 563 13.60 19.41 -15.76
N ARG A 564 12.88 19.79 -14.71
CA ARG A 564 11.86 18.94 -14.12
C ARG A 564 10.54 19.70 -14.02
N ASP A 565 9.45 18.96 -14.07
CA ASP A 565 8.11 19.52 -14.02
C ASP A 565 7.51 19.32 -12.63
N ILE A 566 6.23 19.64 -12.50
CA ILE A 566 5.53 19.50 -11.24
C ILE A 566 5.66 18.07 -10.72
N ALA A 567 5.50 17.10 -11.60
CA ALA A 567 5.55 15.69 -11.22
C ALA A 567 6.96 15.20 -10.91
N ASP A 568 7.99 16.02 -11.17
CA ASP A 568 9.38 15.65 -10.92
C ASP A 568 9.88 14.68 -11.99
N THR A 569 9.28 14.70 -13.17
CA THR A 569 9.77 13.96 -14.32
C THR A 569 10.53 14.90 -15.25
N THR A 570 11.59 14.39 -15.85
CA THR A 570 12.45 15.22 -16.70
C THR A 570 11.72 15.67 -17.94
N ASP A 571 11.59 16.99 -18.11
CA ASP A 571 10.95 17.56 -19.28
C ASP A 571 11.90 18.33 -20.20
N ALA A 572 13.13 18.58 -19.78
CA ALA A 572 14.09 19.25 -20.64
C ALA A 572 15.47 18.67 -20.37
N VAL A 573 16.30 18.67 -21.41
CA VAL A 573 17.62 18.08 -21.31
C VAL A 573 18.59 18.87 -22.17
N ARG A 574 19.78 19.13 -21.65
CA ARG A 574 20.84 19.71 -22.44
C ARG A 574 21.60 18.59 -23.15
N ASP A 575 21.70 18.69 -24.46
CA ASP A 575 22.35 17.64 -25.23
C ASP A 575 23.83 17.60 -24.86
N PRO A 576 24.36 16.45 -24.44
CA PRO A 576 25.74 16.43 -23.93
C PRO A 576 26.78 16.90 -24.92
N GLN A 577 26.57 16.73 -26.22
CA GLN A 577 27.55 17.11 -27.23
C GLN A 577 27.36 18.53 -27.72
N THR A 578 26.22 18.87 -28.29
CA THR A 578 26.02 20.21 -28.82
C THR A 578 25.60 21.22 -27.76
N LEU A 579 25.20 20.76 -26.58
CA LEU A 579 24.84 21.59 -25.44
C LEU A 579 23.58 22.39 -25.65
N GLU A 580 22.78 22.07 -26.67
CA GLU A 580 21.51 22.73 -26.87
C GLU A 580 20.46 22.16 -25.92
N ILE A 581 19.42 22.94 -25.67
CA ILE A 581 18.36 22.55 -24.76
C ILE A 581 17.21 21.98 -25.57
N LEU A 582 16.80 20.76 -25.25
CA LEU A 582 15.69 20.09 -25.89
C LEU A 582 14.57 19.86 -24.90
N ASP A 583 13.35 20.09 -25.35
CA ASP A 583 12.15 19.76 -24.60
C ASP A 583 11.74 18.33 -24.94
N ILE A 584 11.39 17.57 -23.93
CA ILE A 584 10.90 16.20 -24.07
C ILE A 584 9.39 16.23 -23.89
N THR A 585 8.66 15.66 -24.85
CA THR A 585 7.23 15.55 -24.78
C THR A 585 6.82 14.09 -24.96
N PRO A 586 5.78 13.61 -24.30
CA PRO A 586 5.36 12.23 -24.52
C PRO A 586 4.89 12.02 -25.95
N CYS A 587 4.92 10.77 -26.38
CA CYS A 587 4.41 10.40 -27.69
C CYS A 587 2.90 10.53 -27.73
N SER A 588 2.38 10.78 -28.93
CA SER A 588 0.94 10.96 -29.09
C SER A 588 0.19 9.73 -28.59
N PHE A 589 -0.83 9.95 -27.78
CA PHE A 589 -1.66 8.87 -27.29
C PHE A 589 -3.02 9.42 -26.93
N GLY A 590 -3.95 8.50 -26.71
CA GLY A 590 -5.30 8.92 -26.37
C GLY A 590 -6.19 7.72 -26.12
N GLY A 591 -7.43 8.02 -25.72
CA GLY A 591 -8.39 6.98 -25.43
C GLY A 591 -9.18 6.58 -26.65
N VAL A 592 -9.58 5.31 -26.71
CA VAL A 592 -10.35 4.76 -27.81
C VAL A 592 -11.60 4.13 -27.22
N SER A 593 -12.75 4.49 -27.77
CA SER A 593 -14.03 3.90 -27.39
C SER A 593 -14.64 3.20 -28.60
N VAL A 594 -15.37 2.13 -28.35
CA VAL A 594 -15.98 1.33 -29.40
C VAL A 594 -17.49 1.41 -29.26
N ILE A 595 -18.16 1.83 -30.32
CA ILE A 595 -19.61 1.93 -30.38
C ILE A 595 -20.12 0.68 -31.07
N THR A 596 -20.88 -0.14 -30.36
CA THR A 596 -21.38 -1.40 -30.86
C THR A 596 -22.90 -1.41 -30.78
N PRO A 597 -23.61 -1.77 -31.86
CA PRO A 597 -25.06 -1.92 -31.76
C PRO A 597 -25.50 -3.12 -30.96
N GLY A 598 -24.57 -3.97 -30.53
CA GLY A 598 -24.91 -5.20 -29.86
C GLY A 598 -24.49 -6.40 -30.69
N THR A 599 -23.77 -7.34 -30.08
CA THR A 599 -23.27 -8.49 -30.82
C THR A 599 -24.41 -9.26 -31.48
N ASN A 600 -25.57 -9.30 -30.84
CA ASN A 600 -26.73 -9.96 -31.42
C ASN A 600 -27.14 -9.28 -32.71
N THR A 601 -27.32 -7.96 -32.66
CA THR A 601 -27.82 -7.22 -33.81
C THR A 601 -26.85 -7.25 -34.98
N SER A 602 -25.57 -7.01 -34.71
CA SER A 602 -24.59 -6.88 -35.78
C SER A 602 -23.19 -6.97 -35.18
N ASN A 603 -22.21 -7.12 -36.07
CA ASN A 603 -20.80 -7.08 -35.70
C ASN A 603 -20.10 -5.82 -36.18
N GLN A 604 -20.84 -4.90 -36.81
CA GLN A 604 -20.28 -3.61 -37.18
C GLN A 604 -20.00 -2.79 -35.94
N VAL A 605 -18.94 -1.99 -36.00
CA VAL A 605 -18.57 -1.10 -34.90
C VAL A 605 -18.15 0.24 -35.46
N ALA A 606 -18.24 1.26 -34.62
CA ALA A 606 -17.62 2.55 -34.88
C ALA A 606 -16.61 2.81 -33.77
N VAL A 607 -15.63 3.67 -34.04
CA VAL A 607 -14.55 3.92 -33.09
C VAL A 607 -14.45 5.42 -32.85
N LEU A 608 -14.40 5.81 -31.60
CA LEU A 608 -14.22 7.20 -31.20
C LEU A 608 -12.83 7.36 -30.61
N TYR A 609 -12.01 8.19 -31.25
CA TYR A 609 -10.71 8.58 -30.71
C TYR A 609 -10.94 9.85 -29.91
N GLN A 610 -10.89 9.72 -28.58
CA GLN A 610 -11.36 10.78 -27.69
C GLN A 610 -10.35 11.91 -27.60
N GLY A 611 -10.85 13.14 -27.61
CA GLY A 611 -10.00 14.30 -27.50
C GLY A 611 -8.96 14.42 -28.59
N VAL A 612 -9.32 14.06 -29.82
CA VAL A 612 -8.42 14.10 -30.96
C VAL A 612 -9.19 14.62 -32.16
N ASN A 613 -8.51 15.35 -33.04
CA ASN A 613 -9.12 15.68 -34.31
C ASN A 613 -8.63 14.73 -35.39
N CYS A 614 -9.46 14.57 -36.43
CA CYS A 614 -9.22 13.54 -37.42
C CYS A 614 -7.92 13.79 -38.17
N THR A 615 -7.52 15.05 -38.33
CA THR A 615 -6.27 15.38 -38.99
C THR A 615 -5.08 14.86 -38.19
N GLU A 616 -5.32 14.48 -36.93
CA GLU A 616 -4.26 13.96 -36.08
C GLU A 616 -4.50 12.52 -35.64
N VAL A 617 -5.52 11.86 -36.17
CA VAL A 617 -5.76 10.45 -35.81
C VAL A 617 -4.65 9.59 -36.38
N PRO A 618 -4.00 8.73 -35.58
CA PRO A 618 -2.90 7.93 -36.13
C PRO A 618 -3.38 7.00 -37.23
N VAL A 619 -2.58 6.91 -38.29
CA VAL A 619 -2.94 6.10 -39.45
C VAL A 619 -1.77 5.25 -39.93
N ALA A 620 -0.66 5.26 -39.18
CA ALA A 620 0.55 4.59 -39.62
C ALA A 620 0.27 3.15 -40.05
N ILE A 621 0.70 2.80 -41.26
CA ILE A 621 0.31 1.56 -41.91
C ILE A 621 0.92 0.38 -41.17
N HIS A 622 2.25 0.32 -41.14
CA HIS A 622 2.93 -0.78 -40.46
C HIS A 622 2.64 -0.73 -38.97
N ALA A 623 2.81 -1.87 -38.31
CA ALA A 623 2.49 -1.96 -36.89
C ALA A 623 3.52 -1.16 -36.10
N ASP A 624 3.36 0.16 -36.13
CA ASP A 624 4.23 1.10 -35.43
C ASP A 624 3.42 2.17 -34.72
N GLN A 625 2.12 1.98 -34.57
CA GLN A 625 1.27 3.03 -34.03
C GLN A 625 -0.01 2.40 -33.52
N LEU A 626 -0.94 3.22 -33.03
CA LEU A 626 -2.28 2.76 -32.65
C LEU A 626 -2.16 1.43 -31.92
N THR A 627 -1.61 1.46 -30.71
CA THR A 627 -1.24 0.29 -29.93
C THR A 627 -2.23 -0.86 -30.13
N PRO A 628 -3.54 -0.60 -30.17
CA PRO A 628 -4.48 -1.66 -30.52
C PRO A 628 -3.98 -2.57 -31.65
N THR A 629 -3.29 -1.97 -32.62
CA THR A 629 -2.61 -2.64 -33.72
C THR A 629 -3.57 -3.04 -34.84
N TRP A 630 -4.87 -2.96 -34.61
CA TRP A 630 -5.82 -3.07 -35.71
C TRP A 630 -5.96 -1.71 -36.38
N ARG A 631 -6.71 -1.67 -37.47
CA ARG A 631 -6.91 -0.44 -38.23
C ARG A 631 -8.36 -0.32 -38.63
N VAL A 632 -8.88 0.91 -38.59
CA VAL A 632 -10.20 1.21 -39.14
C VAL A 632 -10.01 2.30 -40.19
N TYR A 633 -9.80 1.88 -41.45
CA TYR A 633 -9.41 2.84 -42.48
C TYR A 633 -10.58 3.73 -42.84
N SER A 634 -10.26 4.95 -43.28
CA SER A 634 -11.28 5.89 -43.69
C SER A 634 -11.92 5.45 -45.00
N THR A 635 -13.14 5.92 -45.22
CA THR A 635 -13.87 5.63 -46.47
C THR A 635 -14.57 6.88 -47.00
N GLY A 636 -14.12 8.07 -46.61
CA GLY A 636 -14.81 9.28 -46.99
C GLY A 636 -15.85 9.68 -45.96
N SER A 637 -17.10 9.31 -46.22
CA SER A 637 -18.23 9.74 -45.39
C SER A 637 -18.24 9.06 -44.02
N ASN A 638 -17.21 8.26 -43.71
CA ASN A 638 -17.17 7.51 -42.46
C ASN A 638 -16.27 8.15 -41.42
N VAL A 639 -15.87 9.41 -41.59
CA VAL A 639 -15.03 10.12 -40.63
C VAL A 639 -15.73 11.41 -40.27
N PHE A 640 -16.00 11.59 -38.98
CA PHE A 640 -16.73 12.75 -38.48
C PHE A 640 -15.96 13.35 -37.31
N GLN A 641 -16.05 14.65 -37.15
CA GLN A 641 -15.36 15.36 -36.08
C GLN A 641 -16.39 15.84 -35.07
N THR A 642 -16.22 15.43 -33.81
CA THR A 642 -17.04 15.88 -32.71
C THR A 642 -16.13 16.51 -31.66
N ARG A 643 -16.71 17.36 -30.83
CA ARG A 643 -15.92 17.95 -29.76
C ARG A 643 -15.47 16.91 -28.75
N ALA A 644 -16.03 15.69 -28.79
CA ALA A 644 -15.56 14.58 -27.98
C ALA A 644 -14.43 13.80 -28.63
N GLY A 645 -14.22 13.97 -29.93
CA GLY A 645 -13.14 13.29 -30.61
C GLY A 645 -13.52 12.99 -32.04
N CYS A 646 -12.69 12.20 -32.70
CA CYS A 646 -12.95 11.82 -34.08
C CYS A 646 -13.63 10.46 -34.13
N LEU A 647 -14.76 10.40 -34.83
CA LEU A 647 -15.56 9.19 -34.95
C LEU A 647 -15.34 8.59 -36.33
N ILE A 648 -14.96 7.32 -36.37
CA ILE A 648 -14.69 6.60 -37.61
C ILE A 648 -15.63 5.41 -37.68
N GLY A 649 -16.39 5.31 -38.76
CA GLY A 649 -17.25 4.17 -38.97
C GLY A 649 -18.72 4.48 -38.76
N ALA A 650 -19.05 5.76 -38.62
CA ALA A 650 -20.42 6.20 -38.47
C ALA A 650 -20.66 7.36 -39.42
N GLU A 651 -21.70 7.27 -40.24
CA GLU A 651 -22.05 8.36 -41.14
C GLU A 651 -22.93 9.36 -40.41
N TYR A 652 -22.54 10.61 -40.44
CA TYR A 652 -23.31 11.67 -39.80
C TYR A 652 -24.51 12.03 -40.66
N VAL A 653 -25.69 12.09 -40.04
CA VAL A 653 -26.92 12.47 -40.73
C VAL A 653 -27.43 13.78 -40.14
N ASN A 654 -28.21 14.50 -40.94
CA ASN A 654 -28.78 15.78 -40.53
C ASN A 654 -30.11 15.62 -39.81
N ASN A 655 -30.67 14.42 -39.75
CA ASN A 655 -31.90 14.19 -39.00
C ASN A 655 -31.57 14.00 -37.53
N SER A 656 -32.50 14.41 -36.68
CA SER A 656 -32.35 14.31 -35.24
C SER A 656 -33.27 13.24 -34.66
N TYR A 657 -32.76 12.49 -33.70
CA TYR A 657 -33.51 11.44 -33.05
C TYR A 657 -33.24 11.51 -31.55
N GLU A 658 -33.95 10.68 -30.80
CA GLU A 658 -33.61 10.47 -29.41
C GLU A 658 -32.26 9.80 -29.30
N CYS A 659 -31.54 10.10 -28.23
CA CYS A 659 -30.21 9.52 -28.04
C CYS A 659 -30.32 8.03 -27.81
N ASP A 660 -29.59 7.25 -28.61
CA ASP A 660 -29.56 5.80 -28.43
C ASP A 660 -28.27 5.39 -27.72
N ILE A 661 -27.13 5.70 -28.31
CA ILE A 661 -25.83 5.49 -27.68
C ILE A 661 -25.14 6.85 -27.58
N PRO A 662 -24.88 7.36 -26.39
CA PRO A 662 -24.34 8.72 -26.27
C PRO A 662 -22.86 8.76 -26.64
N ILE A 663 -22.51 9.65 -27.57
CA ILE A 663 -21.13 9.91 -27.91
C ILE A 663 -20.58 11.09 -27.13
N GLY A 664 -21.34 12.18 -27.06
CA GLY A 664 -20.93 13.34 -26.30
C GLY A 664 -21.03 14.62 -27.07
N ALA A 665 -21.02 15.75 -26.36
CA ALA A 665 -21.11 17.07 -26.97
C ALA A 665 -22.35 17.19 -27.86
N GLY A 666 -23.41 16.48 -27.49
CA GLY A 666 -24.64 16.50 -28.24
C GLY A 666 -24.78 15.44 -29.31
N ILE A 667 -23.75 14.64 -29.54
CA ILE A 667 -23.76 13.66 -30.63
C ILE A 667 -24.10 12.30 -30.06
N CYS A 668 -25.04 11.61 -30.70
CA CYS A 668 -25.41 10.24 -30.37
C CYS A 668 -25.28 9.37 -31.62
N ALA A 669 -25.37 8.07 -31.43
CA ALA A 669 -25.21 7.11 -32.51
C ALA A 669 -26.25 6.01 -32.40
N SER A 670 -26.56 5.38 -33.54
CA SER A 670 -27.50 4.26 -33.53
C SER A 670 -27.36 3.45 -34.81
N TYR A 671 -27.89 2.22 -34.74
CA TYR A 671 -27.93 1.32 -35.89
C TYR A 671 -29.16 1.63 -36.73
N GLN A 672 -28.94 2.10 -37.96
CA GLN A 672 -30.05 2.52 -38.81
C GLN A 672 -30.97 1.36 -39.19
N THR A 673 -30.47 0.39 -39.94
CA THR A 673 -31.29 -0.69 -40.46
C THR A 673 -32.52 -0.13 -41.19
N GLN A 684 -28.43 -1.63 -40.80
CA GLN A 684 -27.66 -1.66 -42.03
C GLN A 684 -26.35 -0.90 -41.88
N SER A 685 -26.37 0.15 -41.08
CA SER A 685 -25.16 0.93 -40.84
C SER A 685 -25.34 1.71 -39.55
N ILE A 686 -24.21 2.18 -39.02
CA ILE A 686 -24.19 3.01 -37.82
C ILE A 686 -24.19 4.46 -38.27
N ILE A 687 -25.08 5.25 -37.67
CA ILE A 687 -25.22 6.67 -38.01
C ILE A 687 -25.05 7.48 -36.74
N ALA A 688 -24.31 8.58 -36.87
CA ALA A 688 -24.20 9.59 -35.82
C ALA A 688 -25.09 10.77 -36.15
N TYR A 689 -25.56 11.46 -35.12
CA TYR A 689 -26.45 12.59 -35.31
C TYR A 689 -26.41 13.47 -34.07
N THR A 690 -26.98 14.66 -34.21
CA THR A 690 -27.25 15.50 -33.06
C THR A 690 -28.54 15.05 -32.41
N MET A 691 -28.51 14.84 -31.10
CA MET A 691 -29.68 14.34 -30.40
C MET A 691 -30.79 15.38 -30.41
N SER A 692 -32.02 14.90 -30.45
CA SER A 692 -33.19 15.77 -30.35
C SER A 692 -33.58 15.91 -28.90
N LEU A 693 -33.91 17.13 -28.51
CA LEU A 693 -34.43 17.40 -27.17
C LEU A 693 -35.92 17.14 -27.07
N GLY A 694 -36.58 16.83 -28.17
CA GLY A 694 -38.01 16.64 -28.21
C GLY A 694 -38.64 17.47 -29.32
N ALA A 695 -39.95 17.30 -29.47
CA ALA A 695 -40.69 18.00 -30.50
C ALA A 695 -41.10 19.39 -30.01
N GLU A 696 -41.04 20.36 -30.91
CA GLU A 696 -41.43 21.72 -30.56
C GLU A 696 -42.94 21.82 -30.37
N ASN A 697 -43.35 22.81 -29.57
CA ASN A 697 -44.77 23.05 -29.34
C ASN A 697 -44.92 24.52 -28.91
N SER A 698 -45.37 25.35 -29.84
CA SER A 698 -45.71 26.71 -29.48
C SER A 698 -47.09 26.73 -28.84
N VAL A 699 -47.17 27.22 -27.61
CA VAL A 699 -48.43 27.31 -26.88
C VAL A 699 -49.14 28.59 -27.30
N ALA A 700 -50.40 28.48 -27.69
CA ALA A 700 -51.14 29.62 -28.20
C ALA A 700 -51.51 30.58 -27.08
N TYR A 701 -50.59 31.47 -26.71
CA TYR A 701 -50.83 32.41 -25.63
C TYR A 701 -51.60 33.63 -26.12
N SER A 702 -52.54 34.09 -25.31
CA SER A 702 -53.30 35.30 -25.56
C SER A 702 -53.63 35.94 -24.21
N ASN A 703 -54.12 37.18 -24.26
CA ASN A 703 -54.53 37.82 -23.02
C ASN A 703 -55.94 37.46 -22.60
N ASN A 704 -56.67 36.71 -23.41
CA ASN A 704 -58.05 36.37 -23.07
C ASN A 704 -58.41 34.94 -23.43
N SER A 705 -57.45 34.09 -23.79
CA SER A 705 -57.73 32.73 -24.23
C SER A 705 -57.25 31.76 -23.17
N ILE A 706 -58.12 30.81 -22.81
CA ILE A 706 -57.81 29.80 -21.80
C ILE A 706 -58.22 28.43 -22.34
N ALA A 707 -57.38 27.43 -22.11
CA ALA A 707 -57.70 26.06 -22.46
C ALA A 707 -58.18 25.33 -21.21
N ILE A 708 -59.38 24.76 -21.26
CA ILE A 708 -59.96 24.01 -20.16
C ILE A 708 -60.08 22.56 -20.60
N PRO A 709 -59.59 21.59 -19.82
CA PRO A 709 -59.79 20.18 -20.19
C PRO A 709 -61.27 19.82 -20.13
N THR A 710 -61.68 18.96 -21.06
CA THR A 710 -63.04 18.45 -21.09
C THR A 710 -63.15 17.01 -20.64
N ASN A 711 -62.04 16.26 -20.63
CA ASN A 711 -62.05 14.87 -20.25
C ASN A 711 -60.82 14.60 -19.41
N PHE A 712 -60.69 13.39 -18.91
CA PHE A 712 -59.54 13.00 -18.12
C PHE A 712 -59.13 11.59 -18.47
N THR A 713 -57.94 11.23 -18.03
CA THR A 713 -57.43 9.87 -18.12
C THR A 713 -56.95 9.49 -16.73
N ILE A 714 -57.25 8.26 -16.33
CA ILE A 714 -56.65 7.69 -15.13
C ILE A 714 -55.40 6.95 -15.56
N SER A 715 -54.24 7.50 -15.22
CA SER A 715 -52.97 6.88 -15.56
C SER A 715 -52.46 6.10 -14.37
N VAL A 716 -51.88 4.94 -14.64
CA VAL A 716 -51.20 4.14 -13.62
C VAL A 716 -49.77 4.00 -14.10
N THR A 717 -48.84 4.55 -13.34
CA THR A 717 -47.42 4.49 -13.66
C THR A 717 -46.67 3.75 -12.56
N THR A 718 -45.44 3.38 -12.85
CA THR A 718 -44.64 2.53 -11.99
C THR A 718 -43.36 3.27 -11.58
N GLU A 719 -43.01 3.13 -10.32
CA GLU A 719 -41.75 3.67 -9.79
C GLU A 719 -41.07 2.58 -9.00
N ILE A 720 -39.87 2.20 -9.42
CA ILE A 720 -39.13 1.09 -8.80
C ILE A 720 -38.01 1.68 -7.96
N LEU A 721 -37.94 1.29 -6.70
CA LEU A 721 -36.95 1.85 -5.77
C LEU A 721 -36.23 0.72 -5.05
N PRO A 722 -34.90 0.67 -5.09
CA PRO A 722 -34.18 -0.27 -4.23
C PRO A 722 -34.36 0.10 -2.77
N VAL A 723 -34.44 -0.93 -1.92
CA VAL A 723 -34.64 -0.72 -0.49
C VAL A 723 -33.50 -1.33 0.30
N SER A 724 -32.88 -2.39 -0.22
CA SER A 724 -31.83 -3.08 0.51
C SER A 724 -30.90 -3.77 -0.47
N MET A 725 -29.72 -4.09 0.02
CA MET A 725 -28.75 -4.88 -0.73
C MET A 725 -28.40 -6.12 0.05
N THR A 726 -27.78 -7.07 -0.64
CA THR A 726 -27.37 -8.31 -0.01
C THR A 726 -26.47 -8.04 1.18
N LYS A 727 -26.81 -8.63 2.32
CA LYS A 727 -25.97 -8.56 3.50
C LYS A 727 -24.84 -9.56 3.35
N THR A 728 -23.61 -9.10 3.51
CA THR A 728 -22.44 -9.90 3.23
C THR A 728 -21.57 -10.01 4.48
N SER A 729 -20.90 -11.15 4.60
CA SER A 729 -19.96 -11.41 5.67
C SER A 729 -18.70 -12.00 5.07
N VAL A 730 -17.56 -11.66 5.64
CA VAL A 730 -16.27 -12.10 5.13
C VAL A 730 -15.49 -12.74 6.27
N ASP A 731 -15.06 -13.98 6.08
CA ASP A 731 -14.10 -14.62 6.97
C ASP A 731 -12.72 -14.14 6.53
N CYS A 732 -12.19 -13.17 7.28
CA CYS A 732 -11.00 -12.46 6.85
C CYS A 732 -9.82 -13.40 6.65
N THR A 733 -9.53 -14.24 7.64
CA THR A 733 -8.35 -15.10 7.55
C THR A 733 -8.53 -16.15 6.47
N MET A 734 -9.74 -16.70 6.33
CA MET A 734 -9.96 -17.68 5.29
C MET A 734 -9.76 -17.07 3.91
N TYR A 735 -10.21 -15.83 3.72
CA TYR A 735 -9.98 -15.17 2.43
C TYR A 735 -8.50 -14.92 2.21
N ILE A 736 -7.81 -14.33 3.19
CA ILE A 736 -6.42 -13.96 2.98
C ILE A 736 -5.52 -15.21 2.94
N CYS A 737 -5.72 -16.15 3.87
CA CYS A 737 -4.79 -17.26 4.01
C CYS A 737 -5.32 -18.56 3.41
N GLY A 738 -6.46 -19.04 3.88
CA GLY A 738 -7.07 -20.21 3.28
C GLY A 738 -6.34 -21.52 3.53
N ASP A 739 -6.40 -22.03 4.77
CA ASP A 739 -5.81 -23.32 5.14
C ASP A 739 -4.32 -23.23 5.44
N SER A 740 -3.72 -22.06 5.30
CA SER A 740 -2.31 -21.91 5.64
C SER A 740 -2.16 -21.30 7.04
N THR A 741 -1.69 -22.11 7.98
CA THR A 741 -1.43 -21.63 9.33
C THR A 741 -0.25 -20.66 9.40
N GLU A 742 0.78 -20.88 8.59
CA GLU A 742 1.88 -19.93 8.55
C GLU A 742 1.39 -18.55 8.14
N CYS A 743 0.50 -18.49 7.15
CA CYS A 743 -0.04 -17.21 6.73
C CYS A 743 -0.84 -16.55 7.86
N SER A 744 -1.59 -17.34 8.62
CA SER A 744 -2.35 -16.77 9.73
C SER A 744 -1.44 -16.18 10.79
N ASN A 745 -0.38 -16.91 11.15
CA ASN A 745 0.58 -16.39 12.11
C ASN A 745 1.22 -15.11 11.61
N LEU A 746 1.61 -15.07 10.33
CA LEU A 746 2.15 -13.85 9.76
C LEU A 746 1.12 -12.73 9.71
N LEU A 747 -0.16 -13.07 9.55
CA LEU A 747 -1.22 -12.08 9.49
C LEU A 747 -1.41 -11.41 10.83
N LEU A 748 -1.28 -12.16 11.92
CA LEU A 748 -1.50 -11.59 13.25
C LEU A 748 -0.70 -10.31 13.46
N GLN A 749 0.39 -10.11 12.72
CA GLN A 749 1.28 -8.97 12.89
C GLN A 749 0.84 -7.75 12.10
N TYR A 750 -0.38 -7.73 11.55
CA TYR A 750 -0.80 -6.65 10.67
C TYR A 750 -1.80 -5.68 11.28
N GLY A 751 -2.38 -6.00 12.44
CA GLY A 751 -3.18 -5.05 13.17
C GLY A 751 -4.61 -5.51 13.32
N SER A 752 -5.50 -4.54 13.53
CA SER A 752 -6.91 -4.83 13.73
C SER A 752 -7.69 -4.62 12.45
N PHE A 753 -7.08 -4.91 11.30
CA PHE A 753 -7.76 -4.71 10.03
C PHE A 753 -9.02 -5.57 9.94
N CYS A 754 -8.92 -6.85 10.28
CA CYS A 754 -10.06 -7.74 10.13
C CYS A 754 -11.18 -7.38 11.09
N THR A 755 -10.86 -6.95 12.30
CA THR A 755 -11.90 -6.49 13.22
C THR A 755 -12.64 -5.29 12.65
N GLN A 756 -11.90 -4.33 12.08
CA GLN A 756 -12.55 -3.17 11.49
C GLN A 756 -13.43 -3.55 10.31
N LEU A 757 -12.96 -4.45 9.44
CA LEU A 757 -13.76 -4.86 8.30
C LEU A 757 -15.02 -5.57 8.76
N LYS A 758 -14.91 -6.46 9.75
CA LYS A 758 -16.08 -7.14 10.26
C LYS A 758 -17.08 -6.15 10.85
N ARG A 759 -16.58 -5.15 11.58
CA ARG A 759 -17.49 -4.17 12.17
C ARG A 759 -18.20 -3.36 11.09
N ALA A 760 -17.48 -2.94 10.05
CA ALA A 760 -18.12 -2.18 8.97
C ALA A 760 -19.16 -3.01 8.24
N LEU A 761 -18.86 -4.27 7.96
CA LEU A 761 -19.82 -5.11 7.26
C LEU A 761 -21.02 -5.44 8.14
N THR A 762 -20.82 -5.59 9.45
CA THR A 762 -21.95 -5.77 10.35
C THR A 762 -22.82 -4.53 10.39
N GLY A 763 -22.20 -3.34 10.38
CA GLY A 763 -22.98 -2.12 10.31
C GLY A 763 -23.84 -2.05 9.07
N ILE A 764 -23.27 -2.41 7.93
CA ILE A 764 -24.04 -2.43 6.68
C ILE A 764 -25.17 -3.44 6.77
N ALA A 765 -24.88 -4.64 7.30
CA ALA A 765 -25.89 -5.69 7.36
C ALA A 765 -27.06 -5.29 8.24
N VAL A 766 -26.78 -4.65 9.37
CA VAL A 766 -27.85 -4.17 10.25
C VAL A 766 -28.62 -3.03 9.58
N GLU A 767 -27.92 -2.17 8.84
CA GLU A 767 -28.58 -1.07 8.16
C GLU A 767 -29.56 -1.59 7.11
N GLN A 768 -29.25 -2.72 6.47
CA GLN A 768 -30.17 -3.26 5.47
C GLN A 768 -31.52 -3.63 6.09
N ASP A 769 -31.50 -4.29 7.25
CA ASP A 769 -32.75 -4.64 7.90
C ASP A 769 -33.46 -3.40 8.41
N LYS A 770 -32.71 -2.40 8.88
CA LYS A 770 -33.34 -1.14 9.26
C LYS A 770 -34.05 -0.50 8.07
N ASN A 771 -33.41 -0.52 6.90
CA ASN A 771 -34.03 0.02 5.69
C ASN A 771 -35.34 -0.68 5.38
N THR A 772 -35.32 -2.02 5.36
CA THR A 772 -36.54 -2.75 5.05
C THR A 772 -37.64 -2.45 6.07
N GLN A 773 -37.29 -2.42 7.36
CA GLN A 773 -38.29 -2.13 8.38
C GLN A 773 -38.87 -0.73 8.21
N GLU A 774 -38.04 0.28 7.93
CA GLU A 774 -38.53 1.63 7.75
C GLU A 774 -39.40 1.78 6.53
N VAL A 775 -39.17 1.00 5.48
CA VAL A 775 -40.04 1.08 4.32
C VAL A 775 -41.37 0.37 4.56
N PHE A 776 -41.33 -0.90 4.96
CA PHE A 776 -42.55 -1.72 4.96
C PHE A 776 -43.24 -1.79 6.31
N ALA A 777 -42.53 -1.76 7.42
CA ALA A 777 -43.15 -1.86 8.73
C ALA A 777 -43.69 -0.52 9.22
N GLN A 778 -44.47 0.18 8.40
CA GLN A 778 -45.10 1.41 8.85
C GLN A 778 -46.41 1.11 9.59
N VAL A 779 -47.22 0.22 9.04
CA VAL A 779 -48.48 -0.13 9.68
C VAL A 779 -48.21 -0.77 11.02
N LYS A 780 -49.07 -0.48 11.98
CA LYS A 780 -48.99 -1.14 13.28
C LYS A 780 -49.80 -2.44 13.30
N GLN A 781 -50.93 -2.47 12.62
CA GLN A 781 -51.83 -3.62 12.59
C GLN A 781 -51.83 -4.24 11.20
N ILE A 782 -51.95 -5.56 11.16
CA ILE A 782 -51.95 -6.30 9.89
C ILE A 782 -53.41 -6.34 9.42
N TYR A 783 -53.79 -5.31 8.68
CA TYR A 783 -55.15 -5.24 8.15
C TYR A 783 -55.35 -6.33 7.12
N LYS A 784 -56.61 -6.76 6.98
CA LYS A 784 -56.99 -7.80 6.04
C LYS A 784 -58.12 -7.29 5.15
N THR A 785 -58.11 -7.73 3.91
CA THR A 785 -59.13 -7.30 2.96
C THR A 785 -60.45 -8.04 3.20
N PRO A 786 -61.58 -7.40 2.93
CA PRO A 786 -62.87 -8.06 3.13
C PRO A 786 -63.02 -9.25 2.20
N PRO A 787 -63.65 -10.34 2.65
CA PRO A 787 -63.82 -11.49 1.75
C PRO A 787 -64.58 -11.14 0.48
N ILE A 788 -65.60 -10.30 0.58
CA ILE A 788 -66.36 -9.86 -0.60
C ILE A 788 -65.61 -8.70 -1.24
N LYS A 789 -65.02 -8.95 -2.39
CA LYS A 789 -64.14 -7.97 -3.05
C LYS A 789 -64.87 -7.14 -4.08
N TYR A 790 -65.92 -6.43 -3.69
CA TYR A 790 -66.56 -5.44 -4.55
C TYR A 790 -66.19 -4.05 -4.04
N PHE A 791 -65.70 -3.21 -4.95
CA PHE A 791 -65.21 -1.88 -4.60
C PHE A 791 -65.74 -0.87 -5.59
N GLY A 792 -67.04 -0.92 -5.86
CA GLY A 792 -67.65 0.03 -6.77
C GLY A 792 -67.22 -0.15 -8.21
N GLY A 793 -66.75 -1.33 -8.58
CA GLY A 793 -66.29 -1.59 -9.92
C GLY A 793 -64.79 -1.57 -10.10
N PHE A 794 -64.03 -1.24 -9.05
CA PHE A 794 -62.58 -1.21 -9.13
C PHE A 794 -62.03 -2.60 -8.86
N ASN A 795 -61.14 -3.06 -9.72
CA ASN A 795 -60.63 -4.43 -9.69
C ASN A 795 -59.17 -4.40 -9.25
N PHE A 796 -58.91 -4.89 -8.04
CA PHE A 796 -57.56 -4.93 -7.48
C PHE A 796 -56.94 -6.32 -7.54
N SER A 797 -57.48 -7.21 -8.38
CA SER A 797 -57.05 -8.60 -8.35
C SER A 797 -55.54 -8.72 -8.64
N GLN A 798 -55.03 -7.93 -9.58
CA GLN A 798 -53.62 -8.02 -9.93
C GLN A 798 -52.69 -7.54 -8.83
N ILE A 799 -53.19 -6.76 -7.87
CA ILE A 799 -52.35 -6.27 -6.78
C ILE A 799 -52.66 -6.92 -5.45
N LEU A 800 -53.80 -7.49 -5.28
CA LEU A 800 -54.12 -8.09 -4.00
C LEU A 800 -53.53 -9.48 -3.89
N PRO A 801 -53.23 -9.95 -2.67
CA PRO A 801 -52.62 -11.27 -2.53
C PRO A 801 -53.54 -12.35 -3.08
N ASP A 802 -52.95 -13.35 -3.72
CA ASP A 802 -53.72 -14.40 -4.38
C ASP A 802 -53.65 -15.66 -3.53
N PRO A 803 -54.75 -16.10 -2.91
CA PRO A 803 -54.64 -17.17 -1.90
C PRO A 803 -54.13 -18.49 -2.45
N SER A 804 -54.22 -18.73 -3.75
CA SER A 804 -53.74 -19.98 -4.33
C SER A 804 -52.23 -20.11 -4.15
N LYS A 805 -51.50 -19.01 -4.33
CA LYS A 805 -50.06 -19.05 -4.35
C LYS A 805 -49.54 -19.55 -3.01
N PRO A 806 -48.52 -20.42 -2.99
CA PRO A 806 -47.97 -20.88 -1.70
C PRO A 806 -47.37 -19.73 -0.90
N SER A 807 -47.10 -18.60 -1.55
CA SER A 807 -46.57 -17.42 -0.91
C SER A 807 -47.61 -16.32 -0.69
N LYS A 808 -48.80 -16.45 -1.27
CA LYS A 808 -49.85 -15.43 -1.13
C LYS A 808 -49.38 -14.09 -1.68
N ARG A 809 -48.65 -14.11 -2.78
CA ARG A 809 -48.24 -12.90 -3.47
C ARG A 809 -49.26 -12.57 -4.56
N SER A 810 -49.32 -11.28 -4.90
CA SER A 810 -50.18 -10.86 -5.98
C SER A 810 -49.59 -11.29 -7.32
N PRO A 811 -50.40 -11.33 -8.37
CA PRO A 811 -49.85 -11.60 -9.70
C PRO A 811 -48.72 -10.66 -10.10
N ILE A 812 -48.87 -9.36 -9.83
CA ILE A 812 -47.80 -8.43 -10.17
C ILE A 812 -46.55 -8.71 -9.34
N GLU A 813 -46.74 -9.03 -8.05
CA GLU A 813 -45.60 -9.37 -7.21
C GLU A 813 -44.90 -10.64 -7.70
N ASP A 814 -45.66 -11.64 -8.17
CA ASP A 814 -45.03 -12.82 -8.75
C ASP A 814 -44.24 -12.47 -10.00
N LEU A 815 -44.81 -11.62 -10.86
CA LEU A 815 -44.09 -11.22 -12.06
C LEU A 815 -42.79 -10.51 -11.69
N LEU A 816 -42.85 -9.62 -10.70
CA LEU A 816 -41.65 -8.91 -10.27
C LEU A 816 -40.61 -9.87 -9.71
N PHE A 817 -41.05 -10.86 -8.93
CA PHE A 817 -40.11 -11.79 -8.33
C PHE A 817 -39.56 -12.79 -9.34
N ASN A 818 -40.22 -12.98 -10.48
CA ASN A 818 -39.65 -13.79 -11.54
C ASN A 818 -38.78 -13.01 -12.51
N LYS A 819 -39.01 -11.71 -12.66
CA LYS A 819 -38.23 -10.91 -13.60
C LYS A 819 -36.87 -10.50 -13.07
N VAL A 820 -36.67 -10.53 -11.75
CA VAL A 820 -35.40 -10.12 -11.17
C VAL A 820 -34.65 -11.35 -10.68
N THR A 821 -33.68 -11.81 -11.45
CA THR A 821 -32.90 -12.98 -11.06
C THR A 821 -32.11 -12.67 -9.80
N LEU A 822 -32.47 -13.30 -8.69
CA LEU A 822 -31.82 -13.03 -7.42
C LEU A 822 -31.00 -14.23 -6.95
N ASP A 842 -23.54 -22.37 -8.54
CA ASP A 842 -22.20 -22.90 -8.29
C ASP A 842 -21.22 -21.78 -7.98
N LEU A 843 -21.49 -20.58 -8.51
CA LEU A 843 -20.65 -19.43 -8.17
C LEU A 843 -20.77 -19.09 -6.69
N ILE A 844 -21.96 -19.28 -6.11
CA ILE A 844 -22.14 -19.01 -4.69
C ILE A 844 -21.29 -19.95 -3.85
N CYS A 845 -21.19 -21.22 -4.25
CA CYS A 845 -20.34 -22.16 -3.53
C CYS A 845 -18.87 -21.78 -3.67
N ALA A 846 -18.45 -21.35 -4.86
CA ALA A 846 -17.08 -20.93 -5.04
C ALA A 846 -16.76 -19.72 -4.18
N GLN A 847 -17.70 -18.79 -4.05
CA GLN A 847 -17.52 -17.67 -3.13
C GLN A 847 -17.44 -18.16 -1.69
N LYS A 848 -18.29 -19.13 -1.34
CA LYS A 848 -18.30 -19.66 0.02
C LYS A 848 -16.96 -20.27 0.39
N PHE A 849 -16.36 -21.01 -0.53
CA PHE A 849 -15.09 -21.66 -0.24
C PHE A 849 -13.99 -20.67 0.08
N LYS A 850 -14.14 -19.41 -0.30
CA LYS A 850 -13.16 -18.38 -0.04
C LYS A 850 -13.49 -17.54 1.19
N GLY A 851 -14.53 -17.88 1.92
CA GLY A 851 -14.90 -17.16 3.12
C GLY A 851 -15.89 -16.02 2.92
N LEU A 852 -16.52 -15.93 1.76
CA LEU A 852 -17.47 -14.87 1.45
C LEU A 852 -18.87 -15.46 1.52
N THR A 853 -19.66 -15.01 2.48
CA THR A 853 -20.98 -15.58 2.71
C THR A 853 -22.05 -14.49 2.66
N VAL A 854 -23.26 -14.89 2.32
CA VAL A 854 -24.42 -14.01 2.28
C VAL A 854 -25.28 -14.30 3.49
N LEU A 855 -25.67 -13.26 4.22
CA LEU A 855 -26.50 -13.43 5.40
C LEU A 855 -27.96 -13.20 5.07
N PRO A 856 -28.87 -14.05 5.52
CA PRO A 856 -30.28 -13.89 5.17
C PRO A 856 -30.86 -12.62 5.78
N PRO A 857 -31.79 -11.97 5.08
CA PRO A 857 -32.48 -10.82 5.69
C PRO A 857 -33.35 -11.26 6.85
N LEU A 858 -33.53 -10.34 7.81
CA LEU A 858 -34.34 -10.64 8.98
C LEU A 858 -35.80 -10.88 8.60
N LEU A 859 -36.34 -10.05 7.71
CA LEU A 859 -37.72 -10.20 7.25
C LEU A 859 -37.73 -11.05 6.00
N THR A 860 -38.45 -12.16 6.04
CA THR A 860 -38.56 -13.00 4.87
C THR A 860 -39.45 -12.34 3.83
N ASP A 861 -39.38 -12.86 2.60
CA ASP A 861 -40.22 -12.33 1.53
C ASP A 861 -41.70 -12.53 1.84
N GLU A 862 -42.05 -13.60 2.56
CA GLU A 862 -43.43 -13.78 2.98
C GLU A 862 -43.85 -12.69 3.95
N MET A 863 -42.99 -12.33 4.90
CA MET A 863 -43.33 -11.28 5.85
C MET A 863 -43.43 -9.93 5.15
N ILE A 864 -42.54 -9.67 4.20
CA ILE A 864 -42.60 -8.41 3.45
C ILE A 864 -43.88 -8.35 2.64
N ALA A 865 -44.26 -9.46 2.00
CA ALA A 865 -45.53 -9.50 1.28
C ALA A 865 -46.71 -9.31 2.22
N GLN A 866 -46.62 -9.84 3.44
CA GLN A 866 -47.67 -9.63 4.42
C GLN A 866 -47.79 -8.16 4.81
N TYR A 867 -46.66 -7.47 4.97
CA TYR A 867 -46.70 -6.04 5.24
C TYR A 867 -47.33 -5.29 4.07
N THR A 868 -46.95 -5.64 2.85
CA THR A 868 -47.53 -4.99 1.67
C THR A 868 -49.03 -5.22 1.60
N SER A 869 -49.46 -6.45 1.91
CA SER A 869 -50.88 -6.75 1.92
C SER A 869 -51.62 -5.94 2.97
N ALA A 870 -51.03 -5.79 4.16
CA ALA A 870 -51.66 -4.98 5.19
C ALA A 870 -51.80 -3.53 4.74
N LEU A 871 -50.76 -2.99 4.10
CA LEU A 871 -50.84 -1.62 3.59
C LEU A 871 -51.93 -1.48 2.55
N LEU A 872 -52.02 -2.44 1.61
CA LEU A 872 -53.04 -2.38 0.57
C LEU A 872 -54.44 -2.48 1.15
N ALA A 873 -54.64 -3.40 2.09
CA ALA A 873 -55.97 -3.54 2.70
C ALA A 873 -56.36 -2.28 3.45
N GLY A 874 -55.42 -1.70 4.20
CA GLY A 874 -55.71 -0.47 4.90
C GLY A 874 -56.11 0.66 3.96
N THR A 875 -55.34 0.84 2.90
CA THR A 875 -55.65 1.95 1.99
C THR A 875 -56.92 1.69 1.19
N ILE A 876 -57.23 0.44 0.89
CA ILE A 876 -58.44 0.16 0.11
C ILE A 876 -59.70 0.29 0.98
N THR A 877 -59.67 -0.17 2.22
CA THR A 877 -60.87 -0.16 3.05
C THR A 877 -61.03 1.08 3.91
N SER A 878 -59.98 1.87 4.10
CA SER A 878 -60.10 3.03 4.98
C SER A 878 -59.49 4.30 4.43
N GLY A 879 -58.85 4.29 3.25
CA GLY A 879 -58.28 5.48 2.68
C GLY A 879 -56.96 5.86 3.31
N TRP A 880 -56.84 7.12 3.73
CA TRP A 880 -55.64 7.62 4.39
C TRP A 880 -55.79 7.68 5.90
N THR A 881 -56.91 7.21 6.45
CA THR A 881 -57.14 7.36 7.88
C THR A 881 -56.31 6.38 8.70
N PHE A 882 -56.01 5.20 8.18
CA PHE A 882 -55.22 4.25 8.96
C PHE A 882 -53.78 4.70 9.16
N GLY A 883 -53.33 5.72 8.44
CA GLY A 883 -51.99 6.23 8.63
C GLY A 883 -51.90 7.33 9.66
N ALA A 884 -53.04 7.82 10.14
CA ALA A 884 -53.09 8.92 11.09
C ALA A 884 -53.84 8.57 12.37
N GLY A 885 -54.07 7.29 12.64
CA GLY A 885 -54.81 6.87 13.80
C GLY A 885 -55.62 5.63 13.53
N PRO A 886 -56.78 5.49 14.18
CA PRO A 886 -57.64 4.33 13.91
C PRO A 886 -58.10 4.31 12.47
N ALA A 887 -58.16 3.10 11.90
CA ALA A 887 -58.65 2.94 10.54
C ALA A 887 -60.16 3.11 10.51
N LEU A 888 -60.63 4.10 9.77
CA LEU A 888 -62.06 4.39 9.63
C LEU A 888 -62.51 3.92 8.26
N GLN A 889 -63.47 3.01 8.23
CA GLN A 889 -63.93 2.47 6.97
C GLN A 889 -64.72 3.53 6.19
N ILE A 890 -64.63 3.44 4.87
CA ILE A 890 -65.33 4.34 3.98
C ILE A 890 -65.49 3.61 2.65
N PRO A 891 -66.64 3.69 1.98
CA PRO A 891 -66.76 3.02 0.68
C PRO A 891 -65.75 3.56 -0.31
N PHE A 892 -65.22 2.67 -1.15
CA PHE A 892 -64.13 3.06 -2.04
C PHE A 892 -64.53 4.17 -3.00
N PRO A 893 -65.71 4.18 -3.62
CA PRO A 893 -66.10 5.35 -4.43
C PRO A 893 -66.13 6.65 -3.64
N MET A 894 -66.54 6.61 -2.37
CA MET A 894 -66.49 7.81 -1.54
C MET A 894 -65.05 8.26 -1.30
N GLN A 895 -64.15 7.30 -1.08
CA GLN A 895 -62.74 7.64 -0.94
C GLN A 895 -62.21 8.29 -2.20
N MET A 896 -62.59 7.76 -3.36
CA MET A 896 -62.20 8.38 -4.62
C MET A 896 -62.77 9.78 -4.77
N ALA A 897 -63.99 10.00 -4.29
CA ALA A 897 -64.55 11.35 -4.30
C ALA A 897 -63.72 12.29 -3.46
N TYR A 898 -63.25 11.83 -2.31
CA TYR A 898 -62.32 12.61 -1.50
C TYR A 898 -61.05 12.94 -2.27
N ARG A 899 -60.48 11.94 -2.96
CA ARG A 899 -59.22 12.15 -3.65
C ARG A 899 -59.39 13.03 -4.89
N PHE A 900 -60.59 13.07 -5.47
CA PHE A 900 -60.88 14.04 -6.52
C PHE A 900 -61.04 15.45 -5.95
N ASN A 901 -61.66 15.56 -4.78
CA ASN A 901 -61.67 16.85 -4.09
C ASN A 901 -60.26 17.32 -3.76
N GLY A 902 -59.33 16.39 -3.57
CA GLY A 902 -57.97 16.77 -3.27
C GLY A 902 -57.30 17.50 -4.42
N ILE A 903 -57.49 17.02 -5.64
CA ILE A 903 -56.82 17.58 -6.81
C ILE A 903 -57.64 18.72 -7.40
N GLY A 904 -58.66 19.16 -6.68
CA GLY A 904 -59.46 20.29 -7.13
C GLY A 904 -60.52 19.96 -8.15
N VAL A 905 -61.09 18.76 -8.12
CA VAL A 905 -62.18 18.36 -9.00
C VAL A 905 -63.38 18.06 -8.12
N THR A 906 -64.53 18.65 -8.42
CA THR A 906 -65.70 18.47 -7.56
C THR A 906 -66.11 17.01 -7.53
N GLN A 907 -66.75 16.61 -6.43
CA GLN A 907 -67.09 15.21 -6.23
C GLN A 907 -68.02 14.69 -7.31
N ASN A 908 -68.94 15.53 -7.78
CA ASN A 908 -69.92 15.06 -8.75
C ASN A 908 -69.25 14.48 -9.98
N VAL A 909 -68.02 14.91 -10.28
CA VAL A 909 -67.33 14.39 -11.45
C VAL A 909 -67.09 12.90 -11.33
N LEU A 910 -66.70 12.43 -10.14
CA LEU A 910 -66.43 11.00 -9.96
C LEU A 910 -67.73 10.20 -9.97
N TYR A 911 -68.70 10.61 -9.14
CA TYR A 911 -69.95 9.85 -9.05
C TYR A 911 -70.68 9.80 -10.38
N GLU A 912 -70.57 10.85 -11.19
CA GLU A 912 -71.20 10.86 -12.49
C GLU A 912 -70.40 10.10 -13.54
N ASN A 913 -69.12 9.83 -13.29
CA ASN A 913 -68.29 9.08 -14.21
C ASN A 913 -67.72 7.84 -13.53
N GLN A 914 -68.47 7.24 -12.61
CA GLN A 914 -67.92 6.15 -11.81
C GLN A 914 -67.51 4.98 -12.67
N LYS A 915 -68.36 4.57 -13.61
CA LYS A 915 -68.07 3.40 -14.42
C LYS A 915 -66.90 3.65 -15.35
N LEU A 916 -66.87 4.81 -16.01
CA LEU A 916 -65.75 5.12 -16.90
C LEU A 916 -64.45 5.19 -16.13
N ILE A 917 -64.46 5.81 -14.95
CA ILE A 917 -63.25 5.91 -14.15
C ILE A 917 -62.80 4.53 -13.71
N ALA A 918 -63.73 3.69 -13.27
CA ALA A 918 -63.37 2.34 -12.85
C ALA A 918 -62.79 1.55 -14.00
N ASN A 919 -63.36 1.68 -15.20
CA ASN A 919 -62.84 0.96 -16.35
C ASN A 919 -61.46 1.46 -16.76
N GLN A 920 -61.25 2.78 -16.73
CA GLN A 920 -59.93 3.30 -17.04
C GLN A 920 -58.90 2.79 -16.04
N PHE A 921 -59.24 2.79 -14.76
CA PHE A 921 -58.32 2.26 -13.76
C PHE A 921 -58.04 0.79 -14.02
N ASN A 922 -59.07 0.01 -14.34
CA ASN A 922 -58.89 -1.43 -14.54
C ASN A 922 -58.01 -1.72 -15.75
N SER A 923 -58.23 -1.01 -16.86
CA SER A 923 -57.39 -1.23 -18.03
C SER A 923 -55.95 -0.78 -17.76
N ALA A 924 -55.77 0.35 -17.07
CA ALA A 924 -54.42 0.82 -16.74
C ALA A 924 -53.70 -0.20 -15.88
N ILE A 925 -54.38 -0.73 -14.87
CA ILE A 925 -53.78 -1.74 -14.01
C ILE A 925 -53.49 -3.01 -14.79
N GLY A 926 -54.32 -3.32 -15.79
CA GLY A 926 -54.07 -4.48 -16.61
C GLY A 926 -52.83 -4.35 -17.47
N LYS A 927 -52.54 -3.15 -17.95
CA LYS A 927 -51.38 -2.95 -18.81
C LYS A 927 -50.05 -2.98 -18.05
N ILE A 928 -50.07 -2.92 -16.71
CA ILE A 928 -48.82 -2.87 -15.96
C ILE A 928 -48.06 -4.18 -16.07
N GLN A 929 -48.78 -5.30 -16.05
CA GLN A 929 -48.13 -6.60 -16.21
C GLN A 929 -47.30 -6.64 -17.49
N ASP A 930 -47.91 -6.27 -18.61
CA ASP A 930 -47.22 -6.23 -19.88
C ASP A 930 -46.06 -5.23 -19.85
N SER A 931 -46.30 -4.04 -19.31
CA SER A 931 -45.26 -3.01 -19.33
C SER A 931 -44.01 -3.46 -18.59
N LEU A 932 -44.18 -4.11 -17.43
CA LEU A 932 -43.03 -4.63 -16.71
C LEU A 932 -42.40 -5.80 -17.44
N SER A 933 -43.21 -6.78 -17.85
CA SER A 933 -42.69 -8.00 -18.46
C SER A 933 -42.13 -7.75 -19.84
N SER A 934 -42.72 -6.79 -20.57
CA SER A 934 -42.33 -6.55 -21.96
C SER A 934 -41.01 -5.78 -22.05
N THR A 935 -40.99 -4.54 -21.56
CA THR A 935 -39.78 -3.74 -21.60
C THR A 935 -38.69 -4.43 -20.79
N PRO A 936 -37.61 -4.93 -21.42
CA PRO A 936 -36.58 -5.67 -20.66
C PRO A 936 -36.01 -4.88 -19.49
N SER A 937 -35.45 -3.71 -19.75
CA SER A 937 -34.78 -2.94 -18.70
C SER A 937 -35.78 -2.15 -17.87
N ALA A 938 -36.81 -2.82 -17.37
CA ALA A 938 -37.81 -2.17 -16.52
C ALA A 938 -37.45 -2.30 -15.05
N LEU A 939 -37.13 -3.52 -14.62
CA LEU A 939 -36.63 -3.79 -13.28
C LEU A 939 -35.13 -3.58 -13.18
N GLY A 940 -34.57 -2.76 -14.05
CA GLY A 940 -33.13 -2.60 -14.14
C GLY A 940 -32.48 -2.04 -12.90
N LYS A 941 -33.21 -1.31 -12.05
CA LYS A 941 -32.60 -0.77 -10.85
C LYS A 941 -32.37 -1.86 -9.80
N LEU A 942 -33.38 -2.71 -9.59
CA LEU A 942 -33.22 -3.83 -8.66
C LEU A 942 -32.22 -4.84 -9.20
N GLN A 943 -32.30 -5.13 -10.51
CA GLN A 943 -31.31 -6.02 -11.12
C GLN A 943 -29.93 -5.41 -11.04
N ASP A 944 -29.82 -4.07 -11.10
CA ASP A 944 -28.52 -3.43 -10.92
C ASP A 944 -27.96 -3.68 -9.53
N VAL A 945 -28.82 -3.57 -8.51
CA VAL A 945 -28.34 -3.86 -7.15
C VAL A 945 -27.82 -5.29 -7.07
N VAL A 946 -28.61 -6.25 -7.58
CA VAL A 946 -28.20 -7.65 -7.53
C VAL A 946 -26.87 -7.85 -8.27
N ASN A 947 -26.78 -7.29 -9.48
CA ASN A 947 -25.59 -7.47 -10.30
C ASN A 947 -24.38 -6.83 -9.64
N HIS A 948 -24.55 -5.68 -9.01
CA HIS A 948 -23.40 -5.04 -8.36
C HIS A 948 -22.87 -5.91 -7.25
N ASN A 949 -23.75 -6.48 -6.43
CA ASN A 949 -23.26 -7.37 -5.37
C ASN A 949 -22.54 -8.58 -5.97
N ALA A 950 -23.16 -9.21 -6.96
CA ALA A 950 -22.54 -10.40 -7.55
C ALA A 950 -21.20 -10.07 -8.17
N GLN A 951 -21.11 -8.94 -8.87
CA GLN A 951 -19.87 -8.55 -9.53
C GLN A 951 -18.79 -8.25 -8.51
N ALA A 952 -19.12 -7.56 -7.41
CA ALA A 952 -18.12 -7.27 -6.40
C ALA A 952 -17.58 -8.54 -5.77
N LEU A 953 -18.47 -9.49 -5.44
CA LEU A 953 -17.97 -10.73 -4.86
C LEU A 953 -17.16 -11.55 -5.86
N ASN A 954 -17.57 -11.58 -7.12
CA ASN A 954 -16.81 -12.31 -8.12
C ASN A 954 -15.45 -11.66 -8.36
N THR A 955 -15.38 -10.33 -8.32
CA THR A 955 -14.10 -9.65 -8.42
C THR A 955 -13.21 -9.98 -7.23
N LEU A 956 -13.78 -10.03 -6.04
CA LEU A 956 -13.00 -10.40 -4.86
C LEU A 956 -12.43 -11.80 -5.02
N VAL A 957 -13.25 -12.75 -5.47
CA VAL A 957 -12.78 -14.11 -5.67
C VAL A 957 -11.68 -14.15 -6.72
N LYS A 958 -11.88 -13.44 -7.84
CA LYS A 958 -10.91 -13.48 -8.92
C LYS A 958 -9.60 -12.81 -8.53
N GLN A 959 -9.63 -11.86 -7.60
CA GLN A 959 -8.41 -11.23 -7.15
C GLN A 959 -7.47 -12.18 -6.42
N LEU A 960 -7.95 -13.34 -5.99
CA LEU A 960 -7.09 -14.29 -5.30
C LEU A 960 -6.08 -14.95 -6.22
N SER A 961 -6.25 -14.84 -7.53
CA SER A 961 -5.28 -15.37 -8.49
C SER A 961 -4.20 -14.36 -8.85
N SER A 962 -4.22 -13.17 -8.26
CA SER A 962 -3.21 -12.17 -8.53
C SER A 962 -1.97 -12.41 -7.69
N LYS A 963 -0.81 -12.31 -8.33
CA LYS A 963 0.45 -12.50 -7.64
C LYS A 963 0.91 -11.26 -6.87
N PHE A 964 0.48 -10.08 -7.30
CA PHE A 964 0.87 -8.82 -6.64
C PHE A 964 2.38 -8.68 -6.56
N GLY A 965 3.08 -9.17 -7.58
CA GLY A 965 4.52 -9.12 -7.61
C GLY A 965 5.22 -10.28 -6.94
N ALA A 966 4.48 -11.17 -6.29
CA ALA A 966 5.07 -12.36 -5.69
C ALA A 966 5.29 -13.42 -6.78
N ILE A 967 6.02 -14.47 -6.41
CA ILE A 967 6.34 -15.52 -7.37
C ILE A 967 5.13 -16.37 -7.71
N SER A 968 4.13 -16.42 -6.84
CA SER A 968 2.98 -17.28 -7.05
C SER A 968 1.83 -16.74 -6.20
N SER A 969 0.61 -17.07 -6.62
CA SER A 969 -0.58 -16.72 -5.86
C SER A 969 -1.02 -17.81 -4.90
N VAL A 970 -0.29 -18.92 -4.84
CA VAL A 970 -0.61 -20.03 -3.96
C VAL A 970 0.34 -19.99 -2.76
N LEU A 971 -0.21 -19.82 -1.57
CA LEU A 971 0.63 -19.68 -0.37
C LEU A 971 1.39 -20.96 -0.08
N ASN A 972 0.75 -22.12 -0.26
CA ASN A 972 1.40 -23.38 0.05
C ASN A 972 2.60 -23.62 -0.86
N ASP A 973 2.49 -23.24 -2.12
CA ASP A 973 3.64 -23.36 -3.02
C ASP A 973 4.80 -22.51 -2.56
N ILE A 974 4.52 -21.29 -2.11
CA ILE A 974 5.58 -20.42 -1.63
C ILE A 974 6.23 -20.99 -0.38
N PHE A 975 5.42 -21.48 0.56
CA PHE A 975 5.99 -22.03 1.79
C PHE A 975 6.73 -23.32 1.53
N SER A 976 6.28 -24.12 0.57
CA SER A 976 6.89 -25.41 0.31
C SER A 976 8.12 -25.33 -0.58
N ARG A 977 8.50 -24.14 -1.05
CA ARG A 977 9.63 -24.01 -1.97
C ARG A 977 10.60 -22.92 -1.58
N LEU A 978 10.49 -22.33 -0.39
CA LEU A 978 11.36 -21.23 -0.04
C LEU A 978 11.63 -21.26 1.46
N ASP A 979 12.83 -20.83 1.83
CA ASP A 979 13.17 -20.71 3.24
C ASP A 979 12.38 -19.56 3.87
N PRO A 980 12.11 -19.62 5.17
CA PRO A 980 11.25 -18.61 5.80
C PRO A 980 11.71 -17.19 5.51
N PRO A 981 13.01 -16.91 5.51
CA PRO A 981 13.45 -15.54 5.24
C PRO A 981 12.86 -14.95 3.96
N GLU A 982 12.98 -15.65 2.83
CA GLU A 982 12.46 -15.12 1.57
C GLU A 982 10.97 -15.44 1.40
N ALA A 983 10.55 -16.59 1.95
CA ALA A 983 9.14 -16.94 1.90
C ALA A 983 8.28 -15.82 2.49
N GLU A 984 8.67 -15.32 3.66
CA GLU A 984 7.92 -14.23 4.29
C GLU A 984 7.87 -12.97 3.42
N VAL A 985 8.93 -12.69 2.66
CA VAL A 985 8.86 -11.53 1.74
C VAL A 985 7.76 -11.74 0.71
N GLN A 986 7.75 -12.92 0.09
CA GLN A 986 6.72 -13.19 -0.92
C GLN A 986 5.32 -13.18 -0.31
N ILE A 987 5.18 -13.80 0.87
CA ILE A 987 3.88 -13.87 1.53
C ILE A 987 3.43 -12.48 1.93
N ASP A 988 4.36 -11.60 2.30
CA ASP A 988 3.99 -10.23 2.61
C ASP A 988 3.40 -9.54 1.39
N ARG A 989 4.02 -9.72 0.22
CA ARG A 989 3.40 -9.18 -0.99
C ARG A 989 1.97 -9.66 -1.14
N LEU A 990 1.77 -10.98 -1.00
CA LEU A 990 0.42 -11.53 -1.20
C LEU A 990 -0.57 -10.99 -0.18
N ILE A 991 -0.16 -10.93 1.09
CA ILE A 991 -1.07 -10.50 2.15
C ILE A 991 -1.43 -9.03 1.95
N THR A 992 -0.45 -8.21 1.59
CA THR A 992 -0.74 -6.80 1.35
C THR A 992 -1.75 -6.64 0.21
N GLY A 993 -1.54 -7.37 -0.89
CA GLY A 993 -2.47 -7.29 -2.00
C GLY A 993 -3.88 -7.71 -1.62
N ARG A 994 -3.99 -8.82 -0.89
CA ARG A 994 -5.32 -9.32 -0.52
C ARG A 994 -5.99 -8.41 0.49
N LEU A 995 -5.24 -7.88 1.45
CA LEU A 995 -5.80 -6.92 2.39
C LEU A 995 -6.32 -5.69 1.65
N GLN A 996 -5.57 -5.21 0.65
CA GLN A 996 -6.04 -4.07 -0.12
C GLN A 996 -7.31 -4.41 -0.88
N SER A 997 -7.39 -5.62 -1.43
CA SER A 997 -8.63 -6.04 -2.10
C SER A 997 -9.80 -5.99 -1.13
N LEU A 998 -9.61 -6.51 0.07
CA LEU A 998 -10.69 -6.52 1.06
C LEU A 998 -11.08 -5.10 1.47
N GLN A 999 -10.10 -4.23 1.68
CA GLN A 999 -10.39 -2.86 2.07
C GLN A 999 -11.15 -2.13 0.98
N THR A 1000 -10.72 -2.31 -0.28
CA THR A 1000 -11.46 -1.70 -1.38
C THR A 1000 -12.88 -2.23 -1.43
N TYR A 1001 -13.06 -3.54 -1.25
CA TYR A 1001 -14.40 -4.10 -1.27
C TYR A 1001 -15.27 -3.47 -0.20
N VAL A 1002 -14.74 -3.34 1.01
CA VAL A 1002 -15.56 -2.81 2.11
C VAL A 1002 -15.85 -1.33 1.92
N THR A 1003 -14.90 -0.57 1.40
CA THR A 1003 -15.15 0.85 1.15
C THR A 1003 -16.22 1.03 0.07
N GLN A 1004 -16.12 0.26 -1.01
CA GLN A 1004 -17.16 0.34 -2.04
C GLN A 1004 -18.51 -0.09 -1.48
N GLN A 1005 -18.51 -1.09 -0.59
CA GLN A 1005 -19.77 -1.50 0.03
C GLN A 1005 -20.36 -0.39 0.89
N LEU A 1006 -19.52 0.32 1.64
CA LEU A 1006 -20.02 1.42 2.46
C LEU A 1006 -20.63 2.52 1.61
N ILE A 1007 -19.97 2.85 0.49
CA ILE A 1007 -20.51 3.88 -0.39
C ILE A 1007 -21.82 3.42 -1.03
N ARG A 1008 -21.87 2.17 -1.49
CA ARG A 1008 -23.11 1.64 -2.04
C ARG A 1008 -24.21 1.58 -1.00
N ALA A 1009 -23.86 1.27 0.25
CA ALA A 1009 -24.87 1.19 1.30
C ALA A 1009 -25.39 2.57 1.64
N ALA A 1010 -24.55 3.59 1.60
CA ALA A 1010 -25.04 4.96 1.77
C ALA A 1010 -26.02 5.32 0.67
N GLU A 1011 -25.71 4.94 -0.57
CA GLU A 1011 -26.61 5.25 -1.67
C GLU A 1011 -27.94 4.49 -1.53
N ILE A 1012 -27.86 3.21 -1.15
CA ILE A 1012 -29.06 2.41 -0.94
C ILE A 1012 -29.88 2.94 0.23
N ARG A 1013 -29.20 3.47 1.26
CA ARG A 1013 -29.93 4.06 2.38
C ARG A 1013 -30.66 5.32 1.95
N ALA A 1014 -30.05 6.13 1.08
CA ALA A 1014 -30.78 7.27 0.53
C ALA A 1014 -32.00 6.81 -0.25
N SER A 1015 -31.83 5.77 -1.07
CA SER A 1015 -32.96 5.24 -1.83
C SER A 1015 -34.05 4.70 -0.90
N ALA A 1016 -33.67 4.06 0.20
CA ALA A 1016 -34.65 3.51 1.12
C ALA A 1016 -35.34 4.60 1.93
N ASN A 1017 -34.63 5.67 2.28
CA ASN A 1017 -35.28 6.81 2.90
C ASN A 1017 -36.29 7.45 1.94
N LEU A 1018 -35.94 7.53 0.66
CA LEU A 1018 -36.90 8.04 -0.32
C LEU A 1018 -38.10 7.10 -0.46
N ALA A 1019 -37.87 5.80 -0.45
CA ALA A 1019 -38.97 4.84 -0.52
C ALA A 1019 -39.88 4.93 0.71
N ALA A 1020 -39.29 5.11 1.89
CA ALA A 1020 -40.09 5.29 3.09
C ALA A 1020 -40.91 6.57 3.03
N THR A 1021 -40.31 7.65 2.52
CA THR A 1021 -41.05 8.89 2.35
C THR A 1021 -42.20 8.70 1.36
N LYS A 1022 -41.97 8.00 0.27
CA LYS A 1022 -43.03 7.73 -0.69
C LYS A 1022 -44.11 6.84 -0.09
N MET A 1023 -43.74 5.87 0.73
CA MET A 1023 -44.74 5.05 1.40
C MET A 1023 -45.61 5.89 2.31
N SER A 1024 -45.01 6.84 3.03
CA SER A 1024 -45.81 7.69 3.90
C SER A 1024 -46.66 8.69 3.13
N GLU A 1025 -46.13 9.31 2.08
CA GLU A 1025 -46.81 10.45 1.47
C GLU A 1025 -47.62 10.10 0.23
N CYS A 1026 -47.44 8.93 -0.36
CA CYS A 1026 -48.22 8.51 -1.53
C CYS A 1026 -49.11 7.32 -1.27
N VAL A 1027 -48.81 6.49 -0.27
CA VAL A 1027 -49.63 5.32 0.04
C VAL A 1027 -50.52 5.61 1.26
N LEU A 1028 -49.96 6.31 2.24
CA LEU A 1028 -50.72 6.67 3.44
C LEU A 1028 -51.40 8.03 3.33
N GLY A 1029 -51.25 8.72 2.21
CA GLY A 1029 -51.94 9.97 2.00
C GLY A 1029 -51.93 10.31 0.54
N GLN A 1030 -52.61 11.41 0.21
CA GLN A 1030 -52.60 11.96 -1.14
C GLN A 1030 -51.66 13.14 -1.16
N SER A 1031 -50.68 13.09 -2.05
CA SER A 1031 -49.62 14.09 -2.09
C SER A 1031 -49.97 15.22 -3.06
N LYS A 1032 -49.69 16.45 -2.63
CA LYS A 1032 -49.79 17.61 -3.49
C LYS A 1032 -48.45 17.98 -4.15
N ARG A 1033 -47.37 17.32 -3.78
CA ARG A 1033 -46.06 17.66 -4.34
C ARG A 1033 -45.98 17.20 -5.79
N VAL A 1034 -45.58 18.11 -6.68
CA VAL A 1034 -45.59 17.82 -8.10
C VAL A 1034 -44.55 16.77 -8.43
N ASP A 1035 -44.96 15.76 -9.18
CA ASP A 1035 -44.11 14.68 -9.66
C ASP A 1035 -43.53 13.82 -8.55
N PHE A 1036 -44.00 13.95 -7.32
CA PHE A 1036 -43.47 13.10 -6.27
C PHE A 1036 -44.05 11.69 -6.36
N CYS A 1037 -45.33 11.57 -6.69
CA CYS A 1037 -46.01 10.28 -6.74
C CYS A 1037 -46.64 10.05 -8.11
N GLY A 1038 -45.90 10.27 -9.17
CA GLY A 1038 -46.38 10.07 -10.52
C GLY A 1038 -46.46 11.36 -11.30
N LYS A 1039 -46.75 11.21 -12.60
CA LYS A 1039 -46.65 12.33 -13.53
C LYS A 1039 -47.73 13.36 -13.28
N GLY A 1040 -49.00 12.96 -13.40
CA GLY A 1040 -50.11 13.90 -13.30
C GLY A 1040 -50.44 14.28 -11.88
N TYR A 1041 -51.72 14.56 -11.65
CA TYR A 1041 -52.21 14.92 -10.32
C TYR A 1041 -52.43 13.64 -9.52
N HIS A 1042 -51.67 13.47 -8.45
CA HIS A 1042 -51.70 12.21 -7.71
C HIS A 1042 -53.06 11.95 -7.10
N LEU A 1043 -53.60 10.76 -7.35
CA LEU A 1043 -54.78 10.28 -6.66
C LEU A 1043 -54.43 9.31 -5.54
N MET A 1044 -53.72 8.25 -5.85
CA MET A 1044 -53.31 7.33 -4.78
C MET A 1044 -52.19 6.46 -5.29
N SER A 1045 -51.68 5.59 -4.42
CA SER A 1045 -50.55 4.76 -4.78
C SER A 1045 -50.64 3.43 -4.04
N PHE A 1046 -50.12 2.39 -4.68
CA PHE A 1046 -50.17 1.04 -4.16
C PHE A 1046 -48.76 0.47 -4.10
N PRO A 1047 -48.32 -0.08 -2.97
CA PRO A 1047 -47.00 -0.71 -2.94
C PRO A 1047 -47.04 -2.19 -3.29
N GLN A 1048 -45.97 -2.66 -3.92
CA GLN A 1048 -45.76 -4.07 -4.20
C GLN A 1048 -44.33 -4.39 -3.85
N SER A 1049 -44.12 -5.44 -3.06
CA SER A 1049 -42.75 -5.84 -2.75
C SER A 1049 -42.08 -6.40 -4.00
N ALA A 1050 -40.78 -6.17 -4.09
CA ALA A 1050 -39.95 -6.71 -5.16
C ALA A 1050 -38.69 -7.25 -4.51
N PRO A 1051 -37.98 -8.14 -5.18
CA PRO A 1051 -36.93 -8.92 -4.51
C PRO A 1051 -36.00 -8.13 -3.61
N HIS A 1052 -35.52 -6.97 -4.02
CA HIS A 1052 -34.66 -6.16 -3.17
C HIS A 1052 -35.22 -4.74 -2.97
N GLY A 1053 -36.50 -4.55 -3.23
CA GLY A 1053 -37.03 -3.21 -3.16
C GLY A 1053 -38.53 -3.13 -3.20
N VAL A 1054 -39.03 -2.00 -3.69
CA VAL A 1054 -40.45 -1.74 -3.69
C VAL A 1054 -40.84 -1.11 -5.01
N VAL A 1055 -41.96 -1.55 -5.56
CA VAL A 1055 -42.54 -0.95 -6.75
C VAL A 1055 -43.80 -0.22 -6.33
N PHE A 1056 -43.89 1.05 -6.68
CA PHE A 1056 -45.07 1.85 -6.41
C PHE A 1056 -45.89 1.96 -7.69
N LEU A 1057 -47.16 1.64 -7.60
CA LEU A 1057 -48.13 1.86 -8.67
C LEU A 1057 -48.86 3.15 -8.33
N HIS A 1058 -48.48 4.23 -9.01
CA HIS A 1058 -49.07 5.54 -8.80
C HIS A 1058 -50.25 5.72 -9.73
N VAL A 1059 -51.41 6.05 -9.16
CA VAL A 1059 -52.61 6.36 -9.90
C VAL A 1059 -52.81 7.87 -9.88
N THR A 1060 -52.83 8.47 -11.07
CA THR A 1060 -52.88 9.91 -11.25
C THR A 1060 -54.00 10.28 -12.21
N TYR A 1061 -54.44 11.53 -12.09
CA TYR A 1061 -55.47 12.12 -12.93
C TYR A 1061 -54.80 13.02 -13.95
N VAL A 1062 -55.08 12.80 -15.23
CA VAL A 1062 -54.43 13.55 -16.31
C VAL A 1062 -55.51 14.23 -17.13
N PRO A 1063 -55.54 15.56 -17.22
CA PRO A 1063 -56.51 16.21 -18.10
C PRO A 1063 -56.30 15.81 -19.56
N ALA A 1064 -57.39 15.84 -20.33
CA ALA A 1064 -57.38 15.41 -21.72
C ALA A 1064 -58.46 16.16 -22.47
N GLN A 1065 -58.33 16.18 -23.80
CA GLN A 1065 -59.29 16.83 -24.69
C GLN A 1065 -59.58 18.24 -24.26
N GLU A 1066 -58.56 19.09 -24.29
CA GLU A 1066 -58.70 20.49 -23.91
C GLU A 1066 -59.44 21.27 -24.99
N LYS A 1067 -60.13 22.33 -24.58
CA LYS A 1067 -60.85 23.21 -25.50
C LYS A 1067 -60.52 24.65 -25.17
N ASN A 1068 -60.35 25.45 -26.21
CA ASN A 1068 -60.12 26.88 -26.07
C ASN A 1068 -61.42 27.58 -25.74
N PHE A 1069 -61.32 28.60 -24.89
CA PHE A 1069 -62.42 29.50 -24.58
C PHE A 1069 -61.86 30.89 -24.41
N THR A 1070 -62.74 31.87 -24.43
CA THR A 1070 -62.41 33.23 -24.06
C THR A 1070 -62.74 33.43 -22.59
N THR A 1071 -61.88 34.18 -21.91
CA THR A 1071 -61.96 34.37 -20.47
C THR A 1071 -61.83 35.85 -20.16
N ALA A 1072 -62.30 36.24 -18.97
CA ALA A 1072 -62.16 37.60 -18.50
C ALA A 1072 -61.72 37.58 -17.04
N PRO A 1073 -60.91 38.55 -16.62
CA PRO A 1073 -60.51 38.60 -15.20
C PRO A 1073 -61.68 38.72 -14.24
N ALA A 1074 -62.68 39.50 -14.62
CA ALA A 1074 -63.84 39.76 -13.76
C ALA A 1074 -65.03 40.06 -14.66
N ILE A 1075 -66.17 40.29 -14.03
CA ILE A 1075 -67.40 40.64 -14.74
C ILE A 1075 -67.95 41.92 -14.12
N CYS A 1076 -68.23 42.92 -14.95
CA CYS A 1076 -68.84 44.16 -14.47
C CYS A 1076 -70.35 44.01 -14.54
N HIS A 1077 -71.02 44.12 -13.40
CA HIS A 1077 -72.47 43.97 -13.35
C HIS A 1077 -73.03 44.94 -12.33
N ASP A 1078 -74.01 45.75 -12.74
CA ASP A 1078 -74.61 46.74 -11.86
C ASP A 1078 -73.60 47.84 -11.53
N GLY A 1079 -72.39 47.75 -12.11
CA GLY A 1079 -71.30 48.62 -11.75
C GLY A 1079 -70.34 48.04 -10.74
N LYS A 1080 -70.62 46.85 -10.21
CA LYS A 1080 -69.73 46.16 -9.30
C LYS A 1080 -68.86 45.18 -10.08
N ALA A 1081 -67.60 45.08 -9.67
CA ALA A 1081 -66.70 44.09 -10.24
C ALA A 1081 -66.91 42.76 -9.52
N HIS A 1082 -66.99 41.69 -10.28
CA HIS A 1082 -67.24 40.35 -9.76
C HIS A 1082 -66.12 39.42 -10.16
N PHE A 1083 -65.64 38.63 -9.21
CA PHE A 1083 -64.62 37.64 -9.42
C PHE A 1083 -65.14 36.25 -9.05
N PRO A 1084 -64.72 35.21 -9.77
CA PRO A 1084 -65.26 33.87 -9.52
C PRO A 1084 -64.73 33.33 -8.20
N ARG A 1085 -65.64 32.82 -7.37
CA ARG A 1085 -65.22 32.38 -6.04
C ARG A 1085 -64.37 31.12 -6.11
N GLU A 1086 -64.75 30.16 -6.94
CA GLU A 1086 -64.06 28.88 -7.00
C GLU A 1086 -63.95 28.42 -8.45
N GLY A 1087 -63.56 29.31 -9.34
CA GLY A 1087 -63.45 28.94 -10.74
C GLY A 1087 -62.93 30.07 -11.59
N VAL A 1088 -63.14 29.93 -12.90
CA VAL A 1088 -62.67 30.87 -13.90
C VAL A 1088 -63.83 31.21 -14.84
N PHE A 1089 -63.87 32.45 -15.30
CA PHE A 1089 -64.90 32.88 -16.25
C PHE A 1089 -64.53 32.43 -17.65
N VAL A 1090 -65.44 31.75 -18.32
CA VAL A 1090 -65.23 31.29 -19.69
C VAL A 1090 -66.44 31.66 -20.52
N SER A 1091 -66.25 31.66 -21.84
CA SER A 1091 -67.31 32.04 -22.76
C SER A 1091 -67.36 31.06 -23.91
N ASN A 1092 -68.54 30.47 -24.14
CA ASN A 1092 -68.82 29.65 -25.30
C ASN A 1092 -68.71 30.41 -26.62
N GLY A 1093 -68.49 31.73 -26.57
CA GLY A 1093 -68.48 32.59 -27.73
C GLY A 1093 -69.44 33.75 -27.63
N THR A 1094 -70.61 33.53 -27.02
CA THR A 1094 -71.57 34.60 -26.77
C THR A 1094 -72.10 34.65 -25.34
N HIS A 1095 -72.14 33.53 -24.62
CA HIS A 1095 -72.60 33.50 -23.23
C HIS A 1095 -71.40 33.35 -22.30
N TRP A 1096 -71.62 33.69 -21.03
CA TRP A 1096 -70.57 33.70 -20.02
C TRP A 1096 -70.93 32.75 -18.89
N PHE A 1097 -70.07 31.78 -18.63
CA PHE A 1097 -70.23 30.85 -17.51
C PHE A 1097 -69.01 30.92 -16.59
N VAL A 1098 -69.16 30.33 -15.41
CA VAL A 1098 -68.06 30.08 -14.49
C VAL A 1098 -67.82 28.59 -14.48
N THR A 1099 -66.57 28.18 -14.62
CA THR A 1099 -66.23 26.78 -14.64
C THR A 1099 -65.14 26.49 -13.61
N GLN A 1100 -65.17 25.28 -13.07
CA GLN A 1100 -64.03 24.79 -12.30
C GLN A 1100 -62.84 24.62 -13.24
N ARG A 1101 -61.64 24.68 -12.66
CA ARG A 1101 -60.44 24.87 -13.46
C ARG A 1101 -60.03 23.65 -14.28
N ASN A 1102 -60.03 22.45 -13.70
CA ASN A 1102 -59.45 21.28 -14.36
C ASN A 1102 -60.47 20.38 -15.03
N PHE A 1103 -61.73 20.83 -15.14
CA PHE A 1103 -62.76 20.05 -15.82
C PHE A 1103 -63.82 21.01 -16.30
N TYR A 1104 -64.10 21.01 -17.60
CA TYR A 1104 -65.05 21.95 -18.15
C TYR A 1104 -66.46 21.62 -17.64
N GLU A 1105 -66.96 22.43 -16.71
CA GLU A 1105 -68.31 22.29 -16.18
C GLU A 1105 -68.93 23.68 -16.10
N PRO A 1106 -69.33 24.25 -17.24
CA PRO A 1106 -69.83 25.63 -17.24
C PRO A 1106 -71.11 25.78 -16.42
N GLN A 1107 -71.19 26.88 -15.68
CA GLN A 1107 -72.34 27.16 -14.84
C GLN A 1107 -72.76 28.62 -15.01
N ILE A 1108 -74.05 28.85 -14.76
CA ILE A 1108 -74.63 30.18 -14.91
C ILE A 1108 -74.11 31.08 -13.80
N ILE A 1109 -73.65 32.28 -14.17
CA ILE A 1109 -72.99 33.18 -13.25
C ILE A 1109 -74.01 33.79 -12.30
N THR A 1110 -74.09 33.25 -11.08
CA THR A 1110 -74.98 33.76 -10.07
C THR A 1110 -74.18 34.45 -8.98
N THR A 1111 -74.89 35.16 -8.09
CA THR A 1111 -74.25 35.88 -7.00
C THR A 1111 -73.81 34.95 -5.88
N ASP A 1112 -74.02 33.64 -6.02
CA ASP A 1112 -73.55 32.68 -5.02
C ASP A 1112 -72.27 31.96 -5.44
N ASN A 1113 -72.04 31.77 -6.73
CA ASN A 1113 -70.76 31.23 -7.21
C ASN A 1113 -69.77 32.33 -7.53
N THR A 1114 -70.04 33.55 -7.11
CA THR A 1114 -69.22 34.71 -7.44
C THR A 1114 -69.18 35.63 -6.22
N PHE A 1115 -68.13 36.43 -6.10
CA PHE A 1115 -68.08 37.46 -5.07
C PHE A 1115 -67.68 38.78 -5.70
N VAL A 1116 -67.89 39.87 -4.99
CA VAL A 1116 -67.77 41.20 -5.54
C VAL A 1116 -66.76 41.99 -4.72
N SER A 1117 -65.93 42.78 -5.41
CA SER A 1117 -64.92 43.60 -4.74
C SER A 1117 -64.64 44.82 -5.61
N GLY A 1118 -65.23 45.94 -5.25
CA GLY A 1118 -64.94 47.20 -5.92
C GLY A 1118 -65.72 47.40 -7.20
N ASN A 1119 -65.58 48.60 -7.75
CA ASN A 1119 -66.24 48.95 -8.99
C ASN A 1119 -65.48 48.37 -10.18
N CYS A 1120 -66.17 48.30 -11.33
CA CYS A 1120 -65.56 47.77 -12.54
C CYS A 1120 -64.84 48.89 -13.27
N ASP A 1121 -63.81 49.42 -12.61
CA ASP A 1121 -63.02 50.52 -13.15
C ASP A 1121 -61.52 50.32 -12.96
N VAL A 1122 -61.13 49.32 -12.17
CA VAL A 1122 -59.73 49.03 -11.91
C VAL A 1122 -59.31 47.68 -12.48
N VAL A 1123 -60.24 46.74 -12.57
CA VAL A 1123 -59.92 45.40 -13.08
C VAL A 1123 -59.75 45.44 -14.59
N ILE A 1124 -58.51 45.42 -15.05
CA ILE A 1124 -58.22 45.35 -16.48
C ILE A 1124 -58.88 44.10 -17.03
N GLY A 1125 -59.41 44.19 -18.25
CA GLY A 1125 -60.01 43.06 -18.91
C GLY A 1125 -61.41 42.72 -18.47
N ILE A 1126 -61.98 43.46 -17.52
CA ILE A 1126 -63.32 43.20 -17.02
C ILE A 1126 -64.32 43.22 -18.17
N VAL A 1127 -65.37 42.39 -18.07
CA VAL A 1127 -66.31 42.18 -19.15
C VAL A 1127 -67.72 42.41 -18.63
N ASN A 1128 -68.58 42.93 -19.51
CA ASN A 1128 -69.95 43.26 -19.16
C ASN A 1128 -70.87 42.06 -19.36
N ASN A 1129 -71.52 41.64 -18.28
CA ASN A 1129 -72.53 40.59 -18.35
C ASN A 1129 -73.38 40.69 -17.10
N THR A 1130 -74.36 39.79 -17.01
CA THR A 1130 -75.34 39.83 -15.94
C THR A 1130 -75.08 38.70 -14.95
N VAL A 1131 -75.07 39.02 -13.67
CA VAL A 1131 -74.88 38.05 -12.60
C VAL A 1131 -76.26 37.78 -12.01
N TYR A 1132 -76.91 36.74 -12.52
CA TYR A 1132 -78.24 36.37 -12.04
C TYR A 1132 -78.22 35.98 -10.57
CA GLU B 1 62.47 3.02 -19.80
C GLU B 1 63.37 3.22 -18.59
N VAL B 2 63.51 2.17 -17.79
CA VAL B 2 64.23 2.27 -16.52
C VAL B 2 65.72 2.46 -16.80
N GLN B 3 66.30 3.49 -16.19
CA GLN B 3 67.74 3.71 -16.22
C GLN B 3 68.24 3.85 -14.79
N LEU B 4 69.32 3.11 -14.48
CA LEU B 4 69.92 3.12 -13.15
C LEU B 4 71.43 3.36 -13.32
N VAL B 5 71.83 4.62 -13.36
CA VAL B 5 73.24 4.95 -13.52
C VAL B 5 73.88 5.11 -12.14
N GLU B 6 75.00 4.42 -11.93
CA GLU B 6 75.71 4.43 -10.65
C GLU B 6 76.66 5.64 -10.58
N SER B 7 76.08 6.83 -10.65
CA SER B 7 76.89 8.04 -10.58
C SER B 7 77.67 8.07 -9.28
N GLY B 8 78.96 8.37 -9.38
CA GLY B 8 79.83 8.38 -8.22
C GLY B 8 80.39 7.01 -7.92
N ARG B 19 81.62 8.41 -1.54
CA ARG B 19 80.21 8.04 -1.55
C ARG B 19 79.77 7.60 -2.95
N LEU B 20 78.66 6.88 -3.01
CA LEU B 20 78.01 6.56 -4.27
C LEU B 20 76.66 7.26 -4.31
N SER B 21 76.27 7.71 -5.51
CA SER B 21 74.99 8.40 -5.68
C SER B 21 74.36 7.93 -7.00
N CYS B 22 73.54 6.90 -6.91
CA CYS B 22 72.79 6.42 -8.06
C CYS B 22 71.72 7.40 -8.46
N ALA B 23 71.58 7.64 -9.76
CA ALA B 23 70.55 8.52 -10.31
C ALA B 23 69.54 7.65 -11.04
N ALA B 24 68.33 7.55 -10.48
CA ALA B 24 67.28 6.74 -11.09
C ALA B 24 66.57 7.52 -12.18
N SER B 25 65.99 6.80 -13.13
CA SER B 25 65.20 7.44 -14.18
C SER B 25 64.24 6.43 -14.78
N GLY B 26 63.17 6.94 -15.38
CA GLY B 26 62.23 6.13 -16.13
C GLY B 26 61.13 5.50 -15.30
N PHE B 27 61.22 5.53 -13.98
CA PHE B 27 60.21 4.94 -13.11
C PHE B 27 59.99 5.84 -11.90
N THR B 28 58.99 5.49 -11.11
CA THR B 28 58.63 6.27 -9.92
C THR B 28 59.53 5.83 -8.78
N PHE B 29 60.55 6.63 -8.48
CA PHE B 29 61.54 6.24 -7.49
C PHE B 29 60.90 6.04 -6.12
N ASP B 30 59.88 6.83 -5.82
CA ASP B 30 59.30 6.82 -4.48
C ASP B 30 58.52 5.55 -4.16
N ASP B 31 58.27 4.68 -5.14
CA ASP B 31 57.39 3.53 -4.93
C ASP B 31 58.13 2.21 -4.73
N TYR B 32 59.47 2.21 -4.73
CA TYR B 32 60.21 0.97 -4.76
C TYR B 32 61.38 1.00 -3.80
N ALA B 33 61.75 -0.17 -3.31
CA ALA B 33 62.96 -0.33 -2.51
C ALA B 33 64.18 -0.45 -3.41
N MET B 34 65.32 0.01 -2.92
CA MET B 34 66.56 0.06 -3.67
C MET B 34 67.66 -0.68 -2.92
N HIS B 35 68.53 -1.37 -3.66
CA HIS B 35 69.60 -2.15 -3.06
C HIS B 35 70.93 -1.92 -3.76
N TRP B 36 72.00 -1.95 -2.97
CA TRP B 36 73.37 -2.03 -3.46
C TRP B 36 73.85 -3.47 -3.37
N VAL B 37 74.44 -3.96 -4.46
CA VAL B 37 75.04 -5.29 -4.50
C VAL B 37 76.35 -5.19 -5.27
N ARG B 38 77.40 -5.84 -4.76
CA ARG B 38 78.72 -5.72 -5.35
C ARG B 38 79.28 -7.06 -5.81
N LEU B 45 76.81 -12.60 -5.68
CA LEU B 45 77.36 -11.32 -6.07
C LEU B 45 77.67 -10.46 -4.86
N GLU B 46 77.52 -11.04 -3.66
CA GLU B 46 77.79 -10.30 -2.42
C GLU B 46 76.88 -9.08 -2.27
N TRP B 47 75.57 -9.31 -2.10
CA TRP B 47 74.64 -8.22 -1.80
C TRP B 47 75.19 -7.33 -0.69
N VAL B 48 75.04 -6.01 -0.85
CA VAL B 48 75.60 -5.06 0.09
C VAL B 48 74.54 -4.62 1.09
N SER B 49 73.48 -3.98 0.60
CA SER B 49 72.51 -3.35 1.50
C SER B 49 71.21 -3.09 0.75
N GLY B 50 70.14 -2.88 1.53
CA GLY B 50 68.84 -2.54 0.99
C GLY B 50 68.21 -1.40 1.77
N ILE B 51 67.21 -0.78 1.16
CA ILE B 51 66.48 0.33 1.75
C ILE B 51 65.09 0.38 1.13
N SER B 52 64.10 0.79 1.91
CA SER B 52 62.71 0.79 1.48
C SER B 52 62.30 2.17 0.97
N TRP B 53 61.05 2.25 0.49
CA TRP B 53 60.59 3.45 -0.18
C TRP B 53 60.64 4.66 0.76
N ASN B 54 60.29 4.47 2.03
CA ASN B 54 60.31 5.53 3.02
C ASN B 54 61.53 5.45 3.95
N SER B 55 62.51 4.60 3.62
CA SER B 55 63.69 4.43 4.46
C SER B 55 63.31 3.97 5.86
N GLY B 56 62.27 3.15 5.95
CA GLY B 56 61.82 2.64 7.23
C GLY B 56 62.42 1.27 7.54
N ASP B 57 63.00 0.63 6.52
CA ASP B 57 63.60 -0.70 6.64
C ASP B 57 64.96 -0.67 5.96
N ILE B 58 65.99 -0.32 6.73
CA ILE B 58 67.36 -0.21 6.23
C ILE B 58 68.12 -1.43 6.73
N GLY B 59 68.53 -2.29 5.80
CA GLY B 59 69.19 -3.55 6.14
C GLY B 59 70.54 -3.67 5.45
N TYR B 60 71.58 -3.88 6.25
CA TYR B 60 72.96 -3.96 5.79
C TYR B 60 73.40 -5.43 5.72
N ALA B 61 74.69 -5.64 5.48
CA ALA B 61 75.27 -6.97 5.39
C ALA B 61 76.15 -7.24 6.61
N ASP B 62 76.56 -8.51 6.75
CA ASP B 62 77.41 -8.90 7.87
C ASP B 62 78.74 -8.16 7.87
N SER B 63 79.20 -7.69 6.71
CA SER B 63 80.47 -6.97 6.58
C SER B 63 80.18 -5.57 6.05
N VAL B 64 79.92 -4.64 6.96
CA VAL B 64 79.66 -3.25 6.60
C VAL B 64 79.22 -2.45 7.82
N LYS B 65 78.62 -3.13 8.80
CA LYS B 65 78.04 -2.45 9.96
C LYS B 65 78.98 -1.42 10.53
N GLY B 66 78.59 -0.15 10.44
CA GLY B 66 79.38 0.97 10.88
C GLY B 66 80.20 1.61 9.78
N ARG B 67 80.43 0.91 8.67
CA ARG B 67 81.25 1.43 7.58
C ARG B 67 80.42 2.13 6.52
N PHE B 68 79.49 1.42 5.89
CA PHE B 68 78.68 1.97 4.81
C PHE B 68 77.26 2.20 5.34
N THR B 69 76.69 3.35 4.99
CA THR B 69 75.33 3.71 5.37
C THR B 69 74.53 4.00 4.10
N ILE B 70 73.38 3.34 3.96
CA ILE B 70 72.53 3.51 2.79
C ILE B 70 71.48 4.57 3.10
N SER B 71 71.05 5.27 2.05
CA SER B 71 70.04 6.31 2.19
C SER B 71 69.47 6.63 0.82
N ARG B 72 68.38 7.38 0.81
CA ARG B 72 67.75 7.74 -0.45
C ARG B 72 67.19 9.15 -0.36
N ASP B 73 67.24 9.85 -1.48
CA ASP B 73 66.68 11.19 -1.63
C ASP B 73 65.59 11.05 -2.67
N ASN B 74 64.35 10.90 -2.19
CA ASN B 74 63.24 10.61 -3.09
C ASN B 74 62.90 11.79 -3.98
N ALA B 75 63.13 13.01 -3.50
CA ALA B 75 62.81 14.19 -4.30
C ALA B 75 63.60 14.20 -5.60
N LYS B 76 64.88 13.86 -5.54
CA LYS B 76 65.75 13.89 -6.72
C LYS B 76 65.99 12.49 -7.28
N ASN B 77 65.28 11.49 -6.76
CA ASN B 77 65.35 10.13 -7.26
C ASN B 77 66.78 9.61 -7.21
N SER B 78 67.35 9.67 -6.00
CA SER B 78 68.76 9.34 -5.82
C SER B 78 68.91 8.27 -4.74
N LEU B 79 69.78 7.30 -5.00
CA LEU B 79 70.13 6.27 -4.02
C LEU B 79 71.57 6.52 -3.58
N HIS B 80 71.75 7.03 -2.36
CA HIS B 80 73.06 7.47 -1.90
C HIS B 80 73.60 6.49 -0.87
N LEU B 81 74.93 6.36 -0.83
CA LEU B 81 75.57 5.38 0.05
C LEU B 81 76.92 5.93 0.49
N GLN B 82 77.05 6.23 1.79
CA GLN B 82 78.33 6.58 2.36
C GLN B 82 79.12 5.31 2.68
N ALA B 92 85.03 -5.43 -5.93
CA ALA B 92 84.07 -5.71 -6.99
C ALA B 92 83.24 -4.47 -7.30
N LEU B 93 82.61 -4.49 -8.47
CA LEU B 93 81.81 -3.36 -8.92
C LEU B 93 80.46 -3.34 -8.22
N TYR B 94 79.96 -2.14 -7.93
CA TYR B 94 78.69 -1.98 -7.23
C TYR B 94 77.57 -1.71 -8.23
N TYR B 95 76.48 -2.43 -8.09
CA TYR B 95 75.31 -2.30 -8.95
C TYR B 95 74.27 -1.38 -8.29
N CYS B 96 73.12 -1.21 -8.94
CA CYS B 96 72.12 -0.26 -8.49
C CYS B 96 70.71 -0.82 -8.62
N ALA B 97 70.51 -2.07 -8.22
CA ALA B 97 69.26 -2.75 -8.50
C ALA B 97 68.08 -2.03 -7.86
N LYS B 98 66.96 -2.04 -8.58
CA LYS B 98 65.68 -1.59 -8.06
C LYS B 98 64.85 -2.81 -7.68
N ASP B 99 64.26 -2.76 -6.50
CA ASP B 99 63.39 -3.84 -6.05
C ASP B 99 62.05 -3.77 -6.78
N LYS B 100 61.48 -4.94 -7.06
CA LYS B 100 60.17 -4.99 -7.70
C LYS B 100 59.05 -4.52 -6.80
N THR B 101 59.29 -4.42 -5.50
CA THR B 101 58.27 -4.01 -4.54
C THR B 101 58.81 -2.87 -3.68
N TYR B 102 58.06 -2.47 -2.65
CA TYR B 102 58.35 -1.24 -1.93
C TYR B 102 59.09 -1.45 -0.61
N ASP B 103 59.26 -2.69 -0.14
CA ASP B 103 59.82 -2.92 1.18
C ASP B 103 60.71 -4.15 1.30
N SER B 104 61.19 -4.40 2.51
CA SER B 104 62.34 -5.25 2.85
C SER B 104 62.08 -6.73 2.55
N PRO B 105 63.06 -7.62 2.79
CA PRO B 105 63.11 -8.89 2.04
C PRO B 105 61.80 -9.62 1.83
N GLY B 106 61.09 -9.98 2.90
CA GLY B 106 60.01 -10.92 2.75
C GLY B 106 58.79 -10.38 2.05
N TYR B 107 58.61 -10.79 0.80
CA TYR B 107 57.43 -10.49 -0.01
C TYR B 107 57.38 -11.46 -1.19
N PHE B 108 56.19 -11.93 -1.52
CA PHE B 108 56.05 -12.87 -2.63
C PHE B 108 56.52 -12.26 -3.94
N LEU B 109 56.73 -10.95 -3.97
CA LEU B 109 57.12 -10.23 -5.18
C LEU B 109 58.44 -9.49 -5.00
N ASN B 110 59.27 -9.88 -4.04
CA ASN B 110 60.50 -9.16 -3.72
C ASN B 110 61.61 -9.69 -4.62
N SER B 111 62.19 -8.81 -5.44
CA SER B 111 63.24 -9.20 -6.35
C SER B 111 63.91 -7.96 -6.92
N PHE B 112 65.07 -8.18 -7.55
CA PHE B 112 65.80 -7.11 -8.22
C PHE B 112 65.52 -7.24 -9.72
N ASP B 113 64.48 -6.55 -10.18
CA ASP B 113 64.04 -6.68 -11.57
C ASP B 113 64.71 -5.71 -12.54
N TYR B 114 65.46 -4.72 -12.05
CA TYR B 114 66.23 -3.83 -12.93
C TYR B 114 67.55 -3.52 -12.26
N TRP B 115 68.63 -3.59 -13.02
CA TRP B 115 69.97 -3.25 -12.54
C TRP B 115 70.54 -2.09 -13.33
N GLY B 116 71.71 -1.61 -12.89
CA GLY B 116 72.41 -0.55 -13.58
C GLY B 116 73.49 -1.10 -14.49
N GLN B 117 74.68 -0.49 -14.46
CA GLN B 117 75.81 -1.00 -15.24
C GLN B 117 76.94 -1.45 -14.34
N GLY B 118 77.43 -0.56 -13.49
CA GLY B 118 78.51 -0.93 -12.59
C GLY B 118 79.20 0.30 -12.02
N THR B 119 80.24 0.03 -11.24
CA THR B 119 81.03 1.07 -10.59
C THR B 119 82.28 0.47 -9.96
CA ASP C 1 73.15 -16.56 8.49
C ASP C 1 72.88 -17.67 7.47
N ILE C 2 72.89 -17.32 6.19
CA ILE C 2 72.54 -18.26 5.13
C ILE C 2 73.69 -18.32 4.13
N GLN C 3 73.77 -19.45 3.44
CA GLN C 3 74.89 -19.72 2.52
C GLN C 3 74.31 -20.35 1.25
N MET C 4 74.13 -19.55 0.21
CA MET C 4 73.74 -20.09 -1.09
C MET C 4 74.88 -20.93 -1.63
N THR C 5 74.58 -22.16 -2.04
CA THR C 5 75.59 -23.10 -2.50
C THR C 5 75.15 -23.66 -3.84
N GLN C 6 75.43 -22.92 -4.92
CA GLN C 6 75.20 -23.41 -6.26
C GLN C 6 75.91 -24.74 -6.41
N SER C 7 75.16 -25.83 -6.62
CA SER C 7 75.72 -27.17 -6.44
C SER C 7 75.66 -27.98 -7.73
N PRO C 8 75.78 -27.33 -8.89
CA PRO C 8 76.94 -27.51 -9.72
C PRO C 8 77.96 -26.40 -9.48
N SER C 9 79.26 -26.70 -9.38
CA SER C 9 80.22 -25.59 -9.37
C SER C 9 80.28 -24.93 -10.75
N SER C 10 79.96 -25.69 -11.79
CA SER C 10 79.78 -25.17 -13.14
C SER C 10 79.15 -26.28 -13.95
N LEU C 11 78.61 -25.92 -15.10
CA LEU C 11 78.00 -26.89 -16.00
C LEU C 11 78.31 -26.49 -17.44
N SER C 12 77.98 -27.38 -18.37
CA SER C 12 78.28 -27.15 -19.77
C SER C 12 77.38 -28.02 -20.62
N ALA C 13 77.05 -27.50 -21.81
CA ALA C 13 76.17 -28.21 -22.72
C ALA C 13 76.20 -27.56 -24.09
N SER C 14 75.29 -27.96 -24.98
CA SER C 14 75.25 -27.45 -26.34
C SER C 14 73.81 -27.12 -26.71
N VAL C 15 73.65 -26.56 -27.91
CA VAL C 15 72.33 -26.13 -28.39
C VAL C 15 71.38 -27.31 -28.37
N GLY C 16 70.25 -27.16 -27.70
CA GLY C 16 69.30 -28.24 -27.53
C GLY C 16 69.55 -29.14 -26.35
N ASP C 17 70.45 -28.77 -25.44
CA ASP C 17 70.80 -29.61 -24.29
C ASP C 17 70.14 -29.02 -23.04
N ARG C 18 68.98 -29.59 -22.68
CA ARG C 18 68.27 -29.18 -21.47
C ARG C 18 69.10 -29.51 -20.23
N VAL C 19 69.49 -28.47 -19.48
CA VAL C 19 70.38 -28.60 -18.34
C VAL C 19 69.67 -28.08 -17.09
N THR C 20 69.88 -28.77 -15.97
CA THR C 20 69.31 -28.41 -14.69
C THR C 20 70.38 -27.82 -13.77
N ILE C 21 69.94 -26.94 -12.85
CA ILE C 21 70.82 -26.26 -11.91
C ILE C 21 70.17 -26.29 -10.54
N THR C 22 71.01 -26.26 -9.50
CA THR C 22 70.53 -26.32 -8.13
C THR C 22 71.45 -25.50 -7.23
N CYS C 23 70.96 -25.23 -6.02
CA CYS C 23 71.74 -24.56 -4.98
C CYS C 23 71.05 -24.78 -3.64
N ARG C 24 71.85 -24.78 -2.57
CA ARG C 24 71.36 -25.06 -1.22
C ARG C 24 71.58 -23.83 -0.33
N ALA C 25 71.15 -23.94 0.92
CA ALA C 25 71.10 -22.83 1.84
C ALA C 25 71.12 -23.35 3.27
N SER C 26 71.39 -22.44 4.21
CA SER C 26 71.49 -22.82 5.61
C SER C 26 70.13 -23.19 6.20
N GLN C 27 69.19 -22.24 6.24
CA GLN C 27 67.87 -22.48 6.80
C GLN C 27 66.82 -22.50 5.70
N GLY C 28 65.57 -22.70 6.10
CA GLY C 28 64.47 -22.65 5.14
C GLY C 28 64.16 -21.24 4.71
N ILE C 29 63.86 -21.08 3.42
CA ILE C 29 63.56 -19.76 2.85
C ILE C 29 62.31 -19.82 2.00
N SER C 30 61.55 -20.92 2.10
CA SER C 30 60.31 -21.08 1.34
C SER C 30 60.50 -20.68 -0.12
N SER C 31 59.50 -20.03 -0.71
CA SER C 31 59.56 -19.64 -2.12
C SER C 31 60.19 -18.27 -2.33
N TYR C 32 60.66 -17.62 -1.27
CA TYR C 32 61.20 -16.27 -1.40
C TYR C 32 62.63 -16.31 -1.95
N LEU C 33 62.82 -16.97 -3.09
CA LEU C 33 64.12 -17.02 -3.76
C LEU C 33 63.90 -16.92 -5.26
N VAL C 34 64.77 -16.16 -5.92
CA VAL C 34 64.67 -15.94 -7.35
C VAL C 34 65.95 -16.44 -8.01
N TRP C 35 65.94 -16.47 -9.36
CA TRP C 35 67.11 -16.84 -10.15
C TRP C 35 67.41 -15.76 -11.17
N TYR C 36 68.64 -15.26 -11.15
CA TYR C 36 69.07 -14.23 -12.09
C TYR C 36 69.88 -14.89 -13.22
N GLN C 37 70.52 -14.08 -14.05
CA GLN C 37 71.35 -14.58 -15.13
C GLN C 37 72.34 -13.49 -15.55
N GLN C 38 73.63 -13.78 -15.43
CA GLN C 38 74.70 -12.85 -15.80
C GLN C 38 75.41 -13.38 -17.04
N LYS C 39 75.10 -12.80 -18.20
CA LYS C 39 75.82 -13.12 -19.41
C LYS C 39 77.18 -12.43 -19.39
N PRO C 40 78.22 -13.01 -19.99
CA PRO C 40 79.57 -12.45 -19.85
C PRO C 40 79.66 -10.97 -20.16
N GLY C 41 80.19 -10.20 -19.22
CA GLY C 41 80.30 -8.75 -19.39
C GLY C 41 79.04 -8.00 -19.00
N LYS C 42 77.89 -8.53 -19.41
CA LYS C 42 76.63 -7.84 -19.17
C LYS C 42 76.21 -7.96 -17.71
N ALA C 43 75.26 -7.09 -17.31
CA ALA C 43 74.70 -7.07 -15.96
C ALA C 43 73.58 -8.10 -15.84
N PRO C 44 73.30 -8.55 -14.62
CA PRO C 44 72.30 -9.61 -14.45
C PRO C 44 70.90 -9.18 -14.86
N LYS C 45 70.10 -10.17 -15.20
CA LYS C 45 68.74 -9.95 -15.69
C LYS C 45 67.77 -10.57 -14.69
N PHE C 46 66.48 -10.63 -15.03
CA PHE C 46 65.50 -11.33 -14.22
C PHE C 46 64.78 -12.38 -15.06
N LEU C 47 64.54 -13.54 -14.47
CA LEU C 47 63.89 -14.64 -15.18
C LEU C 47 62.53 -14.97 -14.57
N ILE C 48 62.47 -15.31 -13.28
CA ILE C 48 61.24 -15.78 -12.66
C ILE C 48 61.27 -15.41 -11.18
N TYR C 49 60.08 -15.27 -10.59
CA TYR C 49 59.94 -15.01 -9.15
C TYR C 49 59.09 -16.12 -8.54
N ALA C 50 59.58 -16.71 -7.45
CA ALA C 50 58.96 -17.80 -6.72
C ALA C 50 58.86 -19.07 -7.54
N ALA C 51 59.47 -19.13 -8.71
CA ALA C 51 59.43 -20.34 -9.53
C ALA C 51 58.00 -20.74 -9.87
N SER C 52 57.31 -19.90 -10.63
CA SER C 52 55.94 -20.20 -11.05
C SER C 52 55.43 -19.10 -11.99
N THR C 53 55.29 -17.88 -11.48
CA THR C 53 54.89 -16.75 -12.31
C THR C 53 56.13 -16.21 -13.00
N LEU C 54 56.41 -16.75 -14.18
CA LEU C 54 57.59 -16.34 -14.94
C LEU C 54 57.48 -14.86 -15.28
N GLN C 55 58.62 -14.17 -15.26
CA GLN C 55 58.63 -12.74 -15.58
C GLN C 55 58.09 -12.52 -16.99
N SER C 56 57.32 -11.45 -17.15
CA SER C 56 56.67 -11.19 -18.44
C SER C 56 57.72 -10.97 -19.53
N GLY C 57 57.45 -11.54 -20.70
CA GLY C 57 58.35 -11.40 -21.83
C GLY C 57 59.63 -12.19 -21.73
N VAL C 58 59.69 -13.16 -20.83
CA VAL C 58 60.89 -13.97 -20.60
C VAL C 58 60.65 -15.35 -21.20
N PRO C 59 61.63 -15.92 -21.94
CA PRO C 59 61.43 -17.27 -22.47
C PRO C 59 61.11 -18.28 -21.38
N SER C 60 59.90 -18.84 -21.43
CA SER C 60 59.41 -19.70 -20.35
C SER C 60 60.34 -20.86 -20.09
N ARG C 61 61.14 -21.25 -21.10
CA ARG C 61 62.01 -22.41 -20.95
C ARG C 61 62.82 -22.35 -19.67
N PHE C 62 63.46 -21.21 -19.40
CA PHE C 62 64.10 -21.02 -18.10
C PHE C 62 63.03 -21.11 -17.03
N SER C 63 63.15 -22.05 -16.10
CA SER C 63 62.16 -22.18 -15.04
C SER C 63 62.71 -23.12 -13.97
N GLY C 64 61.89 -23.43 -12.98
CA GLY C 64 62.30 -24.31 -11.91
C GLY C 64 61.24 -24.34 -10.82
N SER C 65 61.64 -24.89 -9.66
CA SER C 65 60.74 -24.97 -8.52
C SER C 65 61.45 -25.59 -7.32
N GLY C 66 60.76 -25.62 -6.17
CA GLY C 66 61.30 -26.21 -4.96
C GLY C 66 61.20 -25.28 -3.76
N SER C 67 61.01 -25.86 -2.58
CA SER C 67 60.90 -25.09 -1.33
C SER C 67 62.14 -25.30 -0.47
N GLY C 68 62.20 -24.56 0.63
CA GLY C 68 63.37 -24.62 1.49
C GLY C 68 64.61 -24.22 0.71
N THR C 69 65.63 -25.08 0.74
CA THR C 69 66.83 -24.90 -0.07
C THR C 69 66.78 -25.70 -1.37
N ASP C 70 65.76 -26.53 -1.56
CA ASP C 70 65.59 -27.29 -2.79
C ASP C 70 65.17 -26.35 -3.91
N PHE C 71 66.05 -26.15 -4.88
CA PHE C 71 65.75 -25.29 -6.02
C PHE C 71 66.37 -25.89 -7.27
N THR C 72 65.55 -26.06 -8.31
CA THR C 72 65.94 -26.81 -9.51
C THR C 72 65.59 -25.99 -10.74
N LEU C 73 66.57 -25.25 -11.24
CA LEU C 73 66.39 -24.57 -12.53
C LEU C 73 66.26 -25.60 -13.64
N THR C 74 65.46 -25.29 -14.65
CA THR C 74 65.15 -26.26 -15.70
C THR C 74 64.84 -25.53 -17.00
N ILE C 75 65.62 -25.82 -18.04
CA ILE C 75 65.42 -25.28 -19.38
C ILE C 75 64.94 -26.44 -20.25
N SER C 76 64.57 -26.16 -21.50
CA SER C 76 64.14 -27.23 -22.40
C SER C 76 64.99 -27.27 -23.67
N SER C 77 65.37 -26.11 -24.18
CA SER C 77 66.05 -25.97 -25.46
C SER C 77 67.25 -25.07 -25.30
N LEU C 78 68.08 -25.34 -24.29
CA LEU C 78 69.27 -24.56 -24.02
C LEU C 78 69.94 -24.12 -25.31
N GLN C 79 70.12 -22.81 -25.46
CA GLN C 79 70.43 -22.20 -26.74
C GLN C 79 71.56 -21.18 -26.61
N PRO C 80 71.98 -20.54 -27.70
CA PRO C 80 73.04 -19.54 -27.59
C PRO C 80 72.78 -18.45 -26.57
N GLU C 81 71.52 -18.03 -26.42
CA GLU C 81 71.19 -16.98 -25.47
C GLU C 81 70.99 -17.52 -24.05
N ASP C 82 71.14 -18.82 -23.84
CA ASP C 82 70.93 -19.44 -22.54
C ASP C 82 72.24 -19.83 -21.87
N PHE C 83 73.38 -19.30 -22.34
CA PHE C 83 74.69 -19.63 -21.79
C PHE C 83 75.17 -18.46 -20.96
N ALA C 84 75.18 -18.65 -19.64
CA ALA C 84 75.59 -17.60 -18.71
C ALA C 84 75.62 -18.19 -17.30
N THR C 85 76.30 -17.47 -16.40
CA THR C 85 76.40 -17.88 -15.00
C THR C 85 75.16 -17.41 -14.26
N TYR C 86 74.24 -18.36 -14.03
CA TYR C 86 73.01 -18.08 -13.32
C TYR C 86 73.26 -18.08 -11.81
N TYR C 87 72.47 -17.29 -11.09
CA TYR C 87 72.56 -17.23 -9.65
C TYR C 87 71.21 -17.54 -9.01
N CYS C 88 71.27 -18.17 -7.85
CA CYS C 88 70.13 -18.34 -6.97
C CYS C 88 70.26 -17.33 -5.84
N GLN C 89 69.18 -16.59 -5.58
CA GLN C 89 69.16 -15.50 -4.61
C GLN C 89 68.08 -15.79 -3.58
N GLN C 90 68.52 -16.03 -2.34
CA GLN C 90 67.60 -16.10 -1.21
C GLN C 90 67.15 -14.70 -0.83
N LEU C 91 65.85 -14.53 -0.59
CA LEU C 91 65.29 -13.27 -0.14
C LEU C 91 64.44 -13.41 1.10
N TYR C 92 64.49 -14.55 1.79
CA TYR C 92 63.65 -14.74 2.96
C TYR C 92 64.00 -13.76 4.07
N SER C 93 65.28 -13.55 4.32
CA SER C 93 65.74 -12.74 5.44
C SER C 93 66.88 -11.85 4.98
N TYR C 94 67.29 -10.95 5.87
CA TYR C 94 68.35 -10.02 5.62
C TYR C 94 69.42 -10.18 6.69
N PRO C 95 70.72 -10.00 6.36
CA PRO C 95 71.36 -9.79 5.08
C PRO C 95 70.99 -10.73 3.95
N ILE C 96 70.61 -10.19 2.80
CA ILE C 96 70.33 -11.01 1.63
C ILE C 96 71.64 -11.55 1.09
N THR C 97 71.64 -12.81 0.66
CA THR C 97 72.84 -13.47 0.17
C THR C 97 72.59 -14.05 -1.21
N PHE C 98 73.65 -14.08 -2.00
CA PHE C 98 73.63 -14.56 -3.37
C PHE C 98 74.40 -15.88 -3.47
N GLY C 99 74.46 -16.46 -4.67
CA GLY C 99 75.27 -17.63 -4.94
C GLY C 99 76.66 -17.27 -5.42
N GLN C 100 77.37 -18.29 -5.92
CA GLN C 100 78.74 -18.12 -6.38
C GLN C 100 78.89 -18.12 -7.90
N GLY C 101 77.97 -18.77 -8.61
CA GLY C 101 77.96 -18.70 -10.06
C GLY C 101 78.14 -20.05 -10.72
N THR C 102 77.06 -20.56 -11.30
CA THR C 102 77.09 -21.78 -12.10
C THR C 102 77.50 -21.46 -13.54
N ARG C 103 78.64 -20.80 -13.70
CA ARG C 103 79.08 -20.36 -15.03
C ARG C 103 78.97 -21.50 -16.04
N LEU C 104 78.08 -21.33 -17.01
CA LEU C 104 77.89 -22.33 -18.04
C LEU C 104 78.96 -22.15 -19.12
N GLU C 105 79.21 -23.22 -19.88
CA GLU C 105 80.29 -23.26 -20.83
C GLU C 105 79.74 -23.54 -22.22
N ILE C 106 80.64 -23.52 -23.20
CA ILE C 106 80.26 -23.75 -24.59
C ILE C 106 80.71 -25.13 -25.03
N ALA D 27 29.76 44.96 16.79
CA ALA D 27 28.89 45.60 15.82
C ALA D 27 28.06 44.55 15.09
N TYR D 28 26.74 44.75 15.05
CA TYR D 28 25.82 43.82 14.42
C TYR D 28 24.90 44.58 13.48
N THR D 29 24.46 43.89 12.43
CA THR D 29 23.55 44.47 11.46
C THR D 29 22.51 43.42 11.06
N ASN D 30 21.54 43.84 10.26
CA ASN D 30 20.43 43.00 9.86
C ASN D 30 20.74 42.34 8.53
N SER D 31 20.55 41.02 8.46
CA SER D 31 20.81 40.28 7.23
C SER D 31 19.66 40.39 6.23
N PHE D 32 18.47 40.77 6.67
CA PHE D 32 17.31 40.88 5.80
C PHE D 32 16.96 39.52 5.20
N THR D 33 17.11 39.36 3.88
CA THR D 33 16.80 38.10 3.22
C THR D 33 17.94 37.67 2.30
N ARG D 34 19.16 38.04 2.67
CA ARG D 34 20.33 37.62 1.93
C ARG D 34 20.72 36.20 2.33
N GLY D 35 21.44 35.52 1.45
CA GLY D 35 22.01 34.23 1.76
C GLY D 35 21.28 33.04 1.17
N VAL D 36 20.28 33.24 0.31
CA VAL D 36 19.65 32.12 -0.36
C VAL D 36 20.54 31.64 -1.50
N TYR D 37 20.62 30.33 -1.67
CA TYR D 37 21.40 29.73 -2.73
C TYR D 37 20.60 28.62 -3.40
N TYR D 38 21.02 28.24 -4.59
CA TYR D 38 20.34 27.19 -5.33
C TYR D 38 20.57 25.85 -4.62
N PRO D 39 19.52 25.17 -4.16
CA PRO D 39 19.75 23.95 -3.36
C PRO D 39 20.27 22.77 -4.17
N ASP D 40 19.91 22.65 -5.43
CA ASP D 40 20.35 21.53 -6.25
C ASP D 40 20.62 22.04 -7.66
N LYS D 41 21.03 21.12 -8.53
CA LYS D 41 21.48 21.44 -9.87
C LYS D 41 20.38 21.27 -10.92
N VAL D 42 19.14 21.07 -10.51
CA VAL D 42 18.04 20.81 -11.42
C VAL D 42 17.40 22.12 -11.83
N PHE D 43 17.12 22.27 -13.11
CA PHE D 43 16.40 23.44 -13.59
C PHE D 43 14.92 23.30 -13.27
N ARG D 44 14.35 24.35 -12.70
CA ARG D 44 12.93 24.42 -12.39
C ARG D 44 12.39 25.75 -12.86
N SER D 45 11.12 25.77 -13.22
CA SER D 45 10.50 26.97 -13.76
C SER D 45 9.08 27.11 -13.26
N SER D 46 8.71 28.32 -12.88
CA SER D 46 7.35 28.63 -12.45
C SER D 46 6.83 27.60 -11.46
N VAL D 47 7.48 27.51 -10.30
CA VAL D 47 7.14 26.47 -9.33
C VAL D 47 7.54 26.99 -7.95
N LEU D 48 6.90 26.44 -6.93
CA LEU D 48 7.24 26.68 -5.54
C LEU D 48 7.80 25.38 -4.99
N HIS D 49 9.02 25.43 -4.50
CA HIS D 49 9.73 24.24 -4.06
C HIS D 49 10.16 24.39 -2.62
N SER D 50 9.80 23.43 -1.78
CA SER D 50 10.25 23.44 -0.39
C SER D 50 11.56 22.66 -0.27
N THR D 51 12.49 23.21 0.52
CA THR D 51 13.80 22.59 0.70
C THR D 51 14.23 22.74 2.14
N GLN D 52 14.59 21.63 2.76
CA GLN D 52 15.11 21.61 4.13
C GLN D 52 16.63 21.48 4.03
N ASP D 53 17.33 22.54 4.38
CA ASP D 53 18.79 22.57 4.25
C ASP D 53 19.35 23.47 5.34
N LEU D 54 20.59 23.92 5.16
CA LEU D 54 21.25 24.86 6.04
C LEU D 54 21.20 26.23 5.38
N PHE D 55 20.41 27.13 5.93
CA PHE D 55 20.18 28.44 5.36
C PHE D 55 20.47 29.52 6.41
N LEU D 56 20.88 30.68 5.94
CA LEU D 56 20.98 31.82 6.84
C LEU D 56 19.56 32.32 7.12
N PRO D 57 19.09 32.26 8.37
CA PRO D 57 17.71 32.68 8.64
C PRO D 57 17.48 34.14 8.28
N PHE D 58 16.26 34.44 7.86
CA PHE D 58 15.92 35.80 7.48
C PHE D 58 15.98 36.72 8.68
N PHE D 59 16.38 37.97 8.43
CA PHE D 59 16.44 39.01 9.46
C PHE D 59 17.31 38.56 10.63
N SER D 60 18.42 37.93 10.31
CA SER D 60 19.36 37.44 11.30
C SER D 60 20.34 38.55 11.68
N ASN D 61 21.16 38.28 12.69
CA ASN D 61 22.18 39.22 13.15
C ASN D 61 23.52 38.86 12.54
N VAL D 62 24.07 39.77 11.75
CA VAL D 62 25.34 39.58 11.06
C VAL D 62 26.39 40.40 11.78
N THR D 63 27.49 39.75 12.15
CA THR D 63 28.62 40.48 12.72
C THR D 63 29.33 41.25 11.63
N TRP D 64 29.43 42.56 11.81
CA TRP D 64 30.05 43.43 10.82
C TRP D 64 31.45 43.80 11.27
N PHE D 65 32.45 43.51 10.44
CA PHE D 65 33.83 43.88 10.68
C PHE D 65 34.26 44.87 9.61
N HIS D 66 34.87 45.97 10.05
CA HIS D 66 35.36 46.99 9.15
C HIS D 66 36.88 46.98 9.11
N VAL D 67 37.43 47.30 7.94
CA VAL D 67 38.87 47.35 7.76
C VAL D 67 39.21 48.56 6.90
N ASN D 79 40.62 41.30 11.81
CA ASN D 79 40.44 40.00 11.20
C ASN D 79 40.56 38.88 12.26
N PRO D 80 39.56 38.82 13.14
CA PRO D 80 39.56 37.83 14.22
C PRO D 80 39.19 36.42 13.74
N VAL D 81 39.49 35.45 14.59
CA VAL D 81 39.12 34.06 14.37
C VAL D 81 37.70 33.89 14.91
N LEU D 82 36.76 33.66 14.02
CA LEU D 82 35.37 33.41 14.37
C LEU D 82 35.07 31.93 14.32
N PRO D 83 34.03 31.47 15.02
CA PRO D 83 33.63 30.07 14.89
C PRO D 83 32.99 29.80 13.54
N PHE D 84 32.99 28.51 13.17
CA PHE D 84 32.33 28.05 11.95
C PHE D 84 30.95 27.48 12.21
N ASN D 85 30.74 26.88 13.38
CA ASN D 85 29.46 26.27 13.74
C ASN D 85 28.98 25.31 12.66
N ASP D 86 27.87 25.61 12.00
CA ASP D 86 27.28 24.71 11.01
C ASP D 86 27.29 25.31 9.61
N GLY D 87 28.29 26.13 9.31
CA GLY D 87 28.36 26.78 8.02
C GLY D 87 28.24 28.28 8.16
N VAL D 88 28.74 29.04 7.18
CA VAL D 88 28.88 30.47 7.31
C VAL D 88 28.45 31.17 6.03
N TYR D 89 27.82 32.33 6.19
CA TYR D 89 27.59 33.27 5.13
C TYR D 89 28.55 34.44 5.29
N PHE D 90 29.21 34.82 4.20
CA PHE D 90 30.25 35.85 4.27
C PHE D 90 30.03 36.81 3.11
N ALA D 91 29.71 38.06 3.44
CA ALA D 91 29.54 39.08 2.43
C ALA D 91 30.66 40.11 2.54
N SER D 92 31.00 40.72 1.41
CA SER D 92 32.06 41.71 1.35
C SER D 92 31.61 42.81 0.41
N ILE D 93 31.41 44.01 0.95
CA ILE D 93 31.19 45.20 0.15
C ILE D 93 32.52 45.94 0.10
N GLU D 94 33.03 46.19 -1.09
CA GLU D 94 34.33 46.84 -1.20
C GLU D 94 34.47 47.40 -2.61
N LYS D 95 35.63 47.99 -2.89
CA LYS D 95 35.95 48.42 -4.25
C LYS D 95 37.41 48.15 -4.59
N SER D 96 38.15 47.55 -3.67
CA SER D 96 39.60 47.44 -3.80
C SER D 96 40.13 46.02 -3.75
N ASN D 97 39.32 45.03 -3.38
CA ASN D 97 39.79 43.65 -3.29
C ASN D 97 40.83 43.47 -2.18
N ILE D 98 40.47 43.87 -0.95
CA ILE D 98 41.34 43.70 0.20
C ILE D 98 41.11 42.34 0.85
N ILE D 99 39.87 41.87 0.81
CA ILE D 99 39.50 40.57 1.38
C ILE D 99 39.60 39.54 0.26
N ARG D 100 40.62 38.69 0.32
CA ARG D 100 40.86 37.74 -0.75
C ARG D 100 41.31 36.37 -0.22
N GLY D 101 40.66 35.87 0.81
CA GLY D 101 40.94 34.50 1.23
C GLY D 101 40.45 34.22 2.63
N TRP D 102 40.58 32.95 3.01
CA TRP D 102 40.16 32.46 4.32
C TRP D 102 41.01 31.26 4.71
N ILE D 103 41.08 31.02 6.01
CA ILE D 103 41.58 29.77 6.57
C ILE D 103 40.47 29.15 7.41
N PHE D 104 40.39 27.83 7.37
CA PHE D 104 39.39 27.05 8.10
C PHE D 104 40.10 25.94 8.85
N GLY D 105 39.61 25.61 10.04
CA GLY D 105 40.17 24.49 10.77
C GLY D 105 39.57 24.33 12.15
N THR D 106 40.28 23.63 13.04
CA THR D 106 39.87 23.52 14.44
C THR D 106 40.87 24.22 15.34
N THR D 107 42.14 23.82 15.33
CA THR D 107 43.16 24.48 16.12
C THR D 107 43.95 25.50 15.32
N LEU D 108 43.99 25.35 13.99
CA LEU D 108 44.76 26.20 13.10
C LEU D 108 46.25 26.14 13.39
N ASP D 109 46.69 25.12 14.12
CA ASP D 109 48.10 24.87 14.38
C ASP D 109 48.59 23.76 13.47
N SER D 110 49.84 23.36 13.67
CA SER D 110 50.47 22.33 12.86
C SER D 110 50.13 20.93 13.33
N LYS D 111 49.34 20.78 14.38
CA LYS D 111 48.94 19.49 14.91
C LYS D 111 47.59 19.04 14.35
N THR D 112 47.05 19.75 13.38
CA THR D 112 45.75 19.44 12.81
C THR D 112 45.72 19.93 11.37
N GLN D 113 44.94 19.23 10.54
CA GLN D 113 44.81 19.63 9.15
C GLN D 113 43.89 20.84 9.03
N SER D 114 44.26 21.76 8.15
CA SER D 114 43.52 23.00 7.96
C SER D 114 43.39 23.27 6.46
N LEU D 115 42.36 24.05 6.12
CA LEU D 115 42.05 24.42 4.75
C LEU D 115 42.38 25.89 4.54
N LEU D 116 42.93 26.21 3.37
CA LEU D 116 43.33 27.57 3.03
C LEU D 116 42.82 27.86 1.62
N ILE D 117 41.99 28.89 1.50
CA ILE D 117 41.52 29.39 0.21
C ILE D 117 42.14 30.76 0.03
N VAL D 118 42.86 30.97 -1.07
CA VAL D 118 43.56 32.23 -1.29
C VAL D 118 43.40 32.62 -2.76
N ASN D 119 42.75 33.75 -3.00
CA ASN D 119 42.72 34.33 -4.33
C ASN D 119 43.99 35.13 -4.56
N ASN D 120 44.47 35.13 -5.80
CA ASN D 120 45.65 35.90 -6.17
C ASN D 120 45.37 36.73 -7.41
N ALA D 121 46.42 37.32 -7.99
CA ALA D 121 46.21 38.21 -9.13
C ALA D 121 45.40 37.55 -10.24
N THR D 122 45.59 36.25 -10.46
CA THR D 122 44.94 35.59 -11.58
C THR D 122 44.42 34.19 -11.27
N ASN D 123 44.44 33.75 -10.02
CA ASN D 123 44.07 32.37 -9.70
C ASN D 123 43.61 32.27 -8.26
N VAL D 124 42.87 31.20 -7.99
CA VAL D 124 42.49 30.81 -6.64
C VAL D 124 43.20 29.50 -6.34
N VAL D 125 43.92 29.48 -5.22
CA VAL D 125 44.64 28.29 -4.77
C VAL D 125 43.97 27.80 -3.49
N ILE D 126 43.64 26.52 -3.46
CA ILE D 126 42.99 25.90 -2.30
C ILE D 126 43.87 24.74 -1.86
N LYS D 127 44.23 24.73 -0.59
CA LYS D 127 45.15 23.74 -0.05
C LYS D 127 44.61 23.20 1.27
N VAL D 128 44.90 21.94 1.54
CA VAL D 128 44.58 21.33 2.82
C VAL D 128 45.86 20.70 3.33
N CYS D 129 46.39 21.25 4.42
CA CYS D 129 47.66 20.80 4.97
C CYS D 129 47.69 21.13 6.46
N GLU D 130 48.67 20.55 7.16
CA GLU D 130 48.91 20.88 8.56
C GLU D 130 49.64 22.22 8.66
N PHE D 131 48.93 23.28 8.27
CA PHE D 131 49.48 24.63 8.31
C PHE D 131 49.82 25.03 9.75
N GLN D 132 50.91 25.78 9.89
CA GLN D 132 51.21 26.50 11.13
C GLN D 132 50.92 27.98 10.85
N PHE D 133 49.67 28.37 11.06
CA PHE D 133 49.26 29.72 10.72
C PHE D 133 49.87 30.74 11.68
N CYS D 134 50.08 31.94 11.19
CA CYS D 134 50.70 33.00 11.97
C CYS D 134 49.68 33.61 12.94
N ASN D 135 50.18 34.40 13.89
CA ASN D 135 49.30 35.10 14.82
C ASN D 135 48.28 35.94 14.05
N ASP D 136 48.75 36.75 13.12
CA ASP D 136 47.91 37.58 12.26
C ASP D 136 48.28 37.27 10.81
N PRO D 137 47.62 36.31 10.18
CA PRO D 137 47.95 35.99 8.78
C PRO D 137 47.41 37.05 7.83
N PHE D 138 48.21 37.38 6.81
CA PHE D 138 47.80 38.33 5.79
C PHE D 138 48.84 38.34 4.67
N ARG D 153 52.80 35.46 2.79
CA ARG D 153 53.12 34.90 4.09
C ARG D 153 51.88 34.81 4.98
N VAL D 154 51.38 33.59 5.17
CA VAL D 154 50.22 33.34 6.01
C VAL D 154 50.52 32.21 6.99
N TYR D 155 51.53 31.40 6.69
CA TYR D 155 51.86 30.23 7.49
C TYR D 155 53.35 29.99 7.47
N SER D 156 53.84 29.29 8.48
CA SER D 156 55.26 28.95 8.58
C SER D 156 55.56 27.59 7.94
N SER D 157 54.82 26.55 8.34
CA SER D 157 55.04 25.20 7.87
C SER D 157 53.83 24.71 7.07
N ALA D 158 54.08 23.74 6.19
CA ALA D 158 53.04 23.21 5.32
C ALA D 158 53.15 21.69 5.18
N ASN D 159 53.58 21.00 6.23
CA ASN D 159 53.86 19.58 6.13
C ASN D 159 52.57 18.77 5.90
N ASN D 160 52.75 17.60 5.30
CA ASN D 160 51.69 16.62 5.12
C ASN D 160 50.44 17.22 4.48
N CYS D 161 50.56 17.73 3.25
CA CYS D 161 49.40 18.23 2.53
C CYS D 161 48.52 17.06 2.11
N THR D 162 47.25 17.35 1.80
CA THR D 162 46.30 16.29 1.50
C THR D 162 45.57 16.58 0.20
N PHE D 163 45.44 17.85 -0.17
CA PHE D 163 44.59 18.23 -1.29
C PHE D 163 45.00 19.61 -1.78
N GLU D 164 45.10 19.78 -3.09
CA GLU D 164 45.38 21.07 -3.69
C GLU D 164 44.55 21.23 -4.95
N TYR D 165 44.09 22.45 -5.19
CA TYR D 165 43.20 22.73 -6.32
C TYR D 165 43.42 24.18 -6.75
N VAL D 166 43.75 24.38 -8.02
CA VAL D 166 44.02 25.71 -8.55
C VAL D 166 43.05 25.99 -9.67
N SER D 167 42.42 27.16 -9.63
CA SER D 167 41.42 27.50 -10.63
C SER D 167 41.40 29.01 -10.82
N GLN D 168 40.33 29.52 -11.44
CA GLN D 168 40.19 30.94 -11.68
C GLN D 168 38.72 31.36 -11.61
N LYS D 182 31.51 50.08 -6.17
CA LYS D 182 31.28 49.25 -5.00
C LYS D 182 30.66 47.91 -5.41
N ASN D 183 31.41 46.84 -5.23
CA ASN D 183 30.97 45.49 -5.56
C ASN D 183 30.70 44.72 -4.28
N LEU D 184 29.59 43.98 -4.28
CA LEU D 184 29.20 43.08 -3.20
C LEU D 184 29.47 41.66 -3.64
N ARG D 185 30.28 40.94 -2.87
CA ARG D 185 30.58 39.54 -3.14
C ARG D 185 30.09 38.71 -1.96
N GLU D 186 29.18 37.77 -2.23
CA GLU D 186 28.60 36.92 -1.21
C GLU D 186 29.05 35.49 -1.41
N PHE D 187 29.33 34.82 -0.30
CA PHE D 187 29.74 33.42 -0.30
C PHE D 187 28.97 32.69 0.77
N VAL D 188 28.76 31.40 0.54
CA VAL D 188 28.24 30.49 1.55
C VAL D 188 29.19 29.30 1.60
N PHE D 189 29.65 28.99 2.82
CA PHE D 189 30.61 27.91 3.06
C PHE D 189 29.92 26.86 3.93
N LYS D 190 29.92 25.62 3.47
CA LYS D 190 29.35 24.50 4.19
C LYS D 190 30.34 23.36 4.22
N ASN D 191 30.29 22.54 5.28
CA ASN D 191 31.19 21.40 5.44
C ASN D 191 30.35 20.19 5.80
N ILE D 192 29.95 19.41 4.79
CA ILE D 192 29.02 18.30 4.99
C ILE D 192 29.56 17.06 4.31
N ASP D 193 29.57 15.95 5.03
CA ASP D 193 29.89 14.63 4.49
C ASP D 193 31.23 14.65 3.77
N GLY D 194 32.21 15.31 4.38
CA GLY D 194 33.56 15.36 3.87
C GLY D 194 33.78 16.35 2.77
N TYR D 195 32.75 17.04 2.29
CA TYR D 195 32.86 17.98 1.19
C TYR D 195 32.63 19.41 1.68
N PHE D 196 33.51 20.30 1.26
CA PHE D 196 33.41 21.73 1.50
C PHE D 196 32.69 22.34 0.31
N LYS D 197 31.44 22.76 0.52
CA LYS D 197 30.63 23.35 -0.53
C LYS D 197 30.73 24.86 -0.45
N ILE D 198 30.96 25.49 -1.60
CA ILE D 198 31.04 26.94 -1.71
C ILE D 198 30.05 27.38 -2.76
N TYR D 199 29.13 28.27 -2.37
CA TYR D 199 28.26 28.99 -3.28
C TYR D 199 28.63 30.46 -3.26
N SER D 200 28.30 31.17 -4.33
CA SER D 200 28.76 32.54 -4.45
C SER D 200 27.83 33.35 -5.33
N LYS D 201 27.98 34.66 -5.23
CA LYS D 201 27.25 35.60 -6.09
C LYS D 201 27.98 36.93 -6.01
N HIS D 202 27.94 37.67 -7.09
CA HIS D 202 28.63 38.96 -7.21
C HIS D 202 27.68 39.96 -7.82
N THR D 203 27.53 41.11 -7.18
CA THR D 203 26.71 42.18 -7.68
C THR D 203 27.47 43.51 -7.64
N PRO D 204 27.00 44.50 -8.38
CA PRO D 204 27.61 45.79 -8.41
C PRO D 204 27.17 46.87 -7.42
N ILE D 205 26.44 46.51 -6.36
CA ILE D 205 25.91 47.46 -5.37
C ILE D 205 26.38 48.90 -5.58
N ASP D 212 23.07 50.07 4.94
CA ASP D 212 23.15 48.68 5.38
C ASP D 212 23.23 47.74 4.18
N LEU D 213 23.44 46.44 4.44
CA LEU D 213 23.51 45.47 3.37
C LEU D 213 22.23 45.56 2.54
N PRO D 214 22.30 45.42 1.22
CA PRO D 214 21.11 45.64 0.39
C PRO D 214 19.93 44.80 0.83
N GLN D 215 18.73 45.12 0.35
CA GLN D 215 17.52 44.42 0.74
C GLN D 215 16.86 43.71 -0.45
N GLY D 216 17.59 43.54 -1.54
CA GLY D 216 17.08 42.78 -2.65
C GLY D 216 17.15 41.28 -2.41
N PHE D 217 16.58 40.52 -3.33
CA PHE D 217 16.70 39.07 -3.31
C PHE D 217 17.65 38.64 -4.43
N SER D 218 18.65 37.86 -4.05
CA SER D 218 19.68 37.41 -5.00
C SER D 218 20.17 36.05 -4.55
N ALA D 219 19.94 35.04 -5.37
CA ALA D 219 20.28 33.67 -5.02
C ALA D 219 21.73 33.35 -5.40
N LEU D 220 22.44 32.68 -4.51
CA LEU D 220 23.82 32.31 -4.75
C LEU D 220 23.87 31.02 -5.57
N GLU D 221 24.68 31.03 -6.56
CA GLU D 221 24.83 29.85 -7.40
C GLU D 221 25.97 28.98 -6.89
N PRO D 222 25.90 27.66 -7.10
CA PRO D 222 26.99 26.79 -6.66
C PRO D 222 28.29 27.16 -7.34
N LEU D 223 29.38 27.14 -6.57
CA LEU D 223 30.71 27.47 -7.07
C LEU D 223 31.63 26.26 -7.11
N VAL D 224 31.75 25.52 -6.02
CA VAL D 224 32.58 24.32 -6.06
C VAL D 224 32.35 23.45 -4.83
N ASP D 225 32.43 22.13 -5.01
CA ASP D 225 32.43 21.18 -3.90
C ASP D 225 33.80 20.52 -3.84
N LEU D 226 34.50 20.70 -2.72
CA LEU D 226 35.86 20.21 -2.58
C LEU D 226 35.89 19.01 -1.65
N PRO D 227 36.52 17.89 -2.03
CA PRO D 227 36.59 16.71 -1.14
C PRO D 227 37.71 16.81 -0.12
N ILE D 228 37.53 17.68 0.88
CA ILE D 228 38.61 18.03 1.79
C ILE D 228 38.71 17.03 2.94
N GLY D 229 37.58 16.58 3.46
CA GLY D 229 37.58 15.55 4.48
C GLY D 229 38.23 15.91 5.80
N ILE D 230 38.06 17.15 6.28
CA ILE D 230 38.61 17.57 7.56
C ILE D 230 37.48 18.08 8.45
N ASN D 231 37.82 18.31 9.71
CA ASN D 231 36.92 18.90 10.70
C ASN D 231 37.22 20.39 10.78
N ILE D 232 36.18 21.21 10.66
CA ILE D 232 36.31 22.66 10.73
C ILE D 232 35.42 23.18 11.85
N THR D 233 35.98 24.00 12.73
CA THR D 233 35.24 24.64 13.80
C THR D 233 35.39 26.15 13.80
N ARG D 234 36.50 26.68 13.30
CA ARG D 234 36.76 28.10 13.31
C ARG D 234 37.39 28.49 11.97
N PHE D 235 37.33 29.78 11.67
CA PHE D 235 37.89 30.28 10.43
C PHE D 235 38.31 31.73 10.63
N GLN D 236 39.10 32.21 9.69
CA GLN D 236 39.61 33.57 9.72
C GLN D 236 39.72 34.06 8.29
N THR D 237 39.66 35.37 8.13
CA THR D 237 39.75 35.98 6.81
C THR D 237 41.16 36.50 6.57
N LEU D 238 41.59 36.44 5.30
CA LEU D 238 42.92 36.89 4.89
C LEU D 238 42.77 38.22 4.15
N LEU D 239 43.16 39.30 4.82
CA LEU D 239 43.09 40.62 4.21
C LEU D 239 44.50 41.14 3.92
N ALA D 261 32.06 46.66 4.75
CA ALA D 261 33.35 45.98 4.82
C ALA D 261 33.18 44.48 4.64
N TYR D 262 33.13 43.71 5.73
CA TYR D 262 32.80 42.30 5.58
C TYR D 262 31.92 41.82 6.75
N TYR D 263 30.92 41.01 6.40
CA TYR D 263 29.86 40.61 7.30
C TYR D 263 29.79 39.09 7.38
N VAL D 264 29.58 38.57 8.57
CA VAL D 264 29.57 37.13 8.83
C VAL D 264 28.26 36.76 9.50
N GLY D 265 27.54 35.80 8.92
CA GLY D 265 26.34 35.25 9.50
C GLY D 265 26.43 33.74 9.57
N TYR D 266 25.57 33.08 10.35
CA TYR D 266 25.70 31.65 10.60
C TYR D 266 24.48 30.91 10.09
N LEU D 267 24.71 29.86 9.32
CA LEU D 267 23.64 29.05 8.78
C LEU D 267 23.00 28.22 9.89
N GLN D 268 21.70 27.98 9.75
CA GLN D 268 20.95 27.16 10.66
C GLN D 268 20.13 26.15 9.87
N PRO D 269 19.78 25.01 10.45
CA PRO D 269 18.90 24.06 9.77
C PRO D 269 17.49 24.62 9.67
N ARG D 270 17.04 24.86 8.44
CA ARG D 270 15.75 25.49 8.21
C ARG D 270 15.11 24.89 6.97
N THR D 271 13.79 25.02 6.90
CA THR D 271 13.04 24.78 5.68
C THR D 271 12.74 26.13 5.04
N PHE D 272 13.04 26.25 3.75
CA PHE D 272 12.72 27.44 2.99
C PHE D 272 11.79 27.06 1.85
N LEU D 273 10.84 27.93 1.56
CA LEU D 273 10.01 27.80 0.38
C LEU D 273 10.52 28.74 -0.70
N LEU D 274 11.00 28.19 -1.81
CA LEU D 274 11.64 28.94 -2.87
C LEU D 274 10.69 29.11 -4.04
N LYS D 275 10.73 30.28 -4.67
CA LYS D 275 9.91 30.57 -5.82
C LYS D 275 10.81 30.66 -7.04
N TYR D 276 10.52 29.85 -8.06
CA TYR D 276 11.25 29.92 -9.32
C TYR D 276 10.44 30.70 -10.34
N ASN D 277 11.14 31.55 -11.07
CA ASN D 277 10.53 32.38 -12.10
C ASN D 277 10.25 31.52 -13.33
N GLU D 278 9.85 32.14 -14.43
CA GLU D 278 9.62 31.43 -15.69
C GLU D 278 10.80 31.55 -16.63
N ASN D 279 11.32 32.76 -16.80
CA ASN D 279 12.56 32.95 -17.56
C ASN D 279 13.72 32.31 -16.81
N GLY D 280 13.44 31.78 -15.61
CA GLY D 280 14.35 30.88 -14.92
C GLY D 280 15.19 31.56 -13.87
N THR D 281 14.76 31.51 -12.61
CA THR D 281 15.51 32.14 -11.52
C THR D 281 14.80 31.96 -10.18
N ILE D 282 15.55 31.97 -9.09
CA ILE D 282 14.96 32.07 -7.75
C ILE D 282 14.77 33.56 -7.45
N THR D 283 13.51 33.98 -7.29
CA THR D 283 13.18 35.38 -7.13
C THR D 283 12.59 35.73 -5.77
N ASP D 284 12.24 34.75 -4.95
CA ASP D 284 11.76 35.05 -3.61
C ASP D 284 11.76 33.77 -2.80
N ALA D 285 11.76 33.93 -1.48
CA ALA D 285 11.77 32.78 -0.58
C ALA D 285 11.06 33.14 0.71
N VAL D 286 10.63 32.09 1.41
CA VAL D 286 9.97 32.20 2.70
C VAL D 286 10.76 31.37 3.70
N ASP D 287 11.08 31.98 4.84
CA ASP D 287 11.76 31.31 5.94
C ASP D 287 10.70 30.76 6.88
N CYS D 288 10.46 29.46 6.82
CA CYS D 288 9.32 28.86 7.50
C CYS D 288 9.37 29.05 9.01
N ALA D 289 10.56 29.18 9.60
CA ALA D 289 10.70 29.33 11.03
C ALA D 289 10.74 30.78 11.47
N LEU D 290 10.57 31.73 10.56
CA LEU D 290 10.67 33.13 10.93
C LEU D 290 9.58 33.53 11.91
N ASP D 291 8.32 33.23 11.59
CA ASP D 291 7.20 33.74 12.36
C ASP D 291 5.94 32.98 11.94
N PRO D 292 4.81 33.21 12.62
CA PRO D 292 3.58 32.46 12.29
C PRO D 292 3.09 32.61 10.86
N LEU D 293 3.18 33.80 10.27
CA LEU D 293 2.74 33.96 8.90
C LEU D 293 3.60 33.13 7.94
N SER D 294 4.91 33.09 8.17
CA SER D 294 5.78 32.27 7.35
C SER D 294 5.47 30.79 7.53
N GLU D 295 5.14 30.37 8.76
CA GLU D 295 4.73 29.00 8.99
C GLU D 295 3.48 28.67 8.18
N THR D 296 2.51 29.59 8.16
CA THR D 296 1.31 29.38 7.37
C THR D 296 1.64 29.29 5.88
N LYS D 297 2.52 30.17 5.39
CA LYS D 297 2.87 30.13 3.98
C LYS D 297 3.56 28.83 3.61
N CYS D 298 4.45 28.33 4.46
CA CYS D 298 5.10 27.05 4.20
C CYS D 298 4.18 25.87 4.39
N THR D 299 3.09 26.02 5.14
CA THR D 299 2.13 24.92 5.28
C THR D 299 1.25 24.79 4.04
N LEU D 300 0.89 25.90 3.40
CA LEU D 300 0.08 25.87 2.19
C LEU D 300 0.90 25.84 0.91
N LYS D 301 2.23 25.93 1.01
CA LYS D 301 3.12 26.01 -0.14
C LYS D 301 2.63 27.08 -1.11
N SER D 302 2.44 28.28 -0.58
CA SER D 302 2.06 29.43 -1.39
C SER D 302 2.65 30.67 -0.75
N PHE D 303 2.77 31.73 -1.56
CA PHE D 303 3.27 33.00 -1.08
C PHE D 303 2.16 33.99 -0.77
N THR D 304 0.91 33.63 -1.06
CA THR D 304 -0.24 34.47 -0.77
C THR D 304 -1.27 33.65 0.00
N VAL D 305 -1.76 34.21 1.11
CA VAL D 305 -2.73 33.53 1.96
C VAL D 305 -4.00 34.34 1.96
N GLU D 306 -5.13 33.67 1.76
CA GLU D 306 -6.42 34.32 1.85
C GLU D 306 -6.82 34.49 3.31
N LYS D 307 -7.86 35.29 3.52
CA LYS D 307 -8.35 35.52 4.87
C LYS D 307 -8.89 34.22 5.46
N GLY D 308 -8.58 33.98 6.73
CA GLY D 308 -9.11 32.82 7.42
C GLY D 308 -8.19 32.36 8.53
N ILE D 309 -8.51 31.19 9.05
CA ILE D 309 -7.75 30.54 10.11
C ILE D 309 -7.19 29.24 9.58
N TYR D 310 -5.89 29.04 9.75
CA TYR D 310 -5.19 27.91 9.16
C TYR D 310 -4.46 27.12 10.23
N GLN D 311 -4.61 25.80 10.19
CA GLN D 311 -3.81 24.92 11.03
C GLN D 311 -2.47 24.68 10.34
N THR D 312 -1.38 24.97 11.03
CA THR D 312 -0.06 24.89 10.45
C THR D 312 0.65 23.61 10.88
N SER D 313 1.65 23.23 10.11
CA SER D 313 2.58 22.20 10.52
C SER D 313 3.77 22.84 11.22
N ASN D 314 4.36 22.11 12.16
CA ASN D 314 5.44 22.65 12.98
C ASN D 314 6.72 22.76 12.16
N PHE D 315 7.12 23.99 11.84
CA PHE D 315 8.40 24.25 11.20
C PHE D 315 9.41 24.84 12.16
N ARG D 316 9.12 24.86 13.46
CA ARG D 316 10.03 25.36 14.48
C ARG D 316 10.79 24.16 15.03
N VAL D 317 11.99 23.93 14.50
CA VAL D 317 12.76 22.74 14.83
C VAL D 317 13.69 23.06 15.99
N GLN D 318 13.64 22.21 17.04
CA GLN D 318 14.48 22.39 18.22
C GLN D 318 15.47 21.25 18.33
N PRO D 319 16.68 21.49 18.83
CA PRO D 319 17.64 20.40 19.02
C PRO D 319 17.29 19.54 20.21
N THR D 320 17.88 18.35 20.24
CA THR D 320 17.70 17.40 21.33
C THR D 320 19.04 16.71 21.60
N GLU D 321 19.33 16.48 22.88
CA GLU D 321 20.52 15.76 23.29
C GLU D 321 20.13 14.34 23.71
N SER D 322 21.15 13.51 23.95
CA SER D 322 20.95 12.10 24.23
C SER D 322 21.36 11.78 25.66
N ILE D 323 20.60 10.87 26.27
CA ILE D 323 20.88 10.39 27.62
C ILE D 323 20.65 8.87 27.68
N VAL D 324 21.66 8.14 28.10
CA VAL D 324 21.55 6.70 28.30
C VAL D 324 21.52 6.42 29.79
N ARG D 325 20.64 5.52 30.22
CA ARG D 325 20.52 5.17 31.63
C ARG D 325 20.38 3.66 31.73
N PHE D 326 21.40 3.02 32.25
CA PHE D 326 21.47 1.58 32.46
C PHE D 326 21.63 1.29 33.94
N PRO D 327 21.35 0.06 34.36
CA PRO D 327 21.44 -0.25 35.78
C PRO D 327 22.87 -0.15 36.28
N ASN D 328 23.01 0.41 37.48
CA ASN D 328 24.28 0.46 38.21
C ASN D 328 24.95 -0.91 38.14
N ILE D 329 26.12 -0.96 37.51
CA ILE D 329 26.66 -2.20 36.93
C ILE D 329 26.78 -3.33 37.94
N THR D 330 27.68 -3.19 38.91
CA THR D 330 27.87 -4.22 39.94
C THR D 330 28.27 -5.54 39.30
N ASN D 331 28.67 -6.52 40.12
CA ASN D 331 28.90 -7.89 39.67
C ASN D 331 29.89 -7.94 38.52
N LEU D 332 31.11 -7.47 38.75
CA LEU D 332 32.15 -7.50 37.72
C LEU D 332 32.70 -8.92 37.61
N CYS D 333 33.03 -9.32 36.38
CA CYS D 333 33.48 -10.68 36.11
C CYS D 333 34.79 -10.94 36.83
N PRO D 334 35.04 -12.17 37.30
CA PRO D 334 36.30 -12.50 37.98
C PRO D 334 37.48 -12.61 37.02
N PHE D 335 37.74 -11.55 36.28
CA PHE D 335 38.90 -11.51 35.40
C PHE D 335 40.18 -11.13 36.11
N ASP D 336 40.10 -10.64 37.35
CA ASP D 336 41.29 -10.25 38.08
C ASP D 336 42.10 -11.49 38.43
N GLU D 337 41.43 -12.65 38.55
CA GLU D 337 42.10 -13.88 38.91
C GLU D 337 42.79 -14.57 37.74
N VAL D 338 42.51 -14.19 36.51
CA VAL D 338 43.12 -14.79 35.33
C VAL D 338 44.26 -13.96 34.77
N PHE D 339 44.44 -12.73 35.25
CA PHE D 339 45.48 -11.86 34.75
C PHE D 339 46.45 -11.40 35.83
N ASN D 340 46.26 -11.81 37.08
CA ASN D 340 47.23 -11.56 38.13
C ASN D 340 47.54 -12.79 38.98
N ALA D 341 47.07 -13.97 38.58
CA ALA D 341 47.42 -15.19 39.30
C ALA D 341 48.93 -15.37 39.32
N THR D 342 49.45 -15.82 40.47
CA THR D 342 50.89 -15.89 40.67
C THR D 342 51.59 -16.78 39.65
N ARG D 343 51.22 -18.06 39.59
CA ARG D 343 51.83 -19.00 38.67
C ARG D 343 50.78 -19.50 37.69
N PHE D 344 51.05 -19.33 36.40
CA PHE D 344 50.14 -19.83 35.37
C PHE D 344 50.42 -21.30 35.07
N ALA D 345 49.46 -21.93 34.41
CA ALA D 345 49.59 -23.35 34.07
C ALA D 345 50.66 -23.51 32.98
N SER D 346 50.86 -24.76 32.54
CA SER D 346 51.79 -25.08 31.47
C SER D 346 50.96 -25.49 30.25
N VAL D 347 51.42 -25.07 29.08
CA VAL D 347 50.60 -25.10 27.86
C VAL D 347 49.94 -26.47 27.68
N TYR D 348 50.68 -27.55 27.98
CA TYR D 348 50.08 -28.88 27.86
C TYR D 348 49.00 -29.09 28.90
N ALA D 349 49.25 -28.68 30.14
CA ALA D 349 48.25 -28.77 31.21
C ALA D 349 47.50 -27.44 31.35
N TRP D 350 46.98 -26.96 30.23
CA TRP D 350 46.38 -25.63 30.19
C TRP D 350 45.04 -25.62 30.91
N ASN D 351 44.72 -24.48 31.52
CA ASN D 351 43.52 -24.29 32.31
C ASN D 351 42.37 -23.79 31.46
N ARG D 352 41.16 -23.94 31.99
CA ARG D 352 39.95 -23.48 31.31
C ARG D 352 38.94 -23.01 32.36
N LYS D 353 38.81 -21.70 32.52
CA LYS D 353 37.81 -21.11 33.40
C LYS D 353 36.56 -20.78 32.56
N ARG D 354 35.42 -20.65 33.25
CA ARG D 354 34.12 -20.58 32.59
C ARG D 354 33.47 -19.28 33.06
N ILE D 355 34.08 -18.12 32.80
CA ILE D 355 33.51 -16.89 33.33
C ILE D 355 32.10 -16.70 32.77
N SER D 356 31.11 -16.58 33.66
CA SER D 356 29.72 -16.41 33.26
C SER D 356 28.95 -15.67 34.33
N ASN D 357 27.81 -15.12 33.94
CA ASN D 357 26.90 -14.38 34.83
C ASN D 357 27.62 -13.23 35.53
N CYS D 358 28.17 -12.33 34.72
CA CYS D 358 28.87 -11.17 35.28
C CYS D 358 29.13 -10.17 34.16
N VAL D 359 29.66 -9.01 34.57
CA VAL D 359 30.03 -7.93 33.65
C VAL D 359 31.54 -7.99 33.44
N ALA D 360 31.95 -8.06 32.17
CA ALA D 360 33.35 -8.28 31.82
C ALA D 360 33.90 -7.00 31.20
N ASP D 361 34.60 -6.20 32.01
CA ASP D 361 35.27 -5.01 31.52
C ASP D 361 36.58 -5.37 30.83
N TYR D 362 36.52 -5.62 29.53
CA TYR D 362 37.73 -5.92 28.78
C TYR D 362 38.62 -4.70 28.60
N SER D 363 38.08 -3.49 28.80
CA SER D 363 38.89 -2.28 28.67
C SER D 363 39.93 -2.19 29.78
N VAL D 364 39.75 -2.94 30.86
CA VAL D 364 40.73 -2.95 31.94
C VAL D 364 42.08 -3.43 31.42
N LEU D 365 42.09 -4.06 30.25
CA LEU D 365 43.33 -4.35 29.54
C LEU D 365 43.81 -3.07 28.86
N TYR D 366 44.78 -3.19 27.98
CA TYR D 366 45.45 -2.02 27.39
C TYR D 366 46.38 -1.38 28.42
N ASN D 367 46.35 -1.85 29.66
CA ASN D 367 47.27 -1.44 30.70
C ASN D 367 48.15 -2.59 31.16
N LEU D 368 48.10 -3.73 30.48
CA LEU D 368 48.85 -4.92 30.86
C LEU D 368 50.33 -4.75 30.52
N PHE D 374 47.17 -8.40 22.19
CA PHE D 374 45.72 -8.28 22.25
C PHE D 374 45.09 -8.57 20.89
N LYS D 375 45.43 -9.72 20.31
CA LYS D 375 44.97 -10.05 18.97
C LYS D 375 43.62 -10.75 19.06
N CYS D 376 42.57 -10.10 18.57
CA CYS D 376 41.22 -10.65 18.61
C CYS D 376 40.77 -11.10 17.24
N TYR D 377 40.24 -12.32 17.19
CA TYR D 377 39.76 -12.95 15.97
C TYR D 377 38.27 -13.22 16.08
N GLY D 378 37.60 -13.10 14.94
CA GLY D 378 36.16 -13.29 14.88
C GLY D 378 35.42 -12.23 15.67
N VAL D 379 36.14 -11.17 16.06
CA VAL D 379 35.57 -10.10 16.85
C VAL D 379 36.55 -8.93 16.83
N SER D 380 36.05 -7.72 17.05
CA SER D 380 36.91 -6.55 17.16
C SER D 380 36.97 -6.08 18.60
N PRO D 381 38.11 -5.58 19.07
CA PRO D 381 38.20 -5.17 20.49
C PRO D 381 37.22 -4.09 20.88
N THR D 382 36.85 -3.19 19.97
CA THR D 382 36.00 -2.07 20.31
C THR D 382 34.54 -2.46 20.51
N LYS D 383 34.09 -3.54 19.89
CA LYS D 383 32.72 -4.00 20.07
C LYS D 383 32.58 -4.99 21.22
N LEU D 384 33.69 -5.46 21.80
CA LEU D 384 33.63 -6.48 22.84
C LEU D 384 32.69 -6.08 23.98
N ASN D 385 32.66 -4.80 24.32
CA ASN D 385 31.86 -4.34 25.44
C ASN D 385 30.37 -4.50 25.16
N ASP D 386 29.91 -4.02 24.01
CA ASP D 386 28.47 -4.04 23.71
C ASP D 386 28.03 -5.40 23.18
N LEU D 387 28.89 -6.40 23.25
CA LEU D 387 28.53 -7.78 22.95
C LEU D 387 28.28 -8.58 24.21
N CYS D 388 27.66 -9.75 24.01
CA CYS D 388 27.32 -10.64 25.10
C CYS D 388 27.54 -12.08 24.64
N PHE D 389 27.73 -12.97 25.60
CA PHE D 389 28.06 -14.35 25.32
C PHE D 389 27.47 -15.22 26.43
N THR D 390 27.46 -16.54 26.19
CA THR D 390 26.91 -17.45 27.18
C THR D 390 27.91 -17.69 28.31
N ASN D 391 29.17 -17.96 27.95
CA ASN D 391 30.21 -18.17 28.96
C ASN D 391 31.56 -18.00 28.26
N VAL D 392 32.30 -16.97 28.66
CA VAL D 392 33.61 -16.76 28.07
C VAL D 392 34.56 -17.76 28.71
N TYR D 393 35.18 -18.60 27.90
CA TYR D 393 36.09 -19.64 28.39
C TYR D 393 37.51 -19.08 28.38
N ALA D 394 38.03 -18.80 29.57
CA ALA D 394 39.33 -18.16 29.74
C ALA D 394 40.36 -19.24 30.05
N ASP D 395 41.13 -19.63 29.02
CA ASP D 395 42.28 -20.50 29.20
C ASP D 395 43.50 -19.63 29.44
N SER D 396 44.46 -20.15 30.21
CA SER D 396 45.66 -19.41 30.53
C SER D 396 46.86 -20.36 30.57
N PHE D 397 48.00 -19.87 30.11
CA PHE D 397 49.21 -20.69 30.11
C PHE D 397 50.41 -19.79 29.82
N VAL D 398 51.58 -20.42 29.68
CA VAL D 398 52.84 -19.70 29.49
C VAL D 398 53.64 -20.39 28.40
N ILE D 399 54.26 -19.61 27.53
CA ILE D 399 55.09 -20.16 26.47
C ILE D 399 56.23 -19.21 26.17
N ARG D 400 57.08 -19.54 25.20
CA ARG D 400 58.14 -18.65 24.78
C ARG D 400 57.67 -17.80 23.61
N GLY D 401 58.13 -16.54 23.59
CA GLY D 401 57.72 -15.59 22.58
C GLY D 401 57.63 -16.14 21.18
N ASP D 402 58.59 -16.98 20.79
CA ASP D 402 58.58 -17.57 19.46
C ASP D 402 57.31 -18.36 19.20
N GLU D 403 56.68 -18.88 20.25
CA GLU D 403 55.49 -19.72 20.11
C GLU D 403 54.19 -18.95 20.23
N VAL D 404 54.24 -17.66 20.55
CA VAL D 404 53.01 -16.89 20.70
C VAL D 404 52.22 -16.90 19.40
N ARG D 405 52.92 -16.85 18.27
CA ARG D 405 52.25 -16.90 16.98
C ARG D 405 51.44 -18.18 16.81
N GLN D 406 51.87 -19.27 17.46
CA GLN D 406 51.18 -20.54 17.31
C GLN D 406 49.80 -20.50 17.95
N ILE D 407 49.62 -19.65 18.97
CA ILE D 407 48.32 -19.51 19.60
C ILE D 407 47.50 -18.57 18.73
N ALA D 408 46.83 -19.12 17.74
CA ALA D 408 46.05 -18.32 16.81
C ALA D 408 45.32 -19.24 15.84
N PRO D 409 44.30 -18.76 15.14
CA PRO D 409 43.55 -19.63 14.22
C PRO D 409 44.33 -19.88 12.94
N GLY D 410 44.54 -21.16 12.62
CA GLY D 410 45.17 -21.55 11.38
C GLY D 410 46.64 -21.92 11.49
N GLN D 411 47.30 -21.58 12.58
CA GLN D 411 48.69 -21.95 12.73
C GLN D 411 48.81 -23.45 12.99
N THR D 412 49.99 -24.00 12.66
CA THR D 412 50.21 -25.44 12.77
C THR D 412 51.60 -25.77 13.30
N GLY D 413 52.16 -24.93 14.15
CA GLY D 413 53.48 -25.17 14.69
C GLY D 413 53.51 -26.35 15.65
N ASN D 414 54.47 -26.35 16.57
CA ASN D 414 54.55 -27.43 17.55
C ASN D 414 53.53 -27.24 18.66
N ILE D 415 53.49 -26.05 19.26
CA ILE D 415 52.52 -25.77 20.31
C ILE D 415 51.10 -25.85 19.75
N ALA D 416 50.89 -25.26 18.57
CA ALA D 416 49.56 -25.24 17.98
C ALA D 416 49.05 -26.64 17.63
N ASP D 417 49.94 -27.63 17.55
CA ASP D 417 49.56 -28.95 17.08
C ASP D 417 49.81 -30.07 18.07
N TYR D 418 50.54 -29.81 19.16
CA TYR D 418 50.88 -30.85 20.13
C TYR D 418 50.52 -30.47 21.56
N ASN D 419 50.29 -29.19 21.84
CA ASN D 419 50.01 -28.75 23.20
C ASN D 419 48.62 -28.12 23.34
N TYR D 420 48.33 -27.11 22.53
CA TYR D 420 47.06 -26.40 22.57
C TYR D 420 46.62 -26.19 21.12
N LYS D 421 45.69 -27.03 20.66
CA LYS D 421 45.18 -26.93 19.29
C LYS D 421 44.00 -25.96 19.28
N LEU D 422 44.23 -24.77 18.73
CA LEU D 422 43.17 -23.79 18.57
C LEU D 422 42.57 -23.89 17.17
N PRO D 423 41.25 -23.93 17.04
CA PRO D 423 40.67 -24.16 15.70
C PRO D 423 41.03 -23.06 14.72
N ASP D 424 41.00 -23.43 13.43
CA ASP D 424 41.30 -22.48 12.37
C ASP D 424 40.30 -21.33 12.34
N ASP D 425 39.04 -21.62 12.64
CA ASP D 425 38.00 -20.60 12.78
C ASP D 425 37.51 -20.60 14.23
N PHE D 426 37.50 -19.42 14.84
CA PHE D 426 37.00 -19.27 16.20
C PHE D 426 36.92 -17.79 16.51
N THR D 427 36.22 -17.47 17.59
CA THR D 427 36.13 -16.12 18.10
C THR D 427 36.79 -16.04 19.46
N GLY D 428 37.47 -14.94 19.71
CA GLY D 428 38.17 -14.78 20.98
C GLY D 428 39.21 -13.68 20.90
N CYS D 429 39.92 -13.50 22.01
CA CYS D 429 40.95 -12.49 22.10
C CYS D 429 42.20 -13.03 22.76
N VAL D 430 43.16 -13.50 21.96
CA VAL D 430 44.43 -13.95 22.51
C VAL D 430 45.12 -12.74 23.12
N ILE D 431 45.30 -12.76 24.44
CA ILE D 431 45.99 -11.69 25.14
C ILE D 431 47.30 -12.22 25.68
N ALA D 432 48.40 -11.89 25.00
CA ALA D 432 49.73 -12.32 25.40
C ALA D 432 50.54 -11.12 25.86
N TRP D 433 51.42 -11.35 26.83
CA TRP D 433 52.33 -10.29 27.27
C TRP D 433 53.55 -10.90 27.92
N ASN D 434 54.72 -10.31 27.69
CA ASN D 434 55.95 -10.77 28.31
C ASN D 434 55.85 -10.66 29.82
N SER D 435 56.08 -11.77 30.51
CA SER D 435 56.11 -11.78 31.96
C SER D 435 57.45 -12.35 32.45
N ASN D 436 58.54 -11.91 31.84
CA ASN D 436 59.86 -12.41 32.22
C ASN D 436 60.18 -12.04 33.67
N LYS D 437 59.81 -10.85 34.10
CA LYS D 437 60.09 -10.41 35.46
C LYS D 437 59.10 -11.04 36.44
N LEU D 438 58.38 -12.06 35.98
CA LEU D 438 57.41 -12.75 36.82
C LEU D 438 57.55 -14.26 36.65
N ASP D 439 58.36 -14.69 35.67
CA ASP D 439 58.48 -16.13 35.40
C ASP D 439 59.89 -16.60 35.04
N SER D 440 60.93 -15.79 35.25
CA SER D 440 62.30 -16.19 34.92
C SER D 440 63.03 -16.54 36.20
N LYS D 441 63.02 -17.82 36.55
CA LYS D 441 63.81 -18.30 37.68
C LYS D 441 65.28 -18.35 37.29
N VAL D 442 66.15 -17.97 38.21
CA VAL D 442 67.59 -18.04 38.00
C VAL D 442 67.98 -19.51 37.93
N SER D 443 68.90 -19.84 37.03
CA SER D 443 69.38 -21.21 36.85
C SER D 443 68.39 -22.05 36.06
N GLY D 444 67.21 -21.49 35.72
CA GLY D 444 66.26 -22.19 34.89
C GLY D 444 64.91 -22.43 35.55
N ASN D 445 63.85 -21.90 34.93
CA ASN D 445 62.49 -22.09 35.44
C ASN D 445 61.92 -23.37 34.83
N TYR D 446 62.21 -24.50 35.49
CA TYR D 446 61.63 -25.77 35.07
C TYR D 446 60.26 -25.96 35.72
N ASN D 447 59.39 -24.96 35.59
CA ASN D 447 58.02 -25.01 36.08
C ASN D 447 57.01 -24.96 34.95
N TYR D 448 57.45 -24.93 33.70
CA TYR D 448 56.58 -24.78 32.55
C TYR D 448 56.86 -25.91 31.57
N LEU D 449 56.79 -27.14 32.08
CA LEU D 449 57.19 -28.32 31.34
C LEU D 449 56.31 -28.52 30.12
N TYR D 450 56.83 -28.17 28.94
CA TYR D 450 56.03 -28.16 27.73
C TYR D 450 56.19 -29.43 26.92
N ARG D 451 55.10 -29.84 26.28
CA ARG D 451 55.11 -31.05 25.47
C ARG D 451 55.76 -30.79 24.11
N LEU D 452 56.45 -31.80 23.60
CA LEU D 452 57.07 -31.70 22.29
C LEU D 452 56.84 -32.96 21.45
N PHE D 453 56.58 -34.08 22.12
CA PHE D 453 56.43 -35.36 21.43
C PHE D 453 55.01 -35.91 21.60
N PRO D 488 58.03 -38.05 26.96
CA PRO D 488 57.06 -37.49 26.01
C PRO D 488 57.07 -35.97 25.97
N LEU D 489 57.43 -35.33 27.09
CA LEU D 489 57.35 -33.89 27.23
C LEU D 489 58.58 -33.35 27.93
N ARG D 490 59.17 -32.29 27.37
CA ARG D 490 60.36 -31.63 27.86
C ARG D 490 59.95 -30.36 28.61
N SER D 491 60.94 -29.56 29.01
CA SER D 491 60.67 -28.40 29.86
C SER D 491 61.27 -27.14 29.25
N TYR D 492 60.54 -26.03 29.37
CA TYR D 492 60.95 -24.75 28.81
C TYR D 492 62.24 -24.25 29.43
N SER D 493 62.28 -24.18 30.76
CA SER D 493 63.49 -23.80 31.49
C SER D 493 64.03 -22.43 31.12
N PHE D 494 63.29 -21.36 31.42
CA PHE D 494 63.73 -20.00 31.15
C PHE D 494 64.75 -19.55 32.19
N ARG D 495 65.66 -18.64 31.77
CA ARG D 495 66.58 -17.94 32.65
C ARG D 495 66.30 -16.44 32.60
N PRO D 496 66.75 -15.67 33.62
CA PRO D 496 66.55 -14.22 33.58
C PRO D 496 67.55 -13.51 32.67
N THR D 497 68.25 -14.27 31.83
CA THR D 497 69.18 -13.69 30.87
C THR D 497 68.92 -14.12 29.43
N TYR D 498 67.94 -14.98 29.17
CA TYR D 498 67.63 -15.45 27.83
C TYR D 498 67.44 -14.28 26.88
N GLY D 499 67.62 -14.51 25.57
CA GLY D 499 67.31 -13.50 24.60
C GLY D 499 65.82 -13.23 24.60
N VAL D 500 65.35 -12.15 23.97
CA VAL D 500 63.94 -11.79 24.08
C VAL D 500 63.13 -12.97 23.58
N GLY D 501 63.25 -13.29 22.29
CA GLY D 501 63.26 -14.66 21.85
C GLY D 501 62.42 -15.59 22.70
N HIS D 502 63.08 -16.59 23.25
CA HIS D 502 62.47 -17.56 24.15
C HIS D 502 62.43 -17.00 25.57
N GLN D 503 61.40 -16.22 25.89
CA GLN D 503 61.25 -15.64 27.21
C GLN D 503 59.85 -15.94 27.72
N PRO D 504 59.66 -15.95 29.05
CA PRO D 504 58.32 -16.22 29.59
C PRO D 504 57.28 -15.26 29.07
N TYR D 505 56.26 -15.77 28.38
CA TYR D 505 55.19 -14.96 27.83
C TYR D 505 53.87 -15.57 28.31
N ARG D 506 53.14 -14.78 29.08
CA ARG D 506 51.84 -15.20 29.57
C ARG D 506 50.80 -15.05 28.47
N VAL D 507 49.92 -16.03 28.37
CA VAL D 507 48.88 -16.04 27.35
C VAL D 507 47.54 -16.35 28.01
N VAL D 508 46.53 -15.53 27.72
CA VAL D 508 45.16 -15.78 28.14
C VAL D 508 44.32 -15.83 26.86
N VAL D 509 43.83 -17.01 26.53
CA VAL D 509 42.91 -17.20 25.41
C VAL D 509 41.48 -17.04 25.94
N LEU D 510 40.80 -15.98 25.50
CA LEU D 510 39.46 -15.69 25.97
C LEU D 510 38.44 -16.15 24.93
N SER D 511 38.21 -17.47 24.90
CA SER D 511 37.21 -18.03 24.01
C SER D 511 35.83 -17.52 24.38
N PHE D 512 35.00 -17.29 23.37
CA PHE D 512 33.65 -16.79 23.56
C PHE D 512 32.64 -17.83 23.06
N GLU D 513 31.37 -17.60 23.39
CA GLU D 513 30.28 -18.53 23.06
C GLU D 513 29.09 -17.73 22.55
N LEU D 514 28.28 -18.38 21.71
CA LEU D 514 27.06 -17.76 21.23
C LEU D 514 25.93 -18.77 21.12
N LEU D 515 25.91 -19.77 22.01
CA LEU D 515 24.84 -20.77 22.00
C LEU D 515 23.48 -20.09 22.09
N HIS D 516 22.42 -20.80 21.70
CA HIS D 516 21.08 -20.23 21.77
C HIS D 516 20.67 -19.93 23.21
N ALA D 517 21.34 -20.54 24.18
CA ALA D 517 21.02 -20.26 25.57
C ALA D 517 21.26 -18.78 25.86
N PRO D 518 20.52 -18.17 26.78
CA PRO D 518 20.61 -16.73 26.96
C PRO D 518 22.02 -16.28 27.29
N ALA D 519 22.41 -15.14 26.72
CA ALA D 519 23.69 -14.52 27.02
C ALA D 519 23.64 -13.97 28.45
N THR D 520 24.73 -14.15 29.18
CA THR D 520 24.78 -13.74 30.58
C THR D 520 26.09 -13.03 30.88
N VAL D 521 27.00 -12.97 29.92
CA VAL D 521 28.27 -12.26 30.06
C VAL D 521 28.20 -11.05 29.12
N CYS D 522 28.37 -9.85 29.67
CA CYS D 522 28.20 -8.62 28.91
C CYS D 522 29.19 -7.58 29.41
N GLY D 523 29.40 -6.55 28.59
CA GLY D 523 30.27 -5.46 28.95
C GLY D 523 29.61 -4.49 29.91
N PRO D 524 30.38 -3.49 30.37
CA PRO D 524 29.88 -2.60 31.42
C PRO D 524 28.57 -1.90 31.10
N LYS D 525 28.34 -1.54 29.83
CA LYS D 525 27.15 -0.78 29.48
C LYS D 525 27.12 0.55 30.21
N LYS D 526 28.04 1.45 29.86
CA LYS D 526 28.12 2.77 30.45
C LYS D 526 26.77 3.50 30.37
N SER D 527 26.61 4.49 31.24
CA SER D 527 25.37 5.26 31.36
C SER D 527 25.69 6.74 31.45
N THR D 528 24.85 7.56 30.82
CA THR D 528 24.96 9.01 30.86
C THR D 528 24.30 9.56 32.11
N ASN D 529 24.39 10.86 32.33
CA ASN D 529 23.61 11.52 33.36
C ASN D 529 22.16 11.68 32.89
N LEU D 530 21.30 12.13 33.81
CA LEU D 530 19.87 12.28 33.54
C LEU D 530 19.53 13.76 33.38
N VAL D 531 18.86 14.08 32.28
CA VAL D 531 18.38 15.44 32.00
C VAL D 531 16.87 15.46 32.12
N LYS D 532 16.35 16.57 32.63
CA LYS D 532 14.93 16.70 32.91
C LYS D 532 14.39 18.00 32.31
N ASN D 533 13.18 17.94 31.77
CA ASN D 533 12.53 19.10 31.18
C ASN D 533 13.29 19.58 29.96
N LYS D 534 13.62 18.65 29.06
CA LYS D 534 14.28 18.97 27.80
C LYS D 534 14.02 17.85 26.80
N CYS D 535 13.62 18.20 25.58
CA CYS D 535 13.39 17.17 24.58
C CYS D 535 14.69 16.42 24.34
N VAL D 536 14.65 15.11 24.53
CA VAL D 536 15.86 14.29 24.59
C VAL D 536 15.59 12.94 23.95
N ASN D 537 16.66 12.33 23.45
CA ASN D 537 16.65 10.93 23.03
C ASN D 537 17.17 10.10 24.20
N PHE D 538 16.32 9.27 24.78
CA PHE D 538 16.66 8.50 25.95
C PHE D 538 16.69 7.02 25.62
N ASN D 539 17.49 6.30 26.41
CA ASN D 539 17.57 4.84 26.35
C ASN D 539 17.66 4.32 27.76
N PHE D 540 16.51 3.92 28.33
CA PHE D 540 16.46 3.36 29.67
C PHE D 540 16.52 1.85 29.58
N ASN D 541 17.68 1.28 29.90
CA ASN D 541 17.83 -0.17 30.00
C ASN D 541 17.31 -0.88 28.76
N GLY D 542 17.45 -0.24 27.60
CA GLY D 542 17.07 -0.85 26.33
C GLY D 542 15.78 -0.34 25.73
N LEU D 543 15.02 0.48 26.44
CA LEU D 543 13.82 1.11 25.89
C LEU D 543 14.24 2.50 25.41
N LYS D 544 14.11 2.72 24.10
CA LYS D 544 14.56 3.96 23.46
C LYS D 544 13.36 4.82 23.08
N GLY D 545 13.57 6.14 23.13
CA GLY D 545 12.55 7.06 22.65
C GLY D 545 12.86 8.52 22.86
N THR D 546 12.17 9.39 22.12
CA THR D 546 12.34 10.82 22.25
C THR D 546 11.19 11.40 23.06
N GLY D 547 11.52 12.33 23.96
CA GLY D 547 10.49 12.93 24.79
C GLY D 547 11.09 13.85 25.82
N VAL D 548 10.24 14.36 26.70
CA VAL D 548 10.63 15.23 27.80
C VAL D 548 10.30 14.51 29.09
N LEU D 549 11.30 14.35 29.95
CA LEU D 549 11.11 13.65 31.22
C LEU D 549 10.89 14.66 32.34
N THR D 550 9.81 14.46 33.09
CA THR D 550 9.38 15.47 34.05
C THR D 550 8.97 14.82 35.38
N GLU D 551 9.79 13.90 35.88
CA GLU D 551 9.44 13.26 37.15
C GLU D 551 8.07 12.61 37.00
N SER D 552 7.39 12.32 38.11
CA SER D 552 6.06 11.73 38.01
C SER D 552 5.46 11.59 39.40
N ASN D 553 4.15 11.35 39.43
CA ASN D 553 3.47 10.94 40.65
C ASN D 553 2.96 9.51 40.56
N LYS D 554 3.08 8.86 39.41
CA LYS D 554 2.62 7.49 39.25
C LYS D 554 3.32 6.57 40.24
N LYS D 555 2.59 5.58 40.73
CA LYS D 555 3.12 4.62 41.69
C LYS D 555 3.12 3.24 41.04
N PHE D 556 4.25 2.86 40.48
CA PHE D 556 4.42 1.53 39.92
C PHE D 556 4.46 0.49 41.05
N LEU D 557 4.10 -0.74 40.70
CA LEU D 557 4.43 -1.84 41.58
C LEU D 557 5.93 -2.06 41.57
N PRO D 558 6.49 -2.64 42.63
CA PRO D 558 7.96 -2.74 42.71
C PRO D 558 8.60 -3.41 41.51
N PHE D 559 7.95 -4.41 40.92
CA PHE D 559 8.54 -5.13 39.79
C PHE D 559 8.32 -4.45 38.45
N GLN D 560 7.38 -3.50 38.36
CA GLN D 560 7.07 -2.86 37.09
C GLN D 560 8.13 -1.84 36.72
N GLN D 561 8.58 -1.88 35.46
CA GLN D 561 9.69 -1.05 35.01
C GLN D 561 9.26 0.08 34.10
N PHE D 562 8.24 -0.11 33.29
CA PHE D 562 7.73 0.93 32.41
C PHE D 562 6.23 1.09 32.64
N GLY D 563 5.68 2.14 32.07
CA GLY D 563 4.24 2.35 32.09
C GLY D 563 3.75 2.72 30.71
N ARG D 564 2.58 2.19 30.36
CA ARG D 564 2.00 2.39 29.04
C ARG D 564 0.67 3.11 29.15
N ASP D 565 0.34 3.86 28.11
CA ASP D 565 -0.89 4.63 28.03
C ASP D 565 -1.89 3.89 27.14
N ILE D 566 -3.00 4.56 26.85
CA ILE D 566 -4.08 3.92 26.09
C ILE D 566 -3.58 3.45 24.74
N ALA D 567 -2.71 4.23 24.11
CA ALA D 567 -2.20 3.88 22.79
C ALA D 567 -1.28 2.66 22.84
N ASP D 568 -1.04 2.13 24.05
CA ASP D 568 -0.07 1.06 24.23
C ASP D 568 1.34 1.53 23.90
N THR D 569 1.61 2.80 24.22
CA THR D 569 2.91 3.42 24.01
C THR D 569 3.43 3.94 25.33
N THR D 570 4.75 3.85 25.52
CA THR D 570 5.37 4.19 26.79
C THR D 570 5.11 5.64 27.16
N ASP D 571 4.66 5.85 28.40
CA ASP D 571 4.43 7.19 28.93
C ASP D 571 5.15 7.44 30.24
N ALA D 572 5.62 6.42 30.93
CA ALA D 572 6.41 6.58 32.15
C ALA D 572 7.48 5.50 32.17
N VAL D 573 8.62 5.83 32.79
CA VAL D 573 9.73 4.89 32.93
C VAL D 573 10.33 5.06 34.31
N ARG D 574 10.65 3.94 34.96
CA ARG D 574 11.38 3.97 36.21
C ARG D 574 12.88 4.04 35.90
N ASP D 575 13.56 4.99 36.53
CA ASP D 575 14.99 5.15 36.31
C ASP D 575 15.73 3.91 36.82
N PRO D 576 16.52 3.23 36.00
CA PRO D 576 17.15 1.99 36.47
C PRO D 576 18.03 2.18 37.70
N GLN D 577 18.73 3.30 37.82
CA GLN D 577 19.65 3.52 38.95
C GLN D 577 18.91 4.08 40.16
N THR D 578 18.31 5.26 40.01
CA THR D 578 17.67 5.91 41.16
C THR D 578 16.33 5.28 41.50
N LEU D 579 15.74 4.51 40.59
CA LEU D 579 14.46 3.81 40.77
C LEU D 579 13.28 4.76 40.88
N GLU D 580 13.45 6.04 40.60
CA GLU D 580 12.32 6.95 40.57
C GLU D 580 11.57 6.80 39.24
N ILE D 581 10.35 7.34 39.20
CA ILE D 581 9.47 7.20 38.06
C ILE D 581 9.37 8.55 37.37
N LEU D 582 9.69 8.57 36.07
CA LEU D 582 9.68 9.76 35.25
C LEU D 582 8.55 9.65 34.23
N ASP D 583 7.72 10.69 34.16
CA ASP D 583 6.60 10.73 33.24
C ASP D 583 7.06 11.32 31.92
N ILE D 584 7.01 10.52 30.85
CA ILE D 584 7.44 10.98 29.54
C ILE D 584 6.31 11.75 28.87
N THR D 585 6.61 12.95 28.40
CA THR D 585 5.65 13.78 27.70
C THR D 585 6.23 14.20 26.36
N PRO D 586 5.39 14.43 25.35
CA PRO D 586 5.91 14.86 24.06
C PRO D 586 6.49 16.26 24.11
N CYS D 587 7.48 16.51 23.27
CA CYS D 587 8.00 17.85 23.07
C CYS D 587 7.45 18.38 21.76
N SER D 588 7.23 19.69 21.68
CA SER D 588 6.60 20.24 20.49
C SER D 588 5.17 19.75 20.33
N PHE D 589 4.24 20.35 21.06
CA PHE D 589 2.83 20.00 20.95
C PHE D 589 2.29 20.14 19.53
N GLY D 590 3.12 20.57 18.58
CA GLY D 590 2.79 20.43 17.17
C GLY D 590 2.62 21.76 16.49
N GLY D 591 1.58 21.87 15.65
CA GLY D 591 1.28 23.10 14.96
C GLY D 591 0.27 23.95 15.72
N VAL D 592 0.16 25.20 15.29
CA VAL D 592 -0.72 26.18 15.91
C VAL D 592 -1.73 26.63 14.87
N SER D 593 -2.70 27.45 15.26
CA SER D 593 -3.65 28.01 14.32
C SER D 593 -3.34 29.48 14.11
N VAL D 594 -3.29 29.91 12.85
CA VAL D 594 -2.94 31.28 12.50
C VAL D 594 -4.15 31.95 11.86
N ILE D 595 -4.57 33.07 12.45
CA ILE D 595 -5.66 33.87 11.92
C ILE D 595 -5.05 35.01 11.12
N THR D 596 -5.33 35.02 9.82
CA THR D 596 -4.84 36.06 8.94
C THR D 596 -6.01 36.79 8.28
N PRO D 597 -5.94 38.12 8.15
CA PRO D 597 -6.90 38.83 7.31
C PRO D 597 -6.65 38.69 5.83
N GLY D 598 -5.63 37.91 5.44
CA GLY D 598 -5.26 37.80 4.05
C GLY D 598 -3.99 38.58 3.77
N THR D 599 -3.03 37.96 3.08
CA THR D 599 -1.77 38.64 2.79
C THR D 599 -1.99 39.87 1.92
N ASN D 600 -3.04 39.88 1.10
CA ASN D 600 -3.33 41.06 0.27
C ASN D 600 -3.60 42.26 1.15
N THR D 601 -4.39 42.07 2.20
CA THR D 601 -4.78 43.17 3.09
C THR D 601 -3.62 43.59 3.98
N SER D 602 -3.14 42.66 4.81
CA SER D 602 -2.13 42.97 5.81
C SER D 602 -1.30 41.74 6.08
N ASN D 603 -0.16 41.96 6.73
CA ASN D 603 0.71 40.88 7.20
C ASN D 603 0.57 40.62 8.69
N GLN D 604 -0.37 41.30 9.36
CA GLN D 604 -0.64 41.03 10.76
C GLN D 604 -1.42 39.74 10.92
N VAL D 605 -1.06 38.96 11.94
CA VAL D 605 -1.73 37.71 12.23
C VAL D 605 -1.94 37.59 13.73
N ALA D 606 -2.87 36.72 14.09
CA ALA D 606 -3.04 36.27 15.47
C ALA D 606 -2.76 34.78 15.53
N VAL D 607 -2.39 34.27 16.70
CA VAL D 607 -2.05 32.87 16.88
C VAL D 607 -2.92 32.30 17.98
N LEU D 608 -3.61 31.21 17.67
CA LEU D 608 -4.37 30.45 18.64
C LEU D 608 -3.62 29.16 18.95
N TYR D 609 -3.31 28.96 20.22
CA TYR D 609 -2.74 27.73 20.74
C TYR D 609 -3.88 26.93 21.33
N GLN D 610 -4.16 25.78 20.73
CA GLN D 610 -5.35 25.02 21.08
C GLN D 610 -5.11 24.22 22.35
N GLY D 611 -6.06 24.30 23.28
CA GLY D 611 -6.01 23.53 24.51
C GLY D 611 -4.88 23.92 25.44
N VAL D 612 -4.62 25.22 25.59
CA VAL D 612 -3.55 25.73 26.43
C VAL D 612 -4.03 27.01 27.08
N ASN D 613 -3.57 27.25 28.30
CA ASN D 613 -3.86 28.52 28.96
C ASN D 613 -2.70 29.48 28.76
N CYS D 614 -3.00 30.78 28.85
CA CYS D 614 -1.99 31.80 28.61
C CYS D 614 -1.13 32.07 29.83
N THR D 615 -0.59 31.02 30.42
CA THR D 615 0.54 31.12 31.33
C THR D 615 1.54 30.03 30.97
N GLU D 616 1.08 29.03 30.21
CA GLU D 616 1.92 27.93 29.79
C GLU D 616 2.30 28.01 28.32
N VAL D 617 1.81 29.01 27.59
CA VAL D 617 2.09 29.15 26.17
C VAL D 617 3.61 29.23 25.97
N PRO D 618 4.31 30.14 26.63
CA PRO D 618 5.77 30.21 26.41
C PRO D 618 6.50 28.91 26.70
N VAL D 619 6.09 28.19 27.74
CA VAL D 619 6.68 26.88 28.01
C VAL D 619 6.24 25.86 26.96
N ALA D 620 4.99 25.97 26.50
CA ALA D 620 4.47 24.98 25.55
C ALA D 620 5.21 25.02 24.23
N ILE D 621 5.35 26.21 23.64
CA ILE D 621 6.02 26.35 22.34
C ILE D 621 7.53 26.41 22.54
N HIS D 622 7.99 26.34 23.78
CA HIS D 622 9.40 26.56 24.08
C HIS D 622 9.84 27.92 23.55
N ALA D 623 9.15 28.97 24.00
CA ALA D 623 9.42 30.32 23.50
C ALA D 623 10.62 30.93 24.20
N ASP D 624 11.73 30.20 24.22
CA ASP D 624 13.02 30.76 24.59
C ASP D 624 14.06 30.30 23.58
N GLN D 625 13.82 29.16 22.94
CA GLN D 625 14.66 28.72 21.85
C GLN D 625 14.12 29.17 20.50
N LEU D 626 12.92 29.75 20.46
CA LEU D 626 12.38 30.28 19.22
C LEU D 626 13.10 31.56 18.82
N THR D 627 12.97 31.91 17.56
CA THR D 627 13.50 33.18 17.08
C THR D 627 12.68 34.33 17.63
N PRO D 628 13.22 35.54 17.62
CA PRO D 628 12.38 36.72 17.79
C PRO D 628 11.45 36.85 16.59
N THR D 629 10.33 37.54 16.80
CA THR D 629 9.25 37.60 15.82
C THR D 629 8.44 36.31 15.87
N TRP D 630 8.89 35.32 16.64
CA TRP D 630 8.04 34.23 17.08
C TRP D 630 7.69 34.36 18.55
N ARG D 631 8.64 34.79 19.38
CA ARG D 631 8.37 35.01 20.79
C ARG D 631 7.42 36.17 21.03
N VAL D 632 7.18 37.01 20.04
CA VAL D 632 6.24 38.12 20.17
C VAL D 632 4.82 37.57 20.22
N TYR D 633 4.65 36.31 19.80
CA TYR D 633 3.35 35.67 19.77
C TYR D 633 3.17 34.71 20.94
N SER D 634 3.96 34.86 22.00
CA SER D 634 3.83 34.07 23.20
C SER D 634 3.36 34.87 24.41
N THR D 635 3.59 36.17 24.42
CA THR D 635 3.11 37.06 25.47
C THR D 635 2.80 38.41 24.82
N GLY D 636 2.51 39.42 25.63
CA GLY D 636 2.41 40.77 25.14
C GLY D 636 1.17 41.53 25.53
N SER D 637 0.37 40.98 26.44
CA SER D 637 -0.83 41.65 26.96
C SER D 637 -1.95 41.70 25.94
N ASN D 638 -1.67 41.32 24.69
CA ASN D 638 -2.72 41.10 23.71
C ASN D 638 -3.10 39.63 23.77
N VAL D 639 -3.47 39.17 24.97
CA VAL D 639 -3.65 37.77 25.25
C VAL D 639 -5.06 37.57 25.77
N PHE D 640 -5.79 36.63 25.17
CA PHE D 640 -7.18 36.37 25.51
C PHE D 640 -7.40 34.86 25.61
N GLN D 641 -8.10 34.42 26.64
CA GLN D 641 -8.33 33.00 26.88
C GLN D 641 -9.71 32.61 26.36
N THR D 642 -9.80 31.43 25.73
CA THR D 642 -11.04 30.91 25.18
C THR D 642 -11.13 29.43 25.48
N ARG D 643 -12.34 28.90 25.39
CA ARG D 643 -12.55 27.47 25.58
C ARG D 643 -11.83 26.65 24.52
N ALA D 644 -11.41 27.26 23.42
CA ALA D 644 -10.60 26.60 22.41
C ALA D 644 -9.11 26.71 22.67
N GLY D 645 -8.69 27.65 23.50
CA GLY D 645 -7.29 27.81 23.83
C GLY D 645 -6.94 29.28 23.97
N CYS D 646 -5.65 29.57 23.86
CA CYS D 646 -5.15 30.92 24.07
C CYS D 646 -4.95 31.62 22.74
N LEU D 647 -5.46 32.85 22.63
CA LEU D 647 -5.35 33.66 21.43
C LEU D 647 -4.47 34.86 21.74
N ILE D 648 -3.34 34.95 21.04
CA ILE D 648 -2.37 36.03 21.23
C ILE D 648 -2.22 36.78 19.92
N GLY D 649 -2.30 38.10 19.98
CA GLY D 649 -2.21 38.94 18.80
C GLY D 649 -3.50 39.60 18.39
N ALA D 650 -4.59 39.42 19.14
CA ALA D 650 -5.88 40.03 18.84
C ALA D 650 -6.43 40.69 20.09
N GLU D 651 -7.10 41.83 19.91
CA GLU D 651 -7.69 42.56 21.02
C GLU D 651 -9.16 42.19 21.15
N TYR D 652 -9.53 41.66 22.31
CA TYR D 652 -10.91 41.26 22.56
C TYR D 652 -11.75 42.50 22.84
N VAL D 653 -12.67 42.78 21.95
CA VAL D 653 -13.63 43.86 22.14
C VAL D 653 -14.90 43.28 22.74
N ASN D 654 -15.63 44.09 23.47
CA ASN D 654 -16.92 43.69 24.04
C ASN D 654 -18.07 43.89 23.06
N ASN D 655 -17.85 44.56 21.94
CA ASN D 655 -18.88 44.67 20.92
C ASN D 655 -19.03 43.35 20.18
N SER D 656 -20.26 43.01 19.82
CA SER D 656 -20.56 41.78 19.12
C SER D 656 -20.98 42.08 17.69
N TYR D 657 -20.31 41.44 16.74
CA TYR D 657 -20.66 41.54 15.32
C TYR D 657 -20.86 40.14 14.77
N GLU D 658 -21.15 40.07 13.47
CA GLU D 658 -21.27 38.78 12.80
C GLU D 658 -19.90 38.13 12.65
N CYS D 659 -19.88 36.81 12.57
CA CYS D 659 -18.62 36.09 12.47
C CYS D 659 -17.94 36.39 11.15
N ASP D 660 -16.66 36.73 11.21
CA ASP D 660 -15.85 36.96 10.02
C ASP D 660 -14.85 35.83 9.82
N ILE D 661 -14.01 35.56 10.82
CA ILE D 661 -13.16 34.38 10.84
C ILE D 661 -13.52 33.61 12.10
N PRO D 662 -13.97 32.36 12.00
CA PRO D 662 -14.41 31.64 13.20
C PRO D 662 -13.25 31.05 13.98
N ILE D 663 -13.15 31.43 15.25
CA ILE D 663 -12.20 30.84 16.15
C ILE D 663 -12.79 29.66 16.90
N GLY D 664 -14.03 29.75 17.36
CA GLY D 664 -14.67 28.63 18.02
C GLY D 664 -15.17 28.99 19.39
N ALA D 665 -16.06 28.16 19.95
CA ALA D 665 -16.63 28.39 21.26
C ALA D 665 -17.25 29.79 21.35
N GLY D 666 -17.82 30.25 20.24
CA GLY D 666 -18.48 31.53 20.19
C GLY D 666 -17.60 32.70 19.83
N ILE D 667 -16.29 32.51 19.69
CA ILE D 667 -15.35 33.59 19.45
C ILE D 667 -15.03 33.65 17.97
N CYS D 668 -15.08 34.84 17.40
CA CYS D 668 -14.70 35.11 16.02
C CYS D 668 -13.66 36.24 16.00
N ALA D 669 -13.06 36.43 14.83
CA ALA D 669 -12.04 37.45 14.65
C ALA D 669 -12.30 38.21 13.36
N SER D 670 -11.82 39.44 13.31
CA SER D 670 -11.98 40.28 12.13
C SER D 670 -10.88 41.32 12.11
N TYR D 671 -10.73 41.98 10.96
CA TYR D 671 -9.76 43.06 10.79
C TYR D 671 -10.51 44.38 10.92
N GLN D 672 -10.27 45.09 12.01
CA GLN D 672 -11.07 46.26 12.38
C GLN D 672 -10.98 47.39 11.37
N THR D 673 -9.81 47.99 11.23
CA THR D 673 -9.65 49.18 10.40
C THR D 673 -10.65 50.28 10.80
N GLN D 684 -6.79 47.94 10.49
CA GLN D 684 -5.87 48.57 11.42
C GLN D 684 -5.36 47.57 12.46
N SER D 685 -6.23 46.65 12.87
CA SER D 685 -5.85 45.66 13.87
C SER D 685 -6.78 44.47 13.78
N ILE D 686 -6.38 43.38 14.41
CA ILE D 686 -7.20 42.17 14.49
C ILE D 686 -7.95 42.20 15.82
N ILE D 687 -9.27 42.15 15.75
CA ILE D 687 -10.13 42.15 16.92
C ILE D 687 -10.82 40.80 17.04
N ALA D 688 -10.84 40.26 18.25
CA ALA D 688 -11.63 39.09 18.60
C ALA D 688 -12.87 39.53 19.36
N TYR D 689 -13.95 38.80 19.17
CA TYR D 689 -15.20 39.16 19.82
C TYR D 689 -16.09 37.92 19.91
N THR D 690 -17.06 37.99 20.82
CA THR D 690 -18.10 36.99 20.83
C THR D 690 -19.03 37.20 19.64
N MET D 691 -19.39 36.10 18.98
CA MET D 691 -20.29 36.17 17.83
C MET D 691 -21.65 36.70 18.24
N SER D 692 -22.27 37.46 17.36
CA SER D 692 -23.62 37.96 17.56
C SER D 692 -24.61 37.08 16.80
N LEU D 693 -25.67 36.68 17.49
CA LEU D 693 -26.70 35.84 16.87
C LEU D 693 -27.64 36.66 15.99
N GLY D 694 -27.91 37.90 16.36
CA GLY D 694 -28.78 38.74 15.58
C GLY D 694 -29.42 39.79 16.46
N ALA D 695 -30.30 40.57 15.85
CA ALA D 695 -30.99 41.64 16.56
C ALA D 695 -32.09 41.08 17.43
N GLU D 696 -32.11 41.50 18.70
CA GLU D 696 -33.19 41.11 19.59
C GLU D 696 -34.49 41.80 19.17
N ASN D 697 -35.60 41.08 19.34
CA ASN D 697 -36.89 41.62 18.92
C ASN D 697 -38.01 40.99 19.73
N SER D 698 -38.47 41.68 20.78
CA SER D 698 -39.63 41.21 21.52
C SER D 698 -40.89 41.43 20.70
N VAL D 699 -41.77 40.43 20.68
CA VAL D 699 -43.04 40.48 19.99
C VAL D 699 -44.12 40.77 21.01
N ALA D 700 -44.99 41.73 20.70
CA ALA D 700 -46.02 42.19 21.63
C ALA D 700 -47.17 41.19 21.64
N TYR D 701 -46.98 40.10 22.38
CA TYR D 701 -48.04 39.12 22.54
C TYR D 701 -49.14 39.65 23.45
N SER D 702 -50.38 39.37 23.10
CA SER D 702 -51.52 39.75 23.91
C SER D 702 -52.65 38.77 23.65
N ASN D 703 -53.58 38.70 24.60
CA ASN D 703 -54.67 37.74 24.44
C ASN D 703 -55.69 38.17 23.39
N ASN D 704 -55.64 39.42 22.93
CA ASN D 704 -56.67 39.88 22.01
C ASN D 704 -56.13 40.80 20.91
N SER D 705 -54.83 40.81 20.65
CA SER D 705 -54.25 41.69 19.65
C SER D 705 -53.70 40.86 18.49
N ILE D 706 -53.95 41.32 17.27
CA ILE D 706 -53.47 40.64 16.07
C ILE D 706 -52.85 41.67 15.13
N ALA D 707 -51.67 41.39 14.63
CA ALA D 707 -51.03 42.22 13.61
C ALA D 707 -51.34 41.64 12.24
N ILE D 708 -51.92 42.44 11.37
CA ILE D 708 -52.30 42.00 10.03
C ILE D 708 -51.57 42.88 9.01
N PRO D 709 -50.95 42.30 7.99
CA PRO D 709 -50.23 43.12 7.00
C PRO D 709 -51.19 43.87 6.10
N THR D 710 -50.87 45.14 5.84
CA THR D 710 -51.67 45.96 4.96
C THR D 710 -51.07 46.14 3.59
N ASN D 711 -49.80 45.77 3.42
CA ASN D 711 -49.15 45.83 2.13
C ASN D 711 -48.34 44.56 1.90
N PHE D 712 -47.61 44.49 0.79
CA PHE D 712 -46.83 43.31 0.49
C PHE D 712 -45.66 43.70 -0.39
N THR D 713 -44.71 42.79 -0.49
CA THR D 713 -43.54 42.93 -1.35
C THR D 713 -43.43 41.68 -2.19
N ILE D 714 -43.07 41.87 -3.47
CA ILE D 714 -42.74 40.76 -4.35
C ILE D 714 -41.22 40.62 -4.31
N SER D 715 -40.74 39.56 -3.69
CA SER D 715 -39.31 39.34 -3.52
C SER D 715 -38.84 38.29 -4.50
N VAL D 716 -37.70 38.56 -5.14
CA VAL D 716 -37.04 37.60 -6.01
C VAL D 716 -35.70 37.28 -5.39
N THR D 717 -35.47 36.01 -5.10
CA THR D 717 -34.23 35.57 -4.50
C THR D 717 -33.62 34.44 -5.33
N THR D 718 -32.31 34.29 -5.24
CA THR D 718 -31.61 33.26 -5.99
C THR D 718 -31.37 32.05 -5.10
N GLU D 719 -31.20 30.90 -5.75
CA GLU D 719 -30.79 29.67 -5.07
C GLU D 719 -29.91 28.91 -6.05
N ILE D 720 -28.64 28.74 -5.72
CA ILE D 720 -27.66 28.11 -6.60
C ILE D 720 -27.46 26.68 -6.12
N LEU D 721 -27.65 25.72 -7.02
CA LEU D 721 -27.49 24.31 -6.69
C LEU D 721 -26.55 23.65 -7.69
N PRO D 722 -25.48 22.99 -7.22
CA PRO D 722 -24.70 22.14 -8.14
C PRO D 722 -25.56 21.00 -8.67
N VAL D 723 -25.32 20.63 -9.92
CA VAL D 723 -26.02 19.52 -10.57
C VAL D 723 -25.06 18.44 -11.01
N SER D 724 -23.94 18.82 -11.61
CA SER D 724 -22.98 17.87 -12.14
C SER D 724 -21.58 18.31 -11.76
N MET D 725 -20.64 17.41 -11.91
CA MET D 725 -19.23 17.70 -11.68
C MET D 725 -18.44 17.24 -12.90
N THR D 726 -17.16 17.57 -12.91
CA THR D 726 -16.32 17.24 -14.05
C THR D 726 -16.25 15.73 -14.22
N LYS D 727 -16.44 15.27 -15.45
CA LYS D 727 -16.24 13.86 -15.77
C LYS D 727 -14.76 13.62 -16.08
N THR D 728 -14.17 12.68 -15.37
CA THR D 728 -12.74 12.44 -15.46
C THR D 728 -12.46 11.02 -15.91
N SER D 729 -11.40 10.87 -16.69
CA SER D 729 -10.90 9.58 -17.12
C SER D 729 -9.43 9.48 -16.75
N VAL D 730 -9.01 8.31 -16.33
CA VAL D 730 -7.62 8.06 -15.99
C VAL D 730 -7.12 6.91 -16.85
N ASP D 731 -5.98 7.12 -17.51
CA ASP D 731 -5.24 6.03 -18.14
C ASP D 731 -4.34 5.45 -17.07
N CYS D 732 -4.77 4.33 -16.48
CA CYS D 732 -4.08 3.75 -15.33
C CYS D 732 -2.62 3.44 -15.66
N THR D 733 -2.40 2.80 -16.81
CA THR D 733 -1.04 2.44 -17.20
C THR D 733 -0.19 3.68 -17.41
N MET D 734 -0.72 4.71 -18.05
CA MET D 734 0.05 5.92 -18.25
C MET D 734 0.41 6.60 -16.93
N TYR D 735 -0.52 6.63 -15.98
CA TYR D 735 -0.22 7.28 -14.70
C TYR D 735 0.81 6.49 -13.90
N ILE D 736 0.62 5.18 -13.77
CA ILE D 736 1.50 4.38 -12.92
C ILE D 736 2.84 4.12 -13.59
N CYS D 737 2.85 3.76 -14.87
CA CYS D 737 4.02 3.23 -15.55
C CYS D 737 4.46 4.09 -16.73
N GLY D 738 4.34 5.41 -16.62
CA GLY D 738 4.55 6.28 -17.76
C GLY D 738 5.79 5.97 -18.58
N ASP D 739 5.58 5.51 -19.81
CA ASP D 739 6.59 5.29 -20.86
C ASP D 739 7.58 4.19 -20.52
N SER D 740 7.29 3.40 -19.48
CA SER D 740 8.12 2.24 -19.17
C SER D 740 7.36 0.95 -19.43
N THR D 741 7.91 0.12 -20.32
CA THR D 741 7.27 -1.15 -20.68
C THR D 741 7.44 -2.24 -19.64
N GLU D 742 8.60 -2.30 -18.98
CA GLU D 742 8.77 -3.27 -17.92
C GLU D 742 7.78 -3.03 -16.79
N CYS D 743 7.54 -1.75 -16.47
CA CYS D 743 6.55 -1.44 -15.46
C CYS D 743 5.17 -1.91 -15.88
N SER D 744 4.84 -1.80 -17.18
CA SER D 744 3.52 -2.23 -17.64
C SER D 744 3.37 -3.74 -17.51
N ASN D 745 4.39 -4.49 -17.94
CA ASN D 745 4.31 -5.95 -17.82
C ASN D 745 4.27 -6.39 -16.36
N LEU D 746 4.89 -5.62 -15.45
CA LEU D 746 4.72 -5.93 -14.04
C LEU D 746 3.32 -5.57 -13.56
N LEU D 747 2.78 -4.44 -14.00
CA LEU D 747 1.45 -4.02 -13.61
C LEU D 747 0.40 -5.02 -14.04
N LEU D 748 0.68 -5.81 -15.06
CA LEU D 748 -0.27 -6.86 -15.45
C LEU D 748 -0.46 -7.94 -14.38
N GLN D 749 0.22 -7.85 -13.23
CA GLN D 749 0.11 -8.87 -12.20
C GLN D 749 -0.65 -8.41 -10.96
N TYR D 750 -1.15 -7.19 -10.94
CA TYR D 750 -1.86 -6.67 -9.78
C TYR D 750 -3.36 -6.82 -9.91
N GLY D 751 -3.82 -7.72 -10.77
CA GLY D 751 -5.23 -8.05 -10.83
C GLY D 751 -6.05 -7.08 -11.64
N SER D 752 -7.27 -6.82 -11.17
CA SER D 752 -8.22 -5.98 -11.88
C SER D 752 -8.29 -4.57 -11.30
N PHE D 753 -7.23 -4.12 -10.61
CA PHE D 753 -7.29 -2.82 -9.96
C PHE D 753 -7.60 -1.71 -10.97
N CYS D 754 -6.87 -1.67 -12.08
CA CYS D 754 -7.11 -0.62 -13.07
C CYS D 754 -8.49 -0.78 -13.70
N THR D 755 -8.94 -2.01 -13.92
CA THR D 755 -10.28 -2.22 -14.46
C THR D 755 -11.35 -1.73 -13.48
N GLN D 756 -11.16 -2.00 -12.19
CA GLN D 756 -12.12 -1.52 -11.20
C GLN D 756 -12.13 0.00 -11.12
N LEU D 757 -10.94 0.62 -11.20
CA LEU D 757 -10.88 2.08 -11.18
C LEU D 757 -11.59 2.67 -12.38
N LYS D 758 -11.34 2.10 -13.57
CA LYS D 758 -11.99 2.56 -14.77
C LYS D 758 -13.51 2.40 -14.68
N ARG D 759 -13.97 1.27 -14.14
CA ARG D 759 -15.40 1.06 -13.99
C ARG D 759 -16.01 2.08 -13.04
N ALA D 760 -15.34 2.37 -11.92
CA ALA D 760 -15.87 3.35 -10.97
C ALA D 760 -15.95 4.74 -11.60
N LEU D 761 -14.89 5.15 -12.30
CA LEU D 761 -14.91 6.48 -12.91
C LEU D 761 -15.92 6.56 -14.04
N THR D 762 -16.12 5.47 -14.80
CA THR D 762 -17.15 5.48 -15.83
C THR D 762 -18.54 5.57 -15.21
N GLY D 763 -18.76 4.90 -14.09
CA GLY D 763 -20.02 5.04 -13.39
C GLY D 763 -20.27 6.48 -12.95
N ILE D 764 -19.24 7.14 -12.42
CA ILE D 764 -19.37 8.54 -12.04
C ILE D 764 -19.70 9.40 -13.26
N ALA D 765 -19.00 9.16 -14.36
CA ALA D 765 -19.18 9.98 -15.55
C ALA D 765 -20.58 9.83 -16.11
N VAL D 766 -21.12 8.61 -16.10
CA VAL D 766 -22.49 8.40 -16.55
C VAL D 766 -23.47 9.04 -15.58
N GLU D 767 -23.18 8.98 -14.28
CA GLU D 767 -24.08 9.56 -13.30
C GLU D 767 -24.18 11.07 -13.49
N GLN D 768 -23.11 11.72 -13.95
CA GLN D 768 -23.18 13.16 -14.17
C GLN D 768 -24.19 13.52 -15.25
N ASP D 769 -24.19 12.78 -16.37
CA ASP D 769 -25.18 13.04 -17.41
C ASP D 769 -26.57 12.67 -16.93
N LYS D 770 -26.70 11.61 -16.13
CA LYS D 770 -28.00 11.29 -15.57
C LYS D 770 -28.50 12.41 -14.65
N ASN D 771 -27.61 13.02 -13.88
CA ASN D 771 -27.98 14.15 -13.04
C ASN D 771 -28.51 15.31 -13.86
N THR D 772 -27.75 15.70 -14.90
CA THR D 772 -28.19 16.81 -15.75
C THR D 772 -29.53 16.50 -16.39
N GLN D 773 -29.71 15.27 -16.86
CA GLN D 773 -30.96 14.89 -17.50
C GLN D 773 -32.12 14.96 -16.52
N GLU D 774 -31.94 14.43 -15.31
CA GLU D 774 -33.01 14.46 -14.32
C GLU D 774 -33.36 15.87 -13.89
N VAL D 775 -32.41 16.79 -13.90
CA VAL D 775 -32.73 18.17 -13.54
C VAL D 775 -33.40 18.92 -14.68
N PHE D 776 -32.84 18.87 -15.89
CA PHE D 776 -33.26 19.76 -16.96
C PHE D 776 -34.19 19.12 -17.98
N ALA D 777 -34.11 17.82 -18.19
CA ALA D 777 -34.97 17.15 -19.18
C ALA D 777 -36.24 16.62 -18.55
N GLN D 778 -36.97 17.50 -17.85
CA GLN D 778 -38.25 17.10 -17.29
C GLN D 778 -39.35 17.15 -18.33
N VAL D 779 -39.56 18.32 -18.94
CA VAL D 779 -40.51 18.43 -20.04
C VAL D 779 -39.96 17.71 -21.25
N LYS D 780 -40.83 16.97 -21.93
CA LYS D 780 -40.47 16.33 -23.19
C LYS D 780 -40.69 17.23 -24.40
N GLN D 781 -41.62 18.18 -24.31
CA GLN D 781 -41.94 19.07 -25.41
C GLN D 781 -41.15 20.37 -25.27
N ILE D 782 -40.58 20.83 -26.37
CA ILE D 782 -39.80 22.07 -26.38
C ILE D 782 -40.77 23.21 -26.66
N TYR D 783 -41.24 23.85 -25.59
CA TYR D 783 -42.18 24.93 -25.74
C TYR D 783 -41.46 26.21 -26.18
N LYS D 784 -42.23 27.08 -26.83
CA LYS D 784 -41.73 28.37 -27.28
C LYS D 784 -42.65 29.47 -26.79
N THR D 785 -42.06 30.59 -26.42
CA THR D 785 -42.85 31.75 -26.02
C THR D 785 -43.39 32.45 -27.27
N PRO D 786 -44.54 33.12 -27.16
CA PRO D 786 -45.11 33.79 -28.32
C PRO D 786 -44.19 34.88 -28.82
N PRO D 787 -44.28 35.24 -30.11
CA PRO D 787 -43.43 36.32 -30.60
C PRO D 787 -43.67 37.64 -29.87
N ILE D 788 -44.92 37.93 -29.52
CA ILE D 788 -45.22 39.11 -28.70
C ILE D 788 -44.99 38.77 -27.23
N LYS D 789 -44.23 39.62 -26.55
CA LYS D 789 -43.79 39.36 -25.19
C LYS D 789 -44.50 40.25 -24.18
N TYR D 790 -45.80 40.46 -24.37
CA TYR D 790 -46.60 41.18 -23.39
C TYR D 790 -47.26 40.19 -22.45
N PHE D 791 -47.09 40.40 -21.16
CA PHE D 791 -47.59 39.49 -20.14
C PHE D 791 -48.19 40.28 -18.98
N GLY D 792 -48.99 41.29 -19.30
CA GLY D 792 -49.60 42.11 -18.27
C GLY D 792 -48.66 43.09 -17.61
N GLY D 793 -47.59 43.48 -18.29
CA GLY D 793 -46.60 44.36 -17.72
C GLY D 793 -45.48 43.64 -17.01
N PHE D 794 -45.56 42.33 -16.86
CA PHE D 794 -44.44 41.56 -16.35
C PHE D 794 -43.40 41.42 -17.45
N ASN D 795 -42.15 41.71 -17.12
CA ASN D 795 -41.06 41.78 -18.08
C ASN D 795 -40.06 40.67 -17.80
N PHE D 796 -39.99 39.69 -18.69
CA PHE D 796 -39.09 38.55 -18.55
C PHE D 796 -37.85 38.64 -19.43
N SER D 797 -37.55 39.81 -19.98
CA SER D 797 -36.43 39.93 -20.90
C SER D 797 -35.14 39.38 -20.30
N GLN D 798 -34.93 39.59 -19.01
CA GLN D 798 -33.68 39.20 -18.37
C GLN D 798 -33.53 37.69 -18.25
N ILE D 799 -34.63 36.94 -18.30
CA ILE D 799 -34.57 35.49 -18.17
C ILE D 799 -34.87 34.78 -19.49
N LEU D 800 -35.55 35.41 -20.42
CA LEU D 800 -35.92 34.71 -21.63
C LEU D 800 -34.75 34.70 -22.63
N PRO D 801 -34.72 33.73 -23.53
CA PRO D 801 -33.61 33.65 -24.48
C PRO D 801 -33.48 34.92 -25.31
N ASP D 802 -32.24 35.28 -25.61
CA ASP D 802 -31.92 36.49 -26.34
C ASP D 802 -31.35 36.12 -27.71
N PRO D 803 -32.00 36.46 -28.83
CA PRO D 803 -31.48 36.02 -30.14
C PRO D 803 -30.25 36.79 -30.61
N SER D 804 -29.83 37.83 -29.91
CA SER D 804 -28.70 38.63 -30.38
C SER D 804 -27.36 38.00 -30.02
N LYS D 805 -27.35 36.70 -29.75
CA LYS D 805 -26.13 36.02 -29.34
C LYS D 805 -26.20 34.58 -29.84
N PRO D 806 -25.06 34.00 -30.24
CA PRO D 806 -25.09 32.66 -30.82
C PRO D 806 -25.63 31.60 -29.89
N SER D 807 -25.37 31.72 -28.58
CA SER D 807 -25.81 30.71 -27.63
C SER D 807 -27.29 30.80 -27.30
N LYS D 808 -27.95 31.90 -27.68
CA LYS D 808 -29.34 32.15 -27.33
C LYS D 808 -29.55 32.13 -25.82
N ARG D 809 -28.49 32.33 -25.05
CA ARG D 809 -28.61 32.40 -23.61
C ARG D 809 -29.36 33.66 -23.20
N SER D 810 -29.95 33.62 -22.02
CA SER D 810 -30.57 34.80 -21.47
C SER D 810 -29.50 35.74 -20.93
N PRO D 811 -29.84 37.02 -20.73
CA PRO D 811 -28.86 37.93 -20.12
C PRO D 811 -28.35 37.47 -18.76
N ILE D 812 -29.25 37.06 -17.86
CA ILE D 812 -28.80 36.54 -16.57
C ILE D 812 -28.01 35.26 -16.76
N GLU D 813 -28.44 34.40 -17.68
CA GLU D 813 -27.71 33.18 -17.95
C GLU D 813 -26.32 33.50 -18.50
N ASP D 814 -26.22 34.52 -19.36
CA ASP D 814 -24.91 34.93 -19.86
C ASP D 814 -24.02 35.42 -18.72
N LEU D 815 -24.57 36.23 -17.83
CA LEU D 815 -23.81 36.71 -16.69
C LEU D 815 -23.32 35.56 -15.83
N LEU D 816 -24.19 34.58 -15.56
CA LEU D 816 -23.77 33.41 -14.78
C LEU D 816 -22.70 32.63 -15.53
N PHE D 817 -22.86 32.49 -16.84
CA PHE D 817 -21.89 31.74 -17.63
C PHE D 817 -20.51 32.38 -17.54
N ASN D 818 -20.44 33.71 -17.46
CA ASN D 818 -19.15 34.39 -17.39
C ASN D 818 -18.66 34.60 -15.96
N LYS D 819 -19.35 34.08 -14.95
CA LYS D 819 -18.94 34.24 -13.56
C LYS D 819 -18.28 33.00 -12.98
N VAL D 820 -18.46 31.83 -13.59
CA VAL D 820 -17.81 30.59 -13.16
C VAL D 820 -16.76 30.24 -14.20
N THR D 821 -15.52 30.07 -13.75
CA THR D 821 -14.41 29.77 -14.65
C THR D 821 -14.17 28.27 -14.66
N LEU D 822 -14.31 27.66 -15.83
CA LEU D 822 -14.03 26.24 -15.98
C LEU D 822 -12.54 26.02 -16.17
N ALA D 823 -12.09 24.83 -15.82
CA ALA D 823 -10.68 24.47 -15.98
C ALA D 823 -10.41 23.86 -17.34
N ASP D 824 -11.09 22.76 -17.66
CA ASP D 824 -10.83 22.00 -18.88
C ASP D 824 -12.00 22.03 -19.86
N ALA D 825 -13.20 21.67 -19.39
CA ALA D 825 -14.41 21.66 -20.21
C ALA D 825 -14.48 20.47 -21.17
N GLY D 826 -13.41 19.69 -21.25
CA GLY D 826 -13.39 18.50 -22.07
C GLY D 826 -13.69 18.74 -23.54
N PHE D 827 -12.81 19.43 -24.25
CA PHE D 827 -12.98 19.60 -25.68
C PHE D 827 -11.65 19.31 -26.36
N ILE D 828 -11.70 19.17 -27.69
CA ILE D 828 -10.55 18.70 -28.45
C ILE D 828 -9.31 19.50 -28.08
N LYS D 829 -8.21 18.79 -27.86
CA LYS D 829 -6.89 19.38 -27.72
C LYS D 829 -6.08 19.04 -28.95
N GLN D 830 -5.43 20.05 -29.52
CA GLN D 830 -4.61 19.89 -30.72
C GLN D 830 -3.15 19.78 -30.26
N TYR D 831 -2.57 18.60 -30.46
CA TYR D 831 -1.15 18.40 -30.20
C TYR D 831 -0.37 19.54 -30.85
N GLY D 832 0.37 20.30 -30.05
CA GLY D 832 1.11 21.44 -30.54
C GLY D 832 0.32 22.73 -30.46
N ASP D 842 -1.73 24.50 -20.04
CA ASP D 842 -0.62 24.54 -19.11
C ASP D 842 -0.69 23.40 -18.11
N LEU D 843 -1.49 23.57 -17.05
CA LEU D 843 -1.71 22.47 -16.12
C LEU D 843 -2.51 21.36 -16.77
N ILE D 844 -3.41 21.71 -17.70
CA ILE D 844 -4.12 20.69 -18.47
C ILE D 844 -3.13 19.85 -19.26
N CYS D 845 -2.13 20.47 -19.85
CA CYS D 845 -1.12 19.70 -20.58
C CYS D 845 -0.36 18.76 -19.67
N ALA D 846 -0.01 19.23 -18.46
CA ALA D 846 0.67 18.37 -17.51
C ALA D 846 -0.18 17.16 -17.16
N GLN D 847 -1.45 17.41 -16.82
CA GLN D 847 -2.35 16.31 -16.49
C GLN D 847 -2.50 15.36 -17.66
N LYS D 848 -2.66 15.88 -18.87
CA LYS D 848 -2.87 15.03 -20.03
C LYS D 848 -1.65 14.15 -20.27
N PHE D 849 -0.45 14.72 -20.16
CA PHE D 849 0.76 13.93 -20.28
C PHE D 849 0.86 12.87 -19.20
N LYS D 850 0.26 13.08 -18.04
CA LYS D 850 0.26 12.05 -17.01
C LYS D 850 -0.92 11.10 -17.09
N GLY D 851 -1.77 11.22 -18.11
CA GLY D 851 -2.82 10.26 -18.34
C GLY D 851 -4.17 10.60 -17.75
N LEU D 852 -4.40 11.84 -17.34
CA LEU D 852 -5.64 12.28 -16.72
C LEU D 852 -6.35 13.22 -17.67
N THR D 853 -7.58 12.88 -18.04
CA THR D 853 -8.33 13.65 -19.03
C THR D 853 -9.72 13.98 -18.49
N VAL D 854 -10.35 14.96 -19.12
CA VAL D 854 -11.70 15.40 -18.78
C VAL D 854 -12.59 15.09 -19.98
N LEU D 855 -13.69 14.39 -19.73
CA LEU D 855 -14.59 14.07 -20.83
C LEU D 855 -15.72 15.11 -20.93
N PRO D 856 -16.15 15.45 -22.14
CA PRO D 856 -17.23 16.44 -22.29
C PRO D 856 -18.55 15.90 -21.76
N PRO D 857 -19.41 16.76 -21.21
CA PRO D 857 -20.78 16.32 -20.91
C PRO D 857 -21.56 16.03 -22.17
N LEU D 858 -22.52 15.10 -22.05
CA LEU D 858 -23.35 14.73 -23.20
C LEU D 858 -24.17 15.90 -23.70
N LEU D 859 -24.84 16.60 -22.79
CA LEU D 859 -25.61 17.77 -23.15
C LEU D 859 -24.68 18.98 -23.21
N THR D 860 -24.75 19.72 -24.31
CA THR D 860 -23.95 20.94 -24.40
C THR D 860 -24.63 22.06 -23.63
N ASP D 861 -23.89 23.15 -23.42
CA ASP D 861 -24.46 24.31 -22.75
C ASP D 861 -25.66 24.86 -23.53
N GLU D 862 -25.61 24.78 -24.86
CA GLU D 862 -26.72 25.25 -25.68
C GLU D 862 -27.97 24.41 -25.48
N MET D 863 -27.82 23.08 -25.39
CA MET D 863 -28.98 22.23 -25.18
C MET D 863 -29.56 22.42 -23.78
N ILE D 864 -28.71 22.62 -22.79
CA ILE D 864 -29.20 22.90 -21.44
C ILE D 864 -29.95 24.22 -21.43
N ALA D 865 -29.43 25.21 -22.16
CA ALA D 865 -30.15 26.48 -22.30
C ALA D 865 -31.48 26.30 -23.01
N GLN D 866 -31.55 25.42 -24.01
CA GLN D 866 -32.84 25.14 -24.65
C GLN D 866 -33.82 24.50 -23.70
N TYR D 867 -33.36 23.55 -22.87
CA TYR D 867 -34.26 22.96 -21.87
C TYR D 867 -34.76 24.02 -20.90
N THR D 868 -33.88 24.91 -20.47
CA THR D 868 -34.27 25.98 -19.57
C THR D 868 -35.29 26.90 -20.23
N SER D 869 -35.07 27.24 -21.50
CA SER D 869 -35.99 28.12 -22.21
C SER D 869 -37.35 27.45 -22.42
N ALA D 870 -37.36 26.15 -22.70
CA ALA D 870 -38.62 25.44 -22.80
C ALA D 870 -39.37 25.43 -21.48
N LEU D 871 -38.67 25.21 -20.38
CA LEU D 871 -39.31 25.27 -19.08
C LEU D 871 -39.89 26.66 -18.81
N LEU D 872 -39.12 27.70 -19.14
CA LEU D 872 -39.58 29.06 -18.92
C LEU D 872 -40.81 29.38 -19.76
N ALA D 873 -40.80 28.97 -21.03
CA ALA D 873 -41.95 29.23 -21.89
C ALA D 873 -43.18 28.48 -21.40
N GLY D 874 -43.00 27.21 -21.02
CA GLY D 874 -44.12 26.44 -20.50
C GLY D 874 -44.74 27.10 -19.28
N THR D 875 -43.91 27.54 -18.33
CA THR D 875 -44.46 28.15 -17.14
C THR D 875 -45.03 29.54 -17.41
N ILE D 876 -44.45 30.31 -18.33
CA ILE D 876 -45.00 31.62 -18.60
C ILE D 876 -46.33 31.54 -19.32
N THR D 877 -46.50 30.61 -20.26
CA THR D 877 -47.69 30.57 -21.10
C THR D 877 -48.76 29.61 -20.60
N SER D 878 -48.46 28.71 -19.67
CA SER D 878 -49.45 27.71 -19.28
C SER D 878 -49.51 27.47 -17.78
N GLY D 879 -48.74 28.23 -17.01
CA GLY D 879 -48.71 28.04 -15.57
C GLY D 879 -48.11 26.72 -15.14
N TRP D 880 -48.84 25.97 -14.31
CA TRP D 880 -48.37 24.66 -13.84
C TRP D 880 -48.99 23.50 -14.62
N THR D 881 -49.78 23.80 -15.66
CA THR D 881 -50.50 22.73 -16.34
C THR D 881 -49.55 21.85 -17.15
N PHE D 882 -48.51 22.45 -17.75
CA PHE D 882 -47.64 21.66 -18.60
C PHE D 882 -46.88 20.59 -17.83
N GLY D 883 -46.85 20.66 -16.51
CA GLY D 883 -46.20 19.65 -15.71
C GLY D 883 -47.06 18.45 -15.44
N ALA D 884 -48.38 18.62 -15.50
CA ALA D 884 -49.31 17.55 -15.17
C ALA D 884 -49.99 16.92 -16.38
N GLY D 885 -49.92 17.54 -17.55
CA GLY D 885 -50.55 17.01 -18.72
C GLY D 885 -50.30 17.89 -19.94
N PRO D 886 -51.29 18.03 -20.81
CA PRO D 886 -51.18 19.03 -21.88
C PRO D 886 -51.04 20.43 -21.32
N ALA D 887 -50.22 21.24 -21.98
CA ALA D 887 -50.05 22.63 -21.59
C ALA D 887 -51.30 23.41 -21.95
N LEU D 888 -51.97 23.97 -20.95
CA LEU D 888 -53.19 24.74 -21.16
C LEU D 888 -52.86 26.21 -21.05
N GLN D 889 -53.05 26.95 -22.13
CA GLN D 889 -52.75 28.37 -22.12
C GLN D 889 -53.64 29.09 -21.11
N ILE D 890 -53.10 30.15 -20.53
CA ILE D 890 -53.83 30.97 -19.57
C ILE D 890 -53.12 32.32 -19.55
N PRO D 891 -53.82 33.44 -19.54
CA PRO D 891 -53.13 34.74 -19.48
C PRO D 891 -52.34 34.87 -18.20
N PHE D 892 -51.17 35.50 -18.30
CA PHE D 892 -50.26 35.57 -17.15
C PHE D 892 -50.87 36.26 -15.94
N PRO D 893 -51.58 37.38 -16.06
CA PRO D 893 -52.29 37.92 -14.87
C PRO D 893 -53.30 36.95 -14.25
N MET D 894 -54.02 36.18 -15.06
CA MET D 894 -54.91 35.18 -14.51
C MET D 894 -54.16 34.07 -13.78
N GLN D 895 -53.02 33.65 -14.33
CA GLN D 895 -52.21 32.66 -13.64
C GLN D 895 -51.67 33.21 -12.34
N MET D 896 -51.24 34.47 -12.34
CA MET D 896 -50.74 35.08 -11.11
C MET D 896 -51.85 35.19 -10.08
N ALA D 897 -53.09 35.43 -10.52
CA ALA D 897 -54.22 35.39 -9.61
C ALA D 897 -54.43 34.01 -9.01
N TYR D 898 -54.27 32.96 -9.82
CA TYR D 898 -54.31 31.60 -9.29
C TYR D 898 -53.25 31.41 -8.19
N ARG D 899 -52.04 31.89 -8.44
CA ARG D 899 -50.97 31.72 -7.47
C ARG D 899 -51.19 32.56 -6.22
N PHE D 900 -51.82 33.73 -6.34
CA PHE D 900 -52.22 34.48 -5.16
C PHE D 900 -53.28 33.73 -4.37
N ASN D 901 -54.23 33.12 -5.06
CA ASN D 901 -55.18 32.24 -4.38
C ASN D 901 -54.47 31.14 -3.61
N GLY D 902 -53.41 30.60 -4.20
CA GLY D 902 -52.70 29.51 -3.55
C GLY D 902 -52.18 29.87 -2.16
N ILE D 903 -51.59 31.05 -2.03
CA ILE D 903 -51.01 31.47 -0.75
C ILE D 903 -52.06 32.10 0.15
N GLY D 904 -53.32 32.03 -0.25
CA GLY D 904 -54.40 32.47 0.62
C GLY D 904 -54.70 33.95 0.62
N VAL D 905 -54.52 34.64 -0.51
CA VAL D 905 -54.97 36.02 -0.67
C VAL D 905 -55.87 36.05 -1.91
N THR D 906 -57.03 36.67 -1.77
CA THR D 906 -58.05 36.64 -2.81
C THR D 906 -57.51 37.19 -4.12
N GLN D 907 -58.23 36.89 -5.21
CA GLN D 907 -57.76 37.27 -6.53
C GLN D 907 -57.82 38.77 -6.75
N ASN D 908 -58.81 39.44 -6.18
CA ASN D 908 -58.91 40.88 -6.36
C ASN D 908 -57.61 41.57 -5.99
N VAL D 909 -56.94 41.10 -4.93
CA VAL D 909 -55.72 41.76 -4.48
C VAL D 909 -54.71 41.85 -5.60
N LEU D 910 -54.67 40.84 -6.47
CA LEU D 910 -53.75 40.91 -7.60
C LEU D 910 -54.31 41.72 -8.76
N TYR D 911 -55.62 41.61 -9.03
CA TYR D 911 -56.19 42.34 -10.15
C TYR D 911 -56.28 43.83 -9.87
N GLU D 912 -56.36 44.22 -8.60
CA GLU D 912 -56.41 45.61 -8.20
C GLU D 912 -55.04 46.22 -7.97
N ASN D 913 -54.01 45.40 -7.83
CA ASN D 913 -52.63 45.88 -7.68
C ASN D 913 -51.75 45.35 -8.81
N GLN D 914 -52.33 45.12 -9.99
CA GLN D 914 -51.59 44.46 -11.06
C GLN D 914 -50.34 45.25 -11.45
N LYS D 915 -50.49 46.55 -11.65
CA LYS D 915 -49.35 47.36 -12.10
C LYS D 915 -48.27 47.42 -11.03
N LEU D 916 -48.66 47.63 -9.77
CA LEU D 916 -47.69 47.67 -8.69
C LEU D 916 -46.96 46.34 -8.56
N ILE D 917 -47.70 45.23 -8.63
CA ILE D 917 -47.06 43.91 -8.52
C ILE D 917 -46.10 43.71 -9.67
N ALA D 918 -46.51 44.09 -10.88
CA ALA D 918 -45.65 43.91 -12.04
C ALA D 918 -44.37 44.75 -11.92
N ASN D 919 -44.49 45.99 -11.45
CA ASN D 919 -43.31 46.83 -11.30
C ASN D 919 -42.41 46.31 -10.19
N GLN D 920 -42.99 45.84 -9.09
CA GLN D 920 -42.17 45.25 -8.03
C GLN D 920 -41.39 44.05 -8.56
N PHE D 921 -42.05 43.20 -9.34
CA PHE D 921 -41.37 42.05 -9.91
C PHE D 921 -40.25 42.48 -10.85
N ASN D 922 -40.53 43.47 -11.71
CA ASN D 922 -39.51 43.93 -12.66
C ASN D 922 -38.31 44.52 -11.92
N SER D 923 -38.56 45.33 -10.90
CA SER D 923 -37.47 45.89 -10.12
C SER D 923 -36.68 44.80 -9.43
N ALA D 924 -37.36 43.78 -8.90
CA ALA D 924 -36.66 42.70 -8.24
C ALA D 924 -35.76 41.91 -9.21
N ILE D 925 -36.26 41.66 -10.42
CA ILE D 925 -35.44 40.99 -11.42
C ILE D 925 -34.23 41.84 -11.80
N GLY D 926 -34.45 43.14 -11.97
CA GLY D 926 -33.34 44.04 -12.25
C GLY D 926 -32.31 44.03 -11.15
N LYS D 927 -32.77 44.00 -9.90
CA LYS D 927 -31.84 43.93 -8.78
C LYS D 927 -31.08 42.60 -8.78
N ILE D 928 -31.74 41.52 -9.18
CA ILE D 928 -31.04 40.25 -9.31
C ILE D 928 -29.89 40.37 -10.30
N GLN D 929 -30.16 40.99 -11.45
CA GLN D 929 -29.10 41.17 -12.44
C GLN D 929 -28.00 42.08 -11.89
N ASP D 930 -28.38 43.16 -11.22
CA ASP D 930 -27.39 44.14 -10.75
C ASP D 930 -26.50 43.56 -9.66
N SER D 931 -27.07 42.78 -8.75
CA SER D 931 -26.31 42.18 -7.66
C SER D 931 -25.62 40.92 -8.11
N LEU D 932 -25.56 40.69 -9.42
CA LEU D 932 -24.82 39.58 -10.00
C LEU D 932 -23.69 40.15 -10.83
N SER D 933 -23.95 41.24 -11.54
CA SER D 933 -22.89 41.90 -12.29
C SER D 933 -21.84 42.54 -11.38
N SER D 934 -22.12 42.70 -10.09
CA SER D 934 -21.23 43.39 -9.18
C SER D 934 -21.16 42.67 -7.83
N THR D 935 -21.31 41.35 -7.85
CA THR D 935 -21.22 40.54 -6.66
C THR D 935 -19.90 39.78 -6.62
N PRO D 936 -19.25 39.70 -5.45
CA PRO D 936 -17.90 39.13 -5.40
C PRO D 936 -17.87 37.64 -5.77
N SER D 937 -18.62 36.82 -5.04
CA SER D 937 -18.71 35.39 -5.30
C SER D 937 -20.13 34.92 -5.01
N ALA D 938 -21.02 35.10 -5.99
CA ALA D 938 -22.37 34.59 -5.84
C ALA D 938 -22.43 33.12 -6.28
N LEU D 939 -21.59 32.74 -7.23
CA LEU D 939 -21.51 31.37 -7.73
C LEU D 939 -20.43 30.57 -7.03
N GLY D 940 -20.20 30.85 -5.74
CA GLY D 940 -19.11 30.19 -5.04
C GLY D 940 -19.29 28.69 -4.92
N LYS D 941 -20.54 28.21 -4.93
CA LYS D 941 -20.76 26.77 -4.84
C LYS D 941 -20.33 26.05 -6.12
N LEU D 942 -20.73 26.58 -7.27
CA LEU D 942 -20.32 25.99 -8.54
C LEU D 942 -18.81 26.08 -8.73
N GLN D 943 -18.24 27.24 -8.40
CA GLN D 943 -16.80 27.40 -8.48
C GLN D 943 -16.10 26.44 -7.52
N ASP D 944 -16.72 26.16 -6.37
CA ASP D 944 -16.14 25.21 -5.43
C ASP D 944 -16.11 23.81 -6.05
N VAL D 945 -17.18 23.42 -6.75
CA VAL D 945 -17.15 22.14 -7.44
C VAL D 945 -15.99 22.09 -8.42
N VAL D 946 -15.86 23.13 -9.24
CA VAL D 946 -14.80 23.16 -10.25
C VAL D 946 -13.42 23.09 -9.58
N ASN D 947 -13.22 23.90 -8.56
CA ASN D 947 -11.92 23.98 -7.91
C ASN D 947 -11.58 22.67 -7.22
N HIS D 948 -12.56 22.03 -6.59
CA HIS D 948 -12.29 20.75 -5.95
C HIS D 948 -11.81 19.72 -6.97
N ASN D 949 -12.48 19.66 -8.12
CA ASN D 949 -12.05 18.70 -9.13
C ASN D 949 -10.64 19.02 -9.64
N ALA D 950 -10.37 20.29 -9.92
CA ALA D 950 -9.04 20.68 -10.41
C ALA D 950 -7.96 20.39 -9.37
N GLN D 951 -8.26 20.67 -8.11
CA GLN D 951 -7.30 20.46 -7.04
C GLN D 951 -7.02 18.98 -6.83
N ALA D 952 -8.04 18.13 -6.93
CA ALA D 952 -7.80 16.70 -6.83
C ALA D 952 -6.91 16.21 -7.95
N LEU D 953 -7.16 16.69 -9.18
CA LEU D 953 -6.31 16.27 -10.29
C LEU D 953 -4.87 16.75 -10.13
N ASN D 954 -4.69 17.99 -9.65
CA ASN D 954 -3.34 18.50 -9.43
C ASN D 954 -2.63 17.74 -8.31
N THR D 955 -3.37 17.37 -7.27
CA THR D 955 -2.79 16.55 -6.21
C THR D 955 -2.32 15.21 -6.77
N LEU D 956 -3.13 14.61 -7.63
CA LEU D 956 -2.73 13.36 -8.28
C LEU D 956 -1.44 13.55 -9.06
N VAL D 957 -1.34 14.63 -9.82
CA VAL D 957 -0.14 14.86 -10.61
C VAL D 957 1.08 15.04 -9.70
N LYS D 958 0.93 15.81 -8.62
CA LYS D 958 2.04 16.04 -7.71
C LYS D 958 2.45 14.80 -6.92
N GLN D 959 1.53 13.88 -6.66
CA GLN D 959 1.88 12.67 -5.93
C GLN D 959 2.76 11.72 -6.73
N LEU D 960 2.97 12.00 -8.01
CA LEU D 960 3.89 11.21 -8.81
C LEU D 960 5.35 11.48 -8.47
N SER D 961 5.65 12.55 -7.75
CA SER D 961 7.01 12.85 -7.32
C SER D 961 7.38 12.12 -6.04
N SER D 962 6.45 11.46 -5.39
CA SER D 962 6.76 10.67 -4.20
C SER D 962 7.49 9.40 -4.58
N LYS D 963 8.47 9.03 -3.76
CA LYS D 963 9.22 7.80 -3.98
C LYS D 963 8.65 6.60 -3.23
N PHE D 964 7.82 6.83 -2.21
CA PHE D 964 7.23 5.75 -1.43
C PHE D 964 8.28 4.81 -0.87
N GLY D 965 9.45 5.34 -0.55
CA GLY D 965 10.53 4.53 -0.02
C GLY D 965 11.41 3.86 -1.05
N ALA D 966 11.25 4.18 -2.33
CA ALA D 966 12.13 3.65 -3.36
C ALA D 966 13.31 4.61 -3.57
N ILE D 967 14.27 4.19 -4.38
CA ILE D 967 15.44 5.03 -4.63
C ILE D 967 15.08 6.26 -5.43
N SER D 968 14.13 6.15 -6.36
CA SER D 968 13.73 7.29 -7.17
C SER D 968 12.27 7.15 -7.53
N SER D 969 11.68 8.26 -7.96
CA SER D 969 10.32 8.26 -8.48
C SER D 969 10.28 8.01 -9.98
N VAL D 970 11.42 7.79 -10.61
CA VAL D 970 11.52 7.55 -12.05
C VAL D 970 11.72 6.06 -12.24
N LEU D 971 10.77 5.39 -12.87
CA LEU D 971 10.88 3.95 -13.06
C LEU D 971 12.08 3.60 -13.93
N ASN D 972 12.34 4.41 -14.96
CA ASN D 972 13.43 4.12 -15.88
C ASN D 972 14.77 4.10 -15.15
N ASP D 973 14.97 5.04 -14.22
CA ASP D 973 16.23 5.03 -13.47
C ASP D 973 16.35 3.78 -12.62
N ILE D 974 15.26 3.35 -11.99
CA ILE D 974 15.30 2.12 -11.21
C ILE D 974 15.73 0.95 -12.10
N PHE D 975 15.12 0.83 -13.27
CA PHE D 975 15.46 -0.28 -14.15
C PHE D 975 16.86 -0.17 -14.73
N SER D 976 17.36 1.04 -14.91
CA SER D 976 18.68 1.23 -15.49
C SER D 976 19.80 1.14 -14.47
N ARG D 977 19.50 1.17 -13.17
CA ARG D 977 20.53 1.10 -12.15
C ARG D 977 20.53 -0.18 -11.34
N LEU D 978 19.46 -0.95 -11.32
CA LEU D 978 19.34 -2.10 -10.43
C LEU D 978 18.99 -3.35 -11.23
N ASP D 979 19.45 -4.46 -10.74
CA ASP D 979 19.12 -5.73 -11.37
C ASP D 979 17.75 -6.20 -10.91
N PRO D 980 17.09 -7.05 -11.72
CA PRO D 980 15.72 -7.47 -11.42
C PRO D 980 15.52 -7.83 -9.95
N PRO D 981 16.44 -8.59 -9.33
CA PRO D 981 16.19 -8.98 -7.93
C PRO D 981 15.85 -7.83 -7.00
N GLU D 982 16.51 -6.68 -7.12
CA GLU D 982 16.23 -5.52 -6.28
C GLU D 982 15.28 -4.52 -6.96
N ALA D 983 15.37 -4.42 -8.28
CA ALA D 983 14.43 -3.59 -9.01
C ALA D 983 13.00 -4.02 -8.73
N GLU D 984 12.78 -5.30 -8.47
CA GLU D 984 11.44 -5.77 -8.17
C GLU D 984 10.94 -5.15 -6.87
N VAL D 985 11.78 -5.12 -5.84
CA VAL D 985 11.37 -4.51 -4.58
C VAL D 985 11.05 -3.03 -4.80
N GLN D 986 11.94 -2.32 -5.49
CA GLN D 986 11.72 -0.89 -5.68
C GLN D 986 10.48 -0.61 -6.50
N ILE D 987 10.30 -1.33 -7.60
CA ILE D 987 9.18 -1.10 -8.49
C ILE D 987 7.87 -1.51 -7.81
N ASP D 988 7.90 -2.56 -7.00
CA ASP D 988 6.72 -2.92 -6.25
C ASP D 988 6.32 -1.79 -5.30
N ARG D 989 7.30 -1.20 -4.62
CA ARG D 989 7.02 -0.05 -3.80
C ARG D 989 6.34 1.06 -4.60
N LEU D 990 6.93 1.42 -5.73
CA LEU D 990 6.39 2.54 -6.51
C LEU D 990 5.00 2.23 -7.03
N ILE D 991 4.80 1.04 -7.57
CA ILE D 991 3.51 0.67 -8.13
C ILE D 991 2.43 0.65 -7.06
N THR D 992 2.77 0.09 -5.89
CA THR D 992 1.81 0.07 -4.79
C THR D 992 1.46 1.48 -4.35
N GLY D 993 2.46 2.35 -4.23
CA GLY D 993 2.18 3.72 -3.83
C GLY D 993 1.28 4.44 -4.81
N ARG D 994 1.55 4.30 -6.11
CA ARG D 994 0.74 5.01 -7.09
C ARG D 994 -0.64 4.39 -7.26
N LEU D 995 -0.76 3.06 -7.09
CA LEU D 995 -2.07 2.44 -7.06
C LEU D 995 -2.89 2.94 -5.88
N GLN D 996 -2.25 3.11 -4.72
CA GLN D 996 -2.95 3.65 -3.57
C GLN D 996 -3.38 5.08 -3.83
N SER D 997 -2.52 5.87 -4.47
CA SER D 997 -2.88 7.25 -4.78
C SER D 997 -4.08 7.31 -5.72
N LEU D 998 -4.10 6.47 -6.75
CA LEU D 998 -5.25 6.44 -7.65
C LEU D 998 -6.51 5.95 -6.93
N GLN D 999 -6.37 4.94 -6.08
CA GLN D 999 -7.53 4.44 -5.35
C GLN D 999 -8.09 5.51 -4.42
N THR D 1000 -7.22 6.26 -3.77
CA THR D 1000 -7.68 7.37 -2.94
C THR D 1000 -8.42 8.40 -3.77
N TYR D 1001 -7.86 8.76 -4.93
CA TYR D 1001 -8.55 9.70 -5.80
C TYR D 1001 -9.95 9.20 -6.16
N VAL D 1002 -10.06 7.91 -6.50
CA VAL D 1002 -11.34 7.38 -6.94
C VAL D 1002 -12.33 7.33 -5.78
N THR D 1003 -11.87 6.96 -4.59
CA THR D 1003 -12.75 6.94 -3.43
C THR D 1003 -13.29 8.33 -3.13
N GLN D 1004 -12.42 9.34 -3.18
CA GLN D 1004 -12.86 10.70 -2.95
C GLN D 1004 -13.83 11.15 -4.04
N GLN D 1005 -13.59 10.75 -5.29
CA GLN D 1005 -14.51 11.08 -6.36
C GLN D 1005 -15.88 10.43 -6.13
N LEU D 1006 -15.90 9.18 -5.68
CA LEU D 1006 -17.17 8.54 -5.41
C LEU D 1006 -17.94 9.24 -4.31
N ILE D 1007 -17.24 9.65 -3.24
CA ILE D 1007 -17.91 10.35 -2.15
C ILE D 1007 -18.43 11.71 -2.62
N ARG D 1008 -17.61 12.46 -3.36
CA ARG D 1008 -18.06 13.75 -3.88
C ARG D 1008 -19.20 13.58 -4.88
N ALA D 1009 -19.20 12.49 -5.65
CA ALA D 1009 -20.27 12.25 -6.59
C ALA D 1009 -21.56 11.91 -5.86
N ALA D 1010 -21.48 11.22 -4.74
CA ALA D 1010 -22.69 11.00 -3.94
C ALA D 1010 -23.22 12.32 -3.41
N GLU D 1011 -22.33 13.22 -2.97
CA GLU D 1011 -22.78 14.54 -2.56
C GLU D 1011 -23.43 15.32 -3.70
N ILE D 1012 -22.82 15.29 -4.89
CA ILE D 1012 -23.36 15.99 -6.04
C ILE D 1012 -24.67 15.36 -6.49
N ARG D 1013 -24.82 14.05 -6.32
CA ARG D 1013 -26.07 13.39 -6.69
C ARG D 1013 -27.18 13.78 -5.73
N ALA D 1014 -26.87 13.92 -4.44
CA ALA D 1014 -27.86 14.46 -3.52
C ALA D 1014 -28.26 15.87 -3.92
N SER D 1015 -27.29 16.70 -4.28
CA SER D 1015 -27.61 18.07 -4.72
C SER D 1015 -28.44 18.07 -6.00
N ALA D 1016 -28.13 17.17 -6.94
CA ALA D 1016 -28.89 17.10 -8.18
C ALA D 1016 -30.31 16.58 -7.94
N ASN D 1017 -30.47 15.63 -7.01
CA ASN D 1017 -31.80 15.18 -6.65
C ASN D 1017 -32.61 16.31 -6.03
N LEU D 1018 -31.98 17.10 -5.16
CA LEU D 1018 -32.67 18.25 -4.59
C LEU D 1018 -33.03 19.26 -5.67
N ALA D 1019 -32.14 19.46 -6.64
CA ALA D 1019 -32.42 20.39 -7.74
C ALA D 1019 -33.58 19.88 -8.60
N ALA D 1020 -33.63 18.57 -8.85
CA ALA D 1020 -34.75 18.01 -9.61
C ALA D 1020 -36.05 18.17 -8.83
N THR D 1021 -36.02 17.95 -7.51
CA THR D 1021 -37.22 18.17 -6.70
C THR D 1021 -37.65 19.63 -6.74
N LYS D 1022 -36.69 20.56 -6.66
CA LYS D 1022 -37.03 21.98 -6.75
C LYS D 1022 -37.63 22.30 -8.12
N MET D 1023 -37.08 21.73 -9.18
CA MET D 1023 -37.62 21.98 -10.50
C MET D 1023 -39.04 21.48 -10.62
N SER D 1024 -39.31 20.29 -10.07
CA SER D 1024 -40.67 19.76 -10.12
C SER D 1024 -41.64 20.57 -9.28
N GLU D 1025 -41.24 20.98 -8.07
CA GLU D 1025 -42.19 21.52 -7.10
C GLU D 1025 -42.18 23.04 -7.02
N CYS D 1026 -41.13 23.70 -7.50
CA CYS D 1026 -41.07 25.15 -7.51
C CYS D 1026 -41.26 25.76 -8.89
N VAL D 1027 -40.79 25.09 -9.94
CA VAL D 1027 -40.94 25.58 -11.30
C VAL D 1027 -42.17 24.98 -11.98
N LEU D 1028 -42.42 23.69 -11.77
CA LEU D 1028 -43.56 23.02 -12.38
C LEU D 1028 -44.80 23.06 -11.49
N GLY D 1029 -44.73 23.74 -10.36
CA GLY D 1029 -45.90 23.88 -9.50
C GLY D 1029 -45.63 24.96 -8.48
N GLN D 1030 -46.64 25.23 -7.67
CA GLN D 1030 -46.51 26.15 -6.55
C GLN D 1030 -46.44 25.34 -5.27
N SER D 1031 -45.40 25.62 -4.48
CA SER D 1031 -45.11 24.83 -3.30
C SER D 1031 -45.69 25.47 -2.04
N LYS D 1032 -46.28 24.65 -1.19
CA LYS D 1032 -46.71 25.05 0.13
C LYS D 1032 -45.69 24.74 1.21
N ARG D 1033 -44.60 24.07 0.86
CA ARG D 1033 -43.57 23.74 1.84
C ARG D 1033 -42.82 25.00 2.24
N VAL D 1034 -42.70 25.23 3.54
CA VAL D 1034 -42.08 26.45 4.04
C VAL D 1034 -40.59 26.44 3.73
N ASP D 1035 -40.11 27.49 3.08
CA ASP D 1035 -38.71 27.74 2.76
C ASP D 1035 -38.14 26.77 1.74
N PHE D 1036 -38.98 25.98 1.05
CA PHE D 1036 -38.43 25.13 0.01
C PHE D 1036 -38.10 25.94 -1.25
N CYS D 1037 -38.95 26.90 -1.60
CA CYS D 1037 -38.78 27.68 -2.83
C CYS D 1037 -38.61 29.15 -2.51
N GLY D 1038 -37.72 29.47 -1.59
CA GLY D 1038 -37.46 30.84 -1.19
C GLY D 1038 -38.11 31.19 0.13
N LYS D 1039 -37.69 32.34 0.67
CA LYS D 1039 -38.24 32.83 1.92
C LYS D 1039 -39.47 33.67 1.65
N GLY D 1040 -40.58 33.33 2.29
CA GLY D 1040 -41.86 33.92 2.02
C GLY D 1040 -42.81 32.91 1.41
N TYR D 1041 -44.02 33.39 1.12
CA TYR D 1041 -45.02 32.54 0.49
C TYR D 1041 -44.69 32.41 -0.98
N HIS D 1042 -44.31 31.20 -1.39
CA HIS D 1042 -43.83 30.98 -2.74
C HIS D 1042 -44.93 31.25 -3.75
N LEU D 1043 -44.62 32.09 -4.73
CA LEU D 1043 -45.51 32.31 -5.87
C LEU D 1043 -45.09 31.47 -7.05
N MET D 1044 -43.84 31.58 -7.47
CA MET D 1044 -43.39 30.83 -8.63
C MET D 1044 -41.87 30.84 -8.64
N SER D 1045 -41.29 30.10 -9.58
CA SER D 1045 -39.85 30.02 -9.69
C SER D 1045 -39.45 29.86 -11.15
N PHE D 1046 -38.25 30.32 -11.46
CA PHE D 1046 -37.72 30.33 -12.82
C PHE D 1046 -36.34 29.70 -12.83
N PRO D 1047 -36.06 28.70 -13.65
CA PRO D 1047 -34.71 28.15 -13.70
C PRO D 1047 -33.82 28.89 -14.69
N GLN D 1048 -32.53 28.92 -14.36
CA GLN D 1048 -31.50 29.47 -15.24
C GLN D 1048 -30.32 28.53 -15.17
N SER D 1049 -29.81 28.13 -16.33
CA SER D 1049 -28.68 27.21 -16.35
C SER D 1049 -27.41 27.95 -15.99
N ALA D 1050 -26.64 27.40 -15.06
CA ALA D 1050 -25.32 27.88 -14.74
C ALA D 1050 -24.34 26.79 -15.11
N PRO D 1051 -23.10 27.13 -15.40
CA PRO D 1051 -22.19 26.17 -16.04
C PRO D 1051 -22.29 24.74 -15.54
N HIS D 1052 -22.14 24.51 -14.24
CA HIS D 1052 -22.18 23.15 -13.70
C HIS D 1052 -23.40 22.93 -12.81
N GLY D 1053 -24.39 23.78 -12.90
CA GLY D 1053 -25.53 23.67 -12.01
C GLY D 1053 -26.71 24.46 -12.47
N VAL D 1054 -27.59 24.77 -11.53
CA VAL D 1054 -28.82 25.48 -11.82
C VAL D 1054 -28.96 26.62 -10.83
N VAL D 1055 -29.60 27.69 -11.27
CA VAL D 1055 -29.97 28.81 -10.41
C VAL D 1055 -31.47 28.96 -10.48
N PHE D 1056 -32.11 28.97 -9.33
CA PHE D 1056 -33.53 29.18 -9.27
C PHE D 1056 -33.79 30.60 -8.83
N LEU D 1057 -34.63 31.30 -9.57
CA LEU D 1057 -35.12 32.62 -9.18
C LEU D 1057 -36.50 32.39 -8.58
N HIS D 1058 -36.57 32.47 -7.26
CA HIS D 1058 -37.81 32.25 -6.53
C HIS D 1058 -38.52 33.59 -6.34
N VAL D 1059 -39.76 33.68 -6.81
CA VAL D 1059 -40.62 34.82 -6.58
C VAL D 1059 -41.59 34.47 -5.47
N THR D 1060 -41.52 35.23 -4.38
CA THR D 1060 -42.29 35.01 -3.17
C THR D 1060 -43.03 36.28 -2.78
N TYR D 1061 -44.05 36.10 -1.96
CA TYR D 1061 -44.91 37.19 -1.48
C TYR D 1061 -44.61 37.41 0.00
N VAL D 1062 -44.12 38.58 0.34
CA VAL D 1062 -43.72 38.90 1.71
C VAL D 1062 -44.69 39.94 2.25
N PRO D 1063 -45.48 39.63 3.28
CA PRO D 1063 -46.34 40.66 3.86
C PRO D 1063 -45.51 41.81 4.41
N ALA D 1064 -46.09 43.01 4.41
CA ALA D 1064 -45.38 44.20 4.84
C ALA D 1064 -46.39 45.19 5.42
N GLN D 1065 -45.86 46.15 6.20
CA GLN D 1065 -46.64 47.24 6.76
C GLN D 1065 -47.81 46.71 7.59
N GLU D 1066 -47.48 45.98 8.63
CA GLU D 1066 -48.49 45.40 9.50
C GLU D 1066 -49.12 46.46 10.38
N LYS D 1067 -50.32 46.17 10.84
CA LYS D 1067 -51.05 47.05 11.73
C LYS D 1067 -51.71 46.23 12.82
N ASN D 1068 -51.67 46.74 14.04
CA ASN D 1068 -52.32 46.11 15.16
C ASN D 1068 -53.83 46.28 15.08
N PHE D 1069 -54.56 45.28 15.56
CA PHE D 1069 -56.00 45.35 15.69
C PHE D 1069 -56.41 44.56 16.91
N THR D 1070 -57.58 44.90 17.44
CA THR D 1070 -58.22 44.05 18.42
C THR D 1070 -58.97 42.95 17.69
N THR D 1071 -59.01 41.77 18.31
CA THR D 1071 -59.61 40.60 17.70
C THR D 1071 -60.34 39.82 18.78
N ALA D 1072 -61.32 39.03 18.35
CA ALA D 1072 -62.07 38.17 19.24
C ALA D 1072 -62.25 36.82 18.57
N PRO D 1073 -62.37 35.74 19.36
CA PRO D 1073 -62.57 34.43 18.73
C PRO D 1073 -63.85 34.32 17.93
N ALA D 1074 -64.93 34.94 18.41
CA ALA D 1074 -66.24 34.80 17.82
C ALA D 1074 -67.08 36.00 18.20
N ILE D 1075 -68.20 36.16 17.52
CA ILE D 1075 -69.09 37.30 17.72
C ILE D 1075 -70.46 36.77 18.15
N CYS D 1076 -70.97 37.28 19.27
CA CYS D 1076 -72.29 36.89 19.75
C CYS D 1076 -73.35 37.79 19.14
N HIS D 1077 -74.43 37.18 18.66
CA HIS D 1077 -75.49 37.94 18.01
C HIS D 1077 -76.77 37.13 18.08
N ASP D 1078 -77.83 37.73 18.63
CA ASP D 1078 -79.10 37.04 18.81
C ASP D 1078 -78.91 35.74 19.62
N GLY D 1079 -77.94 35.76 20.53
CA GLY D 1079 -77.68 34.58 21.33
C GLY D 1079 -77.01 33.45 20.58
N LYS D 1080 -76.43 33.72 19.41
CA LYS D 1080 -75.73 32.72 18.62
C LYS D 1080 -74.29 33.15 18.42
N ALA D 1081 -73.37 32.19 18.52
CA ALA D 1081 -71.96 32.46 18.30
C ALA D 1081 -71.62 32.32 16.82
N HIS D 1082 -70.91 33.32 16.28
CA HIS D 1082 -70.47 33.33 14.90
C HIS D 1082 -68.95 33.25 14.84
N PHE D 1083 -68.44 32.39 13.97
CA PHE D 1083 -67.02 32.27 13.69
C PHE D 1083 -66.76 32.62 12.24
N PRO D 1084 -65.62 33.27 11.94
CA PRO D 1084 -65.38 33.71 10.56
C PRO D 1084 -65.18 32.52 9.64
N ARG D 1085 -65.82 32.58 8.47
CA ARG D 1085 -65.70 31.49 7.49
C ARG D 1085 -64.28 31.37 6.99
N GLU D 1086 -63.79 32.40 6.29
CA GLU D 1086 -62.39 32.52 5.88
C GLU D 1086 -61.95 33.92 6.29
N GLY D 1087 -61.50 34.06 7.53
CA GLY D 1087 -61.05 35.35 7.98
C GLY D 1087 -60.84 35.36 9.48
N VAL D 1088 -60.56 36.54 9.97
CA VAL D 1088 -60.40 36.81 11.39
C VAL D 1088 -61.18 38.08 11.70
N PHE D 1089 -61.77 38.14 12.88
CA PHE D 1089 -62.48 39.35 13.30
C PHE D 1089 -61.46 40.37 13.78
N VAL D 1090 -61.53 41.57 13.22
CA VAL D 1090 -60.66 42.68 13.63
C VAL D 1090 -61.54 43.86 13.99
N SER D 1091 -60.99 44.77 14.77
CA SER D 1091 -61.69 45.97 15.18
C SER D 1091 -60.80 47.18 14.95
N ASN D 1092 -61.34 48.19 14.26
CA ASN D 1092 -60.69 49.47 14.07
C ASN D 1092 -60.77 50.35 15.30
N GLY D 1093 -61.18 49.80 16.44
CA GLY D 1093 -61.35 50.56 17.65
C GLY D 1093 -62.79 50.61 18.10
N THR D 1094 -63.71 50.78 17.16
CA THR D 1094 -65.15 50.82 17.45
C THR D 1094 -65.95 49.84 16.62
N HIS D 1095 -65.60 49.68 15.35
CA HIS D 1095 -66.35 48.80 14.44
C HIS D 1095 -65.61 47.49 14.23
N TRP D 1096 -66.39 46.44 13.96
CA TRP D 1096 -65.86 45.10 13.80
C TRP D 1096 -66.03 44.65 12.36
N PHE D 1097 -64.94 44.17 11.77
CA PHE D 1097 -64.95 43.64 10.41
C PHE D 1097 -64.36 42.23 10.42
N VAL D 1098 -64.56 41.53 9.33
CA VAL D 1098 -63.89 40.25 9.08
C VAL D 1098 -62.91 40.46 7.95
N THR D 1099 -61.68 40.00 8.14
CA THR D 1099 -60.63 40.24 7.16
C THR D 1099 -59.93 38.94 6.82
N GLN D 1100 -59.40 38.87 5.60
CA GLN D 1100 -58.47 37.80 5.27
C GLN D 1100 -57.16 38.00 6.03
N ARG D 1101 -56.48 36.89 6.29
CA ARG D 1101 -55.39 36.90 7.27
C ARG D 1101 -54.10 37.52 6.75
N ASN D 1102 -53.79 37.41 5.46
CA ASN D 1102 -52.50 37.83 4.93
C ASN D 1102 -52.56 39.19 4.25
N PHE D 1103 -53.68 39.91 4.33
CA PHE D 1103 -53.83 41.20 3.69
C PHE D 1103 -55.05 41.89 4.27
N TYR D 1104 -54.90 43.12 4.76
CA TYR D 1104 -56.02 43.79 5.41
C TYR D 1104 -57.04 44.23 4.39
N GLU D 1105 -58.20 43.56 4.38
CA GLU D 1105 -59.33 43.92 3.53
C GLU D 1105 -60.60 43.76 4.35
N PRO D 1106 -60.90 44.73 5.22
CA PRO D 1106 -62.01 44.56 6.17
C PRO D 1106 -63.36 44.54 5.47
N GLN D 1107 -64.25 43.69 5.94
CA GLN D 1107 -65.59 43.53 5.39
C GLN D 1107 -66.61 43.60 6.51
N ILE D 1108 -67.82 44.04 6.17
CA ILE D 1108 -68.90 44.03 7.14
C ILE D 1108 -69.19 42.59 7.52
N ILE D 1109 -69.41 42.36 8.81
CA ILE D 1109 -69.63 41.00 9.30
C ILE D 1109 -71.07 40.61 9.03
N THR D 1110 -71.32 40.01 7.88
CA THR D 1110 -72.66 39.60 7.52
C THR D 1110 -72.84 38.11 7.84
N THR D 1111 -73.95 37.53 7.42
CA THR D 1111 -74.17 36.11 7.59
C THR D 1111 -73.66 35.29 6.42
N ASP D 1112 -73.13 35.95 5.38
CA ASP D 1112 -72.51 35.26 4.25
C ASP D 1112 -71.00 35.20 4.36
N ASN D 1113 -70.41 35.71 5.44
CA ASN D 1113 -68.98 35.57 5.66
C ASN D 1113 -68.64 34.96 7.02
N THR D 1114 -69.65 34.59 7.82
CA THR D 1114 -69.45 33.88 9.07
C THR D 1114 -70.35 32.66 9.09
N PHE D 1115 -70.14 31.81 10.08
CA PHE D 1115 -70.99 30.64 10.28
C PHE D 1115 -71.29 30.48 11.76
N VAL D 1116 -72.49 30.00 12.05
CA VAL D 1116 -73.02 29.93 13.41
C VAL D 1116 -72.70 28.56 14.00
N SER D 1117 -72.32 28.54 15.27
CA SER D 1117 -72.12 27.27 15.96
C SER D 1117 -72.29 27.52 17.47
N GLY D 1118 -73.40 27.07 18.03
CA GLY D 1118 -73.59 27.14 19.45
C GLY D 1118 -73.99 28.52 19.93
N ASN D 1119 -73.92 28.68 21.24
CA ASN D 1119 -74.32 29.90 21.93
C ASN D 1119 -73.07 30.66 22.37
N CYS D 1120 -73.31 31.79 23.04
CA CYS D 1120 -72.24 32.66 23.49
C CYS D 1120 -71.77 32.35 24.90
N ASP D 1121 -71.97 31.11 25.37
CA ASP D 1121 -71.67 30.74 26.74
C ASP D 1121 -70.48 29.79 26.86
N VAL D 1122 -69.77 29.51 25.77
CA VAL D 1122 -68.60 28.63 25.80
C VAL D 1122 -67.36 29.36 25.27
N VAL D 1123 -67.46 29.99 24.11
CA VAL D 1123 -66.30 30.60 23.48
C VAL D 1123 -65.69 31.63 24.40
N ILE D 1124 -64.44 31.41 24.79
CA ILE D 1124 -63.75 32.26 25.76
C ILE D 1124 -63.24 33.51 25.05
N GLY D 1125 -64.06 34.56 25.03
CA GLY D 1125 -63.65 35.81 24.40
C GLY D 1125 -64.66 36.34 23.41
N ILE D 1126 -65.77 35.63 23.25
CA ILE D 1126 -66.80 36.01 22.28
C ILE D 1126 -67.26 37.45 22.54
N VAL D 1127 -67.27 38.26 21.50
CA VAL D 1127 -67.59 39.68 21.60
C VAL D 1127 -69.01 39.90 21.11
N ASN D 1128 -69.66 40.93 21.64
CA ASN D 1128 -71.04 41.26 21.31
C ASN D 1128 -71.06 42.26 20.15
N ASN D 1129 -71.69 41.89 19.05
CA ASN D 1129 -71.81 42.78 17.91
C ASN D 1129 -72.95 42.29 17.02
N THR D 1130 -73.15 42.99 15.91
CA THR D 1130 -74.28 42.77 15.03
C THR D 1130 -73.82 42.08 13.75
N VAL D 1131 -74.54 41.04 13.35
CA VAL D 1131 -74.32 40.39 12.07
C VAL D 1131 -75.39 40.90 11.10
N TYR D 1132 -74.96 41.53 10.02
CA TYR D 1132 -75.87 42.13 9.05
C TYR D 1132 -76.43 41.05 8.13
N ASP D 1133 -77.45 40.37 8.63
CA ASP D 1133 -78.22 39.43 7.81
C ASP D 1133 -78.79 40.18 6.60
N PRO D 1134 -78.31 39.93 5.39
CA PRO D 1134 -78.85 40.66 4.24
C PRO D 1134 -80.19 40.09 3.76
N ALA E 27 -7.00 -38.50 42.73
CA ALA E 27 -7.07 -37.26 43.49
C ALA E 27 -7.09 -36.05 42.56
N TYR E 28 -8.26 -35.42 42.43
CA TYR E 28 -8.43 -34.29 41.52
C TYR E 28 -9.27 -33.22 42.18
N THR E 29 -9.17 -32.01 41.66
CA THR E 29 -9.89 -30.87 42.21
C THR E 29 -10.08 -29.83 41.11
N ASN E 30 -10.93 -28.85 41.41
CA ASN E 30 -11.24 -27.77 40.49
C ASN E 30 -10.28 -26.62 40.72
N SER E 31 -9.79 -26.03 39.63
CA SER E 31 -8.81 -24.96 39.73
C SER E 31 -9.42 -23.57 39.84
N PHE E 32 -10.74 -23.45 39.66
CA PHE E 32 -11.39 -22.14 39.77
C PHE E 32 -10.72 -21.13 38.84
N THR E 33 -10.54 -19.90 39.30
CA THR E 33 -9.87 -18.86 38.53
C THR E 33 -8.51 -18.51 39.12
N ARG E 34 -7.79 -19.52 39.59
CA ARG E 34 -6.47 -19.36 40.15
C ARG E 34 -5.41 -19.47 39.08
N GLY E 35 -4.21 -18.98 39.40
CA GLY E 35 -3.06 -19.15 38.53
C GLY E 35 -2.71 -17.97 37.66
N VAL E 36 -3.45 -16.87 37.75
CA VAL E 36 -3.16 -15.69 36.94
C VAL E 36 -1.92 -15.01 37.51
N TYR E 37 -1.02 -14.58 36.62
CA TYR E 37 0.20 -13.90 37.01
C TYR E 37 0.42 -12.72 36.08
N TYR E 38 1.21 -11.76 36.54
CA TYR E 38 1.54 -10.61 35.73
C TYR E 38 2.41 -11.06 34.55
N PRO E 39 1.95 -10.89 33.31
CA PRO E 39 2.71 -11.43 32.17
C PRO E 39 3.85 -10.57 31.67
N ASP E 40 4.14 -9.44 32.32
CA ASP E 40 5.21 -8.55 31.91
C ASP E 40 5.50 -7.61 33.06
N LYS E 41 6.40 -6.66 32.82
CA LYS E 41 6.79 -5.70 33.84
C LYS E 41 6.35 -4.31 33.43
N VAL E 42 5.11 -4.20 32.94
CA VAL E 42 4.55 -2.95 32.42
C VAL E 42 3.46 -2.50 33.37
N PHE E 43 3.50 -1.22 33.74
CA PHE E 43 2.45 -0.65 34.59
C PHE E 43 1.28 -0.18 33.73
N ARG E 44 0.10 -0.67 34.03
CA ARG E 44 -1.13 -0.27 33.36
C ARG E 44 -2.15 0.11 34.42
N SER E 45 -2.84 1.23 34.20
CA SER E 45 -3.75 1.78 35.20
C SER E 45 -5.15 1.87 34.62
N SER E 46 -6.09 1.16 35.24
CA SER E 46 -7.51 1.26 34.91
C SER E 46 -7.76 0.95 33.43
N VAL E 47 -7.43 -0.29 33.05
CA VAL E 47 -7.60 -0.71 31.66
C VAL E 47 -7.97 -2.18 31.63
N LEU E 48 -8.49 -2.62 30.48
CA LEU E 48 -8.64 -4.03 30.17
C LEU E 48 -7.65 -4.34 29.06
N HIS E 49 -6.75 -5.30 29.31
CA HIS E 49 -5.66 -5.60 28.41
C HIS E 49 -5.73 -7.06 28.00
N SER E 50 -5.66 -7.33 26.71
CA SER E 50 -5.76 -8.68 26.20
C SER E 50 -4.37 -9.26 26.01
N THR E 51 -4.09 -10.36 26.68
CA THR E 51 -2.76 -10.97 26.66
C THR E 51 -2.89 -12.41 26.19
N GLN E 52 -2.03 -12.79 25.25
CA GLN E 52 -1.94 -14.17 24.79
C GLN E 52 -0.66 -14.76 25.39
N ASP E 53 -0.82 -15.67 26.34
CA ASP E 53 0.33 -16.23 27.05
C ASP E 53 -0.01 -17.63 27.52
N LEU E 54 0.92 -18.25 28.24
CA LEU E 54 0.72 -19.56 28.82
C LEU E 54 0.07 -19.39 30.19
N PHE E 55 -1.17 -19.85 30.32
CA PHE E 55 -1.95 -19.69 31.54
C PHE E 55 -2.56 -21.01 31.93
N LEU E 56 -2.91 -21.13 33.21
CA LEU E 56 -3.68 -22.27 33.68
C LEU E 56 -5.15 -22.01 33.32
N PRO E 57 -5.77 -22.83 32.48
CA PRO E 57 -7.16 -22.54 32.07
C PRO E 57 -8.09 -22.52 33.27
N PHE E 58 -9.04 -21.60 33.24
CA PHE E 58 -10.02 -21.52 34.31
C PHE E 58 -10.76 -22.84 34.44
N PHE E 59 -11.00 -23.26 35.68
CA PHE E 59 -11.76 -24.48 35.96
C PHE E 59 -11.09 -25.69 35.32
N SER E 60 -9.80 -25.84 35.62
CA SER E 60 -9.00 -26.93 35.09
C SER E 60 -9.07 -28.14 36.02
N ASN E 61 -8.67 -29.28 35.48
CA ASN E 61 -8.55 -30.51 36.25
C ASN E 61 -7.14 -30.53 36.84
N VAL E 62 -7.03 -30.25 38.14
CA VAL E 62 -5.75 -30.09 38.83
C VAL E 62 -5.52 -31.26 39.76
N THR E 63 -4.32 -31.85 39.71
CA THR E 63 -4.01 -33.04 40.49
C THR E 63 -3.72 -32.66 41.94
N TRP E 64 -4.40 -33.32 42.86
CA TRP E 64 -4.31 -33.03 44.29
C TRP E 64 -3.48 -34.13 44.96
N PHE E 65 -2.51 -33.75 45.79
CA PHE E 65 -1.69 -34.70 46.51
C PHE E 65 -1.71 -34.35 48.00
N HIS E 66 -1.84 -35.38 48.83
CA HIS E 66 -1.97 -35.21 50.27
C HIS E 66 -0.69 -35.69 50.93
N VAL E 67 0.03 -34.78 51.57
CA VAL E 67 1.24 -35.11 52.30
C VAL E 67 1.00 -34.91 53.79
N ASN E 79 5.38 -38.11 46.52
CA ASN E 79 6.26 -37.21 45.78
C ASN E 79 6.62 -37.82 44.42
N PRO E 80 5.62 -38.04 43.58
CA PRO E 80 5.89 -38.57 42.24
C PRO E 80 6.60 -37.55 41.37
N VAL E 81 7.24 -38.06 40.32
CA VAL E 81 7.90 -37.21 39.33
C VAL E 81 6.86 -36.87 38.27
N LEU E 82 6.33 -35.65 38.32
CA LEU E 82 5.38 -35.21 37.33
C LEU E 82 6.11 -34.62 36.13
N PRO E 83 5.50 -34.63 34.95
CA PRO E 83 6.11 -33.99 33.79
C PRO E 83 6.00 -32.48 33.86
N PHE E 84 6.89 -31.81 33.11
CA PHE E 84 6.91 -30.35 32.99
C PHE E 84 6.57 -30.03 31.54
N ASN E 85 5.28 -30.00 31.23
CA ASN E 85 4.85 -29.94 29.85
C ASN E 85 5.18 -28.59 29.22
N ASP E 86 4.57 -27.52 29.73
CA ASP E 86 4.76 -26.18 29.21
C ASP E 86 4.74 -25.16 30.33
N GLY E 87 5.35 -25.50 31.46
CA GLY E 87 5.20 -24.75 32.69
C GLY E 87 4.16 -25.38 33.59
N VAL E 88 4.21 -24.99 34.86
CA VAL E 88 3.40 -25.65 35.88
C VAL E 88 2.91 -24.62 36.88
N TYR E 89 1.69 -24.79 37.34
CA TYR E 89 1.16 -24.10 38.49
C TYR E 89 1.17 -25.05 39.68
N PHE E 90 1.62 -24.54 40.82
CA PHE E 90 1.86 -25.36 42.00
C PHE E 90 1.33 -24.61 43.21
N ALA E 91 0.32 -25.14 43.87
CA ALA E 91 -0.20 -24.54 45.08
C ALA E 91 0.01 -25.48 46.24
N SER E 92 0.03 -24.92 47.45
CA SER E 92 0.13 -25.76 48.64
C SER E 92 -0.41 -25.05 49.87
N ILE E 93 -1.09 -25.81 50.73
CA ILE E 93 -1.58 -25.32 52.01
C ILE E 93 -0.96 -26.21 53.08
N GLU E 94 0.05 -25.70 53.77
CA GLU E 94 0.73 -26.42 54.84
C GLU E 94 1.26 -25.42 55.84
N LYS E 95 0.83 -25.52 57.09
CA LYS E 95 1.30 -24.63 58.16
C LYS E 95 2.47 -25.28 58.91
N SER E 96 3.43 -25.81 58.14
CA SER E 96 4.71 -26.19 58.74
C SER E 96 5.87 -25.89 57.80
N ASN E 97 5.58 -25.61 56.53
CA ASN E 97 6.58 -25.58 55.49
C ASN E 97 7.22 -26.96 55.31
N ILE E 98 6.36 -27.97 55.16
CA ILE E 98 6.86 -29.29 54.77
C ILE E 98 7.52 -29.23 53.40
N ILE E 99 6.92 -28.51 52.46
CA ILE E 99 7.44 -28.40 51.11
C ILE E 99 8.65 -27.48 51.15
N ARG E 100 9.82 -28.03 50.85
CA ARG E 100 11.08 -27.30 50.93
C ARG E 100 11.54 -26.78 49.57
N GLY E 101 11.42 -27.56 48.52
CA GLY E 101 11.86 -27.12 47.21
C GLY E 101 11.37 -27.97 46.06
N TRP E 102 12.17 -27.99 45.00
CA TRP E 102 11.83 -28.72 43.78
C TRP E 102 13.10 -29.11 43.05
N ILE E 103 13.03 -30.28 42.40
CA ILE E 103 13.97 -30.65 41.34
C ILE E 103 13.25 -30.45 40.02
N PHE E 104 13.96 -29.87 39.05
CA PHE E 104 13.50 -29.86 37.67
C PHE E 104 14.65 -30.41 36.83
N GLY E 105 14.34 -31.20 35.84
CA GLY E 105 15.36 -31.76 34.97
C GLY E 105 14.73 -32.51 33.84
N THR E 106 15.50 -33.39 33.22
CA THR E 106 14.99 -34.33 32.23
C THR E 106 15.25 -35.77 32.64
N THR E 107 16.47 -36.10 33.04
CA THR E 107 16.79 -37.42 33.56
C THR E 107 16.86 -37.45 35.08
N LEU E 108 16.90 -36.27 35.73
CA LEU E 108 17.03 -36.18 37.19
C LEU E 108 18.21 -37.02 37.67
N ASP E 109 19.33 -36.89 36.96
CA ASP E 109 20.54 -37.63 37.28
C ASP E 109 21.73 -36.90 36.67
N SER E 110 22.92 -37.43 36.94
CA SER E 110 24.13 -36.82 36.41
C SER E 110 24.24 -36.99 34.90
N LYS E 111 23.36 -37.80 34.32
CA LYS E 111 23.41 -38.04 32.87
C LYS E 111 23.44 -36.73 32.11
N THR E 112 22.56 -35.79 32.49
CA THR E 112 22.52 -34.45 31.91
C THR E 112 22.27 -33.44 33.01
N GLN E 113 22.34 -32.17 32.64
CA GLN E 113 22.24 -31.09 33.61
C GLN E 113 20.85 -31.05 34.24
N SER E 114 20.79 -30.56 35.47
CA SER E 114 19.55 -30.51 36.23
C SER E 114 19.54 -29.27 37.12
N LEU E 115 18.38 -28.97 37.68
CA LEU E 115 18.16 -27.76 38.45
C LEU E 115 17.52 -28.11 39.79
N LEU E 116 17.99 -27.46 40.85
CA LEU E 116 17.51 -27.68 42.21
C LEU E 116 17.21 -26.34 42.85
N ILE E 117 16.04 -26.24 43.48
CA ILE E 117 15.67 -25.08 44.27
C ILE E 117 15.30 -25.59 45.66
N VAL E 118 15.90 -25.01 46.70
CA VAL E 118 15.64 -25.43 48.07
C VAL E 118 15.42 -24.18 48.92
N ASN E 119 14.27 -24.11 49.58
CA ASN E 119 13.96 -23.01 50.48
C ASN E 119 14.26 -23.41 51.92
N ASN E 120 15.55 -23.59 52.21
CA ASN E 120 15.96 -23.87 53.57
C ASN E 120 15.65 -22.67 54.46
N ALA E 121 15.44 -22.95 55.74
CA ALA E 121 15.10 -21.91 56.72
C ALA E 121 16.07 -20.74 56.61
N THR E 122 17.32 -21.04 56.25
CA THR E 122 18.31 -19.98 56.10
C THR E 122 17.93 -19.04 54.97
N ASN E 123 17.99 -19.54 53.73
CA ASN E 123 17.72 -18.75 52.54
C ASN E 123 17.15 -19.69 51.48
N VAL E 124 17.11 -19.22 50.23
CA VAL E 124 16.79 -20.05 49.08
C VAL E 124 18.09 -20.28 48.31
N VAL E 125 18.34 -21.53 47.93
CA VAL E 125 19.52 -21.88 47.15
C VAL E 125 19.05 -22.50 45.84
N ILE E 126 19.43 -21.87 44.73
CA ILE E 126 19.10 -22.37 43.40
C ILE E 126 20.42 -22.76 42.73
N LYS E 127 20.58 -24.05 42.44
CA LYS E 127 21.81 -24.58 41.85
C LYS E 127 21.45 -25.42 40.64
N VAL E 128 22.07 -25.12 39.51
CA VAL E 128 21.86 -25.87 38.27
C VAL E 128 23.15 -26.65 38.03
N CYS E 129 23.17 -27.89 38.50
CA CYS E 129 24.36 -28.72 38.44
C CYS E 129 24.03 -30.05 37.77
N GLU E 130 25.08 -30.83 37.51
CA GLU E 130 24.93 -32.18 37.01
C GLU E 130 24.78 -33.13 38.19
N PHE E 131 24.34 -32.60 39.33
CA PHE E 131 24.13 -33.41 40.53
C PHE E 131 23.14 -34.52 40.24
N GLN E 132 23.43 -35.70 40.78
CA GLN E 132 22.57 -36.87 40.68
C GLN E 132 21.71 -36.97 41.94
N PHE E 133 20.41 -37.08 41.75
CA PHE E 133 19.45 -37.06 42.84
C PHE E 133 19.24 -38.47 43.38
N CYS E 134 18.23 -38.64 44.22
CA CYS E 134 17.90 -39.94 44.80
C CYS E 134 16.42 -40.21 44.56
N ASN E 135 15.96 -41.40 44.93
CA ASN E 135 14.58 -41.80 44.71
C ASN E 135 13.61 -40.94 45.51
N ASP E 136 13.90 -40.71 46.80
CA ASP E 136 13.02 -39.94 47.68
C ASP E 136 13.80 -38.83 48.37
N PRO E 137 14.17 -37.77 47.66
CA PRO E 137 14.89 -36.66 48.29
C PRO E 137 14.07 -35.98 49.38
N PHE E 138 14.79 -35.42 50.35
CA PHE E 138 14.17 -34.62 51.41
C PHE E 138 15.23 -33.90 52.22
N ASN E 159 27.73 -32.39 40.89
CA ASN E 159 28.97 -32.55 40.13
C ASN E 159 29.41 -31.21 39.51
N ASN E 160 29.01 -30.96 38.27
CA ASN E 160 29.41 -29.75 37.55
C ASN E 160 28.32 -28.70 37.73
N CYS E 161 28.50 -27.80 38.70
CA CYS E 161 27.50 -26.76 38.96
C CYS E 161 27.70 -25.63 37.96
N THR E 162 26.64 -25.37 37.18
CA THR E 162 26.65 -24.42 36.09
C THR E 162 25.99 -23.09 36.45
N PHE E 163 25.57 -22.92 37.70
CA PHE E 163 24.82 -21.74 38.12
C PHE E 163 24.60 -21.83 39.62
N GLU E 164 24.38 -20.68 40.25
CA GLU E 164 24.14 -20.62 41.68
C GLU E 164 23.38 -19.34 41.99
N TYR E 165 22.68 -19.34 43.12
CA TYR E 165 21.87 -18.19 43.51
C TYR E 165 21.40 -18.33 44.95
N VAL E 166 21.39 -17.22 45.69
CA VAL E 166 20.90 -17.22 47.06
C VAL E 166 20.18 -15.90 47.32
N SER E 167 19.07 -15.97 48.06
CA SER E 167 18.33 -14.78 48.45
C SER E 167 17.35 -15.14 49.57
N GLN E 168 16.67 -14.13 50.08
CA GLN E 168 15.68 -14.32 51.13
C GLN E 168 16.36 -14.74 52.43
N PHE E 181 -5.77 -21.00 60.56
CA PHE E 181 -5.50 -19.89 59.66
C PHE E 181 -4.19 -20.17 58.93
N LYS E 182 -4.10 -21.38 58.36
CA LYS E 182 -2.94 -21.80 57.59
C LYS E 182 -2.86 -21.01 56.28
N ASN E 183 -1.71 -21.10 55.61
CA ASN E 183 -1.38 -20.25 54.49
C ASN E 183 -1.32 -21.03 53.18
N LEU E 184 -1.82 -20.39 52.12
CA LEU E 184 -1.75 -20.89 50.76
C LEU E 184 -0.60 -20.22 50.03
N ARG E 185 0.28 -21.03 49.44
CA ARG E 185 1.41 -20.52 48.67
C ARG E 185 1.28 -21.03 47.25
N GLU E 186 1.33 -20.12 46.28
CA GLU E 186 1.17 -20.45 44.87
C GLU E 186 2.40 -20.01 44.09
N PHE E 187 2.86 -20.89 43.20
CA PHE E 187 4.02 -20.65 42.36
C PHE E 187 3.68 -21.02 40.93
N VAL E 188 4.19 -20.25 39.98
CA VAL E 188 4.10 -20.58 38.57
C VAL E 188 5.52 -20.66 38.02
N PHE E 189 5.85 -21.79 37.40
CA PHE E 189 7.17 -22.03 36.85
C PHE E 189 7.05 -22.16 35.35
N LYS E 190 7.85 -21.38 34.62
CA LYS E 190 7.91 -21.46 33.17
C LYS E 190 9.36 -21.54 32.73
N ASN E 191 9.58 -22.14 31.56
CA ASN E 191 10.90 -22.25 30.95
C ASN E 191 10.77 -21.81 29.50
N ILE E 192 11.04 -20.53 29.25
CA ILE E 192 10.88 -19.98 27.91
C ILE E 192 12.13 -19.19 27.54
N ASP E 193 12.57 -19.38 26.30
CA ASP E 193 13.76 -18.72 25.77
C ASP E 193 14.97 -18.99 26.67
N GLY E 194 15.05 -20.23 27.16
CA GLY E 194 16.16 -20.66 27.97
C GLY E 194 16.22 -19.97 29.33
N TYR E 195 15.16 -19.22 29.65
CA TYR E 195 15.05 -18.55 30.94
C TYR E 195 14.03 -19.29 31.80
N PHE E 196 14.36 -19.42 33.09
CA PHE E 196 13.47 -20.05 34.07
C PHE E 196 12.79 -18.94 34.87
N LYS E 197 11.49 -18.80 34.70
CA LYS E 197 10.72 -17.75 35.35
C LYS E 197 9.86 -18.34 36.46
N ILE E 198 9.88 -17.67 37.61
CA ILE E 198 9.10 -18.06 38.77
C ILE E 198 8.29 -16.85 39.21
N TYR E 199 6.97 -17.02 39.25
CA TYR E 199 6.06 -16.07 39.85
C TYR E 199 5.48 -16.70 41.11
N SER E 200 5.13 -15.89 42.09
CA SER E 200 4.66 -16.46 43.35
C SER E 200 3.72 -15.50 44.05
N LYS E 201 2.90 -16.07 44.92
CA LYS E 201 2.01 -15.28 45.77
C LYS E 201 1.68 -16.08 47.03
N HIS E 202 1.71 -15.41 48.17
CA HIS E 202 1.39 -16.02 49.45
C HIS E 202 0.16 -15.34 50.04
N THR E 203 -0.80 -16.14 50.50
CA THR E 203 -2.03 -15.63 51.06
C THR E 203 -2.37 -16.45 52.31
N PRO E 204 -3.06 -15.86 53.29
CA PRO E 204 -3.69 -16.68 54.33
C PRO E 204 -5.15 -17.00 54.01
N ILE E 205 -5.55 -18.26 54.17
CA ILE E 205 -6.90 -18.68 53.82
C ILE E 205 -7.74 -18.79 55.09
N ASP E 212 -9.34 -28.90 48.31
CA ASP E 212 -10.01 -27.79 47.64
C ASP E 212 -9.06 -26.59 47.57
N LEU E 213 -9.47 -25.56 46.82
CA LEU E 213 -8.70 -24.33 46.71
C LEU E 213 -9.65 -23.15 46.88
N PRO E 214 -9.15 -22.01 47.35
CA PRO E 214 -10.03 -20.86 47.58
C PRO E 214 -10.69 -20.40 46.28
N GLN E 215 -11.91 -19.88 46.42
CA GLN E 215 -12.67 -19.38 45.27
C GLN E 215 -12.49 -17.88 45.09
N GLY E 216 -11.23 -17.44 45.00
CA GLY E 216 -10.90 -16.05 44.86
C GLY E 216 -9.89 -15.82 43.73
N PHE E 217 -9.61 -14.54 43.49
CA PHE E 217 -8.68 -14.12 42.46
C PHE E 217 -7.51 -13.39 43.11
N SER E 218 -6.30 -13.80 42.77
CA SER E 218 -5.09 -13.10 43.18
C SER E 218 -4.02 -13.39 42.14
N ALA E 219 -3.31 -12.34 41.72
CA ALA E 219 -2.37 -12.46 40.61
C ALA E 219 -0.96 -12.67 41.13
N LEU E 220 -0.31 -13.74 40.67
CA LEU E 220 1.05 -14.03 41.08
C LEU E 220 2.00 -12.99 40.50
N GLU E 221 2.98 -12.59 41.31
CA GLU E 221 3.89 -11.53 40.92
C GLU E 221 5.26 -12.10 40.55
N PRO E 222 5.98 -11.45 39.63
CA PRO E 222 7.29 -12.00 39.24
C PRO E 222 8.21 -12.12 40.44
N LEU E 223 8.73 -13.32 40.65
CA LEU E 223 9.66 -13.56 41.74
C LEU E 223 11.10 -13.53 41.23
N VAL E 224 11.44 -14.43 40.30
CA VAL E 224 12.79 -14.45 39.76
C VAL E 224 12.82 -15.00 38.34
N ASP E 225 13.53 -14.33 37.45
CA ASP E 225 13.89 -14.89 36.15
C ASP E 225 15.38 -15.23 36.19
N LEU E 226 15.72 -16.47 35.88
CA LEU E 226 17.09 -16.97 35.98
C LEU E 226 17.59 -17.44 34.62
N PRO E 227 18.82 -17.07 34.22
CA PRO E 227 19.32 -17.50 32.92
C PRO E 227 19.69 -18.98 32.84
N ILE E 228 19.48 -19.74 33.91
CA ILE E 228 19.65 -21.20 33.99
C ILE E 228 20.29 -21.76 32.73
N GLY E 229 19.50 -22.41 31.88
CA GLY E 229 20.01 -22.96 30.63
C GLY E 229 19.60 -24.39 30.34
N ILE E 230 18.99 -25.06 31.31
CA ILE E 230 18.58 -26.45 31.17
C ILE E 230 17.25 -26.53 30.43
N ASN E 231 16.82 -27.76 30.12
CA ASN E 231 15.71 -28.03 29.23
C ASN E 231 14.63 -28.83 29.98
N ILE E 232 14.20 -28.29 31.12
CA ILE E 232 13.31 -28.96 32.06
C ILE E 232 12.24 -29.74 31.32
N THR E 233 12.07 -31.01 31.70
CA THR E 233 11.02 -31.86 31.15
C THR E 233 10.18 -32.55 32.22
N ARG E 234 10.76 -32.79 33.40
CA ARG E 234 10.07 -33.39 34.54
C ARG E 234 10.54 -32.67 35.79
N PHE E 235 9.83 -32.89 36.89
CA PHE E 235 10.13 -32.20 38.14
C PHE E 235 9.46 -32.95 39.29
N GLN E 236 9.94 -32.67 40.50
CA GLN E 236 9.41 -33.33 41.68
C GLN E 236 9.57 -32.44 42.90
N THR E 237 8.58 -32.47 43.78
CA THR E 237 8.59 -31.65 44.98
C THR E 237 9.55 -32.21 46.02
N LEU E 238 10.04 -31.32 46.90
CA LEU E 238 10.99 -31.66 47.96
C LEU E 238 10.41 -31.25 49.31
N LEU E 239 10.27 -32.23 50.18
CA LEU E 239 9.81 -32.02 51.54
C LEU E 239 10.76 -32.69 52.54
N ALA E 261 -0.86 -30.46 51.78
CA ALA E 261 -1.21 -30.97 50.47
C ALA E 261 -0.80 -30.00 49.38
N TYR E 262 -0.39 -30.53 48.22
CA TYR E 262 0.00 -29.71 47.09
C TYR E 262 -0.76 -30.08 45.84
N TYR E 263 -1.05 -29.06 45.03
CA TYR E 263 -1.87 -29.18 43.83
C TYR E 263 -1.04 -28.77 42.64
N VAL E 264 -1.14 -29.54 41.56
CA VAL E 264 -0.35 -29.29 40.36
C VAL E 264 -1.31 -29.14 39.18
N GLY E 265 -1.22 -28.02 38.49
CA GLY E 265 -1.94 -27.78 37.25
C GLY E 265 -0.98 -27.43 36.14
N TYR E 266 -1.42 -27.51 34.89
CA TYR E 266 -0.52 -27.36 33.75
C TYR E 266 -0.95 -26.16 32.91
N LEU E 267 0.01 -25.33 32.55
CA LEU E 267 -0.24 -24.16 31.72
C LEU E 267 -0.45 -24.59 30.27
N GLN E 268 -1.24 -23.79 29.54
CA GLN E 268 -1.47 -24.00 28.13
C GLN E 268 -1.54 -22.65 27.45
N PRO E 269 -1.25 -22.56 26.14
CA PRO E 269 -1.37 -21.29 25.43
C PRO E 269 -2.81 -20.82 25.35
N ARG E 270 -3.09 -19.59 25.77
CA ARG E 270 -4.45 -19.11 25.87
C ARG E 270 -4.47 -17.60 25.83
N THR E 271 -5.66 -17.04 25.63
CA THR E 271 -5.88 -15.61 25.60
C THR E 271 -6.72 -15.21 26.79
N PHE E 272 -6.19 -14.30 27.59
CA PHE E 272 -6.87 -13.82 28.79
C PHE E 272 -7.08 -12.33 28.68
N LEU E 273 -8.23 -11.87 29.16
CA LEU E 273 -8.51 -10.44 29.29
C LEU E 273 -8.28 -10.08 30.75
N LEU E 274 -7.23 -9.32 31.03
CA LEU E 274 -6.88 -8.93 32.39
C LEU E 274 -7.35 -7.52 32.67
N LYS E 275 -7.85 -7.29 33.89
CA LYS E 275 -8.29 -5.96 34.31
C LYS E 275 -7.29 -5.37 35.29
N TYR E 276 -6.72 -4.22 34.95
CA TYR E 276 -5.82 -3.49 35.82
C TYR E 276 -6.56 -2.32 36.46
N ASN E 277 -6.51 -2.24 37.79
CA ASN E 277 -7.14 -1.13 38.50
C ASN E 277 -6.23 0.10 38.48
N GLU E 278 -6.63 1.13 39.24
CA GLU E 278 -5.88 2.39 39.21
C GLU E 278 -4.49 2.21 39.77
N ASN E 279 -4.28 1.22 40.63
CA ASN E 279 -3.00 0.97 41.28
C ASN E 279 -2.07 0.11 40.43
N GLY E 280 -2.52 -0.38 39.29
CA GLY E 280 -1.73 -1.31 38.51
C GLY E 280 -1.89 -2.76 38.90
N THR E 281 -2.90 -3.09 39.70
CA THR E 281 -3.10 -4.46 40.17
C THR E 281 -4.09 -5.18 39.28
N ILE E 282 -3.71 -6.39 38.84
CA ILE E 282 -4.63 -7.26 38.13
C ILE E 282 -5.69 -7.72 39.11
N THR E 283 -6.92 -7.24 38.95
CA THR E 283 -8.01 -7.55 39.86
C THR E 283 -8.92 -8.67 39.36
N ASP E 284 -9.13 -8.77 38.05
CA ASP E 284 -9.99 -9.81 37.49
C ASP E 284 -9.45 -10.24 36.13
N ALA E 285 -9.94 -11.38 35.67
CA ALA E 285 -9.52 -11.92 34.39
C ALA E 285 -10.69 -12.68 33.77
N VAL E 286 -10.64 -12.78 32.44
CA VAL E 286 -11.59 -13.56 31.66
C VAL E 286 -10.80 -14.53 30.80
N ASP E 287 -11.20 -15.80 30.81
CA ASP E 287 -10.60 -16.85 29.99
C ASP E 287 -11.39 -16.90 28.68
N CYS E 288 -10.83 -16.32 27.62
CA CYS E 288 -11.60 -16.14 26.39
C CYS E 288 -12.09 -17.45 25.82
N ALA E 289 -11.31 -18.53 25.95
CA ALA E 289 -11.63 -19.80 25.33
C ALA E 289 -12.50 -20.70 26.20
N LEU E 290 -12.86 -20.26 27.40
CA LEU E 290 -13.56 -21.14 28.32
C LEU E 290 -14.96 -21.47 27.82
N ASP E 291 -15.74 -20.46 27.43
CA ASP E 291 -17.13 -20.67 27.04
C ASP E 291 -17.58 -19.57 26.09
N PRO E 292 -18.76 -19.69 25.46
CA PRO E 292 -19.19 -18.65 24.52
C PRO E 292 -19.31 -17.26 25.15
N LEU E 293 -19.81 -17.16 26.38
CA LEU E 293 -19.94 -15.85 27.01
C LEU E 293 -18.56 -15.22 27.23
N SER E 294 -17.58 -16.03 27.63
CA SER E 294 -16.24 -15.51 27.78
C SER E 294 -15.66 -15.02 26.47
N GLU E 295 -15.92 -15.74 25.37
CA GLU E 295 -15.48 -15.27 24.06
C GLU E 295 -16.15 -13.96 23.70
N THR E 296 -17.44 -13.80 24.00
CA THR E 296 -18.11 -12.54 23.75
C THR E 296 -17.47 -11.41 24.57
N LYS E 297 -17.18 -11.68 25.84
CA LYS E 297 -16.56 -10.66 26.67
C LYS E 297 -15.21 -10.23 26.11
N CYS E 298 -14.40 -11.19 25.69
CA CYS E 298 -13.10 -10.84 25.14
C CYS E 298 -13.22 -10.10 23.82
N THR E 299 -14.20 -10.46 23.00
CA THR E 299 -14.34 -9.81 21.69
C THR E 299 -14.81 -8.37 21.83
N LEU E 300 -15.54 -8.05 22.89
CA LEU E 300 -16.00 -6.69 23.16
C LEU E 300 -15.07 -5.92 24.09
N LYS E 301 -14.00 -6.55 24.58
CA LYS E 301 -13.06 -5.93 25.51
C LYS E 301 -13.79 -5.33 26.71
N SER E 302 -14.72 -6.10 27.27
CA SER E 302 -15.45 -5.67 28.45
C SER E 302 -15.82 -6.89 29.29
N PHE E 303 -16.06 -6.65 30.57
CA PHE E 303 -16.55 -7.68 31.48
C PHE E 303 -18.07 -7.71 31.57
N THR E 304 -18.76 -6.78 30.94
CA THR E 304 -20.22 -6.76 30.89
C THR E 304 -20.67 -6.71 29.45
N VAL E 305 -21.72 -7.45 29.14
CA VAL E 305 -22.27 -7.55 27.79
C VAL E 305 -23.72 -7.13 27.84
N GLU E 306 -24.11 -6.24 26.93
CA GLU E 306 -25.51 -5.89 26.78
C GLU E 306 -26.24 -6.99 26.02
N LYS E 307 -27.57 -6.95 26.10
CA LYS E 307 -28.39 -7.91 25.37
C LYS E 307 -28.18 -7.73 23.87
N GLY E 308 -27.96 -8.84 23.17
CA GLY E 308 -27.82 -8.78 21.73
C GLY E 308 -27.25 -10.07 21.19
N ILE E 309 -26.82 -10.01 19.93
CA ILE E 309 -26.16 -11.12 19.24
C ILE E 309 -24.86 -10.58 18.68
N TYR E 310 -23.76 -11.30 18.92
CA TYR E 310 -22.43 -10.82 18.61
C TYR E 310 -21.70 -11.85 17.76
N GLN E 311 -21.19 -11.41 16.62
CA GLN E 311 -20.27 -12.24 15.85
C GLN E 311 -18.97 -12.35 16.60
N THR E 312 -18.62 -13.56 17.01
CA THR E 312 -17.56 -13.76 17.99
C THR E 312 -16.35 -14.48 17.43
N SER E 313 -16.54 -15.45 16.56
CA SER E 313 -15.41 -16.17 15.95
C SER E 313 -15.93 -17.00 14.78
N ASN E 314 -15.09 -17.87 14.26
CA ASN E 314 -15.51 -18.81 13.24
C ASN E 314 -15.19 -20.21 13.70
N PHE E 315 -16.08 -21.15 13.43
CA PHE E 315 -15.79 -22.55 13.65
C PHE E 315 -15.23 -23.14 12.36
N ARG E 316 -14.33 -24.10 12.53
CA ARG E 316 -13.67 -24.77 11.42
C ARG E 316 -13.44 -26.21 11.82
N VAL E 317 -14.06 -27.14 11.09
CA VAL E 317 -13.81 -28.55 11.29
C VAL E 317 -12.31 -28.80 11.11
N GLN E 318 -11.70 -29.40 12.08
CA GLN E 318 -10.26 -29.60 11.99
C GLN E 318 -9.94 -30.92 11.28
N PRO E 319 -8.78 -31.00 10.64
CA PRO E 319 -8.42 -32.25 9.95
C PRO E 319 -8.18 -33.38 10.94
N THR E 320 -8.40 -34.60 10.47
CA THR E 320 -8.28 -35.80 11.28
C THR E 320 -7.02 -36.61 10.99
N GLU E 321 -6.66 -36.78 9.73
CA GLU E 321 -5.49 -37.54 9.31
C GLU E 321 -4.56 -36.66 8.49
N SER E 322 -3.48 -37.25 7.99
CA SER E 322 -2.50 -36.57 7.15
C SER E 322 -2.04 -37.58 6.09
N ILE E 323 -2.70 -37.56 4.94
CA ILE E 323 -2.36 -38.49 3.88
C ILE E 323 -1.26 -37.89 3.00
N VAL E 324 -0.39 -38.76 2.50
CA VAL E 324 0.66 -38.38 1.56
C VAL E 324 0.59 -39.35 0.39
N ARG E 325 0.60 -38.81 -0.83
CA ARG E 325 0.49 -39.63 -2.04
C ARG E 325 1.53 -39.13 -3.03
N PHE E 326 2.68 -39.79 -3.05
CA PHE E 326 3.70 -39.60 -4.06
C PHE E 326 3.63 -40.74 -5.06
N PRO E 327 4.29 -40.60 -6.21
CA PRO E 327 4.23 -41.69 -7.20
C PRO E 327 4.88 -42.96 -6.68
N ASN E 328 4.38 -44.10 -7.17
CA ASN E 328 4.85 -45.38 -6.70
C ASN E 328 6.32 -45.62 -7.02
N ILE E 329 6.86 -44.88 -8.00
CA ILE E 329 8.23 -45.09 -8.46
C ILE E 329 9.19 -45.10 -7.27
N THR E 330 10.17 -46.01 -7.31
CA THR E 330 11.15 -46.12 -6.22
C THR E 330 12.59 -46.22 -6.70
N ASN E 331 12.84 -46.24 -8.00
CA ASN E 331 14.21 -46.24 -8.51
C ASN E 331 14.93 -44.96 -8.11
N LEU E 332 16.24 -45.08 -7.85
CA LEU E 332 17.05 -43.94 -7.50
C LEU E 332 17.52 -43.21 -8.76
N CYS E 333 17.92 -41.94 -8.59
CA CYS E 333 18.30 -41.15 -9.75
C CYS E 333 19.79 -41.30 -10.07
N PRO E 334 20.17 -41.16 -11.34
CA PRO E 334 21.58 -41.33 -11.74
C PRO E 334 22.40 -40.07 -11.53
N PHE E 335 22.40 -39.56 -10.30
CA PHE E 335 23.16 -38.36 -9.98
C PHE E 335 24.65 -38.63 -9.84
N ASP E 336 25.07 -39.88 -9.65
CA ASP E 336 26.48 -40.20 -9.60
C ASP E 336 27.12 -40.08 -10.99
N GLU E 337 26.48 -40.66 -12.00
CA GLU E 337 27.00 -40.59 -13.36
C GLU E 337 27.11 -39.13 -13.81
N VAL E 338 26.34 -38.25 -13.17
CA VAL E 338 26.45 -36.82 -13.47
C VAL E 338 27.61 -36.22 -12.68
N PHE E 339 27.63 -36.42 -11.37
CA PHE E 339 28.64 -35.77 -10.53
C PHE E 339 29.93 -36.57 -10.50
N ASN E 340 29.85 -37.87 -10.25
CA ASN E 340 31.05 -38.69 -10.09
C ASN E 340 31.73 -39.00 -11.42
N ALA E 341 31.16 -38.57 -12.55
CA ALA E 341 31.76 -38.83 -13.85
C ALA E 341 33.25 -38.51 -13.81
N THR E 342 34.02 -39.31 -14.56
CA THR E 342 35.47 -39.10 -14.60
C THR E 342 35.84 -37.94 -15.52
N ARG E 343 35.07 -37.70 -16.58
CA ARG E 343 35.34 -36.61 -17.52
C ARG E 343 34.10 -35.76 -17.67
N PHE E 344 34.26 -34.46 -17.48
CA PHE E 344 33.18 -33.51 -17.71
C PHE E 344 33.36 -32.87 -19.09
N ALA E 345 32.24 -32.46 -19.66
CA ALA E 345 32.24 -31.90 -21.01
C ALA E 345 32.94 -30.54 -20.98
N SER E 346 33.02 -29.89 -22.12
CA SER E 346 33.56 -28.55 -22.23
C SER E 346 32.41 -27.55 -22.33
N VAL E 347 32.67 -26.32 -21.86
CA VAL E 347 31.62 -25.31 -21.76
C VAL E 347 31.02 -25.03 -23.13
N TYR E 348 31.86 -25.04 -24.17
CA TYR E 348 31.36 -24.76 -25.51
C TYR E 348 30.35 -25.80 -25.95
N ALA E 349 30.53 -27.05 -25.52
CA ALA E 349 29.61 -28.13 -25.87
C ALA E 349 29.03 -28.77 -24.62
N TRP E 350 28.64 -27.93 -23.65
CA TRP E 350 28.13 -28.43 -22.38
C TRP E 350 27.16 -29.58 -22.59
N ASN E 351 27.22 -30.57 -21.70
CA ASN E 351 26.36 -31.72 -21.85
C ASN E 351 25.09 -31.55 -21.04
N ARG E 352 23.98 -32.07 -21.55
CA ARG E 352 22.69 -32.00 -20.86
C ARG E 352 22.12 -33.41 -20.77
N LYS E 353 21.74 -33.81 -19.57
CA LYS E 353 21.21 -35.14 -19.30
C LYS E 353 19.81 -35.04 -18.72
N ARG E 354 18.88 -35.82 -19.26
CA ARG E 354 17.53 -35.91 -18.73
C ARG E 354 17.49 -36.83 -17.53
N ILE E 355 16.66 -36.48 -16.55
CA ILE E 355 16.44 -37.29 -15.37
C ILE E 355 14.94 -37.52 -15.24
N SER E 356 14.54 -38.78 -15.11
CA SER E 356 13.12 -39.12 -15.09
C SER E 356 12.90 -40.42 -14.34
N ASN E 357 11.67 -40.61 -13.89
CA ASN E 357 11.23 -41.83 -13.22
C ASN E 357 12.25 -42.32 -12.19
N CYS E 358 12.57 -41.48 -11.21
CA CYS E 358 13.59 -41.85 -10.25
C CYS E 358 13.48 -40.96 -9.02
N VAL E 359 13.73 -41.55 -7.85
CA VAL E 359 13.66 -40.78 -6.61
C VAL E 359 14.89 -39.88 -6.53
N ALA E 360 14.65 -38.57 -6.45
CA ALA E 360 15.73 -37.58 -6.44
C ALA E 360 16.08 -37.26 -4.99
N ASP E 361 16.98 -38.05 -4.41
CA ASP E 361 17.44 -37.84 -3.05
C ASP E 361 18.62 -36.89 -3.09
N TYR E 362 18.34 -35.60 -2.87
CA TYR E 362 19.39 -34.59 -2.89
C TYR E 362 20.28 -34.65 -1.66
N SER E 363 20.04 -35.58 -0.74
CA SER E 363 20.93 -35.74 0.40
C SER E 363 22.26 -36.35 -0.02
N VAL E 364 22.24 -37.23 -1.03
CA VAL E 364 23.42 -37.99 -1.43
C VAL E 364 24.54 -37.04 -1.84
N LEU E 365 24.19 -35.87 -2.36
CA LEU E 365 25.19 -34.87 -2.73
C LEU E 365 25.94 -34.40 -1.50
N PHE E 374 26.54 -23.93 -4.21
CA PHE E 374 25.21 -24.52 -4.24
C PHE E 374 24.17 -23.42 -4.12
N LYS E 375 23.93 -22.69 -5.20
CA LYS E 375 23.02 -21.56 -5.20
C LYS E 375 21.78 -21.92 -6.01
N CYS E 376 20.62 -21.92 -5.36
CA CYS E 376 19.36 -22.19 -6.02
C CYS E 376 18.57 -20.92 -6.25
N TYR E 377 17.88 -20.85 -7.38
CA TYR E 377 17.00 -19.77 -7.75
C TYR E 377 15.60 -20.34 -7.93
N GLY E 378 14.63 -19.74 -7.24
CA GLY E 378 13.26 -20.18 -7.29
C GLY E 378 12.90 -21.24 -6.28
N VAL E 379 13.90 -21.87 -5.66
CA VAL E 379 13.71 -22.94 -4.68
C VAL E 379 14.83 -22.81 -3.65
N SER E 380 14.58 -23.36 -2.47
CA SER E 380 15.60 -23.41 -1.41
C SER E 380 16.18 -24.81 -1.36
N PRO E 381 17.51 -24.97 -1.29
CA PRO E 381 18.09 -26.32 -1.33
C PRO E 381 17.56 -27.24 -0.27
N THR E 382 17.38 -26.73 0.95
CA THR E 382 16.97 -27.54 2.08
C THR E 382 15.60 -28.16 1.84
N LYS E 383 14.85 -27.62 0.88
CA LYS E 383 13.52 -28.11 0.58
C LYS E 383 13.46 -28.96 -0.69
N LEU E 384 14.56 -29.09 -1.43
CA LEU E 384 14.52 -29.85 -2.68
C LEU E 384 14.02 -31.27 -2.45
N ASN E 385 14.32 -31.84 -1.28
CA ASN E 385 13.97 -33.23 -1.02
C ASN E 385 12.47 -33.44 -0.84
N ASP E 386 11.68 -32.36 -0.72
CA ASP E 386 10.26 -32.47 -0.43
C ASP E 386 9.40 -32.00 -1.60
N LEU E 387 9.95 -32.03 -2.81
CA LEU E 387 9.27 -31.51 -3.98
C LEU E 387 9.26 -32.53 -5.10
N CYS E 388 8.32 -32.36 -6.02
CA CYS E 388 8.22 -33.19 -7.22
C CYS E 388 8.47 -32.30 -8.44
N PHE E 389 9.43 -32.70 -9.27
CA PHE E 389 9.85 -31.91 -10.41
C PHE E 389 9.50 -32.65 -11.70
N THR E 390 9.34 -31.88 -12.78
CA THR E 390 8.90 -32.44 -14.05
C THR E 390 10.03 -32.50 -15.07
N ASN E 391 10.60 -31.37 -15.47
CA ASN E 391 11.59 -31.32 -16.53
C ASN E 391 12.99 -31.13 -15.95
N VAL E 392 13.44 -32.10 -15.16
CA VAL E 392 14.75 -31.95 -14.52
C VAL E 392 15.85 -32.30 -15.52
N TYR E 393 16.87 -31.45 -15.59
CA TYR E 393 17.98 -31.63 -16.51
C TYR E 393 19.26 -31.23 -15.81
N ALA E 394 20.28 -32.07 -15.94
CA ALA E 394 21.61 -31.78 -15.40
C ALA E 394 22.51 -31.34 -16.55
N ASP E 395 22.93 -30.09 -16.54
CA ASP E 395 23.87 -29.56 -17.51
C ASP E 395 25.24 -29.49 -16.85
N SER E 396 26.20 -30.22 -17.41
CA SER E 396 27.53 -30.32 -16.83
C SER E 396 28.57 -29.76 -17.80
N PHE E 397 29.55 -29.06 -17.22
CA PHE E 397 30.71 -28.58 -17.94
C PHE E 397 31.77 -28.18 -16.93
N VAL E 398 32.92 -27.75 -17.43
CA VAL E 398 34.06 -27.36 -16.60
C VAL E 398 34.57 -26.02 -17.08
N ILE E 399 34.81 -25.10 -16.15
CA ILE E 399 35.21 -23.74 -16.49
C ILE E 399 36.29 -23.27 -15.53
N ARG E 400 36.99 -22.21 -15.93
CA ARG E 400 38.17 -21.73 -15.22
C ARG E 400 37.74 -20.85 -14.05
N GLY E 401 37.45 -21.48 -12.92
CA GLY E 401 37.33 -20.78 -11.66
C GLY E 401 36.44 -19.56 -11.69
N ASP E 402 37.03 -18.38 -11.55
CA ASP E 402 36.32 -17.11 -11.42
C ASP E 402 35.05 -17.02 -12.26
N GLU E 403 35.06 -17.55 -13.47
CA GLU E 403 33.93 -17.40 -14.38
C GLU E 403 32.65 -18.03 -13.83
N VAL E 404 32.71 -18.65 -12.65
CA VAL E 404 31.49 -19.12 -12.01
C VAL E 404 30.55 -17.95 -11.76
N ARG E 405 31.11 -16.75 -11.53
CA ARG E 405 30.24 -15.59 -11.37
C ARG E 405 29.34 -15.40 -12.59
N GLN E 406 29.78 -15.88 -13.75
CA GLN E 406 29.00 -15.76 -14.97
C GLN E 406 27.86 -16.77 -15.06
N ILE E 407 27.87 -17.82 -14.24
CA ILE E 407 26.81 -18.83 -14.28
C ILE E 407 25.69 -18.41 -13.36
N ALA E 408 24.82 -17.52 -13.85
CA ALA E 408 23.70 -17.01 -13.10
C ALA E 408 22.83 -16.21 -14.05
N PRO E 409 21.56 -16.00 -13.70
CA PRO E 409 20.71 -15.17 -14.57
C PRO E 409 21.25 -13.77 -14.75
N GLY E 410 21.32 -13.30 -15.98
CA GLY E 410 21.65 -11.91 -16.25
C GLY E 410 23.10 -11.54 -16.15
N GLN E 411 24.01 -12.50 -16.12
CA GLN E 411 25.43 -12.19 -16.11
C GLN E 411 25.92 -11.93 -17.53
N THR E 412 27.06 -11.25 -17.62
CA THR E 412 27.71 -10.95 -18.89
C THR E 412 29.15 -11.45 -18.86
N GLY E 413 29.65 -11.83 -20.02
CA GLY E 413 31.00 -12.31 -20.14
C GLY E 413 31.10 -13.31 -21.27
N ASN E 414 32.31 -13.81 -21.47
CA ASN E 414 32.55 -14.76 -22.55
C ASN E 414 31.73 -16.03 -22.36
N ILE E 415 31.71 -16.58 -21.15
CA ILE E 415 30.99 -17.82 -20.89
C ILE E 415 29.49 -17.59 -20.99
N ALA E 416 29.00 -16.53 -20.38
CA ALA E 416 27.57 -16.25 -20.39
C ALA E 416 27.06 -15.81 -21.75
N ASP E 417 27.93 -15.36 -22.65
CA ASP E 417 27.51 -14.83 -23.94
C ASP E 417 27.71 -15.79 -25.09
N TYR E 418 28.77 -16.60 -25.07
CA TYR E 418 29.13 -17.42 -26.20
C TYR E 418 28.98 -18.91 -25.96
N ASN E 419 28.93 -19.36 -24.71
CA ASN E 419 28.92 -20.78 -24.42
C ASN E 419 27.62 -21.22 -23.75
N TYR E 420 27.30 -20.62 -22.62
CA TYR E 420 26.20 -21.09 -21.77
C TYR E 420 25.51 -19.89 -21.14
N LYS E 421 24.25 -19.66 -21.52
CA LYS E 421 23.47 -18.55 -21.01
C LYS E 421 22.32 -19.13 -20.20
N LEU E 422 22.29 -18.82 -18.93
CA LEU E 422 21.14 -19.20 -18.12
C LEU E 422 19.97 -18.28 -18.40
N PRO E 423 18.74 -18.78 -18.38
CA PRO E 423 17.59 -17.89 -18.58
C PRO E 423 17.49 -16.87 -17.46
N ASP E 424 16.88 -15.72 -17.78
CA ASP E 424 16.62 -14.72 -16.75
C ASP E 424 15.71 -15.28 -15.66
N ASP E 425 14.66 -16.01 -16.04
CA ASP E 425 13.76 -16.66 -15.10
C ASP E 425 14.17 -18.11 -14.86
N PHE E 426 15.40 -18.32 -14.41
CA PHE E 426 15.93 -19.66 -14.22
C PHE E 426 15.46 -20.22 -12.88
N THR E 427 14.93 -21.44 -12.90
CA THR E 427 14.49 -22.14 -11.70
C THR E 427 15.35 -23.39 -11.56
N GLY E 428 16.19 -23.42 -10.54
CA GLY E 428 17.08 -24.55 -10.34
C GLY E 428 18.32 -24.13 -9.60
N CYS E 429 19.22 -25.10 -9.43
CA CYS E 429 20.42 -24.92 -8.61
C CYS E 429 21.68 -25.06 -9.44
N VAL E 430 22.60 -24.11 -9.25
CA VAL E 430 23.93 -24.16 -9.82
C VAL E 430 24.87 -24.63 -8.73
N ILE E 431 25.62 -25.69 -9.00
CA ILE E 431 26.57 -26.27 -8.05
C ILE E 431 27.93 -26.29 -8.73
N ALA E 432 28.87 -25.53 -8.20
CA ALA E 432 30.24 -25.50 -8.72
C ALA E 432 31.20 -25.87 -7.60
N TRP E 433 32.33 -26.48 -7.99
CA TRP E 433 33.34 -26.87 -7.01
C TRP E 433 34.69 -27.04 -7.68
N ASN E 434 35.74 -26.56 -7.02
CA ASN E 434 37.09 -26.62 -7.60
C ASN E 434 37.48 -28.06 -7.87
N SER E 435 38.16 -28.27 -9.01
CA SER E 435 38.64 -29.60 -9.40
C SER E 435 40.12 -29.48 -9.78
N ASN E 436 40.97 -29.52 -8.77
CA ASN E 436 42.43 -29.53 -9.00
C ASN E 436 42.90 -30.97 -9.12
N LYS E 437 42.55 -31.80 -8.14
CA LYS E 437 42.95 -33.20 -8.23
C LYS E 437 41.90 -33.97 -9.03
N LEU E 438 41.42 -33.38 -10.11
CA LEU E 438 40.59 -34.10 -11.06
C LEU E 438 40.95 -33.75 -12.50
N ASP E 439 41.26 -32.47 -12.73
CA ASP E 439 41.35 -31.93 -14.08
C ASP E 439 42.56 -31.02 -14.26
N SER E 440 43.50 -31.02 -13.33
CA SER E 440 44.69 -30.20 -13.44
C SER E 440 45.83 -30.99 -14.10
N LYS E 441 46.65 -30.29 -14.89
CA LYS E 441 47.66 -30.96 -15.69
C LYS E 441 49.00 -30.24 -15.65
N VAL E 442 50.06 -30.93 -15.23
CA VAL E 442 51.40 -30.37 -15.38
C VAL E 442 51.86 -30.63 -16.80
N SER E 443 51.57 -29.67 -17.69
CA SER E 443 51.86 -29.73 -19.13
C SER E 443 50.70 -29.13 -19.92
N GLY E 444 49.63 -28.72 -19.23
CA GLY E 444 48.53 -28.05 -19.89
C GLY E 444 47.40 -28.96 -20.29
N ASN E 445 46.27 -28.87 -19.59
CA ASN E 445 45.10 -29.67 -19.90
C ASN E 445 44.41 -29.09 -21.13
N TYR E 446 44.32 -29.89 -22.19
CA TYR E 446 43.74 -29.43 -23.46
C TYR E 446 42.39 -30.09 -23.75
N ASN E 447 41.76 -30.68 -22.74
CA ASN E 447 40.48 -31.35 -22.92
C ASN E 447 39.29 -30.43 -22.73
N TYR E 448 39.51 -29.20 -22.29
CA TYR E 448 38.43 -28.28 -21.92
C TYR E 448 38.57 -27.00 -22.72
N LEU E 449 37.66 -26.79 -23.66
CA LEU E 449 37.72 -25.66 -24.59
C LEU E 449 36.61 -24.66 -24.28
N TYR E 450 36.69 -23.50 -24.91
CA TYR E 450 35.67 -22.47 -24.76
C TYR E 450 35.65 -21.62 -26.02
N ARG E 451 34.48 -21.05 -26.32
CA ARG E 451 34.28 -20.29 -27.54
C ARG E 451 34.64 -18.84 -27.26
N LEU E 452 35.84 -18.44 -27.66
CA LEU E 452 36.36 -17.11 -27.33
C LEU E 452 35.72 -16.03 -28.19
N PHE E 453 35.37 -16.34 -29.43
CA PHE E 453 34.74 -15.40 -30.33
C PHE E 453 33.44 -15.99 -30.85
N ARG E 454 32.45 -15.13 -31.07
CA ARG E 454 31.20 -15.55 -31.68
C ARG E 454 30.49 -14.33 -32.24
N LYS E 455 29.82 -14.51 -33.37
CA LYS E 455 29.17 -13.40 -34.07
C LYS E 455 28.30 -12.61 -33.12
N SER E 456 27.29 -13.26 -32.56
CA SER E 456 26.44 -12.66 -31.54
C SER E 456 26.57 -13.46 -30.25
N ASN E 457 25.76 -13.12 -29.25
CA ASN E 457 25.74 -13.84 -27.99
C ASN E 457 24.59 -14.84 -28.01
N LEU E 458 24.82 -15.98 -27.37
CA LEU E 458 23.88 -17.09 -27.43
C LEU E 458 22.58 -16.74 -26.70
N LYS E 459 21.58 -17.59 -26.91
CA LYS E 459 20.29 -17.50 -26.24
C LYS E 459 20.23 -18.50 -25.09
N PRO E 460 19.26 -18.37 -24.20
CA PRO E 460 19.22 -19.24 -23.02
C PRO E 460 19.17 -20.71 -23.42
N PHE E 461 20.05 -21.50 -22.80
CA PHE E 461 20.08 -22.95 -22.97
C PHE E 461 20.22 -23.34 -24.43
N GLU E 462 20.92 -22.53 -25.21
CA GLU E 462 21.24 -22.83 -26.59
C GLU E 462 22.72 -23.17 -26.70
N ARG E 463 23.03 -24.15 -27.53
CA ARG E 463 24.39 -24.67 -27.68
C ARG E 463 24.92 -24.35 -29.07
N ASP E 464 26.16 -23.87 -29.12
CA ASP E 464 26.87 -23.63 -30.37
C ASP E 464 28.10 -24.53 -30.38
N ILE E 465 28.01 -25.65 -31.11
CA ILE E 465 29.12 -26.57 -31.24
C ILE E 465 29.94 -26.33 -32.49
N SER E 466 29.60 -25.31 -33.28
CA SER E 466 30.31 -25.08 -34.52
C SER E 466 31.80 -24.86 -34.26
N THR E 467 32.57 -24.91 -35.34
CA THR E 467 34.01 -24.69 -35.27
C THR E 467 34.51 -23.79 -36.39
N GLU E 468 33.61 -23.17 -37.16
CA GLU E 468 34.02 -22.40 -38.33
C GLU E 468 34.84 -21.19 -37.91
N ILE E 469 35.83 -20.84 -38.74
CA ILE E 469 36.66 -19.68 -38.46
C ILE E 469 35.79 -18.44 -38.36
N TYR E 470 36.13 -17.57 -37.42
CA TYR E 470 35.34 -16.37 -37.15
C TYR E 470 35.55 -15.33 -38.24
N TYR E 486 39.95 -15.74 -37.23
CA TYR E 486 40.37 -16.41 -36.00
C TYR E 486 39.61 -17.71 -35.78
N PHE E 487 40.32 -18.73 -35.32
CA PHE E 487 39.66 -19.95 -34.89
C PHE E 487 38.84 -19.64 -33.63
N PRO E 488 37.58 -20.08 -33.56
CA PRO E 488 36.70 -19.60 -32.50
C PRO E 488 36.86 -20.30 -31.16
N LEU E 489 37.61 -21.40 -31.08
CA LEU E 489 37.72 -22.18 -29.86
C LEU E 489 39.14 -22.09 -29.31
N ARG E 490 39.25 -21.89 -28.01
CA ARG E 490 40.55 -21.89 -27.35
C ARG E 490 40.59 -23.00 -26.30
N SER E 491 41.66 -23.04 -25.50
CA SER E 491 41.77 -24.01 -24.44
C SER E 491 42.28 -23.31 -23.19
N TYR E 492 42.03 -23.93 -22.04
CA TYR E 492 42.48 -23.37 -20.78
C TYR E 492 43.91 -23.76 -20.43
N SER E 493 44.28 -25.03 -20.65
CA SER E 493 45.58 -25.55 -20.20
C SER E 493 45.71 -25.45 -18.69
N PHE E 494 44.70 -25.91 -17.96
CA PHE E 494 44.72 -25.91 -16.51
C PHE E 494 45.98 -26.60 -15.99
N ARG E 495 46.67 -25.97 -15.04
CA ARG E 495 47.88 -26.52 -14.46
C ARG E 495 47.83 -26.42 -12.94
N PRO E 496 48.39 -27.39 -12.22
CA PRO E 496 48.41 -27.29 -10.75
C PRO E 496 49.27 -26.14 -10.23
N THR E 497 50.09 -25.53 -11.08
CA THR E 497 50.83 -24.33 -10.71
C THR E 497 50.06 -23.04 -10.98
N TYR E 498 48.88 -23.12 -11.61
CA TYR E 498 48.06 -21.94 -11.80
C TYR E 498 47.53 -21.44 -10.46
N GLY E 499 46.98 -20.24 -10.48
CA GLY E 499 46.26 -19.71 -9.34
C GLY E 499 44.91 -20.36 -9.21
N VAL E 500 44.13 -19.88 -8.24
CA VAL E 500 42.84 -20.49 -7.95
C VAL E 500 41.75 -19.97 -8.87
N GLY E 501 41.73 -18.67 -9.13
CA GLY E 501 40.83 -18.15 -10.14
C GLY E 501 41.13 -18.64 -11.53
N HIS E 502 42.30 -19.25 -11.73
CA HIS E 502 42.66 -19.85 -13.01
C HIS E 502 42.61 -21.36 -12.96
N GLN E 503 42.11 -21.96 -11.88
CA GLN E 503 42.00 -23.40 -11.74
C GLN E 503 40.62 -23.87 -12.19
N PRO E 504 40.51 -25.12 -12.64
CA PRO E 504 39.22 -25.59 -13.17
C PRO E 504 38.24 -25.96 -12.07
N TYR E 505 36.98 -25.64 -12.33
CA TYR E 505 35.86 -26.01 -11.48
C TYR E 505 34.87 -26.79 -12.33
N ARG E 506 34.34 -27.87 -11.75
CA ARG E 506 33.26 -28.64 -12.37
C ARG E 506 31.93 -27.99 -12.00
N VAL E 507 31.20 -27.49 -12.99
CA VAL E 507 29.92 -26.83 -12.77
C VAL E 507 28.82 -27.74 -13.30
N VAL E 508 27.87 -28.06 -12.42
CA VAL E 508 26.63 -28.73 -12.79
C VAL E 508 25.49 -27.76 -12.52
N VAL E 509 24.46 -27.83 -13.37
CA VAL E 509 23.34 -26.91 -13.32
C VAL E 509 22.10 -27.77 -13.44
N LEU E 510 21.36 -27.90 -12.34
CA LEU E 510 20.11 -28.67 -12.33
C LEU E 510 18.98 -27.69 -12.57
N SER E 511 18.21 -27.92 -13.63
CA SER E 511 17.13 -27.05 -14.02
C SER E 511 15.84 -27.86 -14.11
N PHE E 512 14.77 -27.33 -13.54
CA PHE E 512 13.52 -28.09 -13.48
C PHE E 512 12.36 -27.13 -13.43
N GLU E 513 11.17 -27.64 -13.76
CA GLU E 513 9.94 -26.86 -13.76
C GLU E 513 9.05 -27.32 -12.62
N LEU E 514 8.75 -26.42 -11.70
CA LEU E 514 7.84 -26.72 -10.61
C LEU E 514 6.45 -26.16 -10.88
N LEU E 515 5.79 -26.61 -11.96
CA LEU E 515 4.50 -26.05 -12.37
C LEU E 515 3.56 -27.20 -12.72
N HIS E 516 2.87 -27.73 -11.71
CA HIS E 516 1.84 -28.76 -11.88
C HIS E 516 2.36 -29.83 -12.84
N ALA E 517 1.58 -30.27 -13.83
CA ALA E 517 2.01 -31.27 -14.80
C ALA E 517 2.29 -32.60 -14.10
N PRO E 518 2.11 -33.72 -14.79
CA PRO E 518 2.49 -35.01 -14.20
C PRO E 518 3.94 -35.00 -13.77
N ALA E 519 4.20 -35.54 -12.58
CA ALA E 519 5.51 -35.49 -11.98
C ALA E 519 6.20 -36.85 -12.08
N THR E 520 7.42 -36.84 -12.61
CA THR E 520 8.23 -38.05 -12.75
C THR E 520 9.32 -38.15 -11.71
N VAL E 521 10.08 -37.09 -11.50
CA VAL E 521 11.17 -37.08 -10.54
C VAL E 521 10.63 -36.52 -9.22
N CYS E 522 10.43 -37.39 -8.24
CA CYS E 522 9.85 -37.04 -6.95
C CYS E 522 10.79 -37.47 -5.85
N GLY E 523 10.99 -36.60 -4.87
CA GLY E 523 11.90 -36.87 -3.77
C GLY E 523 11.37 -37.95 -2.86
N PRO E 524 12.16 -38.31 -1.85
CA PRO E 524 11.74 -39.39 -0.95
C PRO E 524 10.79 -38.92 0.12
N LYS E 525 9.52 -39.32 0.06
CA LYS E 525 8.55 -38.94 1.06
C LYS E 525 7.74 -40.10 1.61
N LYS E 526 7.68 -41.23 0.92
CA LYS E 526 6.80 -42.32 1.32
C LYS E 526 5.36 -41.92 1.01
N SER E 527 4.40 -42.78 1.31
CA SER E 527 3.01 -42.50 1.00
C SER E 527 2.13 -43.28 1.96
N THR E 528 0.89 -42.83 2.09
CA THR E 528 -0.08 -43.48 2.98
C THR E 528 -1.30 -43.91 2.19
N ASN E 529 -2.33 -44.38 2.87
CA ASN E 529 -3.56 -44.74 2.19
C ASN E 529 -4.35 -43.48 1.86
N LEU E 530 -5.31 -43.64 0.96
CA LEU E 530 -6.16 -42.54 0.50
C LEU E 530 -7.42 -42.51 1.35
N VAL E 531 -7.57 -41.45 2.14
CA VAL E 531 -8.78 -41.25 2.94
C VAL E 531 -9.72 -40.33 2.17
N LYS E 532 -10.97 -40.76 2.05
CA LYS E 532 -11.99 -40.01 1.31
C LYS E 532 -13.09 -39.54 2.26
N ASN E 533 -13.73 -38.45 1.88
CA ASN E 533 -14.92 -37.92 2.54
C ASN E 533 -14.66 -37.40 3.95
N LYS E 534 -13.39 -37.21 4.33
CA LYS E 534 -13.06 -36.72 5.66
C LYS E 534 -12.02 -35.62 5.56
N CYS E 535 -12.22 -34.54 6.31
CA CYS E 535 -11.24 -33.47 6.34
C CYS E 535 -9.88 -34.03 6.73
N VAL E 536 -8.90 -33.87 5.86
CA VAL E 536 -7.56 -34.37 6.11
C VAL E 536 -6.56 -33.36 5.58
N ASN E 537 -5.37 -33.35 6.16
CA ASN E 537 -4.23 -32.74 5.51
C ASN E 537 -3.73 -33.67 4.42
N PHE E 538 -3.53 -33.15 3.23
CA PHE E 538 -3.14 -33.97 2.09
C PHE E 538 -1.92 -33.37 1.43
N ASN E 539 -1.16 -34.24 0.78
CA ASN E 539 0.04 -33.87 0.03
C ASN E 539 0.03 -34.75 -1.22
N PHE E 540 -0.23 -34.15 -2.37
CA PHE E 540 -0.26 -34.86 -3.64
C PHE E 540 0.93 -34.38 -4.48
N ASN E 541 1.99 -35.18 -4.51
CA ASN E 541 3.19 -34.86 -5.29
C ASN E 541 3.73 -33.49 -4.92
N GLY E 542 3.60 -33.10 -3.65
CA GLY E 542 4.07 -31.82 -3.19
C GLY E 542 2.99 -30.75 -3.11
N LEU E 543 1.83 -30.99 -3.69
CA LEU E 543 0.69 -30.08 -3.55
C LEU E 543 0.07 -30.31 -2.18
N LYS E 544 0.36 -29.42 -1.24
CA LYS E 544 -0.12 -29.55 0.12
C LYS E 544 -1.42 -28.79 0.32
N GLY E 545 -2.27 -29.30 1.19
CA GLY E 545 -3.52 -28.63 1.46
C GLY E 545 -4.28 -29.32 2.57
N THR E 546 -5.49 -28.84 2.82
CA THR E 546 -6.36 -29.42 3.84
C THR E 546 -7.77 -29.39 3.32
N GLY E 547 -8.48 -30.51 3.42
CA GLY E 547 -9.86 -30.52 2.99
C GLY E 547 -10.40 -31.93 2.85
N VAL E 548 -11.60 -31.99 2.27
CA VAL E 548 -12.29 -33.25 2.01
C VAL E 548 -12.04 -33.65 0.57
N LEU E 549 -11.61 -34.89 0.38
CA LEU E 549 -11.36 -35.44 -0.95
C LEU E 549 -12.50 -36.37 -1.33
N THR E 550 -13.06 -36.17 -2.51
CA THR E 550 -14.16 -37.01 -2.97
C THR E 550 -13.88 -37.48 -4.39
N GLU E 551 -14.50 -38.60 -4.77
CA GLU E 551 -14.42 -39.05 -6.15
C GLU E 551 -15.08 -38.04 -7.07
N SER E 552 -14.42 -37.73 -8.18
CA SER E 552 -14.84 -36.66 -9.07
C SER E 552 -15.41 -37.20 -10.37
N ASN E 553 -16.12 -36.32 -11.08
CA ASN E 553 -16.59 -36.59 -12.43
C ASN E 553 -15.84 -35.77 -13.48
N LYS E 554 -14.74 -35.14 -13.09
CA LYS E 554 -13.97 -34.34 -14.03
C LYS E 554 -13.37 -35.22 -15.11
N LYS E 555 -13.40 -34.71 -16.35
CA LYS E 555 -12.89 -35.42 -17.51
C LYS E 555 -11.51 -34.91 -17.88
N PHE E 556 -10.52 -35.25 -17.05
CA PHE E 556 -9.15 -34.83 -17.31
C PHE E 556 -8.63 -35.50 -18.60
N LEU E 557 -7.46 -35.06 -19.03
CA LEU E 557 -6.77 -35.58 -20.20
C LEU E 557 -5.37 -36.00 -19.80
N PRO E 558 -4.73 -36.88 -20.58
CA PRO E 558 -3.51 -37.55 -20.08
C PRO E 558 -2.39 -36.59 -19.71
N PHE E 559 -2.43 -35.37 -20.22
CA PHE E 559 -1.40 -34.38 -19.94
C PHE E 559 -1.75 -33.48 -18.76
N GLN E 560 -2.86 -33.74 -18.07
CA GLN E 560 -3.32 -32.90 -16.97
C GLN E 560 -3.21 -33.67 -15.66
N GLN E 561 -2.60 -33.03 -14.66
CA GLN E 561 -2.53 -33.58 -13.30
C GLN E 561 -3.44 -32.88 -12.32
N PHE E 562 -3.71 -31.60 -12.52
CA PHE E 562 -4.46 -30.77 -11.59
C PHE E 562 -5.57 -30.03 -12.32
N GLY E 563 -6.63 -29.72 -11.59
CA GLY E 563 -7.68 -28.85 -12.08
C GLY E 563 -7.79 -27.63 -11.19
N ARG E 564 -8.11 -26.49 -11.80
CA ARG E 564 -8.06 -25.21 -11.11
C ARG E 564 -9.38 -24.48 -11.19
N ASP E 565 -9.66 -23.70 -10.17
CA ASP E 565 -10.86 -22.88 -10.08
C ASP E 565 -10.53 -21.45 -10.54
N ILE E 566 -11.53 -20.56 -10.50
CA ILE E 566 -11.33 -19.20 -10.97
C ILE E 566 -10.39 -18.40 -10.08
N ALA E 567 -10.08 -18.89 -8.89
CA ALA E 567 -9.14 -18.24 -7.99
C ALA E 567 -7.73 -18.79 -8.15
N ASP E 568 -7.53 -19.68 -9.13
CA ASP E 568 -6.25 -20.36 -9.33
C ASP E 568 -5.91 -21.28 -8.16
N THR E 569 -6.93 -21.85 -7.51
CA THR E 569 -6.73 -22.81 -6.44
C THR E 569 -7.02 -24.20 -6.98
N THR E 570 -6.10 -25.13 -6.74
CA THR E 570 -6.29 -26.50 -7.17
C THR E 570 -7.48 -27.11 -6.48
N ASP E 571 -8.52 -27.44 -7.25
CA ASP E 571 -9.74 -27.99 -6.69
C ASP E 571 -10.05 -29.39 -7.22
N ALA E 572 -9.22 -29.92 -8.11
CA ALA E 572 -9.34 -31.32 -8.51
C ALA E 572 -7.94 -31.85 -8.82
N VAL E 573 -7.66 -33.08 -8.38
CA VAL E 573 -6.32 -33.64 -8.52
C VAL E 573 -6.44 -35.10 -8.93
N ARG E 574 -5.59 -35.54 -9.84
CA ARG E 574 -5.51 -36.95 -10.22
C ARG E 574 -4.52 -37.62 -9.27
N ASP E 575 -4.96 -38.69 -8.62
CA ASP E 575 -4.10 -39.41 -7.68
C ASP E 575 -2.88 -39.94 -8.43
N PRO E 576 -1.67 -39.76 -7.89
CA PRO E 576 -0.47 -40.20 -8.62
C PRO E 576 -0.43 -41.69 -8.91
N GLN E 577 -0.97 -42.53 -8.03
CA GLN E 577 -0.84 -43.97 -8.15
C GLN E 577 -2.02 -44.61 -8.88
N THR E 578 -3.25 -44.33 -8.45
CA THR E 578 -4.40 -44.96 -9.08
C THR E 578 -4.92 -44.15 -10.26
N LEU E 579 -4.44 -42.92 -10.45
CA LEU E 579 -4.83 -42.07 -11.58
C LEU E 579 -6.33 -41.76 -11.55
N GLU E 580 -6.94 -41.78 -10.37
CA GLU E 580 -8.33 -41.37 -10.21
C GLU E 580 -8.38 -39.88 -9.92
N ILE E 581 -9.48 -39.25 -10.31
CA ILE E 581 -9.65 -37.81 -10.17
C ILE E 581 -10.51 -37.55 -8.94
N LEU E 582 -10.00 -36.73 -8.03
CA LEU E 582 -10.68 -36.39 -6.80
C LEU E 582 -10.87 -34.89 -6.69
N ASP E 583 -12.08 -34.50 -6.30
CA ASP E 583 -12.38 -33.12 -5.97
C ASP E 583 -11.86 -32.80 -4.56
N ILE E 584 -11.30 -31.61 -4.43
CA ILE E 584 -10.76 -31.09 -3.17
C ILE E 584 -11.71 -29.97 -2.73
N THR E 585 -12.42 -30.17 -1.64
CA THR E 585 -13.23 -29.08 -1.13
C THR E 585 -12.80 -28.71 0.28
N PRO E 586 -12.77 -27.44 0.68
CA PRO E 586 -12.43 -27.12 2.06
C PRO E 586 -13.43 -27.75 3.02
N CYS E 587 -12.92 -28.22 4.15
CA CYS E 587 -13.81 -28.84 5.12
C CYS E 587 -14.58 -27.78 5.90
N SER E 588 -15.70 -28.20 6.48
CA SER E 588 -16.76 -27.30 6.89
C SER E 588 -16.27 -26.19 7.81
N PHE E 589 -16.73 -24.98 7.54
CA PHE E 589 -16.37 -23.81 8.34
C PHE E 589 -17.53 -22.83 8.28
N GLY E 590 -17.55 -21.89 9.21
CA GLY E 590 -18.59 -20.87 9.20
C GLY E 590 -18.42 -19.93 10.38
N GLY E 591 -19.32 -18.94 10.43
CA GLY E 591 -19.29 -17.99 11.53
C GLY E 591 -20.02 -18.51 12.75
N VAL E 592 -19.70 -17.92 13.89
CA VAL E 592 -20.34 -18.27 15.16
C VAL E 592 -20.81 -16.98 15.81
N SER E 593 -22.08 -16.93 16.18
CA SER E 593 -22.65 -15.79 16.87
C SER E 593 -23.17 -16.23 18.23
N VAL E 594 -23.04 -15.37 19.23
CA VAL E 594 -23.49 -15.67 20.58
C VAL E 594 -24.67 -14.76 20.90
N ILE E 595 -25.78 -15.36 21.28
CA ILE E 595 -26.99 -14.67 21.70
C ILE E 595 -27.00 -14.64 23.22
N THR E 596 -26.88 -13.44 23.79
CA THR E 596 -26.86 -13.24 25.22
C THR E 596 -28.03 -12.39 25.63
N PRO E 597 -28.76 -12.73 26.71
CA PRO E 597 -29.79 -11.84 27.21
C PRO E 597 -29.26 -10.62 27.94
N GLY E 598 -27.94 -10.47 28.04
CA GLY E 598 -27.34 -9.42 28.84
C GLY E 598 -26.72 -9.99 30.10
N THR E 599 -25.44 -9.70 30.33
CA THR E 599 -24.76 -10.25 31.50
C THR E 599 -25.39 -9.77 32.79
N ASN E 600 -25.93 -8.55 32.80
CA ASN E 600 -26.60 -8.03 33.98
C ASN E 600 -27.81 -8.88 34.35
N THR E 601 -28.37 -9.60 33.38
CA THR E 601 -29.53 -10.45 33.60
C THR E 601 -29.13 -11.90 33.88
N SER E 602 -28.39 -12.51 32.97
CA SER E 602 -28.10 -13.92 33.04
C SER E 602 -26.75 -14.20 32.37
N ASN E 603 -26.20 -15.36 32.67
CA ASN E 603 -25.00 -15.85 32.00
C ASN E 603 -25.28 -16.95 31.00
N GLN E 604 -26.54 -17.37 30.86
CA GLN E 604 -26.88 -18.34 29.83
C GLN E 604 -26.83 -17.68 28.46
N VAL E 605 -26.50 -18.47 27.45
CA VAL E 605 -26.37 -17.98 26.08
C VAL E 605 -26.85 -19.05 25.12
N ALA E 606 -27.20 -18.63 23.93
CA ALA E 606 -27.41 -19.53 22.81
C ALA E 606 -26.33 -19.25 21.78
N VAL E 607 -26.07 -20.21 20.90
CA VAL E 607 -25.02 -20.08 19.90
C VAL E 607 -25.61 -20.40 18.53
N LEU E 608 -25.34 -19.53 17.57
CA LEU E 608 -25.77 -19.72 16.19
C LEU E 608 -24.55 -20.03 15.34
N TYR E 609 -24.51 -21.23 14.78
CA TYR E 609 -23.51 -21.63 13.81
C TYR E 609 -24.06 -21.27 12.43
N GLN E 610 -23.52 -20.22 11.83
CA GLN E 610 -24.16 -19.57 10.69
C GLN E 610 -23.89 -20.32 9.39
N GLY E 611 -24.92 -20.46 8.57
CA GLY E 611 -24.79 -21.10 7.28
C GLY E 611 -24.35 -22.54 7.38
N VAL E 612 -24.95 -23.27 8.31
CA VAL E 612 -24.58 -24.66 8.56
C VAL E 612 -25.79 -25.37 9.15
N ASN E 613 -26.04 -26.60 8.69
CA ASN E 613 -27.04 -27.43 9.34
C ASN E 613 -26.38 -28.28 10.40
N CYS E 614 -27.19 -28.68 11.40
CA CYS E 614 -26.63 -29.28 12.61
C CYS E 614 -25.99 -30.64 12.35
N THR E 615 -26.08 -31.16 11.13
CA THR E 615 -25.47 -32.45 10.82
C THR E 615 -23.94 -32.33 10.79
N GLU E 616 -23.42 -31.11 10.86
CA GLU E 616 -21.97 -30.90 10.84
C GLU E 616 -21.46 -30.05 12.00
N VAL E 617 -22.31 -29.64 12.93
CA VAL E 617 -21.88 -28.81 14.06
C VAL E 617 -20.67 -29.44 14.73
N LEU E 626 -14.03 -28.82 15.86
CA LEU E 626 -14.29 -27.75 16.82
C LEU E 626 -13.11 -26.79 16.90
N THR E 627 -13.21 -25.66 16.19
CA THR E 627 -12.19 -24.63 16.27
C THR E 627 -12.37 -23.79 17.53
N PRO E 628 -13.62 -23.41 17.89
CA PRO E 628 -13.80 -22.60 19.09
C PRO E 628 -13.69 -23.39 20.38
N THR E 629 -13.27 -24.65 20.29
CA THR E 629 -12.98 -25.47 21.47
C THR E 629 -14.24 -25.76 22.29
N TRP E 630 -14.71 -24.78 23.06
CA TRP E 630 -15.90 -24.98 23.89
C TRP E 630 -17.03 -25.57 23.06
N ARG E 631 -17.91 -26.34 23.71
CA ARG E 631 -19.05 -26.94 23.04
C ARG E 631 -20.28 -26.77 23.90
N VAL E 632 -21.40 -26.39 23.28
CA VAL E 632 -22.68 -26.25 23.98
C VAL E 632 -23.49 -27.51 23.73
N TYR E 633 -23.90 -28.18 24.80
CA TYR E 633 -24.51 -29.50 24.67
C TYR E 633 -25.82 -29.43 23.91
N SER E 634 -25.98 -30.31 22.93
CA SER E 634 -27.19 -30.39 22.13
C SER E 634 -28.16 -31.36 22.82
N THR E 635 -29.02 -30.79 23.66
CA THR E 635 -29.95 -31.59 24.45
C THR E 635 -31.22 -31.89 23.67
N GLY E 636 -31.15 -31.82 22.34
CA GLY E 636 -32.28 -32.16 21.50
C GLY E 636 -33.29 -31.03 21.39
N SER E 637 -34.03 -30.79 22.48
CA SER E 637 -34.99 -29.69 22.49
C SER E 637 -34.30 -28.34 22.38
N ASN E 638 -32.99 -28.27 22.63
CA ASN E 638 -32.23 -27.04 22.51
C ASN E 638 -31.36 -27.01 21.26
N VAL E 639 -31.77 -27.69 20.19
CA VAL E 639 -31.13 -27.59 18.88
C VAL E 639 -32.21 -27.32 17.85
N PHE E 640 -31.97 -26.35 16.98
CA PHE E 640 -32.97 -25.88 16.03
C PHE E 640 -32.27 -25.55 14.73
N GLN E 641 -32.97 -25.77 13.62
CA GLN E 641 -32.45 -25.47 12.30
C GLN E 641 -33.14 -24.23 11.75
N THR E 642 -32.34 -23.32 11.20
CA THR E 642 -32.85 -22.08 10.63
C THR E 642 -32.07 -21.81 9.36
N ARG E 643 -32.66 -20.99 8.48
CA ARG E 643 -31.93 -20.58 7.30
C ARG E 643 -30.66 -19.82 7.66
N ALA E 644 -30.60 -19.23 8.85
CA ALA E 644 -29.39 -18.58 9.31
C ALA E 644 -28.34 -19.58 9.76
N GLY E 645 -28.74 -20.77 10.18
CA GLY E 645 -27.82 -21.80 10.60
C GLY E 645 -28.40 -22.63 11.72
N CYS E 646 -27.52 -23.28 12.47
CA CYS E 646 -27.93 -24.14 13.57
C CYS E 646 -27.89 -23.36 14.88
N LEU E 647 -29.01 -23.34 15.58
CA LEU E 647 -29.13 -22.63 16.85
C LEU E 647 -29.14 -23.65 17.98
N ILE E 648 -28.19 -23.52 18.91
CA ILE E 648 -28.01 -24.46 20.00
C ILE E 648 -28.05 -23.69 21.31
N GLY E 649 -28.97 -24.08 22.19
CA GLY E 649 -29.10 -23.41 23.47
C GLY E 649 -30.35 -22.57 23.56
N ALA E 650 -31.23 -22.69 22.57
CA ALA E 650 -32.50 -22.00 22.56
C ALA E 650 -33.58 -23.00 22.20
N GLU E 651 -34.77 -22.81 22.77
CA GLU E 651 -35.91 -23.68 22.52
C GLU E 651 -36.89 -22.95 21.62
N TYR E 652 -37.22 -23.56 20.50
CA TYR E 652 -38.20 -22.98 19.58
C TYR E 652 -39.60 -23.16 20.15
N VAL E 653 -40.34 -22.07 20.24
CA VAL E 653 -41.73 -22.13 20.68
C VAL E 653 -42.64 -21.80 19.50
N ASN E 654 -43.94 -21.93 19.69
CA ASN E 654 -44.92 -21.64 18.64
C ASN E 654 -45.63 -20.32 18.84
N ASN E 655 -45.40 -19.63 19.95
CA ASN E 655 -45.97 -18.30 20.14
C ASN E 655 -45.19 -17.29 19.31
N SER E 656 -45.82 -16.14 19.06
CA SER E 656 -45.21 -15.08 18.28
C SER E 656 -45.15 -13.83 19.14
N TYR E 657 -43.95 -13.33 19.37
CA TYR E 657 -43.71 -12.08 20.08
C TYR E 657 -43.00 -11.10 19.15
N GLU E 658 -42.96 -9.85 19.58
CA GLU E 658 -42.16 -8.87 18.87
C GLU E 658 -40.70 -9.26 18.94
N CYS E 659 -39.95 -8.95 17.87
CA CYS E 659 -38.56 -9.35 17.82
C CYS E 659 -37.78 -8.68 18.95
N ASP E 660 -37.04 -9.49 19.70
CA ASP E 660 -36.18 -8.99 20.76
C ASP E 660 -34.73 -8.98 20.31
N ILE E 661 -34.17 -10.13 19.97
CA ILE E 661 -32.84 -10.26 19.37
C ILE E 661 -33.03 -10.93 18.02
N PRO E 662 -32.67 -10.29 16.90
CA PRO E 662 -32.93 -10.89 15.59
C PRO E 662 -31.90 -11.96 15.24
N ILE E 663 -32.37 -13.18 15.02
CA ILE E 663 -31.54 -14.25 14.49
C ILE E 663 -31.48 -14.19 12.98
N GLY E 664 -32.64 -14.11 12.33
CA GLY E 664 -32.71 -13.95 10.89
C GLY E 664 -33.76 -14.85 10.28
N ALA E 665 -34.10 -14.57 9.03
CA ALA E 665 -35.09 -15.33 8.29
C ALA E 665 -36.38 -15.47 9.08
N GLY E 666 -36.77 -14.39 9.73
CA GLY E 666 -38.00 -14.34 10.50
C GLY E 666 -37.91 -14.87 11.90
N ILE E 667 -36.75 -15.34 12.35
CA ILE E 667 -36.60 -15.98 13.65
C ILE E 667 -35.90 -15.00 14.58
N CYS E 668 -36.48 -14.81 15.77
CA CYS E 668 -35.92 -13.96 16.82
C CYS E 668 -35.79 -14.77 18.10
N ALA E 669 -35.11 -14.18 19.08
CA ALA E 669 -34.77 -14.85 20.33
C ALA E 669 -35.05 -13.91 21.49
N SER E 670 -35.30 -14.49 22.67
CA SER E 670 -35.56 -13.69 23.85
C SER E 670 -35.39 -14.53 25.11
N TYR E 671 -35.23 -13.86 26.24
CA TYR E 671 -35.20 -14.52 27.54
C TYR E 671 -36.62 -14.66 28.06
N GLN E 672 -37.13 -15.89 28.11
CA GLN E 672 -38.54 -16.13 28.42
C GLN E 672 -38.89 -15.68 29.84
N THR E 673 -38.31 -16.32 30.84
CA THR E 673 -38.71 -16.09 32.23
C THR E 673 -40.17 -16.48 32.43
N GLN E 684 -35.83 -17.14 32.34
CA GLN E 684 -35.45 -18.42 32.90
C GLN E 684 -34.73 -19.26 31.87
N SER E 685 -34.98 -19.00 30.59
CA SER E 685 -34.27 -19.68 29.51
C SER E 685 -34.40 -18.83 28.25
N ILE E 686 -33.62 -19.21 27.23
CA ILE E 686 -33.63 -18.54 25.94
C ILE E 686 -34.59 -19.28 25.02
N ILE E 687 -35.46 -18.53 24.36
CA ILE E 687 -36.47 -19.08 23.46
C ILE E 687 -36.32 -18.43 22.10
N ALA E 688 -36.34 -19.25 21.05
CA ALA E 688 -36.47 -18.79 19.68
C ALA E 688 -37.92 -18.87 19.25
N TYR E 689 -38.31 -17.95 18.38
CA TYR E 689 -39.69 -17.90 17.91
C TYR E 689 -39.75 -17.15 16.59
N THR E 690 -40.75 -17.46 15.78
CA THR E 690 -41.06 -16.62 14.63
C THR E 690 -41.60 -15.28 15.13
N MET E 691 -41.05 -14.19 14.61
CA MET E 691 -41.47 -12.88 15.07
C MET E 691 -42.87 -12.55 14.57
N SER E 692 -43.53 -11.66 15.29
CA SER E 692 -44.88 -11.24 14.95
C SER E 692 -44.80 -9.89 14.25
N LEU E 693 -45.49 -9.78 13.12
CA LEU E 693 -45.56 -8.52 12.41
C LEU E 693 -46.52 -7.54 13.08
N GLY E 694 -47.33 -8.00 14.02
CA GLY E 694 -48.31 -7.14 14.67
C GLY E 694 -49.63 -7.83 14.86
N ALA E 695 -50.56 -7.15 15.53
CA ALA E 695 -51.87 -7.73 15.80
C ALA E 695 -52.75 -7.64 14.57
N GLU E 696 -53.35 -8.75 14.19
CA GLU E 696 -54.23 -8.77 13.03
C GLU E 696 -55.45 -7.89 13.27
N ASN E 697 -56.03 -7.41 12.18
CA ASN E 697 -57.18 -6.54 12.24
C ASN E 697 -57.97 -6.68 10.95
N SER E 698 -59.26 -6.42 11.02
CA SER E 698 -60.14 -6.47 9.86
C SER E 698 -61.05 -5.24 9.91
N VAL E 699 -60.94 -4.40 8.90
CA VAL E 699 -61.80 -3.22 8.81
C VAL E 699 -63.13 -3.64 8.22
N ALA E 700 -64.21 -3.29 8.89
CA ALA E 700 -65.54 -3.69 8.43
C ALA E 700 -65.93 -2.87 7.22
N TYR E 701 -65.40 -3.23 6.05
CA TYR E 701 -65.72 -2.53 4.82
C TYR E 701 -67.11 -2.92 4.33
N SER E 702 -67.93 -1.91 4.07
CA SER E 702 -69.18 -2.06 3.34
C SER E 702 -69.23 -0.96 2.29
N ASN E 703 -70.25 -1.00 1.44
CA ASN E 703 -70.40 0.03 0.43
C ASN E 703 -71.29 1.18 0.90
N ASN E 704 -71.71 1.17 2.14
CA ASN E 704 -72.55 2.25 2.65
C ASN E 704 -72.24 2.66 4.07
N SER E 705 -71.20 2.14 4.71
CA SER E 705 -70.89 2.45 6.10
C SER E 705 -69.61 3.26 6.20
N ILE E 706 -69.64 4.31 7.00
CA ILE E 706 -68.50 5.18 7.22
C ILE E 706 -68.27 5.30 8.73
N ALA E 707 -67.03 5.11 9.15
CA ALA E 707 -66.65 5.38 10.53
C ALA E 707 -66.18 6.82 10.64
N ILE E 708 -66.69 7.54 11.63
CA ILE E 708 -66.27 8.92 11.85
C ILE E 708 -65.88 9.10 13.31
N PRO E 709 -64.75 9.76 13.60
CA PRO E 709 -64.38 9.99 15.00
C PRO E 709 -65.29 11.00 15.66
N THR E 710 -65.70 10.70 16.89
CA THR E 710 -66.46 11.65 17.70
C THR E 710 -65.58 12.46 18.63
N ASN E 711 -64.35 12.01 18.86
CA ASN E 711 -63.44 12.69 19.79
C ASN E 711 -62.04 12.73 19.21
N PHE E 712 -61.10 13.26 19.97
CA PHE E 712 -59.73 13.34 19.50
C PHE E 712 -58.80 13.36 20.70
N THR E 713 -57.54 13.09 20.44
CA THR E 713 -56.48 13.23 21.43
C THR E 713 -55.38 14.10 20.84
N ILE E 714 -54.85 15.00 21.66
CA ILE E 714 -53.69 15.80 21.28
C ILE E 714 -52.47 15.00 21.71
N SER E 715 -51.73 14.48 20.74
CA SER E 715 -50.56 13.67 20.98
C SER E 715 -49.30 14.50 20.83
N VAL E 716 -48.31 14.21 21.66
CA VAL E 716 -47.00 14.85 21.58
C VAL E 716 -45.97 13.74 21.47
N THR E 717 -45.41 13.57 20.29
CA THR E 717 -44.35 12.60 20.07
C THR E 717 -43.01 13.30 19.95
N THR E 718 -41.94 12.51 20.01
CA THR E 718 -40.58 13.01 20.01
C THR E 718 -39.86 12.45 18.79
N GLU E 719 -39.06 13.30 18.14
CA GLU E 719 -38.23 12.88 17.02
C GLU E 719 -36.81 13.40 17.25
N ILE E 720 -35.84 12.50 17.31
CA ILE E 720 -34.45 12.86 17.59
C ILE E 720 -33.66 12.75 16.30
N LEU E 721 -32.91 13.82 15.98
CA LEU E 721 -32.14 13.87 14.75
C LEU E 721 -30.72 14.31 15.06
N PRO E 722 -29.71 13.53 14.70
CA PRO E 722 -28.34 14.04 14.73
C PRO E 722 -28.18 15.21 13.78
N VAL E 723 -27.39 16.21 14.20
CA VAL E 723 -27.13 17.38 13.39
C VAL E 723 -25.65 17.53 13.08
N SER E 724 -24.78 17.27 14.05
CA SER E 724 -23.35 17.41 13.85
C SER E 724 -22.63 16.29 14.57
N MET E 725 -21.42 15.99 14.11
CA MET E 725 -20.54 15.04 14.73
C MET E 725 -19.34 15.77 15.33
N THR E 726 -18.54 15.03 16.08
CA THR E 726 -17.33 15.58 16.66
C THR E 726 -16.37 16.04 15.55
N LYS E 727 -15.85 17.25 15.70
CA LYS E 727 -14.85 17.77 14.78
C LYS E 727 -13.48 17.32 15.26
N THR E 728 -12.73 16.67 14.39
CA THR E 728 -11.41 16.19 14.73
C THR E 728 -10.38 16.80 13.79
N SER E 729 -9.17 16.93 14.29
CA SER E 729 -8.02 17.42 13.55
C SER E 729 -6.86 16.46 13.77
N VAL E 730 -6.08 16.25 12.71
CA VAL E 730 -4.93 15.36 12.78
C VAL E 730 -3.68 16.11 12.34
N ASP E 731 -2.58 15.83 13.01
CA ASP E 731 -1.25 16.25 12.61
C ASP E 731 -0.48 14.99 12.25
N CYS E 732 -0.25 14.76 10.95
CA CYS E 732 0.50 13.57 10.55
C CYS E 732 1.80 13.45 11.32
N THR E 733 2.63 14.49 11.28
CA THR E 733 3.98 14.32 11.82
C THR E 733 3.91 13.75 13.23
N MET E 734 2.95 14.21 14.03
CA MET E 734 2.82 13.70 15.38
C MET E 734 2.30 12.25 15.40
N TYR E 735 1.24 11.98 14.63
CA TYR E 735 0.65 10.65 14.67
C TYR E 735 1.58 9.59 14.09
N ILE E 736 2.20 9.88 12.95
CA ILE E 736 3.03 8.92 12.24
C ILE E 736 4.42 8.85 12.84
N CYS E 737 4.99 9.99 13.25
CA CYS E 737 6.40 10.03 13.63
C CYS E 737 6.57 10.21 15.13
N GLY E 738 5.97 11.25 15.69
CA GLY E 738 5.97 11.44 17.13
C GLY E 738 7.32 11.84 17.71
N ASP E 739 7.76 13.06 17.42
CA ASP E 739 9.02 13.62 17.94
C ASP E 739 10.25 13.04 17.26
N SER E 740 10.08 12.02 16.43
CA SER E 740 11.22 11.40 15.75
C SER E 740 11.59 12.17 14.50
N THR E 741 12.79 12.77 14.48
CA THR E 741 13.22 13.53 13.31
C THR E 741 13.53 12.62 12.14
N GLU E 742 14.10 11.44 12.41
CA GLU E 742 14.39 10.51 11.33
C GLU E 742 13.14 10.17 10.55
N CYS E 743 12.05 9.83 11.26
CA CYS E 743 10.79 9.54 10.59
C CYS E 743 10.20 10.77 9.93
N SER E 744 10.34 11.94 10.56
CA SER E 744 9.79 13.15 9.97
C SER E 744 10.42 13.45 8.62
N ASN E 745 11.74 13.26 8.51
CA ASN E 745 12.42 13.50 7.24
C ASN E 745 12.13 12.41 6.21
N LEU E 746 11.76 11.22 6.62
CA LEU E 746 11.34 10.19 5.68
C LEU E 746 9.90 10.37 5.24
N LEU E 747 9.10 11.12 5.99
CA LEU E 747 7.71 11.35 5.67
C LEU E 747 7.51 12.47 4.66
N LEU E 748 8.56 13.24 4.36
CA LEU E 748 8.43 14.29 3.36
C LEU E 748 8.38 13.72 1.94
N GLN E 749 8.72 12.45 1.74
CA GLN E 749 8.64 11.84 0.42
C GLN E 749 7.21 11.40 0.14
N TYR E 750 6.27 11.85 0.96
CA TYR E 750 4.86 11.67 0.67
C TYR E 750 4.19 13.03 0.52
N GLY E 751 4.28 13.85 1.56
CA GLY E 751 4.03 15.27 1.44
C GLY E 751 2.59 15.67 1.15
N SER E 752 2.09 15.22 0.00
CA SER E 752 0.75 15.61 -0.41
C SER E 752 -0.32 14.73 0.23
N PHE E 753 0.08 13.58 0.76
CA PHE E 753 -0.91 12.67 1.34
C PHE E 753 -1.52 13.24 2.62
N CYS E 754 -0.73 13.86 3.48
CA CYS E 754 -1.34 14.56 4.61
C CYS E 754 -1.93 15.90 4.24
N THR E 755 -1.38 16.61 3.28
CA THR E 755 -2.09 17.80 2.86
C THR E 755 -3.51 17.41 2.49
N GLN E 756 -3.65 16.29 1.79
CA GLN E 756 -4.96 15.81 1.35
C GLN E 756 -5.81 15.32 2.53
N LEU E 757 -5.21 14.56 3.45
CA LEU E 757 -5.96 14.04 4.60
C LEU E 757 -6.41 15.16 5.53
N LYS E 758 -5.51 16.09 5.85
CA LYS E 758 -5.84 17.25 6.66
C LYS E 758 -6.90 18.11 6.00
N ARG E 759 -6.81 18.29 4.68
CA ARG E 759 -7.83 19.07 3.99
C ARG E 759 -9.19 18.38 4.07
N ALA E 760 -9.22 17.05 3.96
CA ALA E 760 -10.49 16.32 4.10
C ALA E 760 -11.09 16.51 5.48
N LEU E 761 -10.27 16.35 6.53
CA LEU E 761 -10.80 16.52 7.89
C LEU E 761 -11.23 17.96 8.15
N THR E 762 -10.50 18.95 7.62
CA THR E 762 -10.90 20.34 7.78
C THR E 762 -12.23 20.62 7.09
N GLY E 763 -12.41 20.05 5.90
CA GLY E 763 -13.71 20.16 5.24
C GLY E 763 -14.82 19.58 6.10
N ILE E 764 -14.56 18.43 6.72
CA ILE E 764 -15.58 17.83 7.59
C ILE E 764 -15.92 18.75 8.75
N ALA E 765 -14.90 19.34 9.39
CA ALA E 765 -15.16 20.21 10.54
C ALA E 765 -15.97 21.45 10.14
N VAL E 766 -15.60 22.07 9.03
CA VAL E 766 -16.36 23.21 8.53
C VAL E 766 -17.80 22.79 8.24
N GLU E 767 -17.99 21.59 7.69
CA GLU E 767 -19.34 21.12 7.43
C GLU E 767 -20.12 20.93 8.72
N GLN E 768 -19.47 20.49 9.80
CA GLN E 768 -20.20 20.35 11.06
C GLN E 768 -20.74 21.70 11.52
N ASP E 769 -19.91 22.73 11.46
CA ASP E 769 -20.39 24.06 11.84
C ASP E 769 -21.50 24.52 10.92
N LYS E 770 -21.39 24.24 9.62
CA LYS E 770 -22.44 24.62 8.68
C LYS E 770 -23.74 23.88 8.95
N ASN E 771 -23.66 22.60 9.31
CA ASN E 771 -24.86 21.83 9.65
C ASN E 771 -25.59 22.48 10.80
N THR E 772 -24.87 22.79 11.88
CA THR E 772 -25.52 23.44 13.01
C THR E 772 -26.15 24.76 12.60
N GLN E 773 -25.43 25.56 11.80
CA GLN E 773 -25.96 26.85 11.37
C GLN E 773 -27.24 26.68 10.57
N GLU E 774 -27.27 25.72 9.65
CA GLU E 774 -28.45 25.52 8.82
C GLU E 774 -29.64 25.02 9.62
N VAL E 775 -29.42 24.26 10.67
CA VAL E 775 -30.54 23.78 11.47
C VAL E 775 -31.07 24.87 12.39
N PHE E 776 -30.20 25.54 13.16
CA PHE E 776 -30.67 26.38 14.26
C PHE E 776 -30.69 27.87 13.97
N ALA E 777 -29.96 28.35 12.95
CA ALA E 777 -29.87 29.77 12.68
C ALA E 777 -30.80 30.20 11.54
N GLN E 778 -31.98 29.59 11.46
CA GLN E 778 -32.91 29.95 10.39
C GLN E 778 -33.52 31.32 10.62
N VAL E 779 -33.69 31.72 11.88
CA VAL E 779 -34.30 33.00 12.24
C VAL E 779 -33.19 34.00 12.55
N LYS E 780 -33.29 35.20 11.97
CA LYS E 780 -32.31 36.24 12.21
C LYS E 780 -32.61 37.07 13.44
N GLN E 781 -33.88 37.29 13.76
CA GLN E 781 -34.26 38.02 14.96
C GLN E 781 -34.30 37.09 16.14
N ILE E 782 -33.74 37.53 17.27
CA ILE E 782 -33.79 36.78 18.51
C ILE E 782 -35.06 37.23 19.23
N TYR E 783 -36.15 36.52 18.97
CA TYR E 783 -37.41 36.83 19.65
C TYR E 783 -37.30 36.45 21.11
N LYS E 784 -37.65 37.40 21.98
CA LYS E 784 -37.57 37.17 23.42
C LYS E 784 -38.88 36.58 23.91
N THR E 785 -38.77 35.65 24.85
CA THR E 785 -39.96 35.05 25.44
C THR E 785 -40.75 36.13 26.18
N PRO E 786 -42.08 36.14 26.08
CA PRO E 786 -42.87 37.23 26.68
C PRO E 786 -42.76 37.20 28.20
N PRO E 787 -42.91 38.36 28.86
CA PRO E 787 -42.84 38.38 30.33
C PRO E 787 -43.96 37.59 30.99
N ILE E 788 -45.21 37.92 30.68
CA ILE E 788 -46.33 37.15 31.20
C ILE E 788 -46.53 35.93 30.32
N LYS E 789 -46.90 34.81 30.94
CA LYS E 789 -46.92 33.53 30.22
C LYS E 789 -48.27 32.84 30.28
N TYR E 790 -49.35 33.57 30.02
CA TYR E 790 -50.67 32.97 29.87
C TYR E 790 -50.98 32.81 28.39
N PHE E 791 -51.28 31.59 27.96
CA PHE E 791 -51.50 31.27 26.55
C PHE E 791 -52.78 30.44 26.41
N GLY E 792 -53.85 30.93 27.02
CA GLY E 792 -55.13 30.26 26.94
C GLY E 792 -55.20 28.96 27.69
N GLY E 793 -54.34 28.74 28.67
CA GLY E 793 -54.27 27.51 29.41
C GLY E 793 -53.18 26.56 28.95
N PHE E 794 -52.61 26.79 27.77
CA PHE E 794 -51.47 26.01 27.32
C PHE E 794 -50.26 26.36 28.16
N ASN E 795 -49.57 25.34 28.66
CA ASN E 795 -48.46 25.50 29.59
C ASN E 795 -47.17 25.08 28.91
N PHE E 796 -46.29 26.03 28.65
CA PHE E 796 -45.03 25.79 27.95
C PHE E 796 -43.82 25.79 28.86
N SER E 797 -44.02 25.74 30.18
CA SER E 797 -42.91 25.87 31.11
C SER E 797 -41.83 24.82 30.85
N GLN E 798 -42.24 23.60 30.50
CA GLN E 798 -41.29 22.51 30.35
C GLN E 798 -40.37 22.68 29.15
N ILE E 799 -40.76 23.46 28.16
CA ILE E 799 -39.94 23.67 26.97
C ILE E 799 -39.34 25.06 26.91
N LEU E 800 -39.91 26.05 27.59
CA LEU E 800 -39.38 27.40 27.55
C LEU E 800 -38.12 27.49 28.40
N PRO E 801 -37.25 28.46 28.11
CA PRO E 801 -36.02 28.59 28.89
C PRO E 801 -36.30 28.86 30.36
N ASP E 802 -35.48 28.30 31.23
CA ASP E 802 -35.66 28.40 32.67
C ASP E 802 -34.57 29.27 33.26
N PRO E 803 -34.83 30.54 33.61
CA PRO E 803 -33.76 31.45 34.02
C PRO E 803 -32.94 30.99 35.21
N SER E 804 -33.57 30.34 36.18
CA SER E 804 -32.86 29.91 37.38
C SER E 804 -31.62 29.10 37.01
N LYS E 805 -31.78 28.12 36.14
CA LYS E 805 -30.66 27.34 35.64
C LYS E 805 -29.69 28.28 34.95
N PRO E 806 -28.42 28.33 35.38
CA PRO E 806 -27.49 29.30 34.79
C PRO E 806 -27.26 29.11 33.30
N SER E 807 -27.45 27.89 32.77
CA SER E 807 -27.33 27.67 31.34
C SER E 807 -28.49 28.27 30.57
N LYS E 808 -29.57 28.68 31.25
CA LYS E 808 -30.76 29.20 30.60
C LYS E 808 -31.40 28.17 29.67
N ARG E 809 -31.33 26.90 30.06
CA ARG E 809 -31.94 25.83 29.31
C ARG E 809 -33.30 25.47 29.91
N SER E 810 -34.16 24.91 29.08
CA SER E 810 -35.45 24.45 29.52
C SER E 810 -35.31 23.15 30.31
N PRO E 811 -36.32 22.79 31.11
CA PRO E 811 -36.25 21.51 31.83
C PRO E 811 -36.02 20.30 30.92
N ILE E 812 -36.75 20.21 29.81
CA ILE E 812 -36.56 19.08 28.91
C ILE E 812 -35.17 19.13 28.27
N GLU E 813 -34.70 20.32 27.90
CA GLU E 813 -33.35 20.42 27.38
C GLU E 813 -32.32 20.03 28.43
N ASP E 814 -32.55 20.38 29.69
CA ASP E 814 -31.66 19.93 30.75
C ASP E 814 -31.62 18.42 30.84
N LEU E 815 -32.79 17.78 30.77
CA LEU E 815 -32.85 16.33 30.78
C LEU E 815 -32.08 15.74 29.61
N LEU E 816 -32.29 16.28 28.42
CA LEU E 816 -31.61 15.76 27.24
C LEU E 816 -30.10 15.89 27.39
N PHE E 817 -29.63 17.04 27.87
CA PHE E 817 -28.20 17.26 28.01
C PHE E 817 -27.60 16.47 29.15
N ASN E 818 -28.41 15.98 30.09
CA ASN E 818 -27.92 15.04 31.08
C ASN E 818 -27.96 13.59 30.63
N LYS E 819 -28.79 13.26 29.64
CA LYS E 819 -28.98 11.87 29.25
C LYS E 819 -27.90 11.33 28.31
N VAL E 820 -27.23 12.19 27.54
CA VAL E 820 -26.25 11.75 26.57
C VAL E 820 -24.88 11.97 27.19
N THR E 821 -24.12 10.89 27.35
CA THR E 821 -22.79 10.98 27.95
C THR E 821 -21.82 11.58 26.95
N LEU E 822 -21.63 12.90 27.01
CA LEU E 822 -20.84 13.62 26.03
C LEU E 822 -19.35 13.60 26.39
N ASP E 842 -8.47 11.44 30.95
CA ASP E 842 -7.09 11.28 30.53
C ASP E 842 -6.99 10.86 29.06
N LEU E 843 -8.06 10.25 28.55
CA LEU E 843 -8.02 9.71 27.19
C LEU E 843 -7.78 10.82 26.17
N ILE E 844 -8.44 11.97 26.35
CA ILE E 844 -8.31 13.04 25.37
C ILE E 844 -6.88 13.58 25.37
N CYS E 845 -6.27 13.70 26.55
CA CYS E 845 -4.87 14.10 26.61
C CYS E 845 -3.99 13.04 25.95
N ALA E 846 -4.28 11.77 26.18
CA ALA E 846 -3.48 10.70 25.62
C ALA E 846 -3.51 10.74 24.10
N GLN E 847 -4.68 11.00 23.52
CA GLN E 847 -4.80 11.14 22.07
C GLN E 847 -4.09 12.40 21.59
N LYS E 848 -4.33 13.54 22.25
CA LYS E 848 -3.71 14.77 21.81
C LYS E 848 -2.21 14.66 21.77
N PHE E 849 -1.65 13.79 22.63
CA PHE E 849 -0.22 13.49 22.55
C PHE E 849 0.12 12.62 21.36
N LYS E 850 -0.87 12.25 20.53
CA LYS E 850 -0.62 11.48 19.32
C LYS E 850 -1.15 12.20 18.08
N GLY E 851 -1.28 13.53 18.14
CA GLY E 851 -1.65 14.33 16.99
C GLY E 851 -3.14 14.50 16.76
N LEU E 852 -3.99 13.83 17.54
CA LEU E 852 -5.42 13.84 17.34
C LEU E 852 -6.06 14.82 18.31
N THR E 853 -6.78 15.80 17.80
CA THR E 853 -7.40 16.81 18.64
C THR E 853 -8.88 16.94 18.31
N VAL E 854 -9.67 17.25 19.32
CA VAL E 854 -11.12 17.41 19.19
C VAL E 854 -11.40 18.91 19.25
N LEU E 855 -11.78 19.47 18.11
CA LEU E 855 -12.01 20.91 18.03
C LEU E 855 -13.38 21.26 18.59
N PRO E 856 -13.51 22.38 19.29
CA PRO E 856 -14.82 22.78 19.83
C PRO E 856 -15.74 23.27 18.74
N PRO E 857 -17.04 23.02 18.85
CA PRO E 857 -17.98 23.60 17.89
C PRO E 857 -18.02 25.12 17.98
N LEU E 858 -18.23 25.76 16.83
CA LEU E 858 -18.22 27.22 16.79
C LEU E 858 -19.33 27.81 17.64
N LEU E 859 -20.53 27.23 17.57
CA LEU E 859 -21.66 27.70 18.37
C LEU E 859 -21.70 26.93 19.68
N THR E 860 -21.66 27.65 20.80
CA THR E 860 -21.74 27.01 22.09
C THR E 860 -23.15 26.47 22.34
N ASP E 861 -23.26 25.58 23.32
CA ASP E 861 -24.56 25.07 23.70
C ASP E 861 -25.48 26.19 24.15
N GLU E 862 -24.93 27.25 24.77
CA GLU E 862 -25.75 28.38 25.18
C GLU E 862 -26.28 29.15 23.98
N MET E 863 -25.46 29.35 22.95
CA MET E 863 -25.95 30.00 21.74
C MET E 863 -27.00 29.17 21.03
N ILE E 864 -26.83 27.86 20.98
CA ILE E 864 -27.83 27.01 20.37
C ILE E 864 -29.13 27.06 21.19
N ALA E 865 -29.01 27.13 22.51
CA ALA E 865 -30.20 27.30 23.35
C ALA E 865 -30.89 28.64 23.10
N GLN E 866 -30.13 29.71 22.88
CA GLN E 866 -30.73 30.99 22.53
C GLN E 866 -31.46 30.90 21.18
N TYR E 867 -30.87 30.23 20.20
CA TYR E 867 -31.57 30.04 18.94
C TYR E 867 -32.86 29.27 19.13
N THR E 868 -32.82 28.21 19.93
CA THR E 868 -34.02 27.41 20.17
C THR E 868 -35.10 28.22 20.86
N SER E 869 -34.72 29.04 21.85
CA SER E 869 -35.71 29.85 22.54
C SER E 869 -36.26 30.94 21.63
N ALA E 870 -35.43 31.49 20.74
CA ALA E 870 -35.95 32.45 19.78
C ALA E 870 -36.98 31.80 18.86
N LEU E 871 -36.70 30.59 18.39
CA LEU E 871 -37.68 29.87 17.58
C LEU E 871 -38.95 29.62 18.35
N LEU E 872 -38.83 29.20 19.61
CA LEU E 872 -40.01 28.90 20.42
C LEU E 872 -40.83 30.15 20.69
N ALA E 873 -40.17 31.27 21.00
CA ALA E 873 -40.91 32.51 21.23
C ALA E 873 -41.61 32.98 19.97
N GLY E 874 -40.94 32.89 18.83
CA GLY E 874 -41.58 33.25 17.58
C GLY E 874 -42.80 32.41 17.30
N THR E 875 -42.68 31.08 17.45
CA THR E 875 -43.81 30.23 17.13
C THR E 875 -44.94 30.38 18.15
N ILE E 876 -44.61 30.66 19.42
CA ILE E 876 -45.65 30.80 20.43
C ILE E 876 -46.36 32.14 20.38
N THR E 877 -45.70 33.21 19.93
CA THR E 877 -46.31 34.52 19.91
C THR E 877 -46.77 34.99 18.54
N SER E 878 -46.39 34.31 17.46
CA SER E 878 -46.71 34.81 16.13
C SER E 878 -47.15 33.72 15.17
N GLY E 879 -47.14 32.47 15.61
CA GLY E 879 -47.56 31.38 14.74
C GLY E 879 -46.51 31.07 13.70
N TRP E 880 -46.92 30.97 12.45
CA TRP E 880 -45.99 30.70 11.35
C TRP E 880 -45.59 31.98 10.61
N THR E 881 -46.05 33.15 11.06
CA THR E 881 -45.83 34.37 10.30
C THR E 881 -44.37 34.80 10.34
N PHE E 882 -43.68 34.53 11.44
CA PHE E 882 -42.29 34.96 11.53
C PHE E 882 -41.38 34.16 10.61
N GLY E 883 -41.87 33.09 10.01
CA GLY E 883 -41.08 32.32 9.08
C GLY E 883 -41.13 32.86 7.65
N ALA E 884 -42.14 33.66 7.34
CA ALA E 884 -42.32 34.18 6.00
C ALA E 884 -42.08 35.68 5.88
N GLY E 885 -41.83 36.36 6.99
CA GLY E 885 -41.62 37.80 6.96
C GLY E 885 -41.64 38.38 8.36
N PRO E 886 -42.22 39.56 8.52
CA PRO E 886 -42.36 40.13 9.87
C PRO E 886 -43.20 39.25 10.78
N ALA E 887 -42.74 39.11 12.02
CA ALA E 887 -43.51 38.35 13.00
C ALA E 887 -44.78 39.10 13.34
N LEU E 888 -45.92 38.47 13.11
CA LEU E 888 -47.23 39.07 13.32
C LEU E 888 -47.87 38.39 14.52
N GLN E 889 -48.03 39.14 15.61
CA GLN E 889 -48.58 38.57 16.82
C GLN E 889 -50.01 38.13 16.60
N ILE E 890 -50.41 37.10 17.34
CA ILE E 890 -51.76 36.55 17.28
C ILE E 890 -51.95 35.80 18.60
N PRO E 891 -53.11 35.86 19.24
CA PRO E 891 -53.29 35.10 20.48
C PRO E 891 -53.19 33.60 20.21
N PHE E 892 -52.57 32.88 21.13
CA PHE E 892 -52.27 31.47 20.91
C PHE E 892 -53.52 30.62 20.66
N PRO E 893 -54.64 30.81 21.35
CA PRO E 893 -55.86 30.06 20.98
C PRO E 893 -56.31 30.31 19.54
N MET E 894 -56.14 31.52 19.01
CA MET E 894 -56.48 31.76 17.61
C MET E 894 -55.51 31.07 16.67
N GLN E 895 -54.21 31.06 16.99
CA GLN E 895 -53.26 30.31 16.17
C GLN E 895 -53.63 28.84 16.17
N MET E 896 -54.02 28.31 17.32
CA MET E 896 -54.42 26.91 17.40
C MET E 896 -55.68 26.64 16.58
N ALA E 897 -56.61 27.59 16.57
CA ALA E 897 -57.77 27.46 15.70
C ALA E 897 -57.36 27.45 14.23
N TYR E 898 -56.38 28.27 13.86
CA TYR E 898 -55.86 28.25 12.50
C TYR E 898 -55.28 26.89 12.14
N ARG E 899 -54.55 26.27 13.06
CA ARG E 899 -53.99 24.96 12.78
C ARG E 899 -55.07 23.86 12.72
N PHE E 900 -56.07 23.93 13.60
CA PHE E 900 -57.20 23.02 13.50
C PHE E 900 -57.89 23.15 12.14
N ASN E 901 -58.04 24.38 11.65
CA ASN E 901 -58.53 24.58 10.29
C ASN E 901 -57.58 24.00 9.27
N GLY E 902 -56.28 24.07 9.53
CA GLY E 902 -55.31 23.54 8.59
C GLY E 902 -55.45 22.05 8.40
N ILE E 903 -55.84 21.32 9.44
CA ILE E 903 -56.01 19.88 9.31
C ILE E 903 -57.45 19.50 8.97
N GLY E 904 -58.25 20.44 8.49
CA GLY E 904 -59.60 20.13 8.07
C GLY E 904 -60.62 20.02 9.17
N VAL E 905 -60.41 20.69 10.31
CA VAL E 905 -61.35 20.71 11.42
C VAL E 905 -61.79 22.15 11.64
N THR E 906 -63.09 22.36 11.68
CA THR E 906 -63.60 23.73 11.81
C THR E 906 -63.09 24.36 13.09
N GLN E 907 -62.93 25.69 13.06
CA GLN E 907 -62.27 26.37 14.17
C GLN E 907 -63.08 26.27 15.46
N ASN E 908 -64.41 26.27 15.36
CA ASN E 908 -65.23 26.20 16.57
C ASN E 908 -64.87 24.99 17.41
N VAL E 909 -64.45 23.89 16.77
CA VAL E 909 -64.12 22.68 17.50
C VAL E 909 -63.04 22.96 18.53
N LEU E 910 -62.07 23.82 18.20
CA LEU E 910 -61.06 24.20 19.19
C LEU E 910 -61.62 25.18 20.22
N TYR E 911 -62.44 26.13 19.79
CA TYR E 911 -62.96 27.13 20.72
C TYR E 911 -63.96 26.53 21.68
N GLU E 912 -64.69 25.50 21.26
CA GLU E 912 -65.63 24.82 22.13
C GLU E 912 -64.97 23.76 23.00
N ASN E 913 -63.71 23.42 22.74
CA ASN E 913 -63.00 22.43 23.54
C ASN E 913 -61.65 22.97 24.02
N GLN E 914 -61.56 24.28 24.25
CA GLN E 914 -60.27 24.88 24.54
C GLN E 914 -59.63 24.29 25.79
N LYS E 915 -60.39 24.20 26.88
CA LYS E 915 -59.80 23.73 28.13
C LYS E 915 -59.38 22.27 28.02
N LEU E 916 -60.21 21.44 27.40
CA LEU E 916 -59.85 20.03 27.22
C LEU E 916 -58.60 19.89 26.36
N ILE E 917 -58.52 20.64 25.27
CA ILE E 917 -57.35 20.55 24.39
C ILE E 917 -56.10 21.01 25.13
N ALA E 918 -56.21 22.10 25.90
CA ALA E 918 -55.07 22.59 26.66
C ALA E 918 -54.62 21.57 27.70
N ASN E 919 -55.57 20.94 28.39
CA ASN E 919 -55.21 19.93 29.39
C ASN E 919 -54.54 18.73 28.74
N GLN E 920 -55.07 18.27 27.61
CA GLN E 920 -54.45 17.15 26.91
C GLN E 920 -53.04 17.50 26.47
N PHE E 921 -52.84 18.71 25.94
CA PHE E 921 -51.50 19.11 25.55
C PHE E 921 -50.56 19.14 26.74
N ASN E 922 -51.03 19.70 27.86
CA ASN E 922 -50.19 19.80 29.05
C ASN E 922 -49.81 18.41 29.58
N SER E 923 -50.77 17.49 29.61
CA SER E 923 -50.45 16.15 30.11
C SER E 923 -49.51 15.43 29.16
N ALA E 924 -49.68 15.59 27.85
CA ALA E 924 -48.76 14.97 26.90
C ALA E 924 -47.34 15.52 27.09
N ILE E 925 -47.23 16.84 27.25
CA ILE E 925 -45.92 17.44 27.46
C ILE E 925 -45.31 16.96 28.78
N GLY E 926 -46.13 16.81 29.81
CA GLY E 926 -45.62 16.29 31.07
C GLY E 926 -45.13 14.86 30.95
N LYS E 927 -45.87 14.04 30.21
CA LYS E 927 -45.46 12.65 30.02
C LYS E 927 -44.20 12.55 29.17
N ILE E 928 -43.93 13.55 28.33
CA ILE E 928 -42.68 13.53 27.55
C ILE E 928 -41.48 13.48 28.48
N GLN E 929 -41.51 14.28 29.55
CA GLN E 929 -40.39 14.32 30.48
C GLN E 929 -40.14 12.93 31.06
N ASP E 930 -41.18 12.28 31.58
CA ASP E 930 -41.06 10.96 32.16
C ASP E 930 -40.59 9.94 31.13
N SER E 931 -41.16 9.97 29.92
CA SER E 931 -40.81 9.00 28.90
C SER E 931 -39.34 9.12 28.50
N LEU E 932 -38.88 10.35 28.26
CA LEU E 932 -37.49 10.57 27.90
C LEU E 932 -36.57 10.13 29.04
N SER E 933 -36.91 10.53 30.27
CA SER E 933 -36.06 10.24 31.42
C SER E 933 -35.96 8.74 31.66
N SER E 934 -37.10 8.11 31.97
CA SER E 934 -37.15 6.70 32.34
C SER E 934 -36.43 5.83 31.31
N THR E 935 -36.91 5.80 30.08
CA THR E 935 -36.28 4.97 29.07
C THR E 935 -34.84 5.44 28.85
N PRO E 936 -33.85 4.55 28.95
CA PRO E 936 -32.45 5.01 28.87
C PRO E 936 -31.94 5.17 27.45
N SER E 937 -32.44 4.34 26.52
CA SER E 937 -31.99 4.38 25.14
C SER E 937 -32.91 5.20 24.25
N ALA E 938 -33.58 6.20 24.80
CA ALA E 938 -34.38 7.11 23.98
C ALA E 938 -33.47 7.92 23.05
N LEU E 939 -32.35 8.41 23.57
CA LEU E 939 -31.41 9.22 22.81
C LEU E 939 -30.33 8.39 22.14
N GLY E 940 -30.60 7.11 21.89
CA GLY E 940 -29.58 6.25 21.32
C GLY E 940 -29.01 6.81 20.02
N LYS E 941 -29.88 7.33 19.15
CA LYS E 941 -29.43 7.88 17.88
C LYS E 941 -28.30 8.88 18.10
N LEU E 942 -28.39 9.72 19.13
CA LEU E 942 -27.31 10.65 19.39
C LEU E 942 -26.12 9.94 20.02
N GLN E 943 -26.38 9.10 21.03
CA GLN E 943 -25.28 8.39 21.67
C GLN E 943 -24.48 7.59 20.64
N ASP E 944 -25.19 6.89 19.76
CA ASP E 944 -24.51 6.18 18.66
C ASP E 944 -23.48 7.06 17.99
N VAL E 945 -23.89 8.25 17.54
CA VAL E 945 -22.95 9.15 16.90
C VAL E 945 -21.70 9.29 17.77
N VAL E 946 -21.89 9.77 19.00
CA VAL E 946 -20.75 9.90 19.91
C VAL E 946 -19.96 8.60 19.94
N ASN E 947 -20.63 7.48 20.22
CA ASN E 947 -19.91 6.22 20.33
C ASN E 947 -19.07 5.99 19.08
N HIS E 948 -19.69 6.08 17.91
CA HIS E 948 -18.93 5.82 16.69
C HIS E 948 -17.66 6.66 16.66
N ASN E 949 -17.80 7.96 16.86
CA ASN E 949 -16.62 8.81 16.81
C ASN E 949 -15.56 8.30 17.78
N ALA E 950 -15.95 8.09 19.04
CA ALA E 950 -15.00 7.59 20.01
C ALA E 950 -14.33 6.33 19.50
N GLN E 951 -15.14 5.35 19.09
CA GLN E 951 -14.55 4.09 18.64
C GLN E 951 -13.54 4.36 17.54
N ALA E 952 -13.92 5.15 16.55
CA ALA E 952 -13.01 5.42 15.45
C ALA E 952 -11.68 5.91 15.97
N LEU E 953 -11.70 6.94 16.82
CA LEU E 953 -10.45 7.47 17.33
C LEU E 953 -9.67 6.39 18.08
N ASN E 954 -10.33 5.64 18.95
CA ASN E 954 -9.62 4.58 19.65
C ASN E 954 -8.96 3.64 18.66
N THR E 955 -9.70 3.20 17.64
CA THR E 955 -9.10 2.31 16.66
C THR E 955 -7.84 2.96 16.08
N LEU E 956 -7.97 4.21 15.61
CA LEU E 956 -6.82 4.92 15.08
C LEU E 956 -5.68 4.89 16.07
N VAL E 957 -5.95 5.24 17.33
CA VAL E 957 -4.89 5.28 18.32
C VAL E 957 -4.29 3.89 18.50
N LYS E 958 -5.14 2.87 18.60
CA LYS E 958 -4.63 1.53 18.82
C LYS E 958 -3.94 0.98 17.59
N GLN E 959 -4.01 1.66 16.46
CA GLN E 959 -3.27 1.26 15.28
C GLN E 959 -1.83 1.74 15.32
N LEU E 960 -1.44 2.47 16.35
CA LEU E 960 -0.07 2.92 16.50
C LEU E 960 0.86 1.85 17.07
N SER E 961 0.32 0.79 17.68
CA SER E 961 1.11 -0.32 18.16
C SER E 961 1.22 -1.45 17.15
N SER E 962 0.56 -1.35 16.00
CA SER E 962 0.68 -2.38 14.98
C SER E 962 2.04 -2.32 14.32
N LYS E 963 2.54 -3.49 13.91
CA LYS E 963 3.82 -3.60 13.22
C LYS E 963 3.67 -3.57 11.71
N PHE E 964 2.49 -3.90 11.19
CA PHE E 964 2.27 -3.98 9.74
C PHE E 964 3.30 -4.89 9.09
N GLY E 965 3.67 -5.96 9.80
CA GLY E 965 4.66 -6.89 9.30
C GLY E 965 6.09 -6.42 9.42
N ALA E 966 6.38 -5.53 10.35
CA ALA E 966 7.73 -5.04 10.61
C ALA E 966 8.30 -5.71 11.86
N ILE E 967 9.54 -5.35 12.20
CA ILE E 967 10.17 -5.96 13.37
C ILE E 967 9.51 -5.46 14.64
N SER E 968 9.24 -4.16 14.70
CA SER E 968 8.64 -3.55 15.88
C SER E 968 7.91 -2.29 15.44
N SER E 969 7.04 -1.79 16.31
CA SER E 969 6.28 -0.58 16.04
C SER E 969 6.93 0.67 16.64
N VAL E 970 8.15 0.53 17.16
CA VAL E 970 8.88 1.64 17.74
C VAL E 970 9.92 2.08 16.72
N LEU E 971 9.86 3.35 16.33
CA LEU E 971 10.79 3.85 15.32
C LEU E 971 12.22 3.79 15.82
N ASN E 972 12.43 4.08 17.10
CA ASN E 972 13.78 4.04 17.65
C ASN E 972 14.35 2.63 17.66
N ASP E 973 13.52 1.64 17.95
CA ASP E 973 13.99 0.26 17.90
C ASP E 973 14.47 -0.09 16.50
N ILE E 974 13.66 0.23 15.48
CA ILE E 974 14.05 -0.09 14.11
C ILE E 974 15.32 0.67 13.74
N PHE E 975 15.45 1.90 14.23
CA PHE E 975 16.56 2.77 13.87
C PHE E 975 17.76 2.59 14.79
N SER E 976 17.72 1.62 15.70
CA SER E 976 18.87 1.37 16.57
C SER E 976 19.13 -0.12 16.74
N ARG E 977 18.56 -0.95 15.88
CA ARG E 977 18.82 -2.39 15.93
C ARG E 977 18.97 -2.99 14.53
N LEU E 978 18.91 -2.14 13.50
CA LEU E 978 18.93 -2.57 12.12
C LEU E 978 19.87 -1.67 11.32
N ASP E 979 20.44 -2.23 10.26
CA ASP E 979 21.39 -1.47 9.46
C ASP E 979 20.67 -0.33 8.74
N PRO E 980 21.25 0.87 8.68
CA PRO E 980 20.63 1.98 7.95
C PRO E 980 20.13 1.55 6.59
N PRO E 981 20.84 0.64 5.90
CA PRO E 981 20.28 0.08 4.65
C PRO E 981 18.82 -0.34 4.76
N GLU E 982 18.48 -1.22 5.70
CA GLU E 982 17.12 -1.74 5.81
C GLU E 982 16.28 -1.07 6.89
N ALA E 983 16.90 -0.31 7.79
CA ALA E 983 16.12 0.42 8.79
C ALA E 983 15.20 1.43 8.12
N GLU E 984 15.70 2.14 7.11
CA GLU E 984 14.85 3.06 6.37
C GLU E 984 13.73 2.32 5.64
N VAL E 985 14.01 1.12 5.15
CA VAL E 985 12.98 0.34 4.47
C VAL E 985 11.85 -0.03 5.43
N GLN E 986 12.20 -0.56 6.60
CA GLN E 986 11.17 -0.95 7.56
C GLN E 986 10.45 0.27 8.11
N ILE E 987 11.16 1.39 8.26
CA ILE E 987 10.51 2.62 8.69
C ILE E 987 9.50 3.08 7.65
N ASP E 988 9.86 2.94 6.37
CA ASP E 988 8.92 3.28 5.31
C ASP E 988 7.69 2.38 5.39
N ARG E 989 7.89 1.09 5.70
CA ARG E 989 6.73 0.21 5.86
C ARG E 989 5.83 0.68 6.98
N LEU E 990 6.42 1.05 8.13
CA LEU E 990 5.63 1.56 9.23
C LEU E 990 4.89 2.83 8.85
N ILE E 991 5.57 3.73 8.13
CA ILE E 991 4.95 4.97 7.73
C ILE E 991 3.76 4.71 6.81
N THR E 992 3.92 3.79 5.85
CA THR E 992 2.81 3.48 4.95
C THR E 992 1.66 2.85 5.71
N GLY E 993 1.96 1.97 6.67
CA GLY E 993 0.91 1.40 7.49
C GLY E 993 0.12 2.46 8.24
N ARG E 994 0.83 3.42 8.85
CA ARG E 994 0.14 4.45 9.61
C ARG E 994 -0.60 5.42 8.71
N LEU E 995 -0.04 5.73 7.54
CA LEU E 995 -0.77 6.54 6.56
C LEU E 995 -2.03 5.83 6.10
N GLN E 996 -1.96 4.51 5.91
CA GLN E 996 -3.13 3.76 5.52
C GLN E 996 -4.18 3.76 6.63
N SER E 997 -3.77 3.60 7.88
CA SER E 997 -4.74 3.64 8.97
C SER E 997 -5.38 5.02 9.07
N LEU E 998 -4.59 6.08 8.91
CA LEU E 998 -5.15 7.42 8.92
C LEU E 998 -6.11 7.64 7.75
N GLN E 999 -5.77 7.14 6.57
CA GLN E 999 -6.66 7.29 5.42
C GLN E 999 -7.93 6.50 5.62
N THR E 1000 -7.85 5.32 6.24
CA THR E 1000 -9.06 4.58 6.57
C THR E 1000 -9.94 5.39 7.52
N TYR E 1001 -9.33 5.97 8.55
CA TYR E 1001 -10.08 6.82 9.47
C TYR E 1001 -10.76 7.96 8.73
N VAL E 1002 -10.02 8.63 7.84
CA VAL E 1002 -10.55 9.80 7.16
C VAL E 1002 -11.67 9.41 6.19
N THR E 1003 -11.51 8.30 5.48
CA THR E 1003 -12.56 7.85 4.57
C THR E 1003 -13.83 7.49 5.31
N GLN E 1004 -13.70 6.79 6.45
CA GLN E 1004 -14.89 6.47 7.22
C GLN E 1004 -15.51 7.72 7.82
N GLN E 1005 -14.69 8.70 8.20
CA GLN E 1005 -15.23 9.97 8.67
C GLN E 1005 -15.97 10.68 7.57
N LEU E 1006 -15.46 10.64 6.33
CA LEU E 1006 -16.15 11.28 5.22
C LEU E 1006 -17.49 10.64 4.96
N ILE E 1007 -17.55 9.30 5.00
CA ILE E 1007 -18.82 8.60 4.78
C ILE E 1007 -19.82 8.93 5.90
N ARG E 1008 -19.36 8.88 7.15
CA ARG E 1008 -20.25 9.23 8.26
C ARG E 1008 -20.66 10.69 8.22
N ALA E 1009 -19.78 11.57 7.74
CA ALA E 1009 -20.13 12.98 7.63
C ALA E 1009 -21.18 13.19 6.55
N ALA E 1010 -21.10 12.43 5.46
CA ALA E 1010 -22.16 12.50 4.46
C ALA E 1010 -23.50 12.06 5.06
N GLU E 1011 -23.49 10.99 5.86
CA GLU E 1011 -24.72 10.58 6.52
C GLU E 1011 -25.24 11.65 7.48
N ILE E 1012 -24.36 12.25 8.28
CA ILE E 1012 -24.78 13.26 9.23
C ILE E 1012 -25.28 14.50 8.49
N ARG E 1013 -24.67 14.83 7.35
CA ARG E 1013 -25.13 15.96 6.55
C ARG E 1013 -26.52 15.70 5.99
N ALA E 1014 -26.80 14.47 5.57
CA ALA E 1014 -28.17 14.15 5.18
C ALA E 1014 -29.12 14.30 6.36
N SER E 1015 -28.71 13.84 7.53
CA SER E 1015 -29.56 13.98 8.72
C SER E 1015 -29.79 15.44 9.07
N ALA E 1016 -28.76 16.28 8.92
CA ALA E 1016 -28.89 17.69 9.25
C ALA E 1016 -29.70 18.44 8.20
N ASN E 1017 -29.61 18.05 6.94
CA ASN E 1017 -30.51 18.59 5.92
C ASN E 1017 -31.95 18.23 6.24
N LEU E 1018 -32.19 17.00 6.66
CA LEU E 1018 -33.54 16.59 7.04
C LEU E 1018 -34.02 17.38 8.25
N ALA E 1019 -33.14 17.61 9.23
CA ALA E 1019 -33.52 18.38 10.41
C ALA E 1019 -33.80 19.83 10.06
N ALA E 1020 -33.04 20.42 9.14
CA ALA E 1020 -33.33 21.77 8.68
C ALA E 1020 -34.67 21.83 7.95
N THR E 1021 -34.96 20.82 7.13
CA THR E 1021 -36.25 20.78 6.45
C THR E 1021 -37.39 20.67 7.46
N LYS E 1022 -37.22 19.83 8.48
CA LYS E 1022 -38.24 19.69 9.51
C LYS E 1022 -38.38 20.96 10.34
N MET E 1023 -37.28 21.66 10.58
CA MET E 1023 -37.33 22.94 11.26
C MET E 1023 -38.12 23.96 10.44
N SER E 1024 -37.95 23.94 9.12
CA SER E 1024 -38.68 24.87 8.26
C SER E 1024 -40.15 24.52 8.12
N GLU E 1025 -40.49 23.24 7.93
CA GLU E 1025 -41.84 22.84 7.57
C GLU E 1025 -42.67 22.36 8.74
N CYS E 1026 -42.06 21.95 9.85
CA CYS E 1026 -42.79 21.53 11.04
C CYS E 1026 -42.81 22.57 12.14
N VAL E 1027 -41.75 23.37 12.29
CA VAL E 1027 -41.68 24.38 13.33
C VAL E 1027 -42.08 25.76 12.80
N LEU E 1028 -41.62 26.11 11.61
CA LEU E 1028 -41.94 27.39 11.00
C LEU E 1028 -43.22 27.34 10.17
N GLY E 1029 -43.90 26.19 10.14
CA GLY E 1029 -45.15 26.08 9.43
C GLY E 1029 -45.91 24.88 9.93
N GLN E 1030 -47.04 24.62 9.28
CA GLN E 1030 -47.82 23.41 9.49
C GLN E 1030 -47.74 22.57 8.24
N SER E 1031 -47.39 21.30 8.40
CA SER E 1031 -47.09 20.43 7.28
C SER E 1031 -48.29 19.55 6.94
N LYS E 1032 -48.58 19.45 5.65
CA LYS E 1032 -49.57 18.52 5.13
C LYS E 1032 -48.96 17.19 4.72
N ARG E 1033 -47.64 17.05 4.80
CA ARG E 1033 -46.99 15.81 4.40
C ARG E 1033 -47.22 14.75 5.47
N VAL E 1034 -47.66 13.57 5.06
CA VAL E 1034 -48.03 12.52 6.00
C VAL E 1034 -46.78 11.96 6.66
N ASP E 1035 -46.80 11.89 7.99
CA ASP E 1035 -45.74 11.34 8.83
C ASP E 1035 -44.45 12.13 8.77
N PHE E 1036 -44.45 13.32 8.18
CA PHE E 1036 -43.22 14.10 8.19
C PHE E 1036 -42.98 14.72 9.56
N CYS E 1037 -44.04 15.20 10.21
CA CYS E 1037 -43.91 15.86 11.50
C CYS E 1037 -44.68 15.10 12.57
N GLY E 1038 -44.50 13.79 12.63
CA GLY E 1038 -45.12 12.96 13.65
C GLY E 1038 -46.30 12.18 13.13
N LYS E 1039 -46.76 11.24 13.94
CA LYS E 1039 -47.86 10.35 13.59
C LYS E 1039 -49.18 11.04 13.92
N GLY E 1040 -50.02 11.22 12.91
CA GLY E 1040 -51.25 11.95 13.05
C GLY E 1040 -51.23 13.20 12.19
N TYR E 1041 -52.32 13.96 12.28
CA TYR E 1041 -52.42 15.23 11.56
C TYR E 1041 -51.62 16.28 12.32
N HIS E 1042 -50.56 16.76 11.69
CA HIS E 1042 -49.64 17.67 12.36
C HIS E 1042 -50.34 18.98 12.71
N LEU E 1043 -50.25 19.37 13.97
CA LEU E 1043 -50.66 20.69 14.41
C LEU E 1043 -49.47 21.64 14.49
N MET E 1044 -48.44 21.28 15.24
CA MET E 1044 -47.27 22.16 15.34
C MET E 1044 -46.12 21.36 15.91
N SER E 1045 -44.98 22.01 16.04
CA SER E 1045 -43.79 21.33 16.53
C SER E 1045 -42.89 22.33 17.26
N PHE E 1046 -42.13 21.80 18.22
CA PHE E 1046 -41.28 22.61 19.08
C PHE E 1046 -39.87 22.06 19.01
N PRO E 1047 -38.85 22.87 18.73
CA PRO E 1047 -37.48 22.37 18.76
C PRO E 1047 -36.87 22.46 20.15
N GLN E 1048 -36.03 21.49 20.48
CA GLN E 1048 -35.25 21.49 21.71
C GLN E 1048 -33.84 21.05 21.35
N SER E 1049 -32.86 21.88 21.68
CA SER E 1049 -31.48 21.52 21.38
C SER E 1049 -31.06 20.33 22.22
N ALA E 1050 -30.29 19.43 21.61
CA ALA E 1050 -29.75 18.25 22.28
C ALA E 1050 -28.28 18.20 21.98
N PRO E 1051 -27.50 17.50 22.81
CA PRO E 1051 -26.03 17.64 22.76
C PRO E 1051 -25.43 17.75 21.37
N HIS E 1052 -25.67 16.80 20.48
CA HIS E 1052 -25.12 16.86 19.14
C HIS E 1052 -26.22 16.90 18.09
N GLY E 1053 -27.41 17.30 18.47
CA GLY E 1053 -28.54 17.22 17.56
C GLY E 1053 -29.72 18.01 18.01
N VAL E 1054 -30.89 17.63 17.52
CA VAL E 1054 -32.11 18.36 17.79
C VAL E 1054 -33.19 17.34 18.15
N VAL E 1055 -34.11 17.76 19.00
CA VAL E 1055 -35.29 16.98 19.35
C VAL E 1055 -36.49 17.80 18.94
N PHE E 1056 -37.40 17.19 18.19
CA PHE E 1056 -38.63 17.84 17.77
C PHE E 1056 -39.77 17.25 18.56
N LEU E 1057 -40.49 18.11 19.29
CA LEU E 1057 -41.72 17.73 19.97
C LEU E 1057 -42.86 18.02 19.02
N HIS E 1058 -43.40 16.98 18.40
CA HIS E 1058 -44.45 17.11 17.42
C HIS E 1058 -45.80 16.97 18.10
N VAL E 1059 -46.65 17.98 17.93
CA VAL E 1059 -48.00 18.00 18.45
C VAL E 1059 -48.94 17.71 17.29
N THR E 1060 -49.66 16.59 17.39
CA THR E 1060 -50.54 16.10 16.34
C THR E 1060 -51.94 15.86 16.89
N TYR E 1061 -52.90 15.90 15.98
CA TYR E 1061 -54.31 15.64 16.28
C TYR E 1061 -54.63 14.21 15.87
N VAL E 1062 -55.09 13.40 16.81
CA VAL E 1062 -55.35 11.98 16.54
C VAL E 1062 -56.84 11.74 16.73
N PRO E 1063 -57.57 11.36 15.68
CA PRO E 1063 -58.99 11.04 15.88
C PRO E 1063 -59.17 9.87 16.83
N ALA E 1064 -60.29 9.85 17.54
CA ALA E 1064 -60.55 8.83 18.53
C ALA E 1064 -62.05 8.67 18.71
N GLN E 1065 -62.44 7.53 19.28
CA GLN E 1065 -63.84 7.24 19.60
C GLN E 1065 -64.72 7.31 18.36
N GLU E 1066 -64.40 6.46 17.39
CA GLU E 1066 -65.12 6.45 16.13
C GLU E 1066 -66.45 5.73 16.27
N LYS E 1067 -67.42 6.18 15.48
CA LYS E 1067 -68.75 5.58 15.42
C LYS E 1067 -69.11 5.30 13.98
N ASN E 1068 -69.80 4.18 13.77
CA ASN E 1068 -70.28 3.83 12.45
C ASN E 1068 -71.55 4.58 12.11
N PHE E 1069 -71.67 5.00 10.86
CA PHE E 1069 -72.88 5.59 10.33
C PHE E 1069 -73.14 5.02 8.94
N THR E 1070 -74.37 5.15 8.49
CA THR E 1070 -74.71 4.91 7.10
C THR E 1070 -74.47 6.18 6.32
N THR E 1071 -74.06 6.00 5.06
CA THR E 1071 -73.69 7.13 4.23
C THR E 1071 -74.16 6.87 2.81
N ALA E 1072 -74.40 7.95 2.07
CA ALA E 1072 -74.78 7.87 0.68
C ALA E 1072 -73.98 8.89 -0.13
N PRO E 1073 -73.69 8.60 -1.40
CA PRO E 1073 -72.92 9.56 -2.20
C PRO E 1073 -73.59 10.90 -2.36
N ALA E 1074 -74.92 10.92 -2.47
CA ALA E 1074 -75.66 12.14 -2.74
C ALA E 1074 -77.06 11.95 -2.20
N ILE E 1075 -77.84 13.03 -2.23
CA ILE E 1075 -79.21 13.04 -1.72
C ILE E 1075 -80.14 13.54 -2.83
N CYS E 1076 -81.20 12.80 -3.09
CA CYS E 1076 -82.17 13.18 -4.11
C CYS E 1076 -83.30 13.97 -3.47
N HIS E 1077 -83.57 15.15 -4.01
CA HIS E 1077 -84.66 15.98 -3.49
C HIS E 1077 -85.20 16.83 -4.64
N ASP E 1078 -86.52 16.78 -4.83
CA ASP E 1078 -87.18 17.48 -5.93
C ASP E 1078 -86.62 17.03 -7.28
N GLY E 1079 -86.18 15.78 -7.37
CA GLY E 1079 -85.58 15.28 -8.59
C GLY E 1079 -84.19 15.82 -8.86
N LYS E 1080 -83.57 16.50 -7.90
CA LYS E 1080 -82.23 17.04 -8.06
C LYS E 1080 -81.27 16.30 -7.14
N ALA E 1081 -80.07 16.02 -7.66
CA ALA E 1081 -79.04 15.37 -6.87
C ALA E 1081 -78.20 16.43 -6.15
N HIS E 1082 -78.01 16.23 -4.85
CA HIS E 1082 -77.20 17.11 -4.02
C HIS E 1082 -75.98 16.36 -3.52
N PHE E 1083 -74.82 16.99 -3.67
CA PHE E 1083 -73.59 16.47 -3.12
C PHE E 1083 -73.12 17.39 -2.00
N PRO E 1084 -72.55 16.86 -0.93
CA PRO E 1084 -72.19 17.70 0.20
C PRO E 1084 -71.09 18.68 -0.18
N ARG E 1085 -71.17 19.89 0.37
CA ARG E 1085 -70.20 20.91 0.00
C ARG E 1085 -68.85 20.65 0.65
N GLU E 1086 -68.82 20.57 1.98
CA GLU E 1086 -67.59 20.34 2.75
C GLU E 1086 -67.90 19.30 3.82
N GLY E 1087 -68.52 18.19 3.42
CA GLY E 1087 -68.82 17.15 4.37
C GLY E 1087 -69.16 15.84 3.70
N VAL E 1088 -69.66 14.92 4.50
CA VAL E 1088 -70.16 13.63 4.05
C VAL E 1088 -71.57 13.47 4.60
N PHE E 1089 -72.41 12.78 3.85
CA PHE E 1089 -73.76 12.48 4.33
C PHE E 1089 -73.71 11.29 5.27
N VAL E 1090 -74.31 11.44 6.45
CA VAL E 1090 -74.37 10.37 7.43
C VAL E 1090 -75.79 10.31 7.96
N SER E 1091 -76.13 9.18 8.58
CA SER E 1091 -77.48 8.96 9.08
C SER E 1091 -77.44 8.48 10.52
N ASN E 1092 -78.11 9.21 11.40
CA ASN E 1092 -78.40 8.78 12.77
C ASN E 1092 -79.09 7.45 12.81
N GLY E 1093 -79.76 7.12 11.71
CA GLY E 1093 -80.47 5.87 11.58
C GLY E 1093 -81.78 6.07 10.84
N THR E 1094 -82.43 7.21 11.06
CA THR E 1094 -83.70 7.50 10.39
C THR E 1094 -83.65 8.85 9.69
N HIS E 1095 -82.99 9.83 10.30
CA HIS E 1095 -82.76 11.13 9.67
C HIS E 1095 -81.38 11.17 9.02
N TRP E 1096 -81.11 12.25 8.31
CA TRP E 1096 -79.88 12.41 7.55
C TRP E 1096 -79.25 13.75 7.87
N PHE E 1097 -77.93 13.75 8.06
CA PHE E 1097 -77.17 14.97 8.32
C PHE E 1097 -75.96 15.01 7.40
N VAL E 1098 -75.34 16.18 7.34
CA VAL E 1098 -74.05 16.35 6.69
C VAL E 1098 -73.04 16.71 7.77
N THR E 1099 -71.93 15.98 7.80
CA THR E 1099 -70.93 16.17 8.84
C THR E 1099 -69.58 16.47 8.20
N GLN E 1100 -68.74 17.17 8.93
CA GLN E 1100 -67.34 17.29 8.54
C GLN E 1100 -66.65 15.96 8.78
N ARG E 1101 -65.55 15.74 8.05
CA ARG E 1101 -65.00 14.39 7.94
C ARG E 1101 -64.37 13.88 9.22
N ASN E 1102 -63.54 14.69 9.88
CA ASN E 1102 -62.68 14.21 10.97
C ASN E 1102 -63.23 14.51 12.36
N PHE E 1103 -64.51 14.84 12.45
CA PHE E 1103 -65.12 15.12 13.74
C PHE E 1103 -66.64 15.11 13.58
N TYR E 1104 -67.33 14.29 14.37
CA TYR E 1104 -68.77 14.18 14.18
C TYR E 1104 -69.49 15.45 14.61
N GLU E 1105 -69.98 16.20 13.62
CA GLU E 1105 -70.71 17.44 13.86
C GLU E 1105 -71.91 17.47 12.92
N PRO E 1106 -72.95 16.68 13.21
CA PRO E 1106 -74.07 16.55 12.27
C PRO E 1106 -74.86 17.83 12.13
N GLN E 1107 -75.17 18.17 10.88
CA GLN E 1107 -75.94 19.36 10.56
C GLN E 1107 -77.14 18.98 9.71
N ILE E 1108 -78.21 19.74 9.86
CA ILE E 1108 -79.42 19.53 9.06
C ILE E 1108 -79.08 19.83 7.61
N ILE E 1109 -79.43 18.91 6.72
CA ILE E 1109 -79.10 19.07 5.31
C ILE E 1109 -79.94 20.18 4.73
N THR E 1110 -79.34 21.35 4.55
CA THR E 1110 -79.99 22.49 3.93
C THR E 1110 -79.36 22.75 2.58
N THR E 1111 -80.03 23.60 1.79
CA THR E 1111 -79.45 24.01 0.51
C THR E 1111 -78.47 25.15 0.75
N ASP E 1112 -77.58 24.98 1.73
CA ASP E 1112 -76.47 25.91 1.96
C ASP E 1112 -75.18 25.14 2.21
N ASN E 1113 -75.29 23.92 2.73
CA ASN E 1113 -74.12 23.07 2.95
C ASN E 1113 -73.99 21.98 1.91
N THR E 1114 -74.78 22.02 0.83
CA THR E 1114 -74.65 21.10 -0.29
C THR E 1114 -74.83 21.87 -1.59
N PHE E 1115 -74.52 21.21 -2.70
CA PHE E 1115 -74.69 21.82 -4.02
C PHE E 1115 -75.33 20.82 -4.97
N VAL E 1116 -76.06 21.37 -5.94
CA VAL E 1116 -76.87 20.59 -6.87
C VAL E 1116 -76.04 20.29 -8.11
N SER E 1117 -76.18 19.08 -8.63
CA SER E 1117 -75.51 18.72 -9.89
C SER E 1117 -76.32 17.60 -10.56
N GLY E 1118 -77.14 17.99 -11.52
CA GLY E 1118 -77.91 17.03 -12.29
C GLY E 1118 -79.05 16.45 -11.48
N ASN E 1119 -79.56 15.34 -11.98
CA ASN E 1119 -80.72 14.67 -11.43
C ASN E 1119 -80.29 13.40 -10.71
N CYS E 1120 -81.20 12.87 -9.90
CA CYS E 1120 -80.93 11.63 -9.16
C CYS E 1120 -81.25 10.41 -10.03
N ASP E 1121 -80.61 10.39 -11.20
CA ASP E 1121 -80.70 9.26 -12.11
C ASP E 1121 -79.35 8.73 -12.56
N VAL E 1122 -78.25 9.27 -12.04
CA VAL E 1122 -76.91 8.87 -12.44
C VAL E 1122 -76.09 8.35 -11.25
N VAL E 1123 -76.17 9.04 -10.11
CA VAL E 1123 -75.38 8.65 -8.94
C VAL E 1123 -75.76 7.25 -8.50
N ILE E 1124 -74.75 6.41 -8.29
CA ILE E 1124 -74.96 5.02 -7.88
C ILE E 1124 -75.01 4.92 -6.36
N GLY E 1125 -76.17 5.18 -5.79
CA GLY E 1125 -76.33 5.08 -4.34
C GLY E 1125 -77.06 6.25 -3.72
N ILE E 1126 -77.52 7.18 -4.55
CA ILE E 1126 -78.22 8.37 -4.09
C ILE E 1126 -79.42 7.96 -3.22
N VAL E 1127 -79.77 8.82 -2.27
CA VAL E 1127 -80.79 8.51 -1.26
C VAL E 1127 -81.77 9.68 -1.18
N ASN E 1128 -83.05 9.35 -0.97
CA ASN E 1128 -84.12 10.35 -0.90
C ASN E 1128 -84.20 10.95 0.49
N ASN E 1129 -84.34 12.27 0.54
CA ASN E 1129 -84.49 13.00 1.79
C ASN E 1129 -84.75 14.47 1.44
N THR E 1130 -85.13 15.24 2.44
CA THR E 1130 -85.49 16.63 2.23
C THR E 1130 -84.26 17.52 2.46
N VAL E 1131 -83.95 18.35 1.47
CA VAL E 1131 -82.88 19.35 1.61
C VAL E 1131 -83.58 20.66 1.94
N TYR E 1132 -83.59 21.00 3.22
CA TYR E 1132 -84.26 22.18 3.71
C TYR E 1132 -83.71 23.42 3.01
N ASP E 1133 -84.60 24.23 2.46
CA ASP E 1133 -84.19 25.48 1.84
C ASP E 1133 -84.38 26.62 2.85
CA GLU F 1 36.52 -58.08 -13.34
C GLU F 1 36.65 -57.67 -14.80
N VAL F 2 37.28 -56.52 -15.04
CA VAL F 2 37.54 -56.08 -16.40
C VAL F 2 38.53 -57.03 -17.05
N GLN F 3 38.17 -57.53 -18.22
CA GLN F 3 39.05 -58.43 -18.97
C GLN F 3 39.86 -57.65 -20.00
N LEU F 4 41.14 -58.00 -20.10
CA LEU F 4 42.03 -57.34 -21.05
C LEU F 4 42.99 -58.32 -21.70
N VAL F 5 42.48 -59.48 -22.12
CA VAL F 5 43.33 -60.56 -22.61
C VAL F 5 44.29 -60.00 -23.65
N GLU F 6 45.59 -60.14 -23.40
CA GLU F 6 46.59 -59.71 -24.36
C GLU F 6 46.74 -60.76 -25.44
N SER F 7 46.74 -60.32 -26.69
CA SER F 7 46.77 -61.24 -27.82
C SER F 7 47.13 -60.51 -29.10
N LEU F 20 48.29 -56.47 -31.72
CA LEU F 20 48.07 -56.68 -30.29
C LEU F 20 46.70 -56.15 -29.88
N SER F 21 46.07 -56.80 -28.91
CA SER F 21 44.72 -56.43 -28.51
C SER F 21 44.48 -56.75 -27.05
N CYS F 22 43.79 -55.85 -26.35
CA CYS F 22 43.20 -56.13 -25.05
C CYS F 22 41.69 -56.15 -25.22
N ALA F 23 41.05 -57.24 -24.78
CA ALA F 23 39.61 -57.39 -24.93
C ALA F 23 38.90 -56.69 -23.76
N ALA F 24 38.92 -55.36 -23.79
CA ALA F 24 38.33 -54.59 -22.72
C ALA F 24 36.86 -54.94 -22.54
N SER F 25 36.43 -55.03 -21.29
CA SER F 25 35.05 -55.39 -20.98
C SER F 25 34.74 -54.93 -19.57
N GLY F 26 33.44 -54.86 -19.27
CA GLY F 26 33.00 -54.58 -17.91
C GLY F 26 33.34 -53.19 -17.43
N PHE F 27 33.62 -52.27 -18.34
CA PHE F 27 33.85 -50.87 -17.98
C PHE F 27 33.82 -50.05 -19.26
N THR F 28 33.66 -48.74 -19.09
CA THR F 28 33.66 -47.81 -20.21
C THR F 28 35.10 -47.59 -20.65
N PHE F 29 35.53 -48.40 -21.63
CA PHE F 29 36.88 -48.28 -22.17
C PHE F 29 37.13 -46.86 -22.67
N ASP F 30 36.09 -46.18 -23.16
CA ASP F 30 36.25 -44.85 -23.73
C ASP F 30 36.06 -43.83 -22.62
N ASP F 31 36.72 -44.07 -21.49
CA ASP F 31 36.67 -43.14 -20.38
C ASP F 31 37.97 -43.11 -19.60
N TYR F 32 38.98 -43.86 -20.06
CA TYR F 32 40.22 -44.02 -19.31
C TYR F 32 41.40 -44.19 -20.25
N ALA F 33 42.55 -43.64 -19.86
CA ALA F 33 43.77 -43.85 -20.61
C ALA F 33 44.29 -45.27 -20.40
N MET F 34 45.10 -45.72 -21.36
CA MET F 34 45.61 -47.08 -21.36
C MET F 34 47.13 -47.06 -21.54
N HIS F 35 47.74 -48.22 -21.32
CA HIS F 35 49.16 -48.41 -21.59
C HIS F 35 49.40 -49.88 -21.91
N TRP F 36 50.03 -50.16 -23.05
CA TRP F 36 50.55 -51.50 -23.31
C TRP F 36 51.87 -51.70 -22.56
N VAL F 37 52.09 -52.95 -22.14
CA VAL F 37 53.23 -53.24 -21.28
C VAL F 37 53.70 -54.66 -21.58
N ARG F 38 54.95 -54.80 -22.04
CA ARG F 38 55.44 -56.11 -22.45
C ARG F 38 56.33 -56.72 -21.37
N GLN F 39 56.06 -57.99 -21.05
CA GLN F 39 56.81 -58.69 -20.01
C GLN F 39 58.14 -59.15 -20.59
N ILE F 40 59.16 -58.31 -20.45
CA ILE F 40 60.51 -58.71 -20.84
C ILE F 40 60.92 -59.83 -19.90
N PRO F 41 61.52 -60.92 -20.38
CA PRO F 41 61.75 -62.08 -19.52
C PRO F 41 62.49 -61.69 -18.24
N GLY F 42 61.87 -61.98 -17.11
CA GLY F 42 62.48 -61.73 -15.81
C GLY F 42 62.84 -60.26 -15.60
N LYS F 43 62.01 -59.36 -16.09
CA LYS F 43 62.26 -57.94 -16.00
C LYS F 43 60.95 -57.18 -15.77
N GLY F 44 61.08 -55.87 -15.61
CA GLY F 44 59.91 -55.04 -15.42
C GLY F 44 59.02 -55.01 -16.66
N LEU F 45 57.80 -54.49 -16.45
CA LEU F 45 56.81 -54.52 -17.52
C LEU F 45 57.18 -53.62 -18.69
N GLU F 46 58.05 -52.64 -18.47
CA GLU F 46 58.59 -51.82 -19.56
C GLU F 46 57.48 -51.21 -20.43
N TRP F 47 56.72 -50.29 -19.85
CA TRP F 47 55.69 -49.55 -20.58
C TRP F 47 56.13 -49.25 -22.00
N VAL F 48 55.22 -49.47 -22.95
CA VAL F 48 55.53 -49.29 -24.36
C VAL F 48 54.93 -48.01 -24.92
N SER F 49 53.66 -47.72 -24.64
CA SER F 49 53.02 -46.50 -25.11
C SER F 49 51.87 -46.17 -24.18
N GLY F 50 51.43 -44.92 -24.25
CA GLY F 50 50.28 -44.45 -23.50
C GLY F 50 49.36 -43.60 -24.36
N ILE F 51 48.09 -43.98 -24.44
CA ILE F 51 47.12 -43.34 -25.32
C ILE F 51 45.93 -42.87 -24.49
N SER F 52 45.40 -41.71 -24.84
CA SER F 52 44.28 -41.11 -24.13
C SER F 52 42.97 -41.68 -24.66
N TRP F 53 41.86 -41.30 -23.99
CA TRP F 53 40.56 -41.75 -24.44
C TRP F 53 40.24 -41.23 -25.83
N ASN F 54 40.59 -39.97 -26.11
CA ASN F 54 40.46 -39.41 -27.44
C ASN F 54 41.69 -39.63 -28.30
N SER F 55 42.79 -40.10 -27.70
CA SER F 55 44.08 -40.32 -28.36
C SER F 55 44.80 -39.00 -28.63
N GLY F 56 44.32 -37.89 -28.08
CA GLY F 56 44.99 -36.62 -28.30
C GLY F 56 46.45 -36.64 -27.85
N ASP F 57 46.71 -37.25 -26.71
CA ASP F 57 48.07 -37.38 -26.19
C ASP F 57 48.53 -38.81 -26.39
N ILE F 58 49.72 -38.97 -26.96
CA ILE F 58 50.28 -40.31 -27.22
C ILE F 58 51.76 -40.31 -26.89
N GLY F 59 52.15 -41.13 -25.89
CA GLY F 59 53.53 -41.28 -25.51
C GLY F 59 54.10 -42.59 -26.00
N TYR F 60 55.28 -42.53 -26.61
CA TYR F 60 55.92 -43.69 -27.21
C TYR F 60 57.23 -44.03 -26.50
N ALA F 61 57.47 -45.32 -26.33
CA ALA F 61 58.72 -45.79 -25.73
C ALA F 61 59.91 -45.44 -26.62
N ASP F 62 60.99 -44.97 -25.99
CA ASP F 62 62.17 -44.60 -26.74
C ASP F 62 62.71 -45.76 -27.57
N SER F 63 62.45 -47.00 -27.12
CA SER F 63 62.88 -48.18 -27.84
C SER F 63 61.88 -48.62 -28.91
N VAL F 64 60.78 -47.90 -29.08
CA VAL F 64 59.77 -48.28 -30.07
C VAL F 64 59.43 -47.08 -30.96
N ARG F 72 43.59 -47.03 -30.79
CA ARG F 72 42.38 -47.51 -30.14
C ARG F 72 41.15 -47.18 -30.97
N ASP F 73 40.18 -48.10 -30.99
CA ASP F 73 38.85 -47.85 -31.53
C ASP F 73 37.89 -48.02 -30.35
N ASN F 74 37.43 -46.89 -29.81
CA ASN F 74 36.64 -46.92 -28.59
C ASN F 74 35.36 -47.75 -28.75
N ALA F 75 34.86 -47.88 -29.97
CA ALA F 75 33.70 -48.74 -30.21
C ALA F 75 34.05 -50.20 -29.90
N LYS F 76 35.21 -50.65 -30.36
CA LYS F 76 35.58 -52.05 -30.22
C LYS F 76 36.17 -52.39 -28.85
N ASN F 77 36.42 -51.39 -28.00
CA ASN F 77 37.00 -51.62 -26.68
C ASN F 77 38.23 -52.51 -26.79
N SER F 78 39.18 -52.07 -27.62
CA SER F 78 40.40 -52.83 -27.88
C SER F 78 41.55 -51.85 -28.13
N LEU F 79 42.45 -51.75 -27.16
CA LEU F 79 43.65 -50.94 -27.34
C LEU F 79 44.55 -51.63 -28.35
N HIS F 80 44.54 -51.18 -29.60
CA HIS F 80 45.31 -51.81 -30.66
C HIS F 80 46.59 -51.02 -30.85
N LEU F 81 47.66 -51.50 -30.24
CA LEU F 81 49.01 -50.95 -30.42
C LEU F 81 49.79 -51.92 -31.28
N GLN F 82 50.07 -51.54 -32.52
CA GLN F 82 50.89 -52.35 -33.41
C GLN F 82 52.36 -52.06 -33.15
N CYS F 96 48.38 -55.22 -20.94
CA CYS F 96 47.68 -53.94 -20.96
C CYS F 96 47.45 -53.48 -19.54
N ALA F 97 47.32 -52.17 -19.35
CA ALA F 97 47.10 -51.58 -18.03
C ALA F 97 46.14 -50.42 -18.13
N LYS F 98 45.14 -50.40 -17.24
CA LYS F 98 44.14 -49.35 -17.21
C LYS F 98 44.64 -48.16 -16.40
N ASP F 99 44.11 -46.98 -16.73
CA ASP F 99 44.45 -45.73 -16.06
C ASP F 99 43.21 -45.21 -15.33
N LYS F 100 43.35 -44.91 -14.05
CA LYS F 100 42.23 -44.34 -13.29
C LYS F 100 41.70 -43.09 -13.97
N THR F 101 42.60 -42.26 -14.47
CA THR F 101 42.20 -41.00 -15.08
C THR F 101 41.64 -41.26 -16.47
N TYR F 102 40.80 -40.34 -16.93
CA TYR F 102 40.40 -40.36 -18.33
C TYR F 102 41.61 -40.24 -19.24
N ASP F 103 42.53 -39.33 -18.90
CA ASP F 103 43.75 -39.14 -19.67
C ASP F 103 44.84 -38.65 -18.73
N SER F 104 45.99 -38.30 -19.31
CA SER F 104 47.09 -37.73 -18.55
C SER F 104 46.63 -36.49 -17.79
N PRO F 105 45.83 -35.61 -18.40
CA PRO F 105 45.29 -34.48 -17.63
C PRO F 105 44.79 -34.83 -16.23
N GLY F 106 44.42 -36.07 -15.98
CA GLY F 106 44.29 -36.48 -14.59
C GLY F 106 45.64 -36.70 -13.94
N TYR F 107 46.57 -35.76 -14.10
CA TYR F 107 47.91 -35.88 -13.55
C TYR F 107 47.98 -35.54 -12.06
N PHE F 108 47.04 -36.07 -11.28
CA PHE F 108 47.19 -36.21 -9.84
C PHE F 108 46.66 -37.57 -9.42
N LEU F 109 45.92 -38.22 -10.32
CA LEU F 109 45.27 -39.50 -10.07
C LEU F 109 45.80 -40.55 -11.03
N ASN F 110 46.98 -40.31 -11.59
CA ASN F 110 47.56 -41.21 -12.57
C ASN F 110 48.18 -42.41 -11.88
N SER F 111 47.60 -43.58 -12.15
CA SER F 111 48.14 -44.82 -11.59
C SER F 111 47.54 -46.02 -12.32
N PHE F 112 48.40 -46.87 -12.88
CA PHE F 112 47.95 -48.10 -13.51
C PHE F 112 47.14 -48.89 -12.49
N ASP F 113 46.01 -49.47 -12.91
CA ASP F 113 45.16 -50.23 -12.01
C ASP F 113 45.04 -51.70 -12.34
N TYR F 114 44.60 -52.05 -13.55
CA TYR F 114 44.22 -53.43 -13.83
C TYR F 114 45.07 -53.96 -14.98
N TRP F 115 45.80 -55.05 -14.71
CA TRP F 115 46.50 -55.78 -15.76
C TRP F 115 45.85 -57.15 -15.96
N THR G 22 62.54 -46.80 0.20
CA THR G 22 62.47 -45.46 -0.39
C THR G 22 62.57 -45.55 -1.91
N CYS G 23 62.20 -44.46 -2.58
CA CYS G 23 62.34 -44.33 -4.02
C CYS G 23 63.15 -43.08 -4.32
N ARG G 24 64.05 -43.18 -5.30
CA ARG G 24 64.96 -42.11 -5.65
C ARG G 24 64.86 -41.80 -7.14
N ALA G 25 65.08 -40.54 -7.49
CA ALA G 25 64.95 -40.09 -8.87
C ALA G 25 65.84 -38.88 -9.07
N SER G 26 65.84 -38.34 -10.30
CA SER G 26 66.70 -37.22 -10.66
C SER G 26 66.38 -35.96 -9.86
N GLN G 27 65.19 -35.41 -10.08
CA GLN G 27 64.75 -34.19 -9.42
C GLN G 27 63.31 -34.38 -8.98
N GLY G 28 62.86 -33.54 -8.04
CA GLY G 28 61.55 -33.69 -7.46
C GLY G 28 60.46 -33.94 -8.49
N ILE G 29 59.82 -35.11 -8.42
CA ILE G 29 58.82 -35.50 -9.39
C ILE G 29 57.41 -35.28 -8.85
N SER G 30 57.28 -34.42 -7.85
CA SER G 30 55.98 -34.18 -7.20
C SER G 30 55.50 -35.51 -6.61
N SER G 31 54.19 -35.73 -6.59
CA SER G 31 53.61 -36.97 -6.05
C SER G 31 53.23 -37.96 -7.13
N TYR G 32 53.71 -37.78 -8.36
CA TYR G 32 53.25 -38.57 -9.50
C TYR G 32 53.82 -39.98 -9.47
N LEU G 33 54.66 -40.28 -8.48
CA LEU G 33 55.12 -41.64 -8.27
C LEU G 33 54.04 -42.43 -7.54
N VAL G 34 54.17 -43.75 -7.48
CA VAL G 34 53.29 -44.59 -6.69
C VAL G 34 53.93 -45.96 -6.59
N TRP G 35 53.61 -46.71 -5.54
CA TRP G 35 54.27 -47.98 -5.26
C TRP G 35 53.32 -49.10 -5.68
N TYR G 36 53.68 -49.81 -6.74
CA TYR G 36 52.98 -51.01 -7.14
C TYR G 36 53.57 -52.22 -6.41
N GLN G 37 53.15 -53.42 -6.83
CA GLN G 37 53.55 -54.64 -6.13
C GLN G 37 53.47 -55.83 -7.09
N GLN G 38 54.62 -56.39 -7.43
CA GLN G 38 54.70 -57.67 -8.11
C GLN G 38 55.22 -58.71 -7.12
N LYS G 39 54.45 -59.76 -6.95
CA LYS G 39 54.75 -60.80 -5.97
C LYS G 39 54.63 -62.15 -6.69
N PRO G 40 54.89 -63.29 -6.02
CA PRO G 40 55.13 -64.54 -6.76
C PRO G 40 54.19 -64.76 -7.94
N GLY G 41 54.75 -64.75 -9.15
CA GLY G 41 54.00 -65.01 -10.37
C GLY G 41 52.85 -64.05 -10.62
N LYS G 42 52.66 -63.07 -9.73
CA LYS G 42 51.45 -62.25 -9.79
C LYS G 42 51.62 -61.08 -10.75
N ALA G 43 50.56 -60.77 -11.49
CA ALA G 43 50.55 -59.54 -12.27
C ALA G 43 50.58 -58.36 -11.31
N PRO G 44 51.10 -57.21 -11.75
CA PRO G 44 51.25 -56.07 -10.84
C PRO G 44 50.03 -55.81 -9.98
N LYS G 45 50.26 -55.69 -8.67
CA LYS G 45 49.20 -55.35 -7.73
C LYS G 45 49.03 -53.84 -7.72
N PHE G 46 48.30 -53.32 -6.73
CA PHE G 46 48.06 -51.88 -6.65
C PHE G 46 47.83 -51.51 -5.20
N LEU G 47 48.39 -50.37 -4.80
CA LEU G 47 48.23 -49.87 -3.44
C LEU G 47 48.75 -48.44 -3.40
N ILE G 48 48.40 -47.73 -2.33
CA ILE G 48 48.77 -46.34 -2.10
C ILE G 48 48.83 -45.58 -3.41
N TYR G 49 47.71 -45.51 -4.14
CA TYR G 49 47.68 -44.81 -5.41
C TYR G 49 48.06 -43.34 -5.22
N ALA G 50 48.61 -42.75 -6.28
CA ALA G 50 49.05 -41.36 -6.33
C ALA G 50 50.18 -41.08 -5.35
N ALA G 51 50.76 -42.11 -4.72
CA ALA G 51 51.85 -42.05 -3.75
C ALA G 51 51.41 -41.52 -2.39
N SER G 52 50.19 -40.95 -2.27
CA SER G 52 49.77 -40.44 -0.97
C SER G 52 48.31 -40.78 -0.64
N THR G 53 47.71 -41.79 -1.27
CA THR G 53 46.32 -42.14 -1.01
C THR G 53 46.15 -43.64 -1.16
N LEU G 54 45.56 -44.27 -0.15
CA LEU G 54 45.36 -45.71 -0.16
C LEU G 54 44.35 -46.08 -1.25
N GLN G 55 44.56 -47.24 -1.87
CA GLN G 55 43.67 -47.71 -2.91
C GLN G 55 42.41 -48.32 -2.31
N SER G 56 41.46 -48.64 -3.19
CA SER G 56 40.28 -49.37 -2.77
C SER G 56 40.65 -50.78 -2.35
N GLY G 57 40.19 -51.19 -1.17
CA GLY G 57 40.52 -52.51 -0.66
C GLY G 57 41.98 -52.72 -0.34
N VAL G 58 42.63 -51.73 0.27
CA VAL G 58 44.00 -51.85 0.72
C VAL G 58 44.05 -51.51 2.20
N PRO G 59 44.42 -52.45 3.08
CA PRO G 59 44.43 -52.14 4.52
C PRO G 59 45.41 -51.03 4.85
N SER G 60 45.30 -50.54 6.09
CA SER G 60 46.16 -49.47 6.57
C SER G 60 47.56 -49.94 6.95
N ARG G 61 47.81 -51.25 6.94
CA ARG G 61 49.15 -51.75 7.22
C ARG G 61 50.17 -51.26 6.18
N PHE G 62 49.71 -50.83 5.02
CA PHE G 62 50.55 -50.22 4.00
C PHE G 62 50.39 -48.70 4.04
N SER G 63 51.47 -48.00 3.70
CA SER G 63 51.45 -46.54 3.60
C SER G 63 52.77 -46.01 3.06
N GLY G 64 52.75 -44.81 2.49
CA GLY G 64 53.96 -44.18 1.99
C GLY G 64 53.75 -42.73 1.61
N SER G 65 54.84 -41.97 1.52
CA SER G 65 54.76 -40.56 1.17
C SER G 65 56.10 -40.08 0.65
N GLY G 66 56.07 -39.17 -0.32
CA GLY G 66 57.29 -38.62 -0.87
C GLY G 66 57.18 -37.23 -1.44
N SER G 67 58.02 -36.32 -0.95
CA SER G 67 58.09 -34.96 -1.47
C SER G 67 59.39 -34.78 -2.23
N GLY G 68 59.29 -34.35 -3.49
CA GLY G 68 60.46 -34.43 -4.35
C GLY G 68 60.82 -35.88 -4.60
N THR G 69 62.11 -36.20 -4.49
CA THR G 69 62.58 -37.57 -4.65
C THR G 69 62.84 -38.27 -3.31
N ASP G 70 62.18 -37.82 -2.23
CA ASP G 70 62.40 -38.37 -0.90
C ASP G 70 61.31 -39.37 -0.53
N PHE G 71 60.85 -40.15 -1.50
CA PHE G 71 59.76 -41.09 -1.27
C PHE G 71 60.17 -42.16 -0.26
N THR G 72 59.25 -42.48 0.65
CA THR G 72 59.50 -43.45 1.72
C THR G 72 58.18 -44.17 2.03
N LEU G 73 58.14 -45.46 1.73
CA LEU G 73 56.97 -46.27 2.04
C LEU G 73 57.19 -47.03 3.34
N THR G 74 56.34 -46.78 4.33
CA THR G 74 56.45 -47.45 5.61
C THR G 74 55.75 -48.80 5.53
N ILE G 75 55.77 -49.57 6.62
CA ILE G 75 55.11 -50.87 6.68
C ILE G 75 54.80 -51.15 8.14
N SER G 76 53.77 -51.97 8.39
CA SER G 76 53.39 -52.35 9.75
C SER G 76 53.37 -53.84 10.01
N SER G 77 53.20 -54.69 9.01
CA SER G 77 53.08 -56.13 9.21
C SER G 77 53.28 -56.83 7.87
N LEU G 78 53.46 -58.14 7.95
CA LEU G 78 53.68 -58.98 6.78
C LEU G 78 52.62 -60.07 6.72
N GLN G 79 52.47 -60.65 5.51
CA GLN G 79 51.44 -61.61 5.21
C GLN G 79 52.00 -62.70 4.31
N PRO G 80 51.25 -63.78 4.06
CA PRO G 80 51.72 -64.79 3.10
C PRO G 80 51.87 -64.27 1.68
N GLU G 81 51.30 -63.10 1.36
CA GLU G 81 51.45 -62.50 0.04
C GLU G 81 52.31 -61.23 0.04
N ASP G 82 52.50 -60.59 1.19
CA ASP G 82 53.24 -59.34 1.22
C ASP G 82 54.64 -59.50 0.63
N PHE G 83 55.21 -60.70 0.73
CA PHE G 83 56.51 -60.96 0.12
C PHE G 83 56.44 -60.68 -1.37
N ALA G 84 57.15 -59.65 -1.81
CA ALA G 84 57.01 -59.16 -3.18
C ALA G 84 58.24 -58.40 -3.63
N THR G 85 58.14 -57.68 -4.75
CA THR G 85 59.24 -56.92 -5.32
C THR G 85 58.88 -55.44 -5.42
N TYR G 86 58.25 -54.90 -4.37
CA TYR G 86 57.61 -53.58 -4.43
C TYR G 86 58.44 -52.55 -5.18
N TYR G 87 57.86 -51.99 -6.24
CA TYR G 87 58.55 -51.07 -7.14
C TYR G 87 58.04 -49.65 -6.91
N CYS G 88 58.47 -48.73 -7.77
CA CYS G 88 57.85 -47.42 -7.94
C CYS G 88 57.42 -47.32 -9.41
N GLN G 89 56.76 -46.21 -9.75
CA GLN G 89 56.43 -45.94 -11.14
C GLN G 89 56.20 -44.46 -11.33
N GLN G 90 56.76 -43.90 -12.39
CA GLN G 90 56.77 -42.46 -12.63
C GLN G 90 55.71 -42.10 -13.67
N LEU G 91 54.83 -41.17 -13.33
CA LEU G 91 53.85 -40.64 -14.25
C LEU G 91 53.86 -39.11 -14.25
N TYR G 92 54.98 -38.52 -13.86
CA TYR G 92 55.17 -37.08 -13.97
C TYR G 92 55.50 -36.63 -15.39
N SER G 93 56.02 -37.51 -16.22
CA SER G 93 56.33 -37.16 -17.61
C SER G 93 56.36 -38.42 -18.44
N TYR G 94 56.44 -38.23 -19.74
CA TYR G 94 56.39 -39.31 -20.71
C TYR G 94 57.73 -40.03 -20.72
N PRO G 95 58.00 -40.89 -21.71
CA PRO G 95 58.10 -42.33 -21.44
C PRO G 95 58.36 -42.71 -20.00
N ILE G 96 57.58 -43.71 -19.58
CA ILE G 96 57.40 -44.05 -18.18
C ILE G 96 58.60 -44.85 -17.69
N THR G 97 59.13 -44.46 -16.54
CA THR G 97 60.17 -45.23 -15.86
C THR G 97 59.62 -45.74 -14.53
N PHE G 98 59.75 -47.05 -14.30
CA PHE G 98 59.13 -47.65 -13.13
C PHE G 98 59.99 -47.47 -11.89
N GLY G 99 61.15 -48.11 -11.85
CA GLY G 99 61.97 -48.10 -10.67
C GLY G 99 62.61 -49.45 -10.41
N GLN G 100 63.19 -49.59 -9.22
CA GLN G 100 63.94 -50.78 -8.87
C GLN G 100 63.04 -51.80 -8.16
N GLY G 101 63.50 -53.06 -8.15
CA GLY G 101 62.78 -54.12 -7.49
C GLY G 101 63.33 -54.43 -6.11
N THR G 102 62.56 -55.21 -5.34
CA THR G 102 62.97 -55.59 -3.99
C THR G 102 62.45 -56.96 -3.61
N ARG G 103 63.22 -58.02 -3.87
CA ARG G 103 62.73 -59.39 -3.68
C ARG G 103 62.81 -59.74 -2.20
N LEU G 104 61.66 -59.92 -1.56
CA LEU G 104 61.59 -60.26 -0.15
C LEU G 104 61.74 -61.77 0.02
N GLU G 105 62.88 -62.20 0.56
CA GLU G 105 63.15 -63.61 0.80
C GLU G 105 62.49 -64.08 2.09
N ILE G 106 62.25 -65.38 2.18
CA ILE G 106 61.63 -65.96 3.36
C ILE G 106 62.70 -66.19 4.43
#